data_6VLR
#
_entry.id   6VLR
#
loop_
_entity.id
_entity.type
_entity.pdbx_description
1 polymer 'Envelope glycoprotein gp120'
2 polymer 'BG505 SOSIPv5.2 gp41'
3 polymer 'PGT122 Fab Heavy Chain'
4 polymer 'PGT122 Fab Light Chain'
5 polymer 'RM20E1 Fab Heavy Chain'
6 polymer 'RM20E1 Fab Kappa Chain'
7 branched 2-acetamido-2-deoxy-beta-D-glucopyranose-(1-4)-2-acetamido-2-deoxy-beta-D-glucopyranose
8 branched alpha-D-mannopyranose-(1-3)-[alpha-D-mannopyranose-(1-6)]beta-D-mannopyranose-(1-4)-2-acetamido-2-deoxy-beta-D-glucopyranose-(1-4)-2-acetamido-2-deoxy-beta-D-glucopyranose
9 branched beta-D-mannopyranose-(1-4)-2-acetamido-2-deoxy-beta-D-glucopyranose-(1-4)-2-acetamido-2-deoxy-beta-D-glucopyranose
10 branched alpha-D-mannopyranose-(1-2)-alpha-D-mannopyranose-(1-3)-[alpha-D-mannopyranose-(1-6)]beta-D-mannopyranose-(1-4)-2-acetamido-2-deoxy-beta-D-glucopyranose-(1-4)-2-acetamido-2-deoxy-beta-D-glucopyranose
11 branched alpha-D-mannopyranose-(1-3)-beta-D-mannopyranose-(1-4)-2-acetamido-2-deoxy-beta-D-glucopyranose-(1-4)-2-acetamido-2-deoxy-beta-D-glucopyranose
12 non-polymer 2-acetamido-2-deoxy-beta-D-glucopyranose
#
loop_
_entity_poly.entity_id
_entity_poly.type
_entity_poly.pdbx_seq_one_letter_code
_entity_poly.pdbx_strand_id
1 'polypeptide(L)'
;AENLWVTVYYGVPVWKDAETTLFCASDAKAYETKKHNVWATHCCVPTDPNPQEIHLENVTEEFNMWKNNMVEQMHTDIIS
LWDQSLKPCVKLTPLCVTLQCTNVTNNITDDMRGELKNCSFNMTTELRDKKQKVYSLFYRLDVVQINENQGNRSNNSNKE
YRLINCNTSAITQACPKVSFEPIPIHYCAPAGFAILKCKDKKFNGTGPCPSVSTVQCTHGIKPVVSTQLLLNGSLAEEEV
MIRSENITNNAKNILVQFNTPVQINCTRPNNNTRKSIRIGPGQWFYATGDIIGDIRQAHCNVSKATWNETLGKVVKQLRK
HFGNNTIIRFANSSGGDLEVTTHSFNCGGEFFYCNTSGLFNSTWISNTSVQGSNSTGSNDSITLPCRIKQIINMWQRIGQ
AMYAPPIQGVIRCVSNITGLILTRDGGSTNSTTETFRPGGGDMRDNWRSELYKYKVVKIEPLGVAPTRCKRRVVG
;
A,H,G
2 'polypeptide(L)'
;AVGIGAVFLGFLGAAGSTMGAASMTLTVQARNLLSGIVQQQSNLLRAPECQQHLLKLTVWGIKQLQARVLAVERYLRDQQ
LLGIWGCSGKLICCTNVPWNSSWSNRNLSEIWDNMTWLQWDKEISNYTQIIYGLLEESQNQQEKNEQDLLALD
;
B,J,I
3 'polypeptide(L)'
;QVHLQESGPGLVKPSETLSLTCNVSGTLVRDNYWSWIRQPLGKQPEWIGYVHDSGDTNYNPSLKSRVHLSLDKSKNLVSL
RLTGVTAADSAIYYCATTKHGRRIYGVVAFKEWFTYFYMDVWGKGTSVTVSS
;
C,D,E
4 'polypeptide(L)'
;TFVSVAPGQTARITCGEESLGSRSVIWYQQRPGQAPSLIIYNNNDRPSGIPDRFSGSPGSTFGTTATLTITSVEAGDEAD
YYCHIWDSRRPTNWVFGEGTTLIVLS
;
L,K,M
5 'polypeptide(L)'
;EVQLVQSEAEVKRPGESLKISCQTSGYNFPNYWITWVRQMPGKGLEWMGTIDPRDSDTKYSPSFQGQVTISADKSINTAY
LQWTSLRASDSATYYCVMWVYILTTGNIWVDVWGPGVLVTVSS
;
F
6 'polypeptide(L)'
;DVVMTQSPLSLPITPGQPASISCRSSQSLVHNNGNTYLTWYQQRPGQPPRRLIYQVSNRDSGVPDRFIGSGAGTDFTLKI
SRVESEDVGIYYCGQITDFPYSFGQGTKVDIK
;
N
#
# COMPACT_ATOMS: atom_id res chain seq x y z
N TRP A 5 30.42 40.69 -32.19
CA TRP A 5 30.99 40.89 -30.89
C TRP A 5 30.38 39.95 -29.88
N VAL A 6 29.66 38.95 -30.34
CA VAL A 6 29.00 38.05 -29.41
C VAL A 6 29.96 37.09 -28.71
N THR A 7 29.86 37.03 -27.39
CA THR A 7 30.61 36.10 -26.56
C THR A 7 29.60 35.29 -25.74
N VAL A 8 29.78 33.97 -25.69
CA VAL A 8 28.85 33.15 -24.92
C VAL A 8 29.49 32.79 -23.60
N TYR A 9 28.73 32.91 -22.52
CA TYR A 9 29.21 32.61 -21.19
C TYR A 9 28.40 31.51 -20.51
N TYR A 10 29.10 30.63 -19.80
CA TYR A 10 28.39 29.60 -19.05
C TYR A 10 28.84 29.59 -17.60
N GLY A 11 27.87 29.63 -16.67
CA GLY A 11 28.14 29.70 -15.24
C GLY A 11 27.75 31.09 -14.76
N VAL A 12 26.83 31.68 -15.49
CA VAL A 12 26.31 32.99 -15.23
C VAL A 12 25.37 32.98 -13.99
N PRO A 13 25.57 33.83 -12.97
CA PRO A 13 24.84 33.86 -11.70
C PRO A 13 23.46 34.46 -11.80
N VAL A 14 22.60 33.82 -12.57
CA VAL A 14 21.24 34.29 -12.72
C VAL A 14 20.25 33.19 -12.44
N TRP A 15 19.03 33.59 -12.17
CA TRP A 15 17.98 32.67 -11.88
C TRP A 15 16.61 33.21 -12.19
N LYS A 16 15.65 32.31 -12.22
CA LYS A 16 14.27 32.67 -12.39
C LYS A 16 13.41 32.03 -11.31
N ASP A 17 12.34 32.69 -10.95
CA ASP A 17 11.46 32.06 -10.00
C ASP A 17 10.97 30.78 -10.59
N ALA A 18 10.93 29.71 -9.81
CA ALA A 18 10.45 28.48 -10.41
C ALA A 18 9.85 27.58 -9.38
N GLU A 19 8.89 26.78 -9.80
CA GLU A 19 8.32 25.82 -8.90
C GLU A 19 8.94 24.48 -9.10
N THR A 20 9.55 23.95 -8.07
CA THR A 20 10.16 22.65 -8.15
C THR A 20 9.79 21.87 -6.92
N THR A 21 10.20 20.63 -6.88
CA THR A 21 9.94 19.78 -5.74
C THR A 21 11.13 19.73 -4.83
N LEU A 22 10.92 20.03 -3.56
CA LEU A 22 12.01 20.01 -2.60
C LEU A 22 11.99 18.69 -1.92
N PHE A 23 13.13 18.27 -1.41
CA PHE A 23 13.15 17.01 -0.71
C PHE A 23 13.40 17.24 0.74
N CYS A 24 12.98 16.31 1.56
CA CYS A 24 13.23 16.46 2.99
C CYS A 24 14.61 15.97 3.33
N ALA A 25 15.10 16.43 4.46
CA ALA A 25 16.37 15.99 4.98
C ALA A 25 16.28 15.89 6.51
N SER A 26 17.11 15.04 7.10
CA SER A 26 17.04 14.83 8.55
C SER A 26 18.39 14.69 9.24
N ASP A 27 18.51 15.34 10.40
CA ASP A 27 19.72 15.28 11.19
C ASP A 27 19.68 14.12 12.16
N ALA A 28 20.41 13.06 11.84
CA ALA A 28 20.42 11.86 12.64
C ALA A 28 19.01 11.53 13.13
N ASN A 37 7.67 6.46 14.97
CA ASN A 37 8.31 6.16 13.72
C ASN A 37 7.98 7.14 12.60
N VAL A 38 6.89 7.89 12.73
CA VAL A 38 6.60 8.86 11.69
C VAL A 38 7.55 9.97 11.99
N TRP A 39 8.22 10.45 10.96
CA TRP A 39 9.26 11.48 11.05
C TRP A 39 10.54 10.83 11.59
N ALA A 40 10.44 10.13 12.70
CA ALA A 40 11.57 9.51 13.36
C ALA A 40 12.34 8.53 12.47
N THR A 41 11.65 7.76 11.62
CA THR A 41 12.37 6.83 10.75
C THR A 41 12.39 7.38 9.35
N HIS A 42 11.92 8.61 9.18
CA HIS A 42 11.90 9.21 7.89
C HIS A 42 13.25 9.87 7.77
N CYS A 43 14.24 9.04 7.44
CA CYS A 43 15.63 9.48 7.43
C CYS A 43 15.88 10.49 6.36
N CYS A 44 15.00 10.49 5.37
CA CYS A 44 15.12 11.38 4.27
C CYS A 44 16.56 11.36 3.79
N VAL A 45 17.07 12.52 3.39
CA VAL A 45 18.46 12.64 3.05
C VAL A 45 19.17 13.14 4.31
N PRO A 46 20.22 12.50 4.79
CA PRO A 46 20.94 12.97 5.95
C PRO A 46 21.38 14.41 5.71
N THR A 47 21.28 15.25 6.73
CA THR A 47 21.68 16.64 6.58
C THR A 47 23.17 16.84 6.71
N ASP A 48 23.58 18.03 6.28
CA ASP A 48 24.94 18.52 6.39
C ASP A 48 25.19 18.94 7.84
N PRO A 49 26.15 18.34 8.56
CA PRO A 49 26.49 18.67 9.93
C PRO A 49 26.91 20.13 10.12
N ASN A 50 27.34 20.78 9.03
CA ASN A 50 27.77 22.17 9.14
C ASN A 50 27.46 22.90 7.83
N PRO A 51 26.20 23.25 7.56
CA PRO A 51 25.72 23.78 6.31
C PRO A 51 26.29 25.15 6.04
N GLN A 52 26.54 25.42 4.78
CA GLN A 52 27.06 26.70 4.32
C GLN A 52 25.93 27.69 4.02
N GLU A 53 26.11 28.94 4.43
CA GLU A 53 25.11 29.98 4.11
C GLU A 53 25.74 31.15 3.38
N ILE A 54 25.38 31.39 2.14
CA ILE A 54 26.11 32.40 1.41
C ILE A 54 25.40 33.72 1.29
N HIS A 55 26.00 34.75 1.85
CA HIS A 55 25.40 36.06 1.85
C HIS A 55 25.48 36.62 0.46
N LEU A 56 24.41 37.22 -0.03
CA LEU A 56 24.53 37.78 -1.35
C LEU A 56 24.71 39.28 -1.29
N GLU A 57 25.92 39.69 -1.59
CA GLU A 57 26.31 41.06 -1.49
C GLU A 57 25.70 41.82 -2.64
N ASN A 58 24.97 42.87 -2.26
CA ASN A 58 24.40 43.84 -3.24
C ASN A 58 23.09 43.31 -3.81
N VAL A 59 22.60 42.18 -3.32
CA VAL A 59 21.49 41.49 -3.95
C VAL A 59 20.22 41.62 -3.17
N THR A 60 19.15 42.00 -3.85
CA THR A 60 17.85 42.05 -3.20
C THR A 60 16.94 41.19 -4.03
N GLU A 61 15.83 40.74 -3.44
CA GLU A 61 14.86 39.94 -4.19
C GLU A 61 13.46 40.10 -3.61
N GLU A 62 12.42 39.84 -4.39
CA GLU A 62 11.07 39.88 -3.82
C GLU A 62 10.54 38.51 -3.42
N PHE A 63 9.90 38.50 -2.27
CA PHE A 63 9.30 37.31 -1.67
C PHE A 63 7.79 37.47 -1.51
N ASN A 64 7.07 36.36 -1.47
CA ASN A 64 5.64 36.40 -1.19
C ASN A 64 5.20 35.14 -0.46
N MET A 65 5.07 35.24 0.85
CA MET A 65 4.76 34.10 1.69
C MET A 65 3.37 33.52 1.49
N TRP A 66 2.51 34.28 0.83
CA TRP A 66 1.15 33.87 0.66
C TRP A 66 0.99 33.06 -0.61
N LYS A 67 2.03 33.02 -1.43
CA LYS A 67 1.98 32.34 -2.72
C LYS A 67 3.14 31.36 -2.80
N ASN A 68 3.64 30.97 -1.65
CA ASN A 68 4.82 30.13 -1.55
C ASN A 68 4.52 28.63 -1.71
N ASN A 69 5.04 28.04 -2.78
CA ASN A 69 4.78 26.66 -3.11
C ASN A 69 5.41 25.70 -2.12
N MET A 70 6.32 26.20 -1.30
CA MET A 70 6.95 25.37 -0.32
C MET A 70 5.93 24.97 0.73
N VAL A 71 4.93 25.85 0.93
CA VAL A 71 3.92 25.64 1.92
C VAL A 71 3.06 24.53 1.38
N GLU A 72 2.79 24.63 0.09
CA GLU A 72 1.97 23.63 -0.56
C GLU A 72 2.66 22.28 -0.49
N GLN A 73 3.98 22.26 -0.66
CA GLN A 73 4.65 20.98 -0.54
C GLN A 73 4.63 20.44 0.87
N MET A 74 4.79 21.29 1.89
CA MET A 74 4.71 20.68 3.21
C MET A 74 3.35 20.05 3.38
N HIS A 75 2.31 20.70 2.89
CA HIS A 75 1.01 20.10 3.01
C HIS A 75 1.00 18.78 2.27
N THR A 76 1.47 18.79 1.05
CA THR A 76 1.40 17.58 0.27
C THR A 76 2.11 16.41 0.95
N ASP A 77 3.33 16.65 1.44
CA ASP A 77 4.08 15.58 2.07
C ASP A 77 3.57 15.18 3.44
N ILE A 78 3.16 16.14 4.24
CA ILE A 78 2.75 15.81 5.59
C ILE A 78 1.49 14.96 5.53
N ILE A 79 0.56 15.35 4.67
CA ILE A 79 -0.67 14.61 4.56
C ILE A 79 -0.37 13.22 4.03
N SER A 80 0.48 13.13 3.00
CA SER A 80 0.79 11.83 2.44
C SER A 80 1.43 10.92 3.47
N LEU A 81 2.36 11.43 4.27
CA LEU A 81 3.00 10.58 5.23
C LEU A 81 2.05 10.05 6.26
N TRP A 82 1.12 10.88 6.72
CA TRP A 82 0.21 10.35 7.70
C TRP A 82 -0.68 9.29 7.09
N ASP A 83 -1.09 9.44 5.84
CA ASP A 83 -1.91 8.38 5.26
C ASP A 83 -1.12 7.10 5.09
N GLN A 84 0.13 7.23 4.70
CA GLN A 84 0.97 6.07 4.47
C GLN A 84 1.19 5.32 5.77
N SER A 85 1.31 6.05 6.87
CA SER A 85 1.58 5.46 8.17
C SER A 85 0.46 4.56 8.66
N LEU A 86 -0.75 4.69 8.10
CA LEU A 86 -1.85 3.88 8.56
C LEU A 86 -2.08 2.69 7.64
N LYS A 87 -1.33 2.63 6.56
CA LYS A 87 -1.56 1.60 5.58
C LYS A 87 -1.52 0.18 6.15
N PRO A 88 -0.54 -0.21 6.98
CA PRO A 88 -0.42 -1.54 7.52
C PRO A 88 -1.17 -1.76 8.82
N CYS A 89 -1.99 -0.80 9.24
CA CYS A 89 -2.56 -0.92 10.56
C CYS A 89 -3.93 -1.58 10.52
N VAL A 90 -4.37 -2.08 11.68
CA VAL A 90 -5.63 -2.79 11.86
C VAL A 90 -6.82 -1.83 11.72
N LYS A 91 -7.80 -2.27 10.94
CA LYS A 91 -8.99 -1.49 10.69
C LYS A 91 -9.97 -1.68 11.81
N LEU A 92 -10.73 -0.64 12.15
CA LEU A 92 -11.73 -0.72 13.19
C LEU A 92 -13.14 -0.71 12.69
N THR A 93 -13.31 -0.96 11.40
CA THR A 93 -14.63 -1.04 10.86
C THR A 93 -15.39 -2.24 11.47
N PRO A 94 -14.74 -3.34 11.93
CA PRO A 94 -15.36 -4.42 12.64
C PRO A 94 -16.02 -3.97 13.96
N LEU A 95 -15.71 -2.77 14.45
CA LEU A 95 -16.30 -2.31 15.69
C LEU A 95 -17.59 -1.54 15.44
N CYS A 96 -17.97 -1.37 14.18
CA CYS A 96 -19.17 -0.59 13.89
C CYS A 96 -20.44 -1.37 14.14
N VAL A 97 -20.74 -1.51 15.42
CA VAL A 97 -21.88 -2.24 15.97
C VAL A 97 -22.61 -1.39 16.96
N THR A 98 -23.78 -1.83 17.38
CA THR A 98 -24.52 -1.14 18.41
C THR A 98 -23.91 -1.44 19.76
N LEU A 99 -23.80 -0.42 20.58
CA LEU A 99 -23.26 -0.58 21.92
C LEU A 99 -24.33 -0.25 22.94
N GLN A 100 -24.31 -0.99 24.04
CA GLN A 100 -25.21 -0.69 25.14
C GLN A 100 -24.42 0.24 26.01
N CYS A 101 -25.01 1.33 26.49
CA CYS A 101 -24.10 2.18 27.23
C CYS A 101 -24.74 2.92 28.41
N THR A 102 -23.90 3.06 29.43
CA THR A 102 -24.15 3.72 30.71
C THR A 102 -23.03 4.67 31.13
N ASN A 103 -23.11 5.18 32.36
CA ASN A 103 -22.13 6.12 32.90
C ASN A 103 -20.93 5.34 33.37
N VAL A 104 -19.91 5.98 33.94
CA VAL A 104 -18.78 5.17 34.32
C VAL A 104 -18.86 4.83 35.81
N THR A 105 -18.21 5.61 36.64
CA THR A 105 -18.30 5.54 38.10
C THR A 105 -17.78 6.83 38.65
N ASN A 106 -18.68 7.73 38.90
CA ASN A 106 -18.33 9.03 39.37
C ASN A 106 -19.48 9.62 40.13
N ASN A 107 -19.22 10.58 41.01
CA ASN A 107 -20.37 11.24 41.56
C ASN A 107 -20.87 12.27 40.57
N ILE A 108 -22.11 12.68 40.75
CA ILE A 108 -22.77 13.69 39.93
C ILE A 108 -23.03 13.11 38.55
N GLY A 114 -19.10 14.36 32.84
CA GLY A 114 -20.02 13.42 32.22
C GLY A 114 -19.51 13.06 30.83
N GLU A 115 -18.29 13.48 30.56
CA GLU A 115 -17.61 13.25 29.29
C GLU A 115 -17.40 11.79 28.97
N LEU A 116 -17.11 10.98 29.98
CA LEU A 116 -16.86 9.58 29.71
C LEU A 116 -18.08 8.72 29.73
N LYS A 117 -18.03 7.70 28.89
CA LYS A 117 -19.08 6.70 28.83
C LYS A 117 -18.52 5.29 28.99
N ASN A 118 -19.34 4.41 29.54
CA ASN A 118 -19.03 3.00 29.76
C ASN A 118 -19.89 2.15 28.85
N CYS A 119 -19.32 1.71 27.73
CA CYS A 119 -20.17 1.07 26.73
C CYS A 119 -19.72 -0.35 26.44
N SER A 120 -20.67 -1.23 26.10
CA SER A 120 -20.34 -2.63 25.81
C SER A 120 -20.96 -3.17 24.54
N PHE A 121 -20.29 -4.15 23.97
CA PHE A 121 -20.71 -4.74 22.72
C PHE A 121 -20.24 -6.17 22.47
N ASN A 122 -20.85 -6.82 21.49
CA ASN A 122 -20.52 -8.19 21.12
C ASN A 122 -19.53 -8.18 19.94
N MET A 123 -18.28 -8.47 20.24
CA MET A 123 -17.17 -8.40 19.29
C MET A 123 -16.74 -9.74 18.71
N THR A 124 -16.10 -9.71 17.55
CA THR A 124 -15.56 -10.92 16.94
C THR A 124 -14.33 -11.35 17.68
N THR A 125 -13.87 -12.56 17.41
CA THR A 125 -12.68 -13.12 18.02
C THR A 125 -11.84 -13.68 16.89
N GLU A 126 -10.80 -14.42 17.23
CA GLU A 126 -9.94 -15.04 16.24
C GLU A 126 -10.70 -16.05 15.35
N LEU A 127 -11.81 -16.58 15.83
CA LEU A 127 -12.58 -17.51 15.01
C LEU A 127 -13.88 -16.87 14.61
N ARG A 128 -14.33 -17.18 13.42
CA ARG A 128 -15.57 -16.62 12.87
C ARG A 128 -16.81 -17.15 13.56
N ASP A 129 -16.64 -18.25 14.26
CA ASP A 129 -17.70 -18.94 14.97
C ASP A 129 -17.81 -18.51 16.42
N LYS A 130 -16.96 -17.60 16.86
CA LYS A 130 -16.99 -17.21 18.25
C LYS A 130 -17.23 -15.71 18.38
N LYS A 131 -17.87 -15.34 19.46
CA LYS A 131 -18.10 -13.94 19.75
C LYS A 131 -17.74 -13.70 21.20
N GLN A 132 -17.40 -12.46 21.53
CA GLN A 132 -17.06 -12.13 22.90
C GLN A 132 -17.71 -10.85 23.38
N LYS A 133 -18.02 -10.81 24.66
CA LYS A 133 -18.54 -9.59 25.22
C LYS A 133 -17.40 -8.78 25.75
N VAL A 134 -17.27 -7.60 25.18
CA VAL A 134 -16.20 -6.71 25.55
C VAL A 134 -16.78 -5.36 25.83
N TYR A 135 -16.01 -4.57 26.53
CA TYR A 135 -16.45 -3.24 26.82
C TYR A 135 -15.25 -2.35 26.99
N SER A 136 -15.49 -1.06 26.87
CA SER A 136 -14.43 -0.10 27.05
C SER A 136 -14.94 1.27 27.38
N LEU A 137 -14.03 2.13 27.78
CA LEU A 137 -14.43 3.51 28.02
C LEU A 137 -14.27 4.31 26.76
N PHE A 138 -15.20 5.24 26.59
CA PHE A 138 -15.25 6.14 25.46
C PHE A 138 -15.47 7.58 25.84
N TYR A 139 -15.08 8.47 24.96
CA TYR A 139 -15.36 9.86 25.18
C TYR A 139 -16.64 10.20 24.45
N ARG A 140 -17.47 11.04 25.05
CA ARG A 140 -18.75 11.43 24.46
C ARG A 140 -18.65 11.89 23.03
N LEU A 141 -17.62 12.61 22.70
CA LEU A 141 -17.49 13.19 21.38
C LEU A 141 -17.33 12.17 20.26
N ASP A 142 -16.98 10.93 20.60
CA ASP A 142 -16.81 9.88 19.60
C ASP A 142 -18.01 8.93 19.54
N VAL A 143 -19.03 9.16 20.37
CA VAL A 143 -20.15 8.23 20.46
C VAL A 143 -21.51 8.92 20.28
N VAL A 144 -22.38 8.35 19.47
CA VAL A 144 -23.68 8.99 19.26
C VAL A 144 -24.83 8.04 19.54
N GLN A 145 -25.86 8.56 20.18
CA GLN A 145 -27.03 7.75 20.48
C GLN A 145 -27.81 7.45 19.24
N ILE A 146 -28.24 6.21 19.09
CA ILE A 146 -29.06 5.84 17.96
C ILE A 146 -30.52 5.75 18.37
N ASN A 147 -30.78 5.20 19.56
CA ASN A 147 -32.16 5.03 19.95
C ASN A 147 -32.70 6.28 20.61
N GLU A 148 -32.89 7.29 19.77
CA GLU A 148 -33.35 8.59 20.21
C GLU A 148 -34.53 8.43 21.15
N ASN A 158 -30.35 1.34 30.00
CA ASN A 158 -29.21 1.71 29.18
C ASN A 158 -29.70 2.18 27.83
N LYS A 159 -28.90 2.99 27.15
CA LYS A 159 -29.31 3.48 25.84
C LYS A 159 -28.42 2.88 24.78
N GLU A 160 -28.94 2.84 23.56
CA GLU A 160 -28.18 2.32 22.43
C GLU A 160 -27.47 3.39 21.64
N TYR A 161 -26.19 3.12 21.40
CA TYR A 161 -25.22 3.98 20.73
C TYR A 161 -24.46 3.32 19.61
N ARG A 162 -23.90 4.14 18.73
CA ARG A 162 -22.98 3.67 17.71
C ARG A 162 -21.76 4.55 17.76
N LEU A 163 -20.67 4.11 17.17
CA LEU A 163 -19.53 4.98 17.10
C LEU A 163 -19.94 6.06 16.11
N ILE A 164 -19.61 7.30 16.44
CA ILE A 164 -20.09 8.43 15.68
C ILE A 164 -19.67 8.51 14.22
N ASN A 165 -18.54 7.93 13.86
CA ASN A 165 -18.15 8.03 12.46
C ASN A 165 -18.49 6.80 11.61
N CYS A 166 -19.19 5.82 12.17
CA CYS A 166 -19.43 4.62 11.39
C CYS A 166 -20.45 4.72 10.29
N ASN A 167 -21.18 5.81 10.22
CA ASN A 167 -22.12 5.90 9.14
C ASN A 167 -21.46 6.41 7.86
N THR A 168 -20.35 7.17 7.98
CA THR A 168 -19.75 7.79 6.82
C THR A 168 -18.30 7.49 6.50
N SER A 169 -17.53 6.94 7.43
CA SER A 169 -16.12 6.79 7.12
C SER A 169 -15.47 5.54 7.64
N ALA A 170 -14.36 5.18 7.00
CA ALA A 170 -13.61 4.06 7.50
C ALA A 170 -12.85 4.53 8.70
N ILE A 171 -12.72 3.68 9.69
CA ILE A 171 -11.94 4.05 10.85
C ILE A 171 -10.77 3.11 10.95
N THR A 172 -9.56 3.67 10.99
CA THR A 172 -8.35 2.85 11.09
C THR A 172 -7.59 3.14 12.35
N GLN A 173 -7.17 2.09 13.06
CA GLN A 173 -6.43 2.29 14.29
C GLN A 173 -5.01 2.63 13.98
N ALA A 174 -4.49 3.66 14.61
CA ALA A 174 -3.09 3.93 14.39
C ALA A 174 -2.31 2.83 15.05
N CYS A 175 -1.23 2.41 14.44
CA CYS A 175 -0.43 1.40 15.07
C CYS A 175 0.10 1.98 16.38
N PRO A 176 -0.04 1.29 17.52
CA PRO A 176 0.33 1.73 18.86
C PRO A 176 1.82 1.92 19.04
N LYS A 177 2.60 1.32 18.15
CA LYS A 177 4.03 1.40 18.22
C LYS A 177 4.58 2.59 17.45
N VAL A 178 3.72 3.31 16.75
CA VAL A 178 4.15 4.40 15.89
C VAL A 178 3.92 5.78 16.50
N SER A 179 5.00 6.52 16.62
CA SER A 179 4.96 7.87 17.15
C SER A 179 4.77 8.89 16.06
N PHE A 180 4.09 9.97 16.39
CA PHE A 180 3.91 11.09 15.48
C PHE A 180 4.59 12.35 15.98
N GLU A 181 5.55 12.19 16.88
CA GLU A 181 6.25 13.33 17.42
C GLU A 181 6.80 14.19 16.29
N PRO A 182 6.54 15.51 16.27
CA PRO A 182 6.96 16.42 15.24
C PRO A 182 8.43 16.78 15.30
N ILE A 183 9.24 15.81 14.95
CA ILE A 183 10.68 15.93 14.88
C ILE A 183 10.98 16.85 13.72
N PRO A 184 11.79 17.90 13.86
CA PRO A 184 12.04 18.84 12.81
C PRO A 184 12.75 18.23 11.65
N ILE A 185 12.32 18.61 10.46
CA ILE A 185 12.98 18.16 9.24
C ILE A 185 13.33 19.37 8.41
N HIS A 186 14.27 19.20 7.50
CA HIS A 186 14.72 20.30 6.66
C HIS A 186 14.27 20.08 5.25
N TYR A 187 13.99 21.16 4.51
CA TYR A 187 13.76 20.98 3.08
C TYR A 187 14.89 21.51 2.27
N CYS A 188 15.24 20.76 1.25
CA CYS A 188 16.37 21.11 0.43
C CYS A 188 16.07 21.12 -1.05
N ALA A 189 16.70 22.05 -1.77
CA ALA A 189 16.52 22.11 -3.20
C ALA A 189 17.33 21.01 -3.90
N PRO A 190 16.84 20.48 -5.04
CA PRO A 190 17.50 19.54 -5.94
C PRO A 190 18.54 20.26 -6.78
N ALA A 191 19.42 19.50 -7.42
CA ALA A 191 20.40 20.12 -8.28
C ALA A 191 19.73 20.97 -9.36
N GLY A 192 20.29 22.15 -9.59
CA GLY A 192 19.77 23.10 -10.56
C GLY A 192 18.93 24.17 -9.88
N PHE A 193 18.65 23.95 -8.59
CA PHE A 193 17.86 24.87 -7.78
C PHE A 193 18.55 25.29 -6.50
N ALA A 194 18.17 26.46 -6.02
CA ALA A 194 18.68 26.93 -4.74
C ALA A 194 17.63 27.76 -4.04
N ILE A 195 17.77 27.87 -2.74
CA ILE A 195 16.84 28.62 -1.95
C ILE A 195 17.39 29.93 -1.46
N LEU A 196 16.63 30.97 -1.67
CA LEU A 196 17.03 32.27 -1.21
C LEU A 196 16.34 32.48 0.12
N LYS A 197 17.06 33.03 1.07
CA LYS A 197 16.53 33.25 2.41
C LYS A 197 16.66 34.69 2.88
N CYS A 198 15.62 35.18 3.54
CA CYS A 198 15.66 36.53 4.10
C CYS A 198 16.32 36.61 5.47
N LYS A 199 17.10 37.68 5.63
CA LYS A 199 17.71 38.06 6.90
C LYS A 199 17.07 39.33 7.44
N ASP A 200 15.98 39.74 6.81
CA ASP A 200 15.27 40.95 7.18
C ASP A 200 14.30 40.70 8.33
N LYS A 201 14.70 41.20 9.50
CA LYS A 201 14.01 41.01 10.77
C LYS A 201 12.63 41.65 10.79
N LYS A 202 12.41 42.58 9.88
CA LYS A 202 11.16 43.29 9.78
C LYS A 202 10.39 42.90 8.54
N PHE A 203 10.78 41.85 7.86
CA PHE A 203 10.06 41.52 6.66
C PHE A 203 8.64 41.10 7.02
N ASN A 204 7.68 41.66 6.29
CA ASN A 204 6.26 41.45 6.53
C ASN A 204 5.61 40.42 5.62
N GLY A 205 6.42 39.62 4.97
CA GLY A 205 5.95 38.53 4.14
C GLY A 205 5.88 38.78 2.64
N THR A 206 5.86 40.02 2.21
CA THR A 206 5.82 40.28 0.78
C THR A 206 6.75 41.38 0.34
N GLY A 207 7.10 41.37 -0.93
CA GLY A 207 7.85 42.46 -1.53
C GLY A 207 9.34 42.27 -1.34
N PRO A 208 10.13 43.29 -1.65
CA PRO A 208 11.56 43.27 -1.61
C PRO A 208 12.04 42.90 -0.24
N CYS A 209 13.08 42.11 -0.23
CA CYS A 209 13.78 41.65 0.93
C CYS A 209 15.23 42.09 0.74
N PRO A 210 15.65 43.24 1.31
CA PRO A 210 16.93 43.91 1.16
C PRO A 210 18.17 43.11 1.55
N SER A 211 18.01 42.09 2.36
CA SER A 211 19.16 41.31 2.77
C SER A 211 18.85 39.85 2.69
N VAL A 212 19.53 39.20 1.76
CA VAL A 212 19.31 37.80 1.49
C VAL A 212 20.61 37.00 1.42
N SER A 213 20.44 35.70 1.54
CA SER A 213 21.51 34.73 1.40
C SER A 213 21.00 33.50 0.69
N THR A 214 21.90 32.66 0.22
CA THR A 214 21.47 31.45 -0.43
C THR A 214 21.90 30.21 0.32
N VAL A 215 20.94 29.32 0.44
CA VAL A 215 21.13 28.06 1.13
C VAL A 215 20.65 26.92 0.27
N GLN A 216 21.12 25.72 0.56
CA GLN A 216 20.59 24.59 -0.18
C GLN A 216 19.39 24.07 0.58
N CYS A 217 19.48 24.20 1.91
CA CYS A 217 18.46 23.71 2.82
C CYS A 217 17.95 24.76 3.78
N THR A 218 16.69 24.62 4.17
CA THR A 218 16.03 25.45 5.16
C THR A 218 16.42 24.94 6.52
N HIS A 219 16.05 25.67 7.55
CA HIS A 219 16.29 25.24 8.91
C HIS A 219 15.34 24.10 9.17
N GLY A 220 15.56 23.38 10.27
CA GLY A 220 14.62 22.30 10.54
C GLY A 220 13.34 22.91 11.04
N ILE A 221 12.23 22.37 10.57
CA ILE A 221 10.92 22.82 10.97
C ILE A 221 10.12 21.68 11.52
N LYS A 222 9.56 21.88 12.70
CA LYS A 222 8.74 20.86 13.30
C LYS A 222 7.39 20.86 12.60
N PRO A 223 6.92 19.73 12.04
CA PRO A 223 5.66 19.59 11.34
C PRO A 223 4.51 19.52 12.32
N VAL A 224 4.32 20.62 13.02
CA VAL A 224 3.31 20.78 14.04
C VAL A 224 1.97 21.13 13.45
N VAL A 225 0.93 20.52 13.98
CA VAL A 225 -0.41 20.82 13.55
C VAL A 225 -1.13 21.46 14.71
N SER A 226 -1.81 22.56 14.44
CA SER A 226 -2.54 23.30 15.44
C SER A 226 -3.60 24.15 14.78
N THR A 227 -4.45 24.78 15.57
CA THR A 227 -5.50 25.62 15.04
C THR A 227 -5.30 27.05 15.51
N GLN A 228 -5.86 27.38 16.64
CA GLN A 228 -5.79 28.75 17.13
C GLN A 228 -4.41 29.24 17.58
N LEU A 229 -3.63 28.39 18.24
CA LEU A 229 -2.33 28.86 18.71
C LEU A 229 -1.24 28.16 17.93
N LEU A 230 -0.13 28.85 17.75
CA LEU A 230 1.04 28.27 17.12
C LEU A 230 1.96 27.89 18.26
N LEU A 231 2.04 26.58 18.51
CA LEU A 231 2.71 26.04 19.69
C LEU A 231 4.20 25.80 19.75
N ASN A 232 4.91 25.69 18.64
CA ASN A 232 6.35 25.42 18.76
C ASN A 232 7.15 25.92 17.57
N GLY A 233 7.00 27.17 17.17
CA GLY A 233 7.75 27.66 16.01
C GLY A 233 8.92 28.53 16.42
N SER A 234 9.33 29.41 15.53
CA SER A 234 10.42 30.32 15.77
C SER A 234 9.87 31.61 16.35
N LEU A 235 10.71 32.39 16.99
CA LEU A 235 10.29 33.68 17.50
C LEU A 235 10.83 34.77 16.64
N ALA A 236 10.12 35.88 16.64
CA ALA A 236 10.55 37.07 15.94
C ALA A 236 11.81 37.56 16.60
N GLU A 237 12.74 38.11 15.82
CA GLU A 237 13.99 38.57 16.38
C GLU A 237 13.90 39.75 17.34
N GLU A 238 13.04 40.71 17.04
CA GLU A 238 12.98 41.90 17.88
C GLU A 238 11.59 42.29 18.34
N GLU A 239 10.66 42.35 17.41
CA GLU A 239 9.32 42.84 17.67
C GLU A 239 8.31 41.83 17.25
N VAL A 240 7.13 41.88 17.85
CA VAL A 240 6.11 40.96 17.41
C VAL A 240 5.78 41.33 15.98
N MET A 241 5.76 40.35 15.11
CA MET A 241 5.49 40.62 13.72
C MET A 241 4.10 40.22 13.35
N ILE A 242 3.41 41.10 12.69
CA ILE A 242 2.08 40.79 12.28
C ILE A 242 2.02 40.77 10.78
N ARG A 243 1.63 39.63 10.23
CA ARG A 243 1.62 39.51 8.79
C ARG A 243 0.26 39.06 8.29
N SER A 244 -0.13 39.58 7.16
CA SER A 244 -1.37 39.16 6.55
C SER A 244 -1.27 39.36 5.08
N GLU A 245 -2.02 38.56 4.35
CA GLU A 245 -2.09 38.73 2.92
C GLU A 245 -2.64 40.10 2.61
N ASN A 246 -3.55 40.61 3.46
CA ASN A 246 -4.13 41.90 3.14
C ASN A 246 -4.37 42.88 4.32
N ILE A 247 -4.74 42.38 5.51
CA ILE A 247 -5.21 43.19 6.67
C ILE A 247 -6.56 43.87 6.44
N THR A 248 -6.64 44.70 5.41
CA THR A 248 -7.83 45.45 5.05
C THR A 248 -8.96 44.51 4.69
N ASN A 249 -8.65 43.47 3.96
CA ASN A 249 -9.63 42.49 3.57
C ASN A 249 -9.84 41.53 4.74
N ASN A 250 -11.04 41.57 5.31
CA ASN A 250 -11.38 40.80 6.51
C ASN A 250 -11.53 39.32 6.24
N ALA A 251 -11.44 38.93 4.98
CA ALA A 251 -11.53 37.52 4.62
C ALA A 251 -10.20 36.83 4.84
N LYS A 252 -9.14 37.60 5.10
CA LYS A 252 -7.83 37.04 5.27
C LYS A 252 -7.46 36.84 6.72
N ASN A 253 -6.58 35.88 6.97
CA ASN A 253 -6.09 35.65 8.31
C ASN A 253 -4.91 36.56 8.60
N ILE A 254 -4.70 36.79 9.89
CA ILE A 254 -3.57 37.52 10.39
C ILE A 254 -2.71 36.57 11.21
N LEU A 255 -1.46 36.46 10.82
CA LEU A 255 -0.56 35.57 11.52
C LEU A 255 0.35 36.39 12.39
N VAL A 256 0.30 36.12 13.69
CA VAL A 256 1.07 36.90 14.62
C VAL A 256 2.24 36.11 15.18
N GLN A 257 3.45 36.59 14.95
CA GLN A 257 4.66 35.94 15.42
C GLN A 257 5.25 36.69 16.60
N PHE A 258 5.26 36.04 17.73
CA PHE A 258 5.71 36.65 18.96
C PHE A 258 7.21 36.79 18.96
N ASN A 259 7.73 37.76 19.69
CA ASN A 259 9.17 37.94 19.88
C ASN A 259 9.66 37.34 21.21
N THR A 260 8.80 36.54 21.82
CA THR A 260 9.09 35.85 23.07
C THR A 260 8.04 34.74 23.18
N PRO A 261 8.35 33.54 23.67
CA PRO A 261 7.42 32.45 23.86
C PRO A 261 6.52 32.65 25.05
N VAL A 262 5.35 32.03 25.02
CA VAL A 262 4.49 31.99 26.19
C VAL A 262 4.50 30.57 26.70
N GLN A 263 4.74 30.39 27.99
CA GLN A 263 4.79 29.03 28.47
C GLN A 263 3.41 28.49 28.72
N ILE A 264 3.17 27.33 28.11
CA ILE A 264 1.92 26.61 28.26
C ILE A 264 2.18 25.18 28.72
N ASN A 265 1.41 24.78 29.72
CA ASN A 265 1.47 23.44 30.30
C ASN A 265 0.14 22.73 30.23
N CYS A 266 0.06 21.68 29.43
CA CYS A 266 -1.22 20.98 29.28
C CYS A 266 -1.18 19.60 29.87
N THR A 267 -2.31 19.15 30.35
CA THR A 267 -2.37 17.82 30.88
C THR A 267 -3.66 17.09 30.68
N ARG A 268 -3.54 15.77 30.75
CA ARG A 268 -4.67 14.88 30.75
C ARG A 268 -4.45 14.09 32.03
N PRO A 269 -4.89 14.64 33.17
CA PRO A 269 -4.55 14.28 34.52
C PRO A 269 -5.32 13.06 35.02
N ASN A 270 -5.27 11.99 34.25
CA ASN A 270 -6.01 10.78 34.54
C ASN A 270 -5.14 9.59 34.28
N ASN A 271 -4.91 8.80 35.30
CA ASN A 271 -4.03 7.66 35.10
C ASN A 271 -4.81 6.54 34.45
N ASN A 272 -4.72 6.48 33.14
CA ASN A 272 -5.52 5.52 32.42
C ASN A 272 -4.76 4.26 32.15
N THR A 273 -5.51 3.17 32.00
CA THR A 273 -4.92 1.90 31.64
C THR A 273 -5.46 1.48 30.30
N ARG A 274 -4.79 0.52 29.67
CA ARG A 274 -5.20 0.03 28.38
C ARG A 274 -5.17 -1.48 28.33
N LYS A 275 -6.05 -2.04 27.52
CA LYS A 275 -6.05 -3.46 27.29
C LYS A 275 -6.17 -3.76 25.82
N SER A 276 -5.55 -4.85 25.39
CA SER A 276 -5.70 -5.21 24.01
C SER A 276 -6.81 -6.24 23.90
N ILE A 277 -7.50 -6.22 22.77
CA ILE A 277 -8.52 -7.20 22.46
C ILE A 277 -8.19 -7.88 21.16
N ARG A 278 -8.17 -9.20 21.18
CA ARG A 278 -7.90 -9.89 19.92
C ARG A 278 -9.22 -9.96 19.21
N ILE A 279 -9.28 -9.39 18.01
CA ILE A 279 -10.52 -9.33 17.26
C ILE A 279 -10.46 -10.21 16.02
N GLY A 280 -9.25 -10.66 15.69
CA GLY A 280 -9.04 -11.52 14.53
C GLY A 280 -7.60 -12.04 14.53
N PRO A 281 -7.16 -12.72 13.47
CA PRO A 281 -5.87 -13.38 13.33
C PRO A 281 -4.75 -12.36 13.24
N GLY A 282 -4.14 -12.07 14.39
CA GLY A 282 -3.12 -11.05 14.48
C GLY A 282 -3.73 -9.65 14.47
N GLN A 283 -5.04 -9.58 14.67
CA GLN A 283 -5.73 -8.31 14.61
C GLN A 283 -6.08 -7.85 15.98
N TRP A 284 -5.45 -6.77 16.41
CA TRP A 284 -5.69 -6.29 17.76
C TRP A 284 -6.25 -4.90 17.82
N PHE A 285 -7.17 -4.74 18.75
CA PHE A 285 -7.79 -3.48 19.07
C PHE A 285 -7.38 -3.01 20.44
N TYR A 286 -7.04 -1.74 20.54
CA TYR A 286 -6.64 -1.21 21.82
C TYR A 286 -7.72 -0.37 22.45
N ALA A 287 -8.17 -0.85 23.60
CA ALA A 287 -9.29 -0.28 24.33
C ALA A 287 -8.90 0.35 25.64
N THR A 288 -9.58 1.43 25.99
CA THR A 288 -9.35 2.04 27.29
C THR A 288 -9.89 1.06 28.32
N GLY A 289 -9.09 0.79 29.34
CA GLY A 289 -9.44 -0.13 30.41
C GLY A 289 -10.22 0.55 31.52
N ASP A 290 -9.51 1.16 32.45
CA ASP A 290 -10.15 1.90 33.53
C ASP A 290 -9.26 3.05 33.96
N ILE A 291 -9.73 3.81 34.92
CA ILE A 291 -9.02 4.95 35.42
C ILE A 291 -8.63 4.74 36.86
N ILE A 292 -7.36 4.93 37.14
CA ILE A 292 -6.92 4.79 38.50
C ILE A 292 -7.03 6.15 39.15
N GLY A 293 -7.74 6.21 40.26
CA GLY A 293 -7.94 7.45 40.95
C GLY A 293 -9.11 8.28 40.47
N ASP A 294 -8.97 9.59 40.63
CA ASP A 294 -10.03 10.53 40.36
C ASP A 294 -10.18 10.76 38.89
N ILE A 295 -11.36 11.18 38.48
CA ILE A 295 -11.55 11.53 37.11
C ILE A 295 -11.58 13.03 37.02
N ARG A 296 -10.66 13.59 36.25
CA ARG A 296 -10.50 15.03 36.13
C ARG A 296 -10.49 15.51 34.69
N GLN A 297 -10.84 16.77 34.48
CA GLN A 297 -10.84 17.31 33.14
C GLN A 297 -9.46 17.65 32.63
N ALA A 298 -9.23 17.42 31.34
CA ALA A 298 -7.98 17.81 30.72
C ALA A 298 -7.95 19.32 30.69
N HIS A 299 -6.77 19.89 30.79
CA HIS A 299 -6.68 21.33 30.77
C HIS A 299 -5.30 21.87 30.44
N CYS A 300 -5.27 23.16 30.08
CA CYS A 300 -4.01 23.87 29.84
C CYS A 300 -3.84 25.10 30.68
N ASN A 301 -2.63 25.27 31.18
CA ASN A 301 -2.23 26.40 32.00
C ASN A 301 -1.32 27.37 31.26
N VAL A 302 -1.80 28.57 31.07
CA VAL A 302 -1.04 29.58 30.37
C VAL A 302 -0.60 30.66 31.34
N SER A 303 0.69 30.98 31.39
CA SER A 303 1.08 32.03 32.35
C SER A 303 0.24 33.27 32.11
N LYS A 304 -0.40 33.75 33.16
CA LYS A 304 -1.30 34.88 33.00
C LYS A 304 -0.55 36.14 32.74
N ALA A 305 0.54 36.32 33.48
CA ALA A 305 1.27 37.55 33.33
C ALA A 305 1.88 37.62 31.96
N THR A 306 2.42 36.49 31.48
CA THR A 306 3.06 36.55 30.18
C THR A 306 2.02 36.80 29.13
N TRP A 307 0.89 36.14 29.24
CA TRP A 307 -0.16 36.28 28.26
C TRP A 307 -0.62 37.71 28.17
N ASN A 308 -0.82 38.38 29.30
CA ASN A 308 -1.27 39.75 29.23
C ASN A 308 -0.22 40.62 28.55
N GLU A 309 1.05 40.36 28.85
CA GLU A 309 2.08 41.14 28.22
C GLU A 309 2.13 40.92 26.73
N THR A 310 1.96 39.66 26.29
CA THR A 310 2.02 39.44 24.87
C THR A 310 0.82 40.04 24.17
N LEU A 311 -0.36 40.04 24.77
CA LEU A 311 -1.45 40.67 24.06
C LEU A 311 -1.20 42.15 23.94
N GLY A 312 -0.64 42.77 24.97
CA GLY A 312 -0.35 44.19 24.90
C GLY A 312 0.62 44.49 23.76
N LYS A 313 1.63 43.63 23.59
CA LYS A 313 2.60 43.82 22.52
C LYS A 313 1.92 43.68 21.17
N VAL A 314 1.00 42.72 21.06
CA VAL A 314 0.30 42.50 19.82
C VAL A 314 -0.51 43.72 19.48
N VAL A 315 -1.19 44.30 20.46
CA VAL A 315 -1.98 45.49 20.23
C VAL A 315 -1.13 46.65 19.78
N LYS A 316 0.00 46.87 20.43
CA LYS A 316 0.82 47.99 20.00
C LYS A 316 1.16 47.87 18.53
N GLN A 317 1.45 46.65 18.09
CA GLN A 317 1.78 46.46 16.71
C GLN A 317 0.54 46.43 15.80
N LEU A 318 -0.60 45.92 16.28
CA LEU A 318 -1.80 45.90 15.45
C LEU A 318 -2.23 47.30 15.13
N ARG A 319 -2.08 48.21 16.09
CA ARG A 319 -2.51 49.59 15.90
C ARG A 319 -1.86 50.24 14.70
N LYS A 320 -0.71 49.75 14.25
CA LYS A 320 -0.07 50.36 13.11
C LYS A 320 -0.96 50.34 11.88
N HIS A 321 -1.92 49.42 11.83
CA HIS A 321 -2.84 49.30 10.73
C HIS A 321 -4.24 49.81 11.03
N PHE A 322 -4.50 50.19 12.28
CA PHE A 322 -5.86 50.53 12.66
C PHE A 322 -5.99 51.94 13.23
N GLY A 323 -4.87 52.55 13.60
CA GLY A 323 -4.83 53.87 14.20
C GLY A 323 -4.20 53.83 15.58
N ASN A 324 -3.41 54.84 15.86
CA ASN A 324 -2.63 54.89 17.10
C ASN A 324 -3.47 54.91 18.36
N ASN A 325 -4.67 55.46 18.28
CA ASN A 325 -5.52 55.52 19.44
C ASN A 325 -6.76 54.67 19.28
N THR A 326 -6.72 53.74 18.35
CA THR A 326 -7.84 52.85 18.08
C THR A 326 -7.88 51.77 19.15
N ILE A 327 -9.07 51.50 19.65
CA ILE A 327 -9.22 50.52 20.71
C ILE A 327 -9.24 49.13 20.14
N ILE A 328 -8.45 48.24 20.71
CA ILE A 328 -8.43 46.88 20.24
C ILE A 328 -8.96 45.90 21.23
N ARG A 329 -9.90 45.09 20.77
CA ARG A 329 -10.52 44.12 21.64
C ARG A 329 -10.31 42.69 21.23
N PHE A 330 -10.03 41.87 22.22
CA PHE A 330 -9.89 40.44 22.03
C PHE A 330 -11.10 39.73 22.57
N ALA A 331 -11.78 39.07 21.65
CA ALA A 331 -12.99 38.34 21.90
C ALA A 331 -12.72 36.87 21.61
N ASN A 332 -13.64 36.00 22.03
CA ASN A 332 -13.44 34.58 21.80
C ASN A 332 -13.86 34.13 20.40
N SER A 333 -13.71 32.84 20.14
CA SER A 333 -13.98 32.28 18.83
C SER A 333 -15.45 32.22 18.43
N SER A 334 -15.67 32.09 17.12
CA SER A 334 -16.99 31.92 16.52
C SER A 334 -17.38 30.47 16.64
N GLY A 335 -18.63 30.12 16.34
CA GLY A 335 -19.04 28.71 16.47
C GLY A 335 -18.62 27.84 15.29
N GLY A 336 -18.88 26.53 15.41
CA GLY A 336 -18.49 25.57 14.40
C GLY A 336 -17.90 24.32 15.06
N ASP A 337 -17.19 23.51 14.28
CA ASP A 337 -16.56 22.28 14.76
C ASP A 337 -15.45 22.59 15.74
N LEU A 338 -15.09 21.64 16.58
CA LEU A 338 -14.04 21.90 17.55
C LEU A 338 -12.75 22.28 16.86
N GLU A 339 -12.48 21.77 15.67
CA GLU A 339 -11.24 22.14 15.00
C GLU A 339 -11.16 23.64 14.67
N VAL A 340 -12.29 24.34 14.67
CA VAL A 340 -12.27 25.76 14.39
C VAL A 340 -12.71 26.60 15.58
N THR A 341 -13.30 25.99 16.62
CA THR A 341 -13.74 26.77 17.77
C THR A 341 -12.78 26.67 18.93
N THR A 342 -11.98 25.61 18.95
CA THR A 342 -11.03 25.38 20.03
C THR A 342 -9.61 25.28 19.54
N HIS A 343 -8.70 25.26 20.49
CA HIS A 343 -7.32 25.06 20.16
C HIS A 343 -6.97 23.60 20.24
N SER A 344 -6.59 23.03 19.11
CA SER A 344 -6.32 21.62 19.15
C SER A 344 -4.89 21.26 18.94
N PHE A 345 -4.53 20.14 19.55
CA PHE A 345 -3.21 19.59 19.38
C PHE A 345 -3.10 18.11 19.72
N ASN A 346 -2.04 17.50 19.23
CA ASN A 346 -1.68 16.11 19.48
C ASN A 346 -0.56 16.00 20.49
N CYS A 347 -0.85 15.48 21.67
CA CYS A 347 0.17 15.36 22.70
C CYS A 347 0.06 14.06 23.47
N GLY A 348 1.09 13.25 23.35
CA GLY A 348 1.12 11.96 24.01
C GLY A 348 0.36 10.95 23.18
N GLY A 349 -0.17 11.42 22.06
CA GLY A 349 -1.00 10.64 21.17
C GLY A 349 -2.46 11.00 21.36
N GLU A 350 -2.78 11.80 22.40
CA GLU A 350 -4.15 12.20 22.61
C GLU A 350 -4.45 13.50 21.90
N PHE A 351 -5.71 13.67 21.54
CA PHE A 351 -6.14 14.88 20.87
C PHE A 351 -6.97 15.75 21.76
N PHE A 352 -6.41 16.92 22.03
CA PHE A 352 -6.94 17.92 22.92
C PHE A 352 -7.67 18.98 22.17
N TYR A 353 -8.79 19.44 22.72
CA TYR A 353 -9.60 20.53 22.19
C TYR A 353 -9.87 21.59 23.27
N CYS A 354 -8.97 22.56 23.38
CA CYS A 354 -8.97 23.47 24.51
C CYS A 354 -9.78 24.74 24.32
N ASN A 355 -10.48 25.09 25.37
CA ASN A 355 -11.35 26.26 25.36
C ASN A 355 -10.57 27.53 25.67
N THR A 356 -10.13 28.14 24.60
CA THR A 356 -9.28 29.30 24.60
C THR A 356 -10.03 30.56 24.82
N SER A 357 -11.32 30.47 25.07
CA SER A 357 -12.04 31.71 25.31
C SER A 357 -11.48 32.37 26.55
N GLY A 358 -10.86 31.59 27.44
CA GLY A 358 -10.29 32.13 28.67
C GLY A 358 -9.06 33.00 28.39
N LEU A 359 -8.54 32.94 27.18
CA LEU A 359 -7.40 33.74 26.79
C LEU A 359 -7.77 35.03 26.08
N PHE A 360 -9.02 35.19 25.65
CA PHE A 360 -9.35 36.35 24.84
C PHE A 360 -10.55 37.08 25.41
N ASN A 361 -10.25 37.87 26.43
CA ASN A 361 -11.24 38.58 27.22
C ASN A 361 -10.70 39.95 27.60
N SER A 362 -10.36 40.76 26.61
CA SER A 362 -9.74 42.04 26.96
C SER A 362 -9.86 43.18 25.97
N THR A 363 -10.11 44.36 26.49
CA THR A 363 -10.15 45.53 25.64
C THR A 363 -8.99 46.44 26.00
N TRP A 364 -8.19 46.74 25.00
CA TRP A 364 -7.01 47.56 25.15
C TRP A 364 -7.27 48.97 24.65
N ILE A 365 -7.25 49.91 25.57
CA ILE A 365 -7.59 51.28 25.25
C ILE A 365 -6.38 52.17 25.36
N SER A 366 -6.14 52.95 24.32
CA SER A 366 -5.00 53.85 24.32
C SER A 366 -5.10 54.84 25.45
N ASN A 367 -3.98 55.11 26.09
CA ASN A 367 -3.94 56.06 27.18
C ASN A 367 -5.12 55.88 28.12
N ASN A 379 2.43 35.71 40.90
CA ASN A 379 2.28 34.99 39.65
C ASN A 379 0.94 34.30 39.57
N ASP A 380 0.43 34.10 38.37
CA ASP A 380 -0.85 33.46 38.18
C ASP A 380 -0.94 32.77 36.82
N SER A 381 -2.05 32.10 36.56
CA SER A 381 -2.23 31.39 35.29
C SER A 381 -3.68 31.30 34.86
N ILE A 382 -3.86 31.05 33.58
CA ILE A 382 -5.18 30.88 33.03
C ILE A 382 -5.40 29.41 32.75
N THR A 383 -6.45 28.84 33.32
CA THR A 383 -6.70 27.42 33.09
C THR A 383 -7.79 27.26 32.05
N LEU A 384 -7.48 26.55 30.99
CA LEU A 384 -8.41 26.30 29.91
C LEU A 384 -8.82 24.85 29.99
N PRO A 385 -10.10 24.49 30.07
CA PRO A 385 -10.52 23.11 30.05
C PRO A 385 -10.30 22.61 28.65
N CYS A 386 -10.02 21.33 28.49
CA CYS A 386 -9.83 20.72 27.18
C CYS A 386 -10.63 19.45 27.04
N ARG A 387 -11.21 19.24 25.87
CA ARG A 387 -11.93 18.02 25.61
C ARG A 387 -11.04 17.01 24.93
N ILE A 388 -11.33 15.72 25.13
CA ILE A 388 -10.53 14.67 24.50
C ILE A 388 -11.29 13.81 23.50
N LYS A 389 -10.68 13.61 22.33
CA LYS A 389 -11.26 12.74 21.30
C LYS A 389 -10.29 11.68 20.82
N GLN A 390 -10.83 10.53 20.41
CA GLN A 390 -10.02 9.50 19.79
C GLN A 390 -10.26 9.30 18.29
N ILE A 391 -11.41 9.67 17.72
CA ILE A 391 -11.56 9.41 16.27
C ILE A 391 -11.39 10.74 15.56
N ILE A 392 -10.26 10.85 14.88
CA ILE A 392 -9.84 12.11 14.33
C ILE A 392 -9.81 12.21 12.82
N ASN A 393 -10.46 13.23 12.29
CA ASN A 393 -10.38 13.49 10.87
C ASN A 393 -9.19 14.41 10.78
N MET A 394 -8.02 13.79 10.68
CA MET A 394 -6.73 14.47 10.85
C MET A 394 -6.53 15.63 9.93
N TRP A 395 -6.98 15.50 8.69
CA TRP A 395 -6.81 16.59 7.75
C TRP A 395 -8.12 17.19 7.34
N GLN A 396 -9.13 17.02 8.17
CA GLN A 396 -10.46 17.55 7.91
C GLN A 396 -11.03 17.06 6.59
N ARG A 397 -10.78 15.80 6.27
CA ARG A 397 -11.27 15.18 5.07
C ARG A 397 -12.40 14.26 5.42
N ILE A 398 -13.15 13.86 4.42
CA ILE A 398 -14.25 12.96 4.65
C ILE A 398 -13.93 11.55 4.15
N GLY A 399 -14.18 10.57 5.02
CA GLY A 399 -14.00 9.16 4.69
C GLY A 399 -12.77 8.49 5.29
N GLN A 400 -11.82 9.27 5.76
CA GLN A 400 -10.59 8.72 6.36
C GLN A 400 -10.40 9.10 7.81
N ALA A 401 -10.93 8.31 8.73
CA ALA A 401 -10.83 8.66 10.14
C ALA A 401 -9.77 7.82 10.82
N MET A 402 -8.98 8.46 11.66
CA MET A 402 -7.94 7.76 12.39
C MET A 402 -8.34 7.57 13.83
N TYR A 403 -8.10 6.39 14.37
CA TYR A 403 -8.38 6.18 15.77
C TYR A 403 -7.13 6.16 16.60
N ALA A 404 -7.12 7.04 17.57
CA ALA A 404 -5.99 7.16 18.45
C ALA A 404 -6.14 6.15 19.56
N PRO A 405 -5.25 5.15 19.67
CA PRO A 405 -5.36 4.11 20.63
C PRO A 405 -5.15 4.80 21.95
N PRO A 406 -5.65 4.28 23.05
CA PRO A 406 -5.50 4.84 24.36
C PRO A 406 -4.05 4.95 24.75
N ILE A 407 -3.77 5.99 25.50
CA ILE A 407 -2.45 6.24 26.00
C ILE A 407 -2.49 5.97 27.49
N GLN A 408 -1.58 5.15 27.97
CA GLN A 408 -1.59 4.80 29.38
C GLN A 408 -0.82 5.82 30.19
N GLY A 409 -1.15 5.91 31.46
CA GLY A 409 -0.43 6.80 32.33
C GLY A 409 -1.05 8.17 32.28
N VAL A 410 -0.28 9.16 32.66
CA VAL A 410 -0.73 10.52 32.78
C VAL A 410 0.04 11.38 31.81
N ILE A 411 -0.66 12.24 31.08
CA ILE A 411 -0.02 13.08 30.08
C ILE A 411 0.29 14.49 30.52
N ARG A 412 1.52 14.91 30.27
CA ARG A 412 1.96 16.27 30.51
C ARG A 412 2.63 16.79 29.25
N CYS A 413 2.24 17.98 28.82
CA CYS A 413 2.74 18.58 27.61
C CYS A 413 3.29 19.95 27.91
N VAL A 414 4.45 20.27 27.38
CA VAL A 414 5.00 21.60 27.59
C VAL A 414 5.36 22.20 26.26
N SER A 415 4.92 23.42 26.01
CA SER A 415 5.26 24.02 24.73
C SER A 415 5.46 25.52 24.80
N ASN A 416 6.08 26.05 23.75
CA ASN A 416 6.35 27.48 23.61
C ASN A 416 5.37 28.13 22.65
N ILE A 417 4.39 28.89 23.14
CA ILE A 417 3.48 29.43 22.16
C ILE A 417 4.30 30.49 21.50
N THR A 418 4.39 30.44 20.18
CA THR A 418 5.17 31.40 19.42
C THR A 418 4.30 32.31 18.59
N GLY A 419 3.02 32.02 18.52
CA GLY A 419 2.16 32.89 17.76
C GLY A 419 0.69 32.53 17.77
N LEU A 420 -0.08 33.35 17.07
CA LEU A 420 -1.53 33.24 17.01
C LEU A 420 -2.11 33.29 15.61
N ILE A 421 -3.26 32.64 15.40
CA ILE A 421 -4.00 32.90 14.16
C ILE A 421 -5.25 33.69 14.51
N LEU A 422 -5.27 34.93 14.05
CA LEU A 422 -6.36 35.83 14.36
C LEU A 422 -7.12 36.30 13.15
N THR A 423 -8.39 36.62 13.35
CA THR A 423 -9.16 37.26 12.30
C THR A 423 -9.84 38.51 12.82
N ARG A 424 -10.14 39.43 11.93
CA ARG A 424 -10.87 40.64 12.30
C ARG A 424 -12.34 40.33 12.37
N ASP A 425 -13.00 40.84 13.40
CA ASP A 425 -14.42 40.58 13.53
C ASP A 425 -15.17 41.62 12.70
N GLY A 426 -15.14 41.41 11.39
CA GLY A 426 -15.72 42.33 10.43
C GLY A 426 -16.11 41.61 9.16
N SER A 431 -17.08 51.95 15.19
CA SER A 431 -15.94 51.79 14.29
C SER A 431 -14.68 52.29 14.96
N THR A 432 -14.81 52.58 16.25
CA THR A 432 -13.72 53.10 17.07
C THR A 432 -12.95 51.98 17.75
N THR A 433 -13.56 50.80 17.76
CA THR A 433 -12.97 49.61 18.35
C THR A 433 -12.86 48.54 17.30
N GLU A 434 -11.68 47.99 17.19
CA GLU A 434 -11.36 46.93 16.27
C GLU A 434 -11.28 45.63 17.06
N THR A 435 -12.21 44.73 16.79
CA THR A 435 -12.26 43.49 17.53
C THR A 435 -11.67 42.36 16.72
N PHE A 436 -10.86 41.56 17.40
CA PHE A 436 -10.24 40.39 16.84
C PHE A 436 -10.69 39.18 17.58
N ARG A 437 -10.73 38.07 16.87
CA ARG A 437 -11.05 36.80 17.47
C ARG A 437 -10.03 35.78 17.02
N PRO A 438 -9.72 34.78 17.84
CA PRO A 438 -8.88 33.68 17.50
C PRO A 438 -9.70 32.82 16.61
N GLY A 439 -9.06 32.01 15.81
CA GLY A 439 -9.82 31.05 15.07
C GLY A 439 -8.92 30.05 14.40
N GLY A 440 -9.52 29.11 13.71
CA GLY A 440 -8.75 28.09 13.05
C GLY A 440 -8.46 28.52 11.64
N GLY A 441 -8.02 27.60 10.83
CA GLY A 441 -7.64 27.90 9.47
C GLY A 441 -6.98 26.69 8.91
N ASP A 442 -6.39 26.84 7.76
CA ASP A 442 -5.73 25.73 7.11
C ASP A 442 -4.42 25.42 7.85
N MET A 443 -3.96 24.20 7.71
CA MET A 443 -2.71 23.75 8.30
C MET A 443 -1.57 24.42 7.57
N ARG A 444 -1.85 24.83 6.35
CA ARG A 444 -0.89 25.54 5.55
C ARG A 444 -0.45 26.83 6.26
N ASP A 445 -1.34 27.44 7.04
CA ASP A 445 -1.01 28.69 7.69
C ASP A 445 -0.04 28.50 8.83
N ASN A 446 0.14 27.26 9.28
CA ASN A 446 1.03 27.00 10.38
C ASN A 446 2.42 26.75 9.87
N TRP A 447 2.55 26.65 8.54
CA TRP A 447 3.80 26.31 7.93
C TRP A 447 4.37 27.51 7.22
N ARG A 448 3.49 28.36 6.69
CA ARG A 448 3.98 29.55 6.00
C ARG A 448 4.62 30.47 7.04
N SER A 449 4.29 30.23 8.30
CA SER A 449 4.77 30.94 9.47
C SER A 449 6.26 30.74 9.68
N GLU A 450 6.82 29.68 9.10
CA GLU A 450 8.25 29.39 9.16
C GLU A 450 8.87 29.57 7.78
N LEU A 451 8.05 29.34 6.74
CA LEU A 451 8.49 29.39 5.35
C LEU A 451 8.50 30.76 4.71
N TYR A 452 7.92 31.78 5.33
CA TYR A 452 7.90 33.10 4.75
C TYR A 452 9.27 33.67 4.41
N LYS A 453 10.32 33.18 5.03
CA LYS A 453 11.64 33.67 4.75
C LYS A 453 12.30 32.98 3.57
N TYR A 454 11.66 31.98 2.98
CA TYR A 454 12.35 31.24 1.92
C TYR A 454 11.65 31.24 0.56
N LYS A 455 12.47 31.31 -0.49
CA LYS A 455 12.00 31.24 -1.86
C LYS A 455 12.88 30.32 -2.71
N VAL A 456 12.31 29.56 -3.64
CA VAL A 456 13.19 28.71 -4.46
C VAL A 456 13.20 29.15 -5.90
N VAL A 457 14.41 29.21 -6.44
CA VAL A 457 14.58 29.64 -7.81
C VAL A 457 15.37 28.64 -8.62
N LYS A 458 15.20 28.71 -9.94
CA LYS A 458 15.90 27.87 -10.89
C LYS A 458 17.12 28.57 -11.38
N ILE A 459 18.22 27.89 -11.37
CA ILE A 459 19.47 28.45 -11.80
C ILE A 459 19.58 28.32 -13.30
N GLU A 460 19.92 29.42 -13.97
CA GLU A 460 20.03 29.42 -15.43
C GLU A 460 21.39 29.94 -15.90
N PRO A 461 22.42 29.09 -15.90
CA PRO A 461 23.82 29.42 -16.11
C PRO A 461 24.25 29.82 -17.52
N LEU A 462 23.41 29.62 -18.53
CA LEU A 462 23.84 29.94 -19.89
C LEU A 462 23.32 31.30 -20.35
N GLY A 463 24.19 32.12 -20.95
CA GLY A 463 23.76 33.40 -21.49
C GLY A 463 24.85 34.08 -22.32
N VAL A 464 24.51 35.22 -22.93
CA VAL A 464 25.43 35.92 -23.81
C VAL A 464 25.56 37.39 -23.50
N ALA A 465 26.62 38.01 -24.01
CA ALA A 465 26.84 39.45 -23.93
C ALA A 465 27.83 39.87 -25.04
N PRO A 466 27.80 41.12 -25.54
CA PRO A 466 28.78 41.64 -26.45
C PRO A 466 30.09 41.92 -25.73
N THR A 467 31.20 41.74 -26.43
CA THR A 467 32.55 42.03 -25.96
C THR A 467 33.35 42.61 -27.12
N ARG A 468 34.66 42.69 -26.97
CA ARG A 468 35.48 43.18 -28.06
C ARG A 468 36.20 42.06 -28.80
N CYS A 469 35.85 40.80 -28.52
CA CYS A 469 36.57 39.72 -29.19
C CYS A 469 35.76 39.04 -30.26
N LYS A 470 36.50 38.50 -31.21
CA LYS A 470 35.94 37.63 -32.23
C LYS A 470 36.88 36.47 -32.48
N ARG A 471 36.33 35.32 -32.80
CA ARG A 471 37.19 34.18 -33.12
C ARG A 471 38.29 34.56 -34.08
N ILE B 4 43.18 41.38 -0.97
CA ILE B 4 42.86 40.02 -0.53
C ILE B 4 41.40 39.92 -0.09
N GLY B 5 41.14 39.84 1.19
CA GLY B 5 39.77 39.74 1.69
C GLY B 5 39.20 38.33 1.54
N ALA B 6 40.06 37.35 1.28
CA ALA B 6 39.63 35.97 1.09
C ALA B 6 38.50 35.94 0.07
N VAL B 7 38.69 36.62 -1.04
CA VAL B 7 37.57 36.63 -1.92
C VAL B 7 37.44 35.43 -2.81
N PHE B 8 36.40 34.70 -2.46
CA PHE B 8 35.89 33.51 -3.10
C PHE B 8 34.45 33.72 -3.50
N LEU B 9 33.74 34.47 -2.67
CA LEU B 9 32.35 34.82 -2.81
C LEU B 9 31.35 33.71 -2.58
N GLY B 10 31.48 32.59 -3.26
CA GLY B 10 30.55 31.49 -3.02
C GLY B 10 29.84 31.03 -4.29
N PHE B 11 28.90 30.09 -4.15
CA PHE B 11 28.22 29.49 -5.29
C PHE B 11 27.53 30.48 -6.23
N LEU B 12 26.62 31.30 -5.73
CA LEU B 12 26.10 32.32 -6.65
C LEU B 12 27.14 33.40 -6.61
N GLY B 13 27.75 33.52 -5.45
CA GLY B 13 28.79 34.46 -5.16
C GLY B 13 28.30 35.86 -5.30
N ALA B 14 29.04 36.68 -6.00
CA ALA B 14 28.65 38.07 -6.14
C ALA B 14 27.65 38.24 -7.23
N ALA B 15 26.46 37.74 -7.01
CA ALA B 15 25.42 37.80 -8.00
C ALA B 15 25.01 39.25 -8.21
N GLY B 16 25.31 40.09 -7.22
CA GLY B 16 25.02 41.52 -7.27
C GLY B 16 26.15 42.32 -7.88
N SER B 17 27.24 41.66 -8.30
CA SER B 17 28.35 42.40 -8.88
C SER B 17 28.11 42.57 -10.33
N THR B 18 28.88 43.44 -10.93
CA THR B 18 28.68 43.64 -12.32
C THR B 18 29.28 42.52 -13.12
N MET B 19 28.87 42.45 -14.36
CA MET B 19 29.26 41.39 -15.26
C MET B 19 30.76 41.25 -15.40
N GLY B 20 31.46 42.38 -15.44
CA GLY B 20 32.90 42.35 -15.60
C GLY B 20 33.63 41.81 -14.38
N ALA B 21 32.92 41.71 -13.26
CA ALA B 21 33.47 41.19 -12.03
C ALA B 21 32.97 39.78 -11.78
N ALA B 22 31.71 39.57 -12.14
CA ALA B 22 30.99 38.34 -11.94
C ALA B 22 31.49 37.19 -12.81
N SER B 23 31.89 37.49 -14.06
CA SER B 23 32.30 36.41 -14.96
C SER B 23 33.73 35.97 -14.70
N MET B 24 33.97 35.49 -13.48
CA MET B 24 35.24 35.03 -12.99
C MET B 24 34.96 33.84 -12.14
N THR B 25 33.68 33.69 -11.81
CA THR B 25 33.19 32.64 -10.91
C THR B 25 32.34 31.65 -11.68
N LEU B 26 32.47 31.67 -12.98
CA LEU B 26 31.66 30.84 -13.85
C LEU B 26 31.86 29.36 -13.52
N THR B 27 33.09 28.99 -13.17
CA THR B 27 33.44 27.63 -12.84
C THR B 27 32.83 27.22 -11.51
N VAL B 28 32.60 28.18 -10.63
CA VAL B 28 32.10 27.84 -9.32
C VAL B 28 30.73 27.33 -9.51
N GLN B 29 29.98 28.01 -10.34
CA GLN B 29 28.65 27.55 -10.56
C GLN B 29 28.60 26.26 -11.35
N ALA B 30 29.45 26.14 -12.37
CA ALA B 30 29.38 24.95 -13.21
C ALA B 30 29.62 23.68 -12.41
N ARG B 31 30.53 23.74 -11.45
CA ARG B 31 30.89 22.57 -10.66
C ARG B 31 29.81 22.12 -9.71
N ASN B 32 28.81 22.94 -9.50
CA ASN B 32 27.75 22.60 -8.59
C ASN B 32 26.42 22.34 -9.27
N LEU B 33 26.43 22.17 -10.60
CA LEU B 33 25.18 21.92 -11.30
C LEU B 33 24.80 20.45 -11.34
N LEU B 34 25.77 19.56 -11.20
CA LEU B 34 25.47 18.14 -11.21
C LEU B 34 25.28 17.62 -9.80
N SER B 35 25.92 18.27 -8.84
CA SER B 35 25.91 17.87 -7.44
C SER B 35 25.73 16.37 -7.28
N LEU B 57 13.76 4.83 1.80
CA LEU B 57 14.74 3.81 1.43
C LEU B 57 14.02 2.63 0.84
N THR B 58 12.74 2.83 0.59
CA THR B 58 11.86 1.81 0.07
C THR B 58 11.15 2.24 -1.21
N VAL B 59 10.01 2.90 -1.03
CA VAL B 59 9.11 3.28 -2.11
C VAL B 59 8.76 4.78 -2.14
N TRP B 60 8.14 5.22 -3.26
CA TRP B 60 7.72 6.62 -3.53
C TRP B 60 8.89 7.56 -3.79
N GLY B 61 10.06 6.96 -3.99
CA GLY B 61 11.32 7.64 -4.25
C GLY B 61 11.38 8.14 -5.67
N ILE B 62 10.31 7.84 -6.41
CA ILE B 62 10.20 8.27 -7.78
C ILE B 62 10.29 9.78 -7.83
N LYS B 63 9.87 10.48 -6.77
CA LYS B 63 10.00 11.92 -6.82
C LYS B 63 11.46 12.34 -6.99
N GLN B 64 12.39 11.58 -6.41
CA GLN B 64 13.77 11.99 -6.50
C GLN B 64 14.33 11.53 -7.80
N LEU B 65 13.85 10.41 -8.31
CA LEU B 65 14.36 9.98 -9.60
C LEU B 65 13.93 10.97 -10.65
N GLN B 66 12.72 11.51 -10.51
CA GLN B 66 12.25 12.49 -11.46
C GLN B 66 13.11 13.73 -11.36
N ALA B 67 13.46 14.13 -10.13
CA ALA B 67 14.30 15.30 -9.98
C ALA B 67 15.68 15.08 -10.60
N ARG B 68 16.24 13.87 -10.43
CA ARG B 68 17.55 13.60 -10.97
C ARG B 68 17.54 13.64 -12.47
N VAL B 69 16.51 13.07 -13.05
CA VAL B 69 16.43 13.03 -14.50
C VAL B 69 16.27 14.42 -15.07
N LEU B 70 15.44 15.23 -14.47
CA LEU B 70 15.25 16.55 -15.00
C LEU B 70 16.53 17.36 -14.89
N ALA B 71 17.30 17.20 -13.80
CA ALA B 71 18.54 17.92 -13.71
C ALA B 71 19.48 17.52 -14.84
N VAL B 72 19.47 16.24 -15.17
CA VAL B 72 20.28 15.78 -16.27
C VAL B 72 19.83 16.38 -17.58
N GLU B 73 18.53 16.43 -17.81
CA GLU B 73 18.11 17.00 -19.08
C GLU B 73 18.51 18.46 -19.19
N ARG B 74 18.40 19.21 -18.10
CA ARG B 74 18.77 20.62 -18.19
C ARG B 74 20.24 20.76 -18.54
N TYR B 75 21.06 19.94 -17.90
CA TYR B 75 22.48 19.99 -18.14
C TYR B 75 22.77 19.70 -19.59
N LEU B 76 22.15 18.65 -20.12
CA LEU B 76 22.44 18.28 -21.48
C LEU B 76 21.97 19.31 -22.47
N ARG B 77 20.83 19.96 -22.25
CA ARG B 77 20.43 20.94 -23.24
C ARG B 77 21.46 22.06 -23.31
N ASP B 78 21.99 22.47 -22.16
CA ASP B 78 22.98 23.53 -22.20
C ASP B 78 24.24 23.07 -22.92
N GLN B 79 24.64 21.83 -22.66
CA GLN B 79 25.85 21.36 -23.27
C GLN B 79 25.69 21.17 -24.76
N GLN B 80 24.50 20.75 -25.19
CA GLN B 80 24.31 20.57 -26.60
C GLN B 80 24.42 21.88 -27.32
N LEU B 81 23.86 22.94 -26.75
CA LEU B 81 23.95 24.22 -27.43
C LEU B 81 25.36 24.72 -27.51
N LEU B 82 26.15 24.51 -26.46
CA LEU B 82 27.53 24.95 -26.52
C LEU B 82 28.22 24.17 -27.61
N GLY B 83 27.88 22.90 -27.76
CA GLY B 83 28.42 22.08 -28.83
C GLY B 83 28.04 22.63 -30.19
N ILE B 84 26.76 22.89 -30.41
CA ILE B 84 26.26 23.36 -31.68
C ILE B 84 26.87 24.68 -32.06
N TRP B 85 27.08 25.55 -31.10
CA TRP B 85 27.65 26.86 -31.36
C TRP B 85 29.18 26.87 -31.45
N GLY B 86 29.84 25.74 -31.23
CA GLY B 86 31.29 25.67 -31.26
C GLY B 86 31.98 26.18 -30.00
N CYS B 87 31.28 26.20 -28.88
CA CYS B 87 31.81 26.70 -27.62
C CYS B 87 31.94 25.60 -26.57
N SER B 88 31.93 24.37 -27.01
CA SER B 88 32.02 23.26 -26.09
C SER B 88 33.35 23.23 -25.39
N GLY B 89 33.32 22.93 -24.11
CA GLY B 89 34.54 22.80 -23.33
C GLY B 89 35.03 24.13 -22.80
N LYS B 90 34.32 25.22 -23.07
CA LYS B 90 34.77 26.51 -22.59
C LYS B 90 33.72 27.16 -21.71
N LEU B 91 34.15 27.97 -20.74
CA LEU B 91 33.18 28.73 -19.98
C LEU B 91 32.92 30.03 -20.69
N ILE B 92 33.93 30.51 -21.41
CA ILE B 92 33.82 31.72 -22.19
C ILE B 92 34.25 31.46 -23.61
N CYS B 93 33.42 31.78 -24.60
CA CYS B 93 33.91 31.61 -25.96
C CYS B 93 33.57 32.80 -26.81
N CYS B 94 34.50 33.15 -27.66
CA CYS B 94 34.22 34.22 -28.60
C CYS B 94 33.61 33.52 -29.78
N THR B 95 32.73 34.23 -30.47
CA THR B 95 32.09 33.74 -31.68
C THR B 95 32.48 34.74 -32.74
N ASN B 96 32.00 34.57 -33.95
CA ASN B 96 32.27 35.52 -35.00
C ASN B 96 30.97 36.20 -35.43
N VAL B 97 29.97 36.14 -34.56
CA VAL B 97 28.67 36.72 -34.80
C VAL B 97 28.66 38.15 -34.28
N PRO B 98 28.23 39.14 -35.07
CA PRO B 98 28.18 40.54 -34.73
C PRO B 98 27.08 40.82 -33.72
N TRP B 99 27.23 41.90 -32.98
CA TRP B 99 26.19 42.36 -32.10
C TRP B 99 25.37 43.25 -33.00
N ASN B 100 24.06 43.12 -33.02
CA ASN B 100 23.30 43.90 -33.99
C ASN B 100 22.73 45.22 -33.49
N SER B 101 23.18 45.66 -32.33
CA SER B 101 22.83 46.95 -31.72
C SER B 101 21.39 47.08 -31.23
N SER B 102 20.41 46.76 -32.04
CA SER B 102 19.02 46.92 -31.61
C SER B 102 18.72 46.07 -30.39
N TRP B 103 19.48 44.98 -30.20
CA TRP B 103 19.32 44.11 -29.06
C TRP B 103 19.63 44.85 -27.77
N SER B 104 20.64 45.70 -27.82
CA SER B 104 21.11 46.53 -26.74
C SER B 104 21.99 47.61 -27.30
N ASN B 105 21.65 48.85 -27.01
CA ASN B 105 22.40 49.97 -27.52
C ASN B 105 23.25 50.59 -26.45
N ARG B 106 23.52 49.82 -25.40
CA ARG B 106 24.37 50.26 -24.32
C ARG B 106 25.82 50.09 -24.72
N ASN B 107 26.68 50.96 -24.20
CA ASN B 107 28.10 50.84 -24.45
C ASN B 107 28.69 49.70 -23.66
N LEU B 108 29.79 49.12 -24.12
CA LEU B 108 30.43 48.08 -23.33
C LEU B 108 30.88 48.61 -21.99
N SER B 109 31.23 49.90 -21.94
CA SER B 109 31.66 50.56 -20.72
C SER B 109 30.50 50.70 -19.73
N GLU B 110 29.29 50.48 -20.20
CA GLU B 110 28.12 50.54 -19.36
C GLU B 110 27.67 49.12 -19.02
N ILE B 111 27.77 48.22 -20.00
CA ILE B 111 27.30 46.86 -19.84
C ILE B 111 28.14 46.06 -18.90
N TRP B 112 29.44 46.09 -19.07
CA TRP B 112 30.27 45.29 -18.24
C TRP B 112 30.57 45.90 -16.88
N ASP B 113 30.55 47.23 -16.82
CA ASP B 113 30.88 47.90 -15.58
C ASP B 113 29.73 48.36 -14.69
N ASN B 114 28.55 48.66 -15.24
CA ASN B 114 27.47 49.14 -14.39
C ASN B 114 26.24 48.24 -14.37
N MET B 115 26.38 47.01 -14.85
CA MET B 115 25.26 46.08 -14.85
C MET B 115 25.67 44.72 -14.37
N THR B 116 24.73 44.05 -13.71
CA THR B 116 24.92 42.69 -13.24
C THR B 116 24.42 41.76 -14.31
N TRP B 117 24.74 40.47 -14.20
CA TRP B 117 24.25 39.52 -15.16
C TRP B 117 22.75 39.34 -15.09
N LEU B 118 22.18 39.51 -13.91
CA LEU B 118 20.76 39.30 -13.79
C LEU B 118 20.05 40.45 -14.51
N GLN B 119 20.57 41.67 -14.34
CA GLN B 119 19.94 42.80 -15.01
C GLN B 119 20.07 42.66 -16.49
N TRP B 120 21.22 42.19 -16.93
CA TRP B 120 21.52 41.99 -18.32
C TRP B 120 20.63 40.93 -18.93
N ASP B 121 20.47 39.82 -18.23
CA ASP B 121 19.63 38.76 -18.76
C ASP B 121 18.25 39.31 -19.03
N LYS B 122 17.75 40.15 -18.13
CA LYS B 122 16.45 40.74 -18.36
C LYS B 122 16.51 41.71 -19.54
N GLU B 123 17.57 42.52 -19.61
CA GLU B 123 17.74 43.55 -20.63
C GLU B 123 17.64 43.01 -22.05
N ILE B 124 18.21 41.84 -22.29
CA ILE B 124 18.18 41.30 -23.64
C ILE B 124 17.41 40.00 -23.76
N SER B 125 16.49 39.73 -22.84
CA SER B 125 15.81 38.44 -22.86
C SER B 125 15.03 38.17 -24.13
N ASN B 126 14.56 39.22 -24.79
CA ASN B 126 13.74 39.06 -25.97
C ASN B 126 14.53 38.72 -27.21
N TYR B 127 15.84 38.68 -27.10
CA TYR B 127 16.66 38.38 -28.24
C TYR B 127 17.35 37.05 -28.07
N THR B 128 17.00 36.30 -27.03
CA THR B 128 17.71 35.06 -26.75
C THR B 128 17.76 34.15 -27.97
N GLN B 129 16.61 33.99 -28.59
CA GLN B 129 16.40 33.13 -29.73
C GLN B 129 17.00 33.66 -31.02
N ILE B 130 17.32 34.94 -31.04
CA ILE B 130 17.85 35.55 -32.22
C ILE B 130 19.30 35.25 -32.21
N ILE B 131 19.89 35.49 -31.07
CA ILE B 131 21.29 35.28 -30.95
C ILE B 131 21.58 33.81 -31.11
N TYR B 132 20.80 32.97 -30.46
CA TYR B 132 21.06 31.56 -30.57
C TYR B 132 20.93 31.07 -32.01
N GLY B 133 19.92 31.54 -32.76
CA GLY B 133 19.80 31.10 -34.14
C GLY B 133 21.01 31.54 -34.97
N LEU B 134 21.50 32.76 -34.74
CA LEU B 134 22.65 33.24 -35.46
C LEU B 134 23.89 32.43 -35.12
N LEU B 135 24.02 32.05 -33.86
CA LEU B 135 25.17 31.27 -33.46
C LEU B 135 25.17 29.92 -34.14
N GLU B 136 24.00 29.29 -34.27
CA GLU B 136 23.98 27.99 -34.91
C GLU B 136 24.40 28.10 -36.35
N GLU B 137 23.93 29.14 -37.04
CA GLU B 137 24.30 29.21 -38.44
C GLU B 137 25.75 29.54 -38.61
N SER B 138 26.30 30.38 -37.75
CA SER B 138 27.69 30.67 -37.95
C SER B 138 28.50 29.39 -37.83
N GLN B 139 28.20 28.57 -36.83
CA GLN B 139 28.98 27.36 -36.69
C GLN B 139 28.78 26.45 -37.88
N ASN B 140 27.57 26.42 -38.45
CA ASN B 140 27.31 25.57 -39.59
C ASN B 140 28.21 25.97 -40.76
N GLN B 141 28.39 27.28 -40.94
CA GLN B 141 29.22 27.76 -42.02
C GLN B 141 30.68 27.47 -41.76
N GLN B 142 31.08 27.56 -40.51
CA GLN B 142 32.47 27.31 -40.18
C GLN B 142 32.84 25.86 -40.41
N GLU B 143 31.97 24.93 -40.04
CA GLU B 143 32.32 23.53 -40.26
C GLU B 143 32.30 23.20 -41.74
N LYS B 144 31.39 23.81 -42.49
CA LYS B 144 31.35 23.56 -43.90
C LYS B 144 32.67 23.99 -44.54
N ASN B 145 33.16 25.17 -44.15
CA ASN B 145 34.38 25.65 -44.74
C ASN B 145 35.57 24.80 -44.33
N GLU B 146 35.60 24.31 -43.09
CA GLU B 146 36.72 23.50 -42.70
C GLU B 146 36.76 22.23 -43.54
N GLN B 147 35.60 21.61 -43.78
CA GLN B 147 35.62 20.41 -44.59
C GLN B 147 36.11 20.70 -46.00
N ASP B 148 35.71 21.84 -46.59
CA ASP B 148 36.20 22.14 -47.92
C ASP B 148 37.72 22.27 -47.94
N LEU B 149 38.28 22.83 -46.87
CA LEU B 149 39.73 22.97 -46.80
C LEU B 149 40.42 21.64 -46.59
N LEU B 150 39.85 20.76 -45.77
CA LEU B 150 40.49 19.47 -45.53
C LEU B 150 40.40 18.56 -46.75
N ALA B 151 39.41 18.81 -47.61
CA ALA B 151 39.21 18.10 -48.87
C ALA B 151 40.11 18.65 -49.97
N LEU B 152 40.84 19.72 -49.70
CA LEU B 152 41.68 20.34 -50.69
C LEU B 152 43.00 19.59 -50.77
N TRP C 5 40.17 9.46 -46.30
CA TRP C 5 39.00 9.75 -47.11
C TRP C 5 37.71 9.32 -46.45
N VAL C 6 37.61 9.51 -45.15
CA VAL C 6 36.41 9.16 -44.41
C VAL C 6 35.95 10.33 -43.56
N THR C 7 34.64 10.60 -43.59
CA THR C 7 34.05 11.65 -42.75
C THR C 7 32.93 11.08 -41.90
N VAL C 8 32.91 11.50 -40.65
CA VAL C 8 31.87 11.06 -39.75
C VAL C 8 30.87 12.19 -39.65
N TYR C 9 29.60 11.86 -39.80
CA TYR C 9 28.55 12.83 -39.74
C TYR C 9 27.57 12.58 -38.61
N TYR C 10 27.11 13.65 -37.98
CA TYR C 10 26.10 13.51 -36.96
C TYR C 10 24.95 14.44 -37.27
N GLY C 11 23.73 13.91 -37.21
CA GLY C 11 22.53 14.67 -37.55
C GLY C 11 22.02 14.15 -38.89
N VAL C 12 22.46 12.94 -39.20
CA VAL C 12 22.13 12.25 -40.41
C VAL C 12 20.66 11.80 -40.42
N PRO C 13 19.86 12.17 -41.44
CA PRO C 13 18.45 11.91 -41.54
C PRO C 13 18.06 10.50 -41.91
N VAL C 14 18.35 9.57 -41.03
CA VAL C 14 18.01 8.17 -41.23
C VAL C 14 17.30 7.62 -40.02
N TRP C 15 16.59 6.53 -40.22
CA TRP C 15 15.85 5.87 -39.16
C TRP C 15 15.72 4.40 -39.38
N LYS C 16 15.30 3.73 -38.33
CA LYS C 16 15.01 2.31 -38.36
C LYS C 16 13.68 2.06 -37.70
N ASP C 17 12.98 1.04 -38.15
CA ASP C 17 11.71 0.71 -37.53
C ASP C 17 11.95 0.41 -36.08
N ALA C 18 11.09 0.92 -35.20
CA ALA C 18 11.33 0.66 -33.79
C ALA C 18 10.07 0.70 -32.97
N GLU C 19 10.10 0.02 -31.84
CA GLU C 19 8.97 0.05 -30.94
C GLU C 19 9.28 0.76 -29.65
N THR C 20 8.50 1.79 -29.37
CA THR C 20 8.63 2.54 -28.12
C THR C 20 7.29 2.89 -27.60
N THR C 21 7.29 3.53 -26.45
CA THR C 21 6.09 3.98 -25.77
C THR C 21 5.65 5.36 -26.25
N LEU C 22 4.38 5.49 -26.58
CA LEU C 22 3.84 6.78 -26.98
C LEU C 22 3.06 7.35 -25.83
N PHE C 23 3.02 8.66 -25.75
CA PHE C 23 2.31 9.29 -24.66
C PHE C 23 1.10 10.03 -25.12
N CYS C 24 0.09 10.10 -24.26
CA CYS C 24 -1.12 10.81 -24.63
C CYS C 24 -0.97 12.30 -24.46
N ALA C 25 -1.72 13.00 -25.29
CA ALA C 25 -1.84 14.42 -25.22
C ALA C 25 -3.28 14.79 -25.53
N SER C 26 -3.73 15.92 -25.04
CA SER C 26 -5.13 16.27 -25.26
C SER C 26 -5.42 17.76 -25.43
N ASP C 27 -6.59 18.07 -25.98
CA ASP C 27 -6.98 19.46 -26.16
C ASP C 27 -7.62 19.98 -24.88
N ALA C 28 -6.86 20.78 -24.15
CA ALA C 28 -7.28 21.26 -22.85
C ALA C 28 -8.31 22.38 -22.99
N ASN C 37 -15.04 13.93 -12.86
CA ASN C 37 -14.28 14.21 -14.08
C ASN C 37 -14.37 13.06 -15.08
N VAL C 38 -13.38 13.01 -15.98
CA VAL C 38 -13.30 12.00 -17.02
C VAL C 38 -11.93 11.35 -17.01
N TRP C 39 -11.90 10.07 -17.31
CA TRP C 39 -10.70 9.23 -17.40
C TRP C 39 -9.61 9.84 -18.29
N ALA C 40 -10.03 10.70 -19.20
CA ALA C 40 -9.22 11.30 -20.23
C ALA C 40 -8.27 12.36 -19.76
N THR C 41 -8.35 12.78 -18.51
CA THR C 41 -7.39 13.76 -18.07
C THR C 41 -6.23 12.93 -17.58
N HIS C 42 -6.19 12.67 -16.29
CA HIS C 42 -5.16 11.83 -15.69
C HIS C 42 -3.75 12.22 -16.11
N CYS C 43 -3.48 13.52 -16.16
CA CYS C 43 -2.20 14.09 -16.54
C CYS C 43 -1.75 13.92 -18.03
N CYS C 44 -2.68 13.86 -19.00
CA CYS C 44 -2.21 13.90 -20.40
C CYS C 44 -1.62 15.27 -20.65
N VAL C 45 -0.65 15.32 -21.53
CA VAL C 45 0.02 16.55 -21.86
C VAL C 45 -0.87 17.41 -22.73
N PRO C 46 -1.09 18.69 -22.43
CA PRO C 46 -1.87 19.53 -23.29
C PRO C 46 -1.20 19.44 -24.64
N THR C 47 -1.97 19.26 -25.69
CA THR C 47 -1.37 19.08 -26.98
C THR C 47 -1.10 20.38 -27.68
N ASP C 48 -0.50 20.24 -28.83
CA ASP C 48 -0.12 21.37 -29.65
C ASP C 48 -1.34 21.83 -30.45
N PRO C 49 -1.87 23.04 -30.24
CA PRO C 49 -3.03 23.57 -30.94
C PRO C 49 -2.73 23.82 -32.41
N ASN C 50 -1.44 23.88 -32.78
CA ASN C 50 -1.05 24.13 -34.15
C ASN C 50 0.06 23.17 -34.56
N PRO C 51 -0.22 21.86 -34.63
CA PRO C 51 0.75 20.81 -34.80
C PRO C 51 1.36 20.91 -36.16
N GLN C 52 2.61 20.53 -36.26
CA GLN C 52 3.27 20.56 -37.54
C GLN C 52 3.35 19.19 -38.15
N GLU C 53 3.45 19.20 -39.46
CA GLU C 53 3.66 18.00 -40.23
C GLU C 53 4.65 18.30 -41.32
N ILE C 54 5.61 17.43 -41.48
CA ILE C 54 6.62 17.66 -42.48
C ILE C 54 6.37 16.77 -43.65
N HIS C 55 6.13 17.34 -44.81
CA HIS C 55 5.94 16.48 -45.96
C HIS C 55 7.31 15.98 -46.31
N LEU C 56 7.47 14.70 -46.58
CA LEU C 56 8.80 14.27 -46.93
C LEU C 56 8.90 14.03 -48.43
N GLU C 57 9.55 14.98 -49.07
CA GLU C 57 9.65 14.95 -50.51
C GLU C 57 10.48 13.76 -50.91
N ASN C 58 9.98 13.01 -51.88
CA ASN C 58 10.59 11.81 -52.39
C ASN C 58 10.82 10.74 -51.32
N VAL C 59 9.92 10.62 -50.36
CA VAL C 59 10.05 9.59 -49.36
C VAL C 59 8.87 8.66 -49.35
N THR C 60 9.19 7.38 -49.42
CA THR C 60 8.21 6.33 -49.37
C THR C 60 8.63 5.41 -48.25
N GLU C 61 7.70 4.61 -47.74
CA GLU C 61 8.01 3.66 -46.68
C GLU C 61 7.00 2.52 -46.66
N GLU C 62 7.35 1.38 -46.09
CA GLU C 62 6.42 0.26 -45.94
C GLU C 62 5.67 0.27 -44.60
N PHE C 63 4.35 0.22 -44.69
CA PHE C 63 3.47 0.23 -43.52
C PHE C 63 2.71 -1.08 -43.39
N ASN C 64 2.35 -1.44 -42.17
CA ASN C 64 1.56 -2.64 -41.95
C ASN C 64 0.69 -2.47 -40.72
N MET C 65 -0.61 -2.24 -40.93
CA MET C 65 -1.53 -1.94 -39.85
C MET C 65 -1.80 -3.14 -38.97
N TRP C 66 -1.40 -4.31 -39.43
CA TRP C 66 -1.65 -5.54 -38.73
C TRP C 66 -0.51 -5.85 -37.77
N LYS C 67 0.58 -5.09 -37.87
CA LYS C 67 1.78 -5.28 -37.07
C LYS C 67 2.11 -3.98 -36.38
N ASN C 68 1.11 -3.13 -36.25
CA ASN C 68 1.32 -1.81 -35.73
C ASN C 68 1.23 -1.77 -34.19
N ASN C 69 2.36 -1.55 -33.56
CA ASN C 69 2.42 -1.62 -32.11
C ASN C 69 1.82 -0.40 -31.44
N MET C 70 1.41 0.58 -32.25
CA MET C 70 0.77 1.74 -31.70
C MET C 70 -0.62 1.30 -31.24
N VAL C 71 -1.15 0.27 -31.93
CA VAL C 71 -2.46 -0.27 -31.68
C VAL C 71 -2.36 -1.05 -30.42
N GLU C 72 -1.27 -1.79 -30.31
CA GLU C 72 -1.05 -2.62 -29.15
C GLU C 72 -1.00 -1.75 -27.90
N GLN C 73 -0.34 -0.60 -28.00
CA GLN C 73 -0.32 0.25 -26.83
C GLN C 73 -1.66 0.83 -26.55
N MET C 74 -2.40 1.25 -27.58
CA MET C 74 -3.70 1.82 -27.28
C MET C 74 -4.53 0.83 -26.50
N HIS C 75 -4.49 -0.43 -26.92
CA HIS C 75 -5.24 -1.46 -26.23
C HIS C 75 -4.80 -1.63 -24.80
N THR C 76 -3.49 -1.76 -24.63
CA THR C 76 -2.93 -2.02 -23.33
C THR C 76 -3.26 -0.89 -22.35
N ASP C 77 -3.12 0.35 -22.81
CA ASP C 77 -3.32 1.49 -21.95
C ASP C 77 -4.76 1.74 -21.61
N ILE C 78 -5.68 1.50 -22.54
CA ILE C 78 -7.07 1.73 -22.23
C ILE C 78 -7.47 0.78 -21.13
N ILE C 79 -7.03 -0.47 -21.21
CA ILE C 79 -7.40 -1.40 -20.18
C ILE C 79 -6.83 -0.98 -18.86
N SER C 80 -5.55 -0.59 -18.83
CA SER C 80 -4.96 -0.20 -17.57
C SER C 80 -5.66 0.98 -16.93
N LEU C 81 -6.06 1.98 -17.72
CA LEU C 81 -6.74 3.08 -17.08
C LEU C 81 -8.12 2.69 -16.65
N TRP C 82 -8.78 1.86 -17.42
CA TRP C 82 -10.10 1.45 -17.05
C TRP C 82 -10.01 0.85 -15.66
N ASP C 83 -9.07 -0.09 -15.47
CA ASP C 83 -8.96 -0.73 -14.17
C ASP C 83 -8.57 0.22 -13.07
N GLN C 84 -7.69 1.17 -13.36
CA GLN C 84 -7.23 2.09 -12.34
C GLN C 84 -8.38 2.92 -11.81
N SER C 85 -9.31 3.27 -12.70
CA SER C 85 -10.44 4.12 -12.34
C SER C 85 -11.41 3.46 -11.38
N LEU C 86 -11.36 2.14 -11.24
CA LEU C 86 -12.29 1.46 -10.38
C LEU C 86 -11.68 1.16 -9.02
N LYS C 87 -10.42 1.49 -8.84
CA LYS C 87 -9.76 1.13 -7.60
C LYS C 87 -10.37 1.77 -6.36
N PRO C 88 -10.80 3.05 -6.36
CA PRO C 88 -11.36 3.71 -5.21
C PRO C 88 -12.84 3.52 -5.06
N CYS C 89 -13.45 2.65 -5.86
CA CYS C 89 -14.90 2.58 -5.84
C CYS C 89 -15.40 1.47 -4.93
N VAL C 90 -16.65 1.61 -4.49
CA VAL C 90 -17.32 0.66 -3.60
C VAL C 90 -17.55 -0.68 -4.27
N LYS C 91 -17.20 -1.74 -3.56
CA LYS C 91 -17.34 -3.11 -4.05
C LYS C 91 -18.74 -3.61 -3.83
N LEU C 92 -19.22 -4.44 -4.74
CA LEU C 92 -20.54 -5.01 -4.63
C LEU C 92 -20.54 -6.48 -4.31
N THR C 93 -19.42 -6.98 -3.81
CA THR C 93 -19.36 -8.36 -3.40
C THR C 93 -20.30 -8.62 -2.21
N PRO C 94 -20.61 -7.62 -1.34
CA PRO C 94 -21.59 -7.73 -0.29
C PRO C 94 -22.99 -8.00 -0.82
N LEU C 95 -23.22 -7.83 -2.14
CA LEU C 95 -24.53 -8.07 -2.71
C LEU C 95 -24.68 -9.51 -3.18
N CYS C 96 -23.67 -10.33 -3.01
CA CYS C 96 -23.87 -11.71 -3.41
C CYS C 96 -24.65 -12.44 -2.34
N VAL C 97 -25.95 -12.27 -2.46
CA VAL C 97 -26.96 -12.75 -1.55
C VAL C 97 -28.01 -13.49 -2.35
N THR C 98 -28.88 -14.19 -1.66
CA THR C 98 -29.97 -14.81 -2.36
C THR C 98 -31.06 -13.77 -2.50
N LEU C 99 -31.64 -13.66 -3.67
CA LEU C 99 -32.70 -12.69 -3.84
C LEU C 99 -34.02 -13.38 -4.12
N GLN C 100 -35.08 -12.81 -3.59
CA GLN C 100 -36.41 -13.31 -3.85
C GLN C 100 -36.87 -12.50 -5.02
N CYS C 101 -37.43 -13.12 -6.05
CA CYS C 101 -37.73 -12.22 -7.15
C CYS C 101 -38.94 -12.61 -7.99
N THR C 102 -39.58 -11.53 -8.47
CA THR C 102 -40.74 -11.51 -9.36
C THR C 102 -40.57 -10.54 -10.52
N ASN C 103 -41.62 -10.35 -11.29
CA ASN C 103 -41.55 -9.44 -12.42
C ASN C 103 -41.95 -8.03 -12.05
N VAL C 104 -41.42 -7.06 -12.78
CA VAL C 104 -41.78 -5.66 -12.57
C VAL C 104 -43.16 -5.41 -13.14
N THR C 105 -44.03 -4.76 -12.37
CA THR C 105 -45.39 -4.55 -12.83
C THR C 105 -45.50 -3.78 -14.12
N ASN C 106 -46.22 -4.41 -15.04
CA ASN C 106 -46.54 -3.87 -16.33
C ASN C 106 -47.74 -4.67 -16.81
N ASN C 107 -48.34 -4.32 -17.94
CA ASN C 107 -49.41 -5.20 -18.38
C ASN C 107 -48.81 -6.35 -19.17
N ILE C 108 -48.62 -7.46 -18.46
CA ILE C 108 -48.02 -8.69 -18.97
C ILE C 108 -46.55 -8.47 -19.29
N GLY C 114 -40.62 -10.87 -19.89
CA GLY C 114 -40.36 -10.07 -18.71
C GLY C 114 -38.91 -9.63 -18.65
N GLU C 115 -38.60 -8.52 -19.34
CA GLU C 115 -37.26 -7.95 -19.43
C GLU C 115 -36.70 -7.50 -18.09
N LEU C 116 -37.57 -7.00 -17.22
CA LEU C 116 -37.13 -6.51 -15.94
C LEU C 116 -37.64 -7.30 -14.77
N LYS C 117 -36.72 -7.48 -13.84
CA LYS C 117 -36.97 -8.20 -12.62
C LYS C 117 -37.03 -7.31 -11.39
N ASN C 118 -37.99 -7.64 -10.56
CA ASN C 118 -38.30 -6.96 -9.30
C ASN C 118 -37.82 -7.83 -8.15
N CYS C 119 -36.64 -7.53 -7.62
CA CYS C 119 -36.06 -8.47 -6.68
C CYS C 119 -35.79 -7.85 -5.31
N SER C 120 -35.80 -8.67 -4.26
CA SER C 120 -35.52 -8.17 -2.93
C SER C 120 -34.64 -9.07 -2.08
N PHE C 121 -33.95 -8.43 -1.14
CA PHE C 121 -32.98 -9.11 -0.28
C PHE C 121 -32.68 -8.48 1.07
N ASN C 122 -31.99 -9.26 1.90
CA ASN C 122 -31.57 -8.85 3.23
C ASN C 122 -30.18 -8.22 3.18
N MET C 123 -30.11 -6.90 3.25
CA MET C 123 -28.85 -6.18 3.08
C MET C 123 -28.28 -5.67 4.39
N THR C 124 -26.96 -5.47 4.41
CA THR C 124 -26.28 -4.90 5.56
C THR C 124 -26.58 -3.44 5.62
N THR C 125 -26.24 -2.84 6.74
CA THR C 125 -26.46 -1.43 6.99
C THR C 125 -25.16 -0.85 7.44
N GLU C 126 -25.20 0.40 7.83
CA GLU C 126 -24.02 1.07 8.33
C GLU C 126 -23.48 0.37 9.58
N LEU C 127 -24.33 -0.37 10.30
CA LEU C 127 -23.85 -1.13 11.43
C LEU C 127 -23.87 -2.60 11.03
N ARG C 128 -22.83 -3.29 11.44
CA ARG C 128 -22.59 -4.70 11.13
C ARG C 128 -23.58 -5.67 11.72
N ASP C 129 -24.23 -5.26 12.79
CA ASP C 129 -25.20 -6.08 13.46
C ASP C 129 -26.63 -5.73 13.12
N LYS C 130 -26.85 -4.89 12.10
CA LYS C 130 -28.19 -4.51 11.70
C LYS C 130 -28.45 -4.89 10.25
N LYS C 131 -29.72 -5.11 9.94
CA LYS C 131 -30.11 -5.44 8.58
C LYS C 131 -31.27 -4.59 8.10
N GLN C 132 -31.36 -4.46 6.78
CA GLN C 132 -32.44 -3.73 6.14
C GLN C 132 -33.01 -4.49 4.95
N LYS C 133 -34.28 -4.26 4.66
CA LYS C 133 -34.87 -4.87 3.48
C LYS C 133 -34.69 -3.96 2.30
N VAL C 134 -34.06 -4.48 1.27
CA VAL C 134 -33.77 -3.71 0.08
C VAL C 134 -34.33 -4.38 -1.13
N TYR C 135 -34.95 -3.60 -1.97
CA TYR C 135 -35.47 -4.14 -3.20
C TYR C 135 -35.06 -3.20 -4.29
N SER C 136 -34.96 -3.74 -5.49
CA SER C 136 -34.59 -2.94 -6.65
C SER C 136 -34.95 -3.58 -7.97
N LEU C 137 -34.82 -2.79 -9.02
CA LEU C 137 -35.08 -3.28 -10.36
C LEU C 137 -33.81 -3.68 -11.06
N PHE C 138 -33.87 -4.83 -11.71
CA PHE C 138 -32.76 -5.40 -12.46
C PHE C 138 -33.10 -5.82 -13.87
N TYR C 139 -32.12 -5.79 -14.73
CA TYR C 139 -32.33 -6.37 -16.03
C TYR C 139 -32.23 -7.86 -15.81
N ARG C 140 -33.04 -8.66 -16.51
CA ARG C 140 -32.98 -10.10 -16.32
C ARG C 140 -31.66 -10.71 -16.73
N LEU C 141 -30.92 -10.00 -17.56
CA LEU C 141 -29.67 -10.51 -18.10
C LEU C 141 -28.56 -10.55 -17.07
N ASP C 142 -28.74 -9.88 -15.93
CA ASP C 142 -27.74 -9.88 -14.89
C ASP C 142 -28.13 -10.82 -13.75
N VAL C 143 -29.24 -11.54 -13.90
CA VAL C 143 -29.76 -12.35 -12.81
C VAL C 143 -30.00 -13.81 -13.21
N VAL C 144 -29.59 -14.75 -12.37
CA VAL C 144 -29.79 -16.17 -12.71
C VAL C 144 -30.68 -16.91 -11.70
N GLN C 145 -31.61 -17.71 -12.21
CA GLN C 145 -32.46 -18.48 -11.29
C GLN C 145 -31.69 -19.66 -10.78
N ILE C 146 -31.74 -19.84 -9.48
CA ILE C 146 -31.05 -20.95 -8.87
C ILE C 146 -32.00 -22.03 -8.38
N ASN C 147 -33.13 -21.65 -7.82
CA ASN C 147 -34.00 -22.67 -7.28
C ASN C 147 -34.91 -23.22 -8.37
N GLU C 148 -34.32 -24.02 -9.23
CA GLU C 148 -35.01 -24.58 -10.36
C GLU C 148 -36.33 -25.17 -9.91
N ASN C 158 -42.49 -16.01 -5.20
CA ASN C 158 -41.18 -15.63 -5.68
C ASN C 158 -40.28 -16.83 -5.88
N LYS C 159 -39.34 -16.70 -6.80
CA LYS C 159 -38.36 -17.75 -7.00
C LYS C 159 -37.02 -17.21 -6.52
N GLU C 160 -36.10 -18.11 -6.22
CA GLU C 160 -34.78 -17.67 -5.79
C GLU C 160 -33.79 -17.54 -6.91
N TYR C 161 -33.12 -16.40 -6.86
CA TYR C 161 -32.13 -15.92 -7.80
C TYR C 161 -30.87 -15.43 -7.14
N ARG C 162 -29.80 -15.40 -7.91
CA ARG C 162 -28.56 -14.77 -7.47
C ARG C 162 -28.06 -13.89 -8.59
N LEU C 163 -27.14 -13.00 -8.28
CA LEU C 163 -26.57 -12.21 -9.35
C LEU C 163 -25.76 -13.19 -10.17
N ILE C 164 -25.86 -13.03 -11.48
CA ILE C 164 -25.27 -13.93 -12.44
C ILE C 164 -23.74 -14.04 -12.40
N ASN C 165 -23.06 -13.11 -11.75
CA ASN C 165 -21.61 -13.21 -11.68
C ASN C 165 -21.05 -13.66 -10.31
N CYS C 166 -21.88 -14.08 -9.37
CA CYS C 166 -21.28 -14.41 -8.07
C CYS C 166 -20.48 -15.70 -8.04
N ASN C 167 -20.60 -16.55 -9.03
CA ASN C 167 -19.83 -17.77 -8.99
C ASN C 167 -18.50 -17.60 -9.71
N THR C 168 -18.28 -16.42 -10.28
CA THR C 168 -17.07 -16.22 -11.06
C THR C 168 -16.22 -15.00 -10.74
N SER C 169 -16.82 -13.90 -10.31
CA SER C 169 -16.06 -12.68 -10.20
C SER C 169 -16.39 -11.76 -9.07
N ALA C 170 -15.46 -10.86 -8.80
CA ALA C 170 -15.76 -9.80 -7.89
C ALA C 170 -16.46 -8.74 -8.72
N ILE C 171 -17.46 -8.09 -8.17
CA ILE C 171 -18.11 -7.04 -8.90
C ILE C 171 -17.87 -5.72 -8.21
N THR C 172 -17.38 -4.74 -8.96
CA THR C 172 -17.11 -3.40 -8.44
C THR C 172 -18.02 -2.38 -9.08
N GLN C 173 -18.62 -1.51 -8.28
CA GLN C 173 -19.49 -0.49 -8.81
C GLN C 173 -18.65 0.61 -9.37
N ALA C 174 -18.93 1.06 -10.57
CA ALA C 174 -18.17 2.18 -11.07
C ALA C 174 -18.59 3.42 -10.33
N CYS C 175 -17.65 4.26 -10.00
CA CYS C 175 -17.99 5.49 -9.34
C CYS C 175 -18.85 6.31 -10.30
N PRO C 176 -20.01 6.82 -9.87
CA PRO C 176 -20.98 7.56 -10.66
C PRO C 176 -20.45 8.90 -11.14
N LYS C 177 -19.38 9.36 -10.51
CA LYS C 177 -18.79 10.64 -10.83
C LYS C 177 -17.72 10.54 -11.92
N VAL C 178 -17.40 9.33 -12.36
CA VAL C 178 -16.34 9.19 -13.35
C VAL C 178 -16.84 8.86 -14.73
N SER C 179 -16.53 9.74 -15.67
CA SER C 179 -16.91 9.56 -17.05
C SER C 179 -15.95 8.70 -17.83
N PHE C 180 -16.55 7.88 -18.69
CA PHE C 180 -15.84 7.01 -19.62
C PHE C 180 -16.06 7.45 -21.05
N GLU C 181 -16.47 8.69 -21.23
CA GLU C 181 -16.70 9.23 -22.56
C GLU C 181 -15.41 9.09 -23.36
N PRO C 182 -15.44 8.62 -24.62
CA PRO C 182 -14.28 8.43 -25.46
C PRO C 182 -13.74 9.74 -26.02
N ILE C 183 -13.19 10.53 -25.14
CA ILE C 183 -12.59 11.81 -25.44
C ILE C 183 -11.37 11.52 -26.29
N PRO C 184 -11.17 12.14 -27.46
CA PRO C 184 -10.06 11.88 -28.32
C PRO C 184 -8.76 12.31 -27.72
N ILE C 185 -7.74 11.49 -27.90
CA ILE C 185 -6.40 11.84 -27.45
C ILE C 185 -5.42 11.67 -28.59
N HIS C 186 -4.30 12.34 -28.49
CA HIS C 186 -3.27 12.27 -29.51
C HIS C 186 -2.13 11.45 -28.99
N TYR C 187 -1.50 10.63 -29.83
CA TYR C 187 -0.34 9.91 -29.37
C TYR C 187 0.92 10.55 -29.86
N CYS C 188 1.84 10.81 -28.95
CA CYS C 188 3.05 11.51 -29.31
C CYS C 188 4.30 10.68 -29.08
N ALA C 189 5.24 10.80 -30.00
CA ALA C 189 6.51 10.11 -29.89
C ALA C 189 7.39 10.78 -28.84
N PRO C 190 8.23 10.03 -28.12
CA PRO C 190 9.26 10.48 -27.20
C PRO C 190 10.46 10.99 -27.96
N ALA C 191 11.34 11.72 -27.29
CA ALA C 191 12.54 12.18 -27.96
C ALA C 191 13.34 10.99 -28.48
N GLY C 192 13.88 11.15 -29.69
CA GLY C 192 14.64 10.13 -30.37
C GLY C 192 13.78 9.36 -31.38
N PHE C 193 12.47 9.60 -31.33
CA PHE C 193 11.48 8.96 -32.18
C PHE C 193 10.63 9.91 -33.00
N ALA C 194 10.08 9.37 -34.08
CA ALA C 194 9.18 10.12 -34.93
C ALA C 194 8.09 9.23 -35.48
N ILE C 195 6.95 9.82 -35.82
CA ILE C 195 5.89 9.02 -36.39
C ILE C 195 5.77 9.34 -37.88
N LEU C 196 5.87 8.33 -38.69
CA LEU C 196 5.76 8.54 -40.11
C LEU C 196 4.31 8.29 -40.44
N LYS C 197 3.77 9.03 -41.38
CA LYS C 197 2.38 8.79 -41.75
C LYS C 197 2.12 8.82 -43.24
N CYS C 198 1.11 8.05 -43.64
CA CYS C 198 0.68 8.02 -45.03
C CYS C 198 -0.30 9.13 -45.38
N LYS C 199 -0.14 9.64 -46.60
CA LYS C 199 -1.07 10.57 -47.23
C LYS C 199 -1.71 9.91 -48.44
N ASP C 200 -1.49 8.62 -48.56
CA ASP C 200 -2.05 7.87 -49.67
C ASP C 200 -3.47 7.46 -49.35
N LYS C 201 -4.40 8.13 -50.01
CA LYS C 201 -5.84 7.99 -49.78
C LYS C 201 -6.36 6.62 -50.21
N LYS C 202 -5.55 5.90 -50.96
CA LYS C 202 -5.88 4.58 -51.44
C LYS C 202 -5.08 3.52 -50.71
N PHE C 203 -4.35 3.90 -49.66
CA PHE C 203 -3.57 2.92 -48.96
C PHE C 203 -4.46 1.91 -48.28
N ASN C 204 -4.12 0.64 -48.45
CA ASN C 204 -4.90 -0.47 -47.96
C ASN C 204 -4.43 -1.07 -46.64
N GLY C 205 -3.61 -0.34 -45.91
CA GLY C 205 -3.14 -0.79 -44.61
C GLY C 205 -1.93 -1.69 -44.64
N THR C 206 -1.40 -1.92 -45.82
CA THR C 206 -0.25 -2.78 -45.95
C THR C 206 0.62 -2.48 -47.16
N GLY C 207 1.90 -2.73 -47.00
CA GLY C 207 2.83 -2.63 -48.11
C GLY C 207 3.32 -1.21 -48.27
N PRO C 208 4.04 -0.92 -49.35
CA PRO C 208 4.61 0.36 -49.62
C PRO C 208 3.55 1.41 -49.66
N CYS C 209 3.89 2.54 -49.10
CA CYS C 209 3.10 3.74 -49.01
C CYS C 209 3.91 4.82 -49.76
N PRO C 210 3.51 5.18 -50.98
CA PRO C 210 4.13 6.14 -51.90
C PRO C 210 4.23 7.58 -51.43
N SER C 211 3.45 7.98 -50.43
CA SER C 211 3.52 9.37 -50.02
C SER C 211 3.54 9.46 -48.52
N VAL C 212 4.68 9.85 -47.99
CA VAL C 212 4.91 9.86 -46.57
C VAL C 212 5.33 11.23 -46.05
N SER C 213 4.83 11.53 -44.86
CA SER C 213 5.11 12.75 -44.14
C SER C 213 5.38 12.39 -42.70
N THR C 214 5.81 13.33 -41.88
CA THR C 214 6.00 12.95 -40.47
C THR C 214 5.50 13.95 -39.45
N VAL C 215 5.08 13.40 -38.31
CA VAL C 215 4.56 14.16 -37.18
C VAL C 215 5.16 13.75 -35.85
N GLN C 216 5.03 14.62 -34.86
CA GLN C 216 5.42 14.22 -33.53
C GLN C 216 4.23 13.53 -32.88
N CYS C 217 3.04 13.99 -33.24
CA CYS C 217 1.79 13.50 -32.68
C CYS C 217 0.76 13.12 -33.75
N THR C 218 -0.03 12.09 -33.46
CA THR C 218 -1.12 11.63 -34.32
C THR C 218 -2.29 12.56 -34.14
N HIS C 219 -3.31 12.38 -34.98
CA HIS C 219 -4.54 13.13 -34.85
C HIS C 219 -5.22 12.62 -33.62
N GLY C 220 -6.24 13.33 -33.14
CA GLY C 220 -6.89 12.83 -31.95
C GLY C 220 -7.73 11.62 -32.33
N ILE C 221 -7.62 10.57 -31.54
CA ILE C 221 -8.38 9.36 -31.75
C ILE C 221 -9.27 9.05 -30.59
N LYS C 222 -10.54 8.84 -30.88
CA LYS C 222 -11.48 8.53 -29.84
C LYS C 222 -11.38 7.04 -29.50
N PRO C 223 -11.14 6.65 -28.25
CA PRO C 223 -11.03 5.28 -27.80
C PRO C 223 -12.40 4.70 -27.64
N VAL C 224 -13.06 4.55 -28.75
CA VAL C 224 -14.41 4.06 -28.78
C VAL C 224 -14.37 2.56 -28.68
N VAL C 225 -15.20 2.02 -27.81
CA VAL C 225 -15.27 0.58 -27.64
C VAL C 225 -16.57 0.08 -28.22
N SER C 226 -16.46 -0.84 -29.17
CA SER C 226 -17.61 -1.41 -29.85
C SER C 226 -17.28 -2.79 -30.39
N THR C 227 -18.26 -3.44 -31.00
CA THR C 227 -18.10 -4.77 -31.53
C THR C 227 -18.30 -4.80 -33.04
N GLN C 228 -19.54 -4.98 -33.46
CA GLN C 228 -19.88 -5.09 -34.87
C GLN C 228 -19.77 -3.79 -35.67
N LEU C 229 -20.15 -2.65 -35.08
CA LEU C 229 -20.08 -1.42 -35.84
C LEU C 229 -19.16 -0.42 -35.18
N LEU C 230 -18.52 0.39 -36.00
CA LEU C 230 -17.66 1.48 -35.55
C LEU C 230 -18.44 2.76 -35.70
N LEU C 231 -18.78 3.38 -34.56
CA LEU C 231 -19.67 4.55 -34.45
C LEU C 231 -19.08 5.96 -34.30
N ASN C 232 -17.79 6.10 -34.11
CA ASN C 232 -17.28 7.46 -33.92
C ASN C 232 -15.85 7.60 -34.40
N GLY C 233 -15.50 7.01 -35.54
CA GLY C 233 -14.13 7.11 -36.05
C GLY C 233 -14.04 8.08 -37.22
N SER C 234 -13.03 7.86 -38.04
CA SER C 234 -12.80 8.70 -39.21
C SER C 234 -13.42 8.07 -40.44
N LEU C 235 -13.72 8.90 -41.41
CA LEU C 235 -14.22 8.44 -42.70
C LEU C 235 -13.10 8.39 -43.70
N ALA C 236 -13.28 7.56 -44.71
CA ALA C 236 -12.34 7.43 -45.80
C ALA C 236 -12.34 8.74 -46.53
N GLU C 237 -11.19 9.13 -47.05
CA GLU C 237 -11.08 10.40 -47.75
C GLU C 237 -11.89 10.51 -49.04
N GLU C 238 -11.98 9.42 -49.79
CA GLU C 238 -12.66 9.46 -51.07
C GLU C 238 -13.69 8.37 -51.30
N GLU C 239 -13.26 7.12 -51.15
CA GLU C 239 -14.04 5.96 -51.49
C GLU C 239 -14.11 5.03 -50.32
N VAL C 240 -15.12 4.18 -50.29
CA VAL C 240 -15.15 3.23 -49.20
C VAL C 240 -13.92 2.37 -49.33
N MET C 241 -13.20 2.22 -48.24
CA MET C 241 -11.99 1.43 -48.27
C MET C 241 -12.18 0.14 -47.58
N ILE C 242 -11.78 -0.92 -48.23
CA ILE C 242 -11.91 -2.20 -47.61
C ILE C 242 -10.54 -2.76 -47.39
N ARG C 243 -10.23 -3.06 -46.15
CA ARG C 243 -8.92 -3.52 -45.82
C ARG C 243 -8.95 -4.82 -45.05
N SER C 244 -7.96 -5.65 -45.28
CA SER C 244 -7.86 -6.89 -44.56
C SER C 244 -6.45 -7.32 -44.53
N GLU C 245 -6.13 -8.20 -43.61
CA GLU C 245 -4.81 -8.75 -43.57
C GLU C 245 -4.63 -9.56 -44.84
N ASN C 246 -5.71 -10.26 -45.27
CA ASN C 246 -5.64 -11.07 -46.47
C ASN C 246 -6.80 -11.03 -47.46
N ILE C 247 -8.04 -10.75 -47.01
CA ILE C 247 -9.27 -10.88 -47.84
C ILE C 247 -9.63 -12.33 -48.16
N THR C 248 -8.68 -13.06 -48.74
CA THR C 248 -8.87 -14.43 -49.15
C THR C 248 -8.81 -15.42 -47.98
N ASN C 249 -8.19 -15.02 -46.90
CA ASN C 249 -8.09 -15.90 -45.75
C ASN C 249 -9.36 -15.76 -44.92
N ASN C 250 -10.15 -16.83 -44.83
CA ASN C 250 -11.44 -16.77 -44.13
C ASN C 250 -11.28 -16.70 -42.62
N ALA C 251 -10.05 -16.87 -42.16
CA ALA C 251 -9.76 -16.79 -40.74
C ALA C 251 -9.53 -15.35 -40.30
N LYS C 252 -9.49 -14.41 -41.24
CA LYS C 252 -9.21 -13.02 -40.91
C LYS C 252 -10.40 -12.12 -41.07
N ASN C 253 -10.37 -10.99 -40.39
CA ASN C 253 -11.43 -10.02 -40.50
C ASN C 253 -11.23 -9.08 -41.68
N ILE C 254 -12.34 -8.53 -42.14
CA ILE C 254 -12.34 -7.49 -43.15
C ILE C 254 -12.92 -6.22 -42.53
N LEU C 255 -12.16 -5.16 -42.61
CA LEU C 255 -12.57 -3.91 -42.03
C LEU C 255 -13.03 -2.97 -43.13
N VAL C 256 -14.21 -2.40 -42.94
CA VAL C 256 -14.75 -1.52 -43.95
C VAL C 256 -14.88 -0.10 -43.47
N GLN C 257 -14.21 0.82 -44.14
CA GLN C 257 -14.25 2.23 -43.77
C GLN C 257 -15.11 3.02 -44.73
N PHE C 258 -16.17 3.60 -44.21
CA PHE C 258 -17.10 4.31 -45.05
C PHE C 258 -16.51 5.63 -45.45
N ASN C 259 -16.89 6.17 -46.60
CA ASN C 259 -16.46 7.51 -46.98
C ASN C 259 -17.54 8.54 -46.64
N THR C 260 -18.64 8.07 -46.07
CA THR C 260 -19.76 8.87 -45.64
C THR C 260 -20.26 8.31 -44.31
N PRO C 261 -20.77 9.11 -43.39
CA PRO C 261 -21.33 8.66 -42.13
C PRO C 261 -22.73 8.11 -42.37
N VAL C 262 -23.16 7.22 -41.50
CA VAL C 262 -24.57 6.83 -41.49
C VAL C 262 -25.15 7.25 -40.16
N GLN C 263 -26.27 7.95 -40.15
CA GLN C 263 -26.77 8.36 -38.85
C GLN C 263 -27.54 7.26 -38.18
N ILE C 264 -27.16 7.03 -36.93
CA ILE C 264 -27.81 6.08 -36.04
C ILE C 264 -28.24 6.76 -34.75
N ASN C 265 -29.52 6.62 -34.43
CA ASN C 265 -30.10 7.22 -33.23
C ASN C 265 -30.53 6.16 -32.22
N CYS C 266 -29.84 6.10 -31.10
CA CYS C 266 -30.13 5.08 -30.10
C CYS C 266 -30.77 5.67 -28.85
N THR C 267 -31.65 4.90 -28.25
CA THR C 267 -32.27 5.37 -27.03
C THR C 267 -32.60 4.31 -26.02
N ARG C 268 -32.76 4.79 -24.78
CA ARG C 268 -33.20 4.01 -23.65
C ARG C 268 -34.44 4.75 -23.18
N PRO C 269 -35.60 4.50 -23.78
CA PRO C 269 -36.82 5.28 -23.69
C PRO C 269 -37.62 5.01 -22.43
N ASN C 270 -36.94 5.08 -21.30
CA ASN C 270 -37.52 4.81 -20.01
C ASN C 270 -37.02 5.79 -19.01
N ASN C 271 -37.93 6.53 -18.40
CA ASN C 271 -37.54 7.54 -17.44
C ASN C 271 -37.31 6.89 -16.10
N ASN C 272 -36.05 6.71 -15.76
CA ASN C 272 -35.74 5.95 -14.56
C ASN C 272 -35.36 6.82 -13.40
N THR C 273 -35.56 6.26 -12.21
CA THR C 273 -35.11 6.93 -11.00
C THR C 273 -34.05 6.07 -10.36
N ARG C 274 -33.27 6.66 -9.47
CA ARG C 274 -32.23 5.93 -8.77
C ARG C 274 -32.26 6.28 -7.31
N LYS C 275 -31.88 5.32 -6.50
CA LYS C 275 -31.78 5.55 -5.07
C LYS C 275 -30.47 5.02 -4.56
N SER C 276 -29.97 5.61 -3.50
CA SER C 276 -28.74 5.08 -2.97
C SER C 276 -29.01 4.36 -1.66
N ILE C 277 -28.30 3.28 -1.47
CA ILE C 277 -28.42 2.50 -0.27
C ILE C 277 -27.14 2.60 0.52
N ARG C 278 -27.26 2.91 1.79
CA ARG C 278 -26.06 2.94 2.61
C ARG C 278 -25.92 1.52 3.08
N ILE C 279 -24.84 0.87 2.68
CA ILE C 279 -24.62 -0.54 3.00
C ILE C 279 -23.49 -0.72 3.98
N GLY C 280 -22.76 0.37 4.22
CA GLY C 280 -21.64 0.37 5.15
C GLY C 280 -21.14 1.80 5.38
N PRO C 281 -20.01 1.99 6.06
CA PRO C 281 -19.42 3.26 6.48
C PRO C 281 -18.92 4.05 5.29
N GLY C 282 -19.80 4.88 4.73
CA GLY C 282 -19.52 5.64 3.53
C GLY C 282 -19.61 4.76 2.29
N GLN C 283 -20.23 3.60 2.45
CA GLN C 283 -20.32 2.65 1.37
C GLN C 283 -21.69 2.68 0.77
N TRP C 284 -21.75 3.16 -0.46
CA TRP C 284 -23.02 3.31 -1.13
C TRP C 284 -23.20 2.45 -2.34
N PHE C 285 -24.42 1.93 -2.46
CA PHE C 285 -24.85 1.18 -3.61
C PHE C 285 -25.95 1.88 -4.33
N TYR C 286 -25.81 2.01 -5.63
CA TYR C 286 -26.82 2.68 -6.41
C TYR C 286 -27.73 1.71 -7.11
N ALA C 287 -29.00 1.78 -6.71
CA ALA C 287 -30.03 0.88 -7.17
C ALA C 287 -31.07 1.55 -8.03
N THR C 288 -31.59 0.81 -9.00
CA THR C 288 -32.68 1.34 -9.79
C THR C 288 -33.88 1.43 -8.87
N GLY C 289 -34.52 2.59 -8.87
CA GLY C 289 -35.69 2.85 -8.05
C GLY C 289 -36.93 2.30 -8.73
N ASP C 290 -37.48 3.06 -9.65
CA ASP C 290 -38.61 2.59 -10.44
C ASP C 290 -38.61 3.28 -11.79
N ILE C 291 -39.59 2.93 -12.61
CA ILE C 291 -39.72 3.52 -13.92
C ILE C 291 -40.95 4.39 -13.99
N ILE C 292 -40.73 5.61 -14.42
CA ILE C 292 -41.77 6.57 -14.59
C ILE C 292 -42.39 6.39 -15.95
N GLY C 293 -43.69 6.25 -15.99
CA GLY C 293 -44.39 6.07 -17.26
C GLY C 293 -44.29 4.65 -17.79
N ASP C 294 -44.26 4.55 -19.11
CA ASP C 294 -44.31 3.28 -19.79
C ASP C 294 -42.98 2.57 -19.76
N ILE C 295 -43.04 1.25 -19.87
CA ILE C 295 -41.82 0.49 -19.97
C ILE C 295 -41.69 0.06 -21.41
N ARG C 296 -40.61 0.47 -22.04
CA ARG C 296 -40.39 0.23 -23.46
C ARG C 296 -39.01 -0.36 -23.73
N GLN C 297 -38.87 -1.06 -24.83
CA GLN C 297 -37.56 -1.63 -25.15
C GLN C 297 -36.59 -0.62 -25.72
N ALA C 298 -35.32 -0.78 -25.39
CA ALA C 298 -34.24 0.05 -25.92
C ALA C 298 -34.11 -0.26 -27.39
N HIS C 299 -33.70 0.73 -28.16
CA HIS C 299 -33.56 0.51 -29.59
C HIS C 299 -32.72 1.52 -30.31
N CYS C 300 -32.33 1.18 -31.55
CA CYS C 300 -31.63 2.10 -32.43
C CYS C 300 -32.29 2.24 -33.80
N ASN C 301 -32.32 3.48 -34.28
CA ASN C 301 -32.87 3.85 -35.58
C ASN C 301 -31.79 4.17 -36.59
N VAL C 302 -31.73 3.40 -37.66
CA VAL C 302 -30.72 3.62 -38.68
C VAL C 302 -31.37 4.12 -39.97
N SER C 303 -30.86 5.21 -40.53
CA SER C 303 -31.49 5.70 -41.78
C SER C 303 -31.53 4.56 -42.78
N LYS C 304 -32.73 4.25 -43.28
CA LYS C 304 -32.85 3.09 -44.16
C LYS C 304 -32.29 3.35 -45.51
N ALA C 305 -32.58 4.52 -46.05
CA ALA C 305 -32.09 4.80 -47.37
C ALA C 305 -30.59 4.90 -47.35
N THR C 306 -30.06 5.48 -46.28
CA THR C 306 -28.63 5.67 -46.21
C THR C 306 -27.97 4.33 -46.14
N TRP C 307 -28.51 3.44 -45.32
CA TRP C 307 -27.93 2.15 -45.12
C TRP C 307 -27.89 1.37 -46.43
N ASN C 308 -28.98 1.40 -47.20
CA ASN C 308 -28.95 0.65 -48.45
C ASN C 308 -27.96 1.23 -49.44
N GLU C 309 -27.84 2.56 -49.48
CA GLU C 309 -26.89 3.17 -50.39
C GLU C 309 -25.47 2.81 -49.96
N THR C 310 -25.27 2.78 -48.64
CA THR C 310 -23.99 2.46 -48.07
C THR C 310 -23.60 1.04 -48.42
N LEU C 311 -24.53 0.09 -48.29
CA LEU C 311 -24.17 -1.27 -48.63
C LEU C 311 -23.88 -1.37 -50.11
N GLY C 312 -24.62 -0.65 -50.94
CA GLY C 312 -24.35 -0.74 -52.36
C GLY C 312 -22.90 -0.35 -52.62
N LYS C 313 -22.44 0.73 -51.97
CA LYS C 313 -21.05 1.14 -52.15
C LYS C 313 -20.07 0.09 -51.65
N VAL C 314 -20.40 -0.54 -50.52
CA VAL C 314 -19.54 -1.55 -49.96
C VAL C 314 -19.41 -2.72 -50.90
N VAL C 315 -20.53 -3.15 -51.49
CA VAL C 315 -20.53 -4.25 -52.44
C VAL C 315 -19.73 -3.92 -53.67
N LYS C 316 -19.87 -2.71 -54.20
CA LYS C 316 -19.09 -2.38 -55.38
C LYS C 316 -17.62 -2.52 -55.09
N GLN C 317 -17.19 -2.12 -53.89
CA GLN C 317 -15.80 -2.23 -53.53
C GLN C 317 -15.42 -3.66 -53.17
N LEU C 318 -16.31 -4.43 -52.53
CA LEU C 318 -15.94 -5.79 -52.17
C LEU C 318 -15.67 -6.61 -53.40
N ARG C 319 -16.46 -6.39 -54.44
CA ARG C 319 -16.34 -7.15 -55.67
C ARG C 319 -14.97 -7.05 -56.29
N LYS C 320 -14.19 -6.03 -55.96
CA LYS C 320 -12.88 -5.92 -56.55
C LYS C 320 -12.05 -7.17 -56.26
N HIS C 321 -12.31 -7.85 -55.14
CA HIS C 321 -11.56 -9.02 -54.78
C HIS C 321 -12.33 -10.33 -54.98
N PHE C 322 -13.57 -10.23 -55.43
CA PHE C 322 -14.41 -11.43 -55.54
C PHE C 322 -14.92 -11.67 -56.95
N GLY C 323 -14.86 -10.66 -57.80
CA GLY C 323 -15.35 -10.70 -59.16
C GLY C 323 -16.46 -9.69 -59.38
N ASN C 324 -16.42 -9.05 -60.55
CA ASN C 324 -17.34 -7.96 -60.87
C ASN C 324 -18.80 -8.38 -60.91
N ASN C 325 -19.08 -9.64 -61.21
CA ASN C 325 -20.45 -10.08 -61.26
C ASN C 325 -20.79 -11.06 -60.15
N THR C 326 -19.95 -11.09 -59.11
CA THR C 326 -20.14 -11.97 -57.98
C THR C 326 -21.23 -11.41 -57.07
N ILE C 327 -22.12 -12.28 -56.63
CA ILE C 327 -23.22 -11.88 -55.79
C ILE C 327 -22.78 -11.78 -54.36
N ILE C 328 -23.10 -10.67 -53.72
CA ILE C 328 -22.74 -10.50 -52.34
C ILE C 328 -23.92 -10.47 -51.41
N ARG C 329 -23.86 -11.30 -50.41
CA ARG C 329 -24.95 -11.39 -49.46
C ARG C 329 -24.56 -10.99 -48.07
N PHE C 330 -25.43 -10.23 -47.45
CA PHE C 330 -25.25 -9.83 -46.07
C PHE C 330 -26.24 -10.58 -45.22
N ALA C 331 -25.69 -11.38 -44.33
CA ALA C 331 -26.44 -12.23 -43.43
C ALA C 331 -26.18 -11.75 -42.02
N ASN C 332 -27.01 -12.17 -41.07
CA ASN C 332 -26.81 -11.75 -39.70
C ASN C 332 -25.72 -12.58 -39.02
N SER C 333 -25.48 -12.29 -37.75
CA SER C 333 -24.40 -12.92 -37.01
C SER C 333 -24.67 -14.36 -36.60
N SER C 334 -23.58 -15.03 -36.21
CA SER C 334 -23.57 -16.38 -35.69
C SER C 334 -24.00 -16.36 -34.23
N GLY C 335 -24.24 -17.52 -33.63
CA GLY C 335 -24.67 -17.52 -32.24
C GLY C 335 -23.52 -17.36 -31.25
N GLY C 336 -23.85 -17.25 -29.96
CA GLY C 336 -22.86 -17.05 -28.91
C GLY C 336 -23.34 -15.96 -27.96
N ASP C 337 -22.44 -15.48 -27.12
CA ASP C 337 -22.72 -14.46 -26.12
C ASP C 337 -23.08 -13.13 -26.77
N LEU C 338 -23.86 -12.31 -26.09
CA LEU C 338 -24.26 -11.04 -26.69
C LEU C 338 -23.05 -10.19 -27.06
N GLU C 339 -22.00 -10.26 -26.29
CA GLU C 339 -20.80 -9.48 -26.55
C GLU C 339 -20.13 -9.85 -27.89
N VAL C 340 -20.44 -11.01 -28.46
CA VAL C 340 -19.87 -11.38 -29.74
C VAL C 340 -20.93 -11.53 -30.85
N THR C 341 -22.22 -11.56 -30.51
CA THR C 341 -23.26 -11.71 -31.52
C THR C 341 -24.01 -10.45 -31.83
N THR C 342 -23.94 -9.47 -30.93
CA THR C 342 -24.66 -8.21 -31.11
C THR C 342 -23.74 -7.04 -31.21
N HIS C 343 -24.31 -5.92 -31.61
CA HIS C 343 -23.57 -4.70 -31.64
C HIS C 343 -23.65 -4.08 -30.29
N SER C 344 -22.53 -3.66 -29.74
CA SER C 344 -22.65 -3.05 -28.44
C SER C 344 -21.87 -1.79 -28.30
N PHE C 345 -22.37 -0.97 -27.40
CA PHE C 345 -21.74 0.29 -27.08
C PHE C 345 -22.13 0.81 -25.71
N ASN C 346 -21.32 1.73 -25.20
CA ASN C 346 -21.58 2.41 -23.94
C ASN C 346 -21.99 3.84 -24.16
N CYS C 347 -23.24 4.15 -23.91
CA CYS C 347 -23.65 5.52 -24.12
C CYS C 347 -24.64 5.95 -23.05
N GLY C 348 -24.38 7.09 -22.46
CA GLY C 348 -25.25 7.59 -21.42
C GLY C 348 -24.95 6.86 -20.12
N GLY C 349 -23.93 6.02 -20.16
CA GLY C 349 -23.52 5.17 -19.06
C GLY C 349 -24.10 3.76 -19.17
N GLU C 350 -25.03 3.54 -20.11
CA GLU C 350 -25.61 2.21 -20.24
C GLU C 350 -24.94 1.39 -21.33
N PHE C 351 -24.91 0.09 -21.10
CA PHE C 351 -24.36 -0.84 -22.06
C PHE C 351 -25.43 -1.52 -22.85
N PHE C 352 -25.49 -1.12 -24.11
CA PHE C 352 -26.50 -1.55 -25.07
C PHE C 352 -26.00 -2.68 -25.92
N TYR C 353 -26.88 -3.63 -26.17
CA TYR C 353 -26.64 -4.75 -27.06
C TYR C 353 -27.72 -4.77 -28.12
N CYS C 354 -27.37 -4.53 -29.38
CA CYS C 354 -28.38 -4.40 -30.40
C CYS C 354 -28.37 -5.55 -31.37
N ASN C 355 -29.57 -5.99 -31.72
CA ASN C 355 -29.79 -7.17 -32.56
C ASN C 355 -29.16 -7.07 -33.95
N THR C 356 -29.12 -5.88 -34.54
CA THR C 356 -28.50 -5.62 -35.86
C THR C 356 -28.86 -6.53 -37.04
N SER C 357 -29.72 -7.52 -36.88
CA SER C 357 -30.00 -8.38 -38.02
C SER C 357 -30.71 -7.63 -39.12
N GLY C 358 -31.42 -6.55 -38.78
CA GLY C 358 -32.15 -5.75 -39.73
C GLY C 358 -31.22 -5.01 -40.68
N LEU C 359 -29.95 -4.95 -40.33
CA LEU C 359 -28.97 -4.28 -41.15
C LEU C 359 -28.27 -5.22 -42.11
N PHE C 360 -28.33 -6.52 -41.88
CA PHE C 360 -27.58 -7.47 -42.69
C PHE C 360 -28.52 -8.57 -43.10
N ASN C 361 -29.41 -8.21 -44.01
CA ASN C 361 -30.47 -9.07 -44.47
C ASN C 361 -30.78 -8.79 -45.93
N SER C 362 -29.76 -8.89 -46.79
CA SER C 362 -30.01 -8.60 -48.21
C SER C 362 -29.00 -9.22 -49.16
N THR C 363 -29.41 -9.40 -50.40
CA THR C 363 -28.51 -9.94 -51.40
C THR C 363 -28.36 -8.95 -52.55
N TRP C 364 -27.10 -8.65 -52.86
CA TRP C 364 -26.75 -7.70 -53.89
C TRP C 364 -26.28 -8.42 -55.15
N ILE C 365 -27.08 -8.30 -56.19
CA ILE C 365 -26.83 -9.01 -57.44
C ILE C 365 -26.46 -8.06 -58.54
N SER C 366 -25.39 -8.40 -59.25
CA SER C 366 -24.92 -7.57 -60.33
C SER C 366 -25.97 -7.43 -61.39
N ASN C 367 -26.10 -6.22 -61.92
CA ASN C 367 -27.07 -5.95 -62.96
C ASN C 367 -28.40 -6.61 -62.66
N ASN C 379 -38.87 9.08 -46.68
CA ASN C 379 -37.77 8.64 -45.82
C ASN C 379 -38.23 7.54 -44.88
N ASP C 380 -37.29 6.70 -44.46
CA ASP C 380 -37.62 5.60 -43.57
C ASP C 380 -36.42 5.22 -42.70
N SER C 381 -36.62 4.26 -41.82
CA SER C 381 -35.57 3.81 -40.91
C SER C 381 -35.68 2.35 -40.54
N ILE C 382 -34.57 1.82 -40.07
CA ILE C 382 -34.51 0.45 -39.61
C ILE C 382 -34.50 0.49 -38.10
N THR C 383 -35.45 -0.16 -37.46
CA THR C 383 -35.47 -0.12 -36.01
C THR C 383 -34.91 -1.42 -35.47
N LEU C 384 -33.88 -1.30 -34.68
CA LEU C 384 -33.21 -2.42 -34.07
C LEU C 384 -33.50 -2.45 -32.58
N PRO C 385 -34.05 -3.53 -32.02
CA PRO C 385 -34.27 -3.64 -30.60
C PRO C 385 -32.91 -3.81 -29.97
N CYS C 386 -32.77 -3.31 -28.76
CA CYS C 386 -31.55 -3.45 -27.99
C CYS C 386 -31.83 -3.93 -26.57
N ARG C 387 -30.87 -4.63 -26.00
CA ARG C 387 -30.94 -5.09 -24.63
C ARG C 387 -29.96 -4.31 -23.79
N ILE C 388 -30.23 -4.20 -22.50
CA ILE C 388 -29.30 -3.51 -21.62
C ILE C 388 -28.84 -4.34 -20.45
N LYS C 389 -27.54 -4.28 -20.16
CA LYS C 389 -26.94 -4.99 -19.02
C LYS C 389 -26.19 -4.04 -18.11
N GLN C 390 -26.13 -4.37 -16.82
CA GLN C 390 -25.33 -3.59 -15.89
C GLN C 390 -24.04 -4.25 -15.45
N ILE C 391 -23.90 -5.58 -15.50
CA ILE C 391 -22.63 -6.14 -15.04
C ILE C 391 -21.81 -6.51 -16.25
N ILE C 392 -20.72 -5.80 -16.45
CA ILE C 392 -19.96 -5.90 -17.66
C ILE C 392 -18.55 -6.47 -17.53
N ASN C 393 -18.29 -7.53 -18.29
CA ASN C 393 -16.95 -8.09 -18.35
C ASN C 393 -16.29 -7.36 -19.51
N MET C 394 -15.88 -6.16 -19.20
CA MET C 394 -15.46 -5.15 -20.15
C MET C 394 -14.36 -5.53 -21.11
N TRP C 395 -13.37 -6.25 -20.63
CA TRP C 395 -12.28 -6.60 -21.50
C TRP C 395 -12.19 -8.07 -21.77
N GLN C 396 -13.32 -8.77 -21.64
CA GLN C 396 -13.36 -10.20 -21.91
C GLN C 396 -12.35 -10.96 -21.08
N ARG C 397 -12.26 -10.60 -19.81
CA ARG C 397 -11.39 -11.21 -18.84
C ARG C 397 -12.29 -11.81 -17.80
N ILE C 398 -11.77 -12.76 -17.04
CA ILE C 398 -12.58 -13.37 -16.01
C ILE C 398 -12.13 -12.98 -14.61
N GLY C 399 -13.10 -12.61 -13.79
CA GLY C 399 -12.89 -12.25 -12.39
C GLY C 399 -13.00 -10.76 -12.07
N GLN C 400 -12.99 -9.92 -13.10
CA GLN C 400 -13.08 -8.48 -12.92
C GLN C 400 -14.34 -7.91 -13.54
N ALA C 401 -15.43 -7.79 -12.79
CA ALA C 401 -16.64 -7.30 -13.43
C ALA C 401 -16.95 -5.90 -12.97
N MET C 402 -17.38 -5.07 -13.89
CA MET C 402 -17.75 -3.71 -13.55
C MET C 402 -19.25 -3.58 -13.49
N TYR C 403 -19.78 -2.92 -12.48
CA TYR C 403 -21.21 -2.68 -12.41
C TYR C 403 -21.59 -1.25 -12.70
N ALA C 404 -22.39 -1.09 -13.72
CA ALA C 404 -22.81 0.22 -14.13
C ALA C 404 -23.98 0.66 -13.28
N PRO C 405 -23.87 1.75 -12.51
CA PRO C 405 -24.91 2.20 -11.64
C PRO C 405 -25.98 2.68 -12.56
N PRO C 406 -27.23 2.71 -12.16
CA PRO C 406 -28.36 3.18 -12.94
C PRO C 406 -28.20 4.62 -13.34
N ILE C 407 -28.75 4.92 -14.50
CA ILE C 407 -28.76 6.26 -15.03
C ILE C 407 -30.18 6.78 -14.95
N GLN C 408 -30.36 7.94 -14.35
CA GLN C 408 -31.69 8.51 -14.20
C GLN C 408 -32.10 9.27 -15.45
N GLY C 409 -33.40 9.38 -15.66
CA GLY C 409 -33.90 10.12 -16.80
C GLY C 409 -33.95 9.22 -18.01
N VAL C 410 -33.83 9.82 -19.19
CA VAL C 410 -33.96 9.12 -20.47
C VAL C 410 -32.71 9.35 -21.29
N ILE C 411 -32.22 8.29 -21.94
CA ILE C 411 -31.00 8.39 -22.72
C ILE C 411 -31.23 8.50 -24.21
N ARG C 412 -30.57 9.49 -24.81
CA ARG C 412 -30.61 9.68 -26.25
C ARG C 412 -29.19 9.83 -26.78
N CYS C 413 -28.81 8.99 -27.74
CA CYS C 413 -27.47 9.02 -28.30
C CYS C 413 -27.46 9.04 -29.82
N VAL C 414 -26.69 9.92 -30.43
CA VAL C 414 -26.58 9.88 -31.87
C VAL C 414 -25.14 9.68 -32.28
N SER C 415 -24.92 8.67 -33.10
CA SER C 415 -23.58 8.32 -33.55
C SER C 415 -23.45 8.28 -35.08
N ASN C 416 -22.19 8.28 -35.52
CA ASN C 416 -21.83 8.25 -36.93
C ASN C 416 -21.36 6.86 -37.31
N ILE C 417 -22.11 6.09 -38.05
CA ILE C 417 -21.47 4.82 -38.31
C ILE C 417 -20.40 5.20 -39.31
N THR C 418 -19.16 4.85 -39.00
CA THR C 418 -18.00 5.15 -39.82
C THR C 418 -17.43 3.90 -40.45
N GLY C 419 -17.81 2.74 -39.93
CA GLY C 419 -17.29 1.52 -40.51
C GLY C 419 -17.82 0.27 -39.84
N LEU C 420 -17.49 -0.86 -40.47
CA LEU C 420 -17.95 -2.18 -40.05
C LEU C 420 -16.86 -3.22 -39.90
N ILE C 421 -17.08 -4.19 -39.00
CA ILE C 421 -16.20 -5.35 -38.98
C ILE C 421 -16.97 -6.56 -39.48
N LEU C 422 -16.52 -7.08 -40.61
CA LEU C 422 -17.20 -8.18 -41.27
C LEU C 422 -16.32 -9.41 -41.41
N THR C 423 -16.94 -10.58 -41.48
CA THR C 423 -16.17 -11.78 -41.80
C THR C 423 -16.84 -12.55 -42.93
N ARG C 424 -16.05 -13.32 -43.65
CA ARG C 424 -16.59 -14.16 -44.72
C ARG C 424 -17.19 -15.41 -44.16
N ASP C 425 -18.36 -15.77 -44.64
CA ASP C 425 -18.99 -16.97 -44.16
C ASP C 425 -18.45 -18.16 -44.94
N GLY C 426 -17.21 -18.53 -44.61
CA GLY C 426 -16.49 -19.58 -45.30
C GLY C 426 -15.52 -20.30 -44.39
N SER C 431 -21.39 -21.31 -55.38
CA SER C 431 -20.13 -20.64 -55.06
C SER C 431 -20.04 -19.32 -55.78
N THR C 432 -21.17 -18.89 -56.31
CA THR C 432 -21.31 -17.64 -57.05
C THR C 432 -21.71 -16.50 -56.13
N THR C 433 -22.11 -16.87 -54.92
CA THR C 433 -22.52 -15.92 -53.91
C THR C 433 -21.56 -15.98 -52.75
N GLU C 434 -21.06 -14.82 -52.40
CA GLU C 434 -20.14 -14.63 -51.30
C GLU C 434 -20.90 -14.00 -50.16
N THR C 435 -21.04 -14.73 -49.07
CA THR C 435 -21.81 -14.24 -47.95
C THR C 435 -20.91 -13.73 -46.86
N PHE C 436 -21.25 -12.56 -46.34
CA PHE C 436 -20.56 -11.91 -45.26
C PHE C 436 -21.49 -11.78 -44.09
N ARG C 437 -20.91 -11.80 -42.91
CA ARG C 437 -21.69 -11.57 -41.71
C ARG C 437 -20.98 -10.54 -40.86
N PRO C 438 -21.70 -9.75 -40.06
CA PRO C 438 -21.15 -8.84 -39.13
C PRO C 438 -20.64 -9.70 -38.02
N GLY C 439 -19.67 -9.22 -37.30
CA GLY C 439 -19.25 -9.97 -36.14
C GLY C 439 -18.34 -9.15 -35.28
N GLY C 440 -17.84 -9.78 -34.23
CA GLY C 440 -16.97 -9.08 -33.31
C GLY C 440 -15.56 -9.30 -33.77
N GLY C 441 -14.63 -9.06 -32.87
CA GLY C 441 -13.24 -9.18 -33.19
C GLY C 441 -12.50 -8.65 -32.00
N ASP C 442 -11.21 -8.51 -32.14
CA ASP C 442 -10.43 -7.98 -31.06
C ASP C 442 -10.67 -6.50 -30.95
N MET C 443 -10.41 -5.95 -29.79
CA MET C 443 -10.55 -4.52 -29.58
C MET C 443 -9.53 -3.78 -30.40
N ARG C 444 -8.42 -4.45 -30.67
CA ARG C 444 -7.36 -3.89 -31.46
C ARG C 444 -7.84 -3.53 -32.87
N ASP C 445 -8.83 -4.26 -33.39
CA ASP C 445 -9.32 -4.01 -34.73
C ASP C 445 -10.08 -2.72 -34.80
N ASN C 446 -10.54 -2.21 -33.66
CA ASN C 446 -11.31 -1.00 -33.67
C ASN C 446 -10.41 0.20 -33.71
N TRP C 447 -9.11 -0.03 -33.49
CA TRP C 447 -8.17 1.06 -33.37
C TRP C 447 -7.16 1.06 -34.49
N ARG C 448 -6.90 -0.10 -35.08
CA ARG C 448 -5.94 -0.12 -36.18
C ARG C 448 -6.58 0.63 -37.34
N SER C 449 -7.89 0.75 -37.29
CA SER C 449 -8.72 1.45 -38.25
C SER C 449 -8.44 2.95 -38.29
N GLU C 450 -7.81 3.48 -37.25
CA GLU C 450 -7.42 4.87 -37.19
C GLU C 450 -5.90 4.98 -37.31
N LEU C 451 -5.21 3.99 -36.77
CA LEU C 451 -3.76 4.00 -36.72
C LEU C 451 -3.05 3.40 -37.93
N TYR C 452 -3.78 2.86 -38.88
CA TYR C 452 -3.19 2.25 -40.08
C TYR C 452 -2.31 3.19 -40.88
N LYS C 453 -2.51 4.49 -40.74
CA LYS C 453 -1.70 5.44 -41.48
C LYS C 453 -0.45 5.83 -40.74
N TYR C 454 -0.23 5.33 -39.53
CA TYR C 454 0.95 5.77 -38.78
C TYR C 454 1.95 4.65 -38.44
N LYS C 455 3.22 5.00 -38.48
CA LYS C 455 4.29 4.08 -38.11
C LYS C 455 5.33 4.74 -37.21
N VAL C 456 5.88 4.00 -36.25
CA VAL C 456 6.91 4.58 -35.39
C VAL C 456 8.30 4.09 -35.73
N VAL C 457 9.22 5.05 -35.89
CA VAL C 457 10.60 4.72 -36.18
C VAL C 457 11.50 5.46 -35.21
N LYS C 458 12.73 4.97 -35.05
CA LYS C 458 13.68 5.66 -34.20
C LYS C 458 14.67 6.33 -35.08
N ILE C 459 15.24 7.40 -34.60
CA ILE C 459 16.18 8.16 -35.35
C ILE C 459 17.59 7.74 -35.01
N GLU C 460 18.41 7.53 -36.04
CA GLU C 460 19.79 7.14 -35.84
C GLU C 460 20.74 8.14 -36.52
N PRO C 461 21.02 9.27 -35.87
CA PRO C 461 21.72 10.42 -36.42
C PRO C 461 23.22 10.24 -36.68
N LEU C 462 23.83 9.17 -36.20
CA LEU C 462 25.26 9.00 -36.38
C LEU C 462 25.59 8.04 -37.51
N GLY C 463 26.50 8.43 -38.41
CA GLY C 463 26.91 7.56 -39.50
C GLY C 463 28.11 8.10 -40.28
N VAL C 464 28.58 7.32 -41.25
CA VAL C 464 29.76 7.71 -42.02
C VAL C 464 29.58 7.61 -43.52
N ALA C 465 30.47 8.27 -44.24
CA ALA C 465 30.54 8.18 -45.69
C ALA C 465 31.95 8.56 -46.15
N PRO C 466 32.44 8.05 -47.29
CA PRO C 466 33.70 8.43 -47.87
C PRO C 466 33.65 9.83 -48.37
N THR C 467 34.72 10.55 -48.14
CA THR C 467 34.89 11.92 -48.58
C THR C 467 36.30 12.11 -49.07
N ARG C 468 36.60 13.29 -49.59
CA ARG C 468 37.96 13.53 -50.05
C ARG C 468 38.83 14.20 -49.01
N CYS C 469 38.31 14.41 -47.81
CA CYS C 469 39.08 15.10 -46.79
C CYS C 469 39.73 14.17 -45.80
N LYS C 470 40.85 14.66 -45.30
CA LYS C 470 41.56 14.03 -44.20
C LYS C 470 42.01 15.08 -43.21
N ARG C 471 42.02 14.74 -41.94
CA ARG C 471 42.50 15.68 -40.94
C ARG C 471 43.80 16.33 -41.38
N GLY D 10 10.95 20.78 -39.37
CA GLY D 10 11.72 20.45 -40.57
C GLY D 10 12.72 19.39 -40.23
N PHE D 11 12.50 18.77 -39.09
CA PHE D 11 13.37 17.75 -38.53
C PHE D 11 13.76 16.65 -39.51
N LEU D 12 12.81 16.05 -40.22
CA LEU D 12 13.18 15.05 -41.22
C LEU D 12 13.04 15.61 -42.62
N GLY D 13 13.06 16.92 -42.79
CA GLY D 13 12.87 17.50 -44.12
C GLY D 13 13.89 17.00 -45.14
N ALA D 14 15.09 16.67 -44.68
CA ALA D 14 16.17 16.18 -45.54
C ALA D 14 16.08 14.69 -45.83
N ALA D 15 15.06 14.02 -45.32
CA ALA D 15 14.94 12.57 -45.45
C ALA D 15 14.97 12.04 -46.88
N GLY D 16 14.45 12.77 -47.85
CA GLY D 16 14.46 12.27 -49.22
C GLY D 16 15.56 12.89 -50.06
N SER D 17 16.39 13.73 -49.45
CA SER D 17 17.44 14.43 -50.15
C SER D 17 18.65 13.57 -50.33
N THR D 18 19.47 13.91 -51.31
CA THR D 18 20.67 13.15 -51.49
C THR D 18 21.63 13.53 -50.39
N MET D 19 22.63 12.73 -50.18
CA MET D 19 23.56 12.97 -49.09
C MET D 19 24.23 14.33 -49.14
N GLY D 20 24.60 14.78 -50.33
CA GLY D 20 25.29 16.05 -50.48
C GLY D 20 24.37 17.25 -50.29
N ALA D 21 23.08 17.00 -50.26
CA ALA D 21 22.08 18.04 -50.07
C ALA D 21 21.55 17.98 -48.64
N ALA D 22 21.46 16.77 -48.15
CA ALA D 22 20.92 16.44 -46.85
C ALA D 22 21.84 16.87 -45.71
N SER D 23 23.16 16.79 -45.90
CA SER D 23 24.09 17.11 -44.82
C SER D 23 24.32 18.60 -44.67
N MET D 24 23.23 19.31 -44.40
CA MET D 24 23.16 20.73 -44.23
C MET D 24 22.16 20.99 -43.14
N THR D 25 21.41 19.94 -42.83
CA THR D 25 20.33 20.01 -41.85
C THR D 25 20.71 19.19 -40.64
N LEU D 26 21.99 18.92 -40.52
CA LEU D 26 22.51 18.10 -39.45
C LEU D 26 22.20 18.73 -38.09
N THR D 27 22.27 20.06 -38.05
CA THR D 27 22.00 20.84 -36.87
C THR D 27 20.54 20.76 -36.51
N VAL D 28 19.70 20.76 -37.55
CA VAL D 28 18.28 20.76 -37.34
C VAL D 28 17.91 19.47 -36.64
N GLN D 29 18.46 18.37 -37.08
CA GLN D 29 18.09 17.19 -36.34
C GLN D 29 18.74 17.10 -34.98
N ALA D 30 20.00 17.49 -34.87
CA ALA D 30 20.68 17.34 -33.59
C ALA D 30 20.00 18.12 -32.48
N ARG D 31 19.51 19.31 -32.80
CA ARG D 31 18.92 20.19 -31.80
C ARG D 31 17.57 19.71 -31.32
N ASN D 32 17.00 18.70 -31.99
CA ASN D 32 15.71 18.17 -31.61
C ASN D 32 15.81 16.76 -31.01
N LEU D 33 17.02 16.32 -30.64
CA LEU D 33 17.16 14.98 -30.07
C LEU D 33 16.97 14.94 -28.56
N LEU D 34 17.19 16.06 -27.88
CA LEU D 34 17.03 16.09 -26.43
C LEU D 34 15.63 16.51 -26.05
N SER D 35 14.98 17.27 -26.92
CA SER D 35 13.65 17.83 -26.68
C SER D 35 13.18 17.71 -25.24
N LEU D 57 1.54 8.87 -9.23
CA LEU D 57 0.97 8.32 -10.45
C LEU D 57 1.47 6.91 -10.69
N THR D 58 0.69 6.11 -11.40
CA THR D 58 0.99 4.73 -11.74
C THR D 58 0.96 4.60 -13.24
N VAL D 59 -0.25 4.50 -13.76
CA VAL D 59 -0.46 4.44 -15.19
C VAL D 59 -0.05 5.80 -15.65
N TRP D 60 0.72 5.89 -16.72
CA TRP D 60 1.22 7.15 -17.24
C TRP D 60 2.15 7.87 -16.24
N GLY D 61 2.56 7.15 -15.19
CA GLY D 61 3.46 7.59 -14.17
C GLY D 61 4.86 7.16 -14.50
N ILE D 62 5.14 5.89 -14.29
CA ILE D 62 6.50 5.41 -14.53
C ILE D 62 6.94 5.44 -15.99
N LYS D 63 6.04 5.20 -16.92
CA LYS D 63 6.43 5.13 -18.32
C LYS D 63 7.15 6.34 -18.86
N GLN D 64 6.74 7.53 -18.45
CA GLN D 64 7.39 8.71 -18.96
C GLN D 64 8.77 8.91 -18.38
N LEU D 65 9.04 8.32 -17.21
CA LEU D 65 10.34 8.53 -16.63
C LEU D 65 11.27 7.61 -17.36
N GLN D 66 10.77 6.42 -17.69
CA GLN D 66 11.58 5.45 -18.39
C GLN D 66 11.97 5.99 -19.74
N ALA D 67 11.02 6.65 -20.40
CA ALA D 67 11.30 7.22 -21.71
C ALA D 67 12.39 8.27 -21.65
N ARG D 68 12.38 9.12 -20.61
CA ARG D 68 13.39 10.15 -20.53
C ARG D 68 14.76 9.56 -20.32
N VAL D 69 14.85 8.56 -19.48
CA VAL D 69 16.14 7.98 -19.19
C VAL D 69 16.73 7.31 -20.41
N LEU D 70 15.92 6.58 -21.14
CA LEU D 70 16.43 5.90 -22.30
C LEU D 70 16.86 6.89 -23.36
N ALA D 71 16.13 8.00 -23.53
CA ALA D 71 16.55 8.99 -24.51
C ALA D 71 17.92 9.54 -24.15
N VAL D 72 18.15 9.74 -22.84
CA VAL D 72 19.43 10.23 -22.40
C VAL D 72 20.51 9.26 -22.71
N GLU D 73 20.28 7.97 -22.46
CA GLU D 73 21.35 7.06 -22.76
C GLU D 73 21.68 7.05 -24.24
N ARG D 74 20.67 7.15 -25.10
CA ARG D 74 20.99 7.13 -26.53
C ARG D 74 21.85 8.31 -26.90
N TYR D 75 21.50 9.48 -26.37
CA TYR D 75 22.26 10.67 -26.66
C TYR D 75 23.69 10.52 -26.24
N LEU D 76 23.89 10.05 -25.02
CA LEU D 76 25.22 9.95 -24.51
C LEU D 76 26.06 8.94 -25.24
N ARG D 77 25.50 7.81 -25.67
CA ARG D 77 26.35 6.86 -26.37
C ARG D 77 26.90 7.49 -27.65
N ASP D 78 26.06 8.26 -28.36
CA ASP D 78 26.59 8.89 -29.57
C ASP D 78 27.67 9.88 -29.23
N GLN D 79 27.47 10.63 -28.14
CA GLN D 79 28.45 11.62 -27.80
C GLN D 79 29.75 10.98 -27.35
N GLN D 80 29.66 9.84 -26.65
CA GLN D 80 30.88 9.22 -26.21
C GLN D 80 31.68 8.77 -27.39
N LEU D 81 31.03 8.22 -28.42
CA LEU D 81 31.76 7.78 -29.58
C LEU D 81 32.42 8.93 -30.31
N LEU D 82 31.74 10.07 -30.41
CA LEU D 82 32.37 11.18 -31.07
C LEU D 82 33.59 11.58 -30.26
N GLY D 83 33.50 11.49 -28.95
CA GLY D 83 34.64 11.77 -28.09
C GLY D 83 35.77 10.81 -28.39
N ILE D 84 35.48 9.52 -28.43
CA ILE D 84 36.46 8.47 -28.66
C ILE D 84 37.17 8.63 -29.98
N TRP D 85 36.45 9.03 -30.99
CA TRP D 85 37.00 9.20 -32.33
C TRP D 85 37.62 10.58 -32.58
N GLY D 86 37.56 11.49 -31.61
CA GLY D 86 38.10 12.84 -31.81
C GLY D 86 37.20 13.80 -32.58
N CYS D 87 35.90 13.55 -32.62
CA CYS D 87 34.94 14.38 -33.33
C CYS D 87 33.95 15.07 -32.39
N SER D 88 34.33 15.20 -31.14
CA SER D 88 33.44 15.84 -30.19
C SER D 88 33.25 17.28 -30.54
N GLY D 89 32.03 17.76 -30.41
CA GLY D 89 31.73 19.15 -30.66
C GLY D 89 31.48 19.46 -32.11
N LYS D 90 31.55 18.45 -32.98
CA LYS D 90 31.34 18.69 -34.39
C LYS D 90 30.18 17.91 -34.96
N LEU D 91 29.56 18.42 -36.00
CA LEU D 91 28.55 17.64 -36.71
C LEU D 91 29.23 17.00 -37.89
N ILE D 92 30.25 17.68 -38.42
CA ILE D 92 31.01 17.10 -39.52
C ILE D 92 32.47 17.04 -39.15
N CYS D 93 33.08 15.86 -39.17
CA CYS D 93 34.49 15.82 -38.87
C CYS D 93 35.22 14.87 -39.79
N CYS D 94 36.41 15.25 -40.18
CA CYS D 94 37.19 14.38 -41.01
C CYS D 94 38.09 13.59 -40.10
N THR D 95 38.41 12.38 -40.52
CA THR D 95 39.36 11.51 -39.86
C THR D 95 40.54 11.32 -40.78
N ASN D 96 41.45 10.45 -40.42
CA ASN D 96 42.61 10.18 -41.26
C ASN D 96 42.61 8.74 -41.73
N VAL D 97 41.47 8.12 -41.61
CA VAL D 97 41.21 6.77 -42.04
C VAL D 97 40.82 6.88 -43.51
N PRO D 98 41.42 6.09 -44.41
CA PRO D 98 41.09 6.03 -45.81
C PRO D 98 39.81 5.24 -45.99
N TRP D 99 39.12 5.45 -47.07
CA TRP D 99 38.03 4.57 -47.42
C TRP D 99 38.77 3.37 -48.00
N ASN D 100 38.38 2.14 -47.68
CA ASN D 100 39.19 1.01 -48.16
C ASN D 100 38.72 0.42 -49.48
N SER D 101 37.80 1.07 -50.15
CA SER D 101 37.19 0.64 -51.41
C SER D 101 36.26 -0.55 -51.23
N SER D 102 36.72 -1.64 -50.63
CA SER D 102 35.89 -2.83 -50.51
C SER D 102 34.59 -2.60 -49.74
N TRP D 103 34.54 -1.61 -48.85
CA TRP D 103 33.31 -1.33 -48.13
C TRP D 103 32.21 -0.88 -49.12
N SER D 104 32.62 -0.15 -50.15
CA SER D 104 31.77 0.34 -51.22
C SER D 104 32.64 0.77 -52.34
N ASN D 105 32.38 0.26 -53.53
CA ASN D 105 33.20 0.60 -54.67
C ASN D 105 32.53 1.66 -55.53
N ARG D 106 31.51 2.30 -54.99
CA ARG D 106 30.80 3.35 -55.71
C ARG D 106 31.67 4.61 -55.77
N ASN D 107 31.52 5.38 -56.83
CA ASN D 107 32.25 6.61 -56.96
C ASN D 107 31.72 7.60 -55.95
N LEU D 108 32.56 8.46 -55.42
CA LEU D 108 32.03 9.43 -54.48
C LEU D 108 31.00 10.34 -55.12
N SER D 109 31.09 10.57 -56.43
CA SER D 109 30.12 11.39 -57.12
C SER D 109 28.78 10.64 -57.22
N GLU D 110 28.80 9.33 -57.08
CA GLU D 110 27.56 8.58 -57.14
C GLU D 110 26.95 8.61 -55.76
N ILE D 111 27.81 8.50 -54.76
CA ILE D 111 27.36 8.42 -53.40
C ILE D 111 26.78 9.71 -52.92
N TRP D 112 27.48 10.80 -53.14
CA TRP D 112 26.99 12.06 -52.64
C TRP D 112 25.88 12.69 -53.45
N ASP D 113 25.85 12.45 -54.76
CA ASP D 113 24.83 13.08 -55.59
C ASP D 113 23.64 12.21 -55.96
N ASN D 114 23.78 10.87 -56.04
CA ASN D 114 22.67 10.05 -56.50
C ASN D 114 22.13 9.10 -55.45
N MET D 115 22.47 9.34 -54.19
CA MET D 115 21.98 8.50 -53.10
C MET D 115 21.59 9.35 -51.92
N THR D 116 20.62 8.87 -51.15
CA THR D 116 20.21 9.52 -49.92
C THR D 116 20.95 8.89 -48.78
N TRP D 117 20.90 9.52 -47.61
CA TRP D 117 21.58 8.92 -46.47
C TRP D 117 20.98 7.62 -46.04
N LEU D 118 19.68 7.45 -46.24
CA LEU D 118 19.07 6.22 -45.79
C LEU D 118 19.55 5.09 -46.67
N GLN D 119 19.61 5.34 -47.98
CA GLN D 119 20.06 4.28 -48.88
C GLN D 119 21.49 3.93 -48.60
N TRP D 120 22.29 4.95 -48.34
CA TRP D 120 23.68 4.78 -48.05
C TRP D 120 23.92 4.04 -46.78
N ASP D 121 23.19 4.39 -45.73
CA ASP D 121 23.42 3.72 -44.48
C ASP D 121 23.16 2.24 -44.65
N LYS D 122 22.15 1.89 -45.44
CA LYS D 122 21.90 0.49 -45.66
C LYS D 122 23.04 -0.13 -46.48
N GLU D 123 23.53 0.60 -47.48
CA GLU D 123 24.57 0.14 -48.39
C GLU D 123 25.82 -0.35 -47.68
N ILE D 124 26.23 0.35 -46.63
CA ILE D 124 27.43 -0.03 -45.89
C ILE D 124 27.16 -0.41 -44.44
N SER D 125 25.95 -0.82 -44.12
CA SER D 125 25.63 -1.05 -42.72
C SER D 125 26.47 -2.11 -42.05
N ASN D 126 27.00 -3.05 -42.80
CA ASN D 126 27.74 -4.14 -42.20
C ASN D 126 29.19 -3.83 -41.94
N TYR D 127 29.58 -2.60 -42.18
CA TYR D 127 30.94 -2.23 -41.90
C TYR D 127 30.98 -1.24 -40.77
N THR D 128 29.83 -1.00 -40.13
CA THR D 128 29.76 0.03 -39.10
C THR D 128 30.83 -0.15 -38.04
N GLN D 129 30.97 -1.38 -37.58
CA GLN D 129 31.89 -1.74 -36.52
C GLN D 129 33.35 -1.75 -36.95
N ILE D 130 33.59 -1.78 -38.25
CA ILE D 130 34.93 -1.85 -38.73
C ILE D 130 35.41 -0.44 -38.77
N ILE D 131 34.58 0.42 -39.31
CA ILE D 131 34.96 1.78 -39.44
C ILE D 131 35.11 2.36 -38.06
N TYR D 132 34.16 2.08 -37.17
CA TYR D 132 34.27 2.62 -35.85
C TYR D 132 35.52 2.14 -35.15
N GLY D 133 35.88 0.87 -35.29
CA GLY D 133 37.10 0.41 -34.65
C GLY D 133 38.32 1.14 -35.20
N LEU D 134 38.34 1.40 -36.51
CA LEU D 134 39.46 2.11 -37.08
C LEU D 134 39.52 3.55 -36.60
N LEU D 135 38.36 4.19 -36.45
CA LEU D 135 38.36 5.57 -36.00
C LEU D 135 38.93 5.65 -34.60
N GLU D 136 38.57 4.68 -33.77
CA GLU D 136 39.05 4.59 -32.41
C GLU D 136 40.54 4.39 -32.33
N GLU D 137 41.06 3.47 -33.15
CA GLU D 137 42.49 3.22 -33.08
C GLU D 137 43.25 4.41 -33.57
N SER D 138 42.75 5.07 -34.61
CA SER D 138 43.46 6.21 -35.12
C SER D 138 43.55 7.27 -34.08
N GLN D 139 42.45 7.53 -33.36
CA GLN D 139 42.50 8.57 -32.37
C GLN D 139 43.48 8.23 -31.27
N ASN D 140 43.59 6.95 -30.90
CA ASN D 140 44.53 6.60 -29.86
C ASN D 140 45.96 6.86 -30.32
N GLN D 141 46.23 6.59 -31.59
CA GLN D 141 47.58 6.80 -32.09
C GLN D 141 47.89 8.28 -32.13
N GLN D 142 46.90 9.08 -32.48
CA GLN D 142 47.12 10.50 -32.57
C GLN D 142 47.38 11.09 -31.20
N GLU D 143 46.64 10.66 -30.18
CA GLU D 143 46.88 11.23 -28.86
C GLU D 143 48.23 10.80 -28.32
N LYS D 144 48.64 9.57 -28.61
CA LYS D 144 49.92 9.11 -28.14
C LYS D 144 51.02 9.95 -28.76
N ASN D 145 50.89 10.24 -30.05
CA ASN D 145 51.93 11.01 -30.68
C ASN D 145 51.96 12.43 -30.16
N GLU D 146 50.80 13.00 -29.85
CA GLU D 146 50.79 14.35 -29.33
C GLU D 146 51.44 14.39 -27.96
N GLN D 147 51.23 13.37 -27.13
CA GLN D 147 51.86 13.39 -25.83
C GLN D 147 53.37 13.33 -26.00
N ASP D 148 53.85 12.52 -26.94
CA ASP D 148 55.30 12.44 -27.14
C ASP D 148 55.87 13.77 -27.59
N LEU D 149 55.12 14.49 -28.42
CA LEU D 149 55.58 15.78 -28.90
C LEU D 149 55.55 16.84 -27.81
N LEU D 150 54.53 16.82 -26.96
CA LEU D 150 54.46 17.82 -25.90
C LEU D 150 55.50 17.56 -24.82
N ALA D 151 55.98 16.31 -24.72
CA ALA D 151 57.05 15.92 -23.82
C ALA D 151 58.42 16.17 -24.44
N LEU D 152 58.47 16.62 -25.68
CA LEU D 152 59.72 16.83 -26.38
C LEU D 152 60.14 18.28 -26.26
N TRP E 5 53.77 19.26 -15.63
CA TRP E 5 54.10 17.87 -15.54
C TRP E 5 52.85 17.10 -15.23
N VAL E 6 51.78 17.79 -14.90
CA VAL E 6 50.56 17.04 -14.60
C VAL E 6 49.81 16.66 -15.88
N THR E 7 49.53 15.36 -16.03
CA THR E 7 48.75 14.83 -17.14
C THR E 7 47.54 14.11 -16.57
N VAL E 8 46.40 14.36 -17.16
CA VAL E 8 45.18 13.73 -16.71
C VAL E 8 44.86 12.57 -17.62
N TYR E 9 44.57 11.43 -17.03
CA TYR E 9 44.26 10.23 -17.76
C TYR E 9 42.84 9.75 -17.50
N TYR E 10 42.11 9.46 -18.56
CA TYR E 10 40.75 8.99 -18.37
C TYR E 10 40.54 7.64 -18.99
N GLY E 11 39.99 6.72 -18.21
CA GLY E 11 39.76 5.36 -18.64
C GLY E 11 40.78 4.49 -17.94
N VAL E 12 41.23 4.95 -16.79
CA VAL E 12 42.21 4.25 -16.00
C VAL E 12 41.59 2.99 -15.34
N PRO E 13 42.17 1.79 -15.50
CA PRO E 13 41.66 0.52 -15.01
C PRO E 13 41.85 0.30 -13.52
N VAL E 14 41.20 1.12 -12.73
CA VAL E 14 41.26 1.02 -11.27
C VAL E 14 39.89 1.00 -10.64
N TRP E 15 39.82 0.57 -9.40
CA TRP E 15 38.56 0.48 -8.68
C TRP E 15 38.65 0.58 -7.19
N LYS E 16 37.48 0.74 -6.60
CA LYS E 16 37.27 0.78 -5.15
C LYS E 16 36.26 -0.26 -4.70
N ASP E 17 36.37 -0.69 -3.45
CA ASP E 17 35.39 -1.62 -2.91
C ASP E 17 34.06 -0.96 -3.01
N ALA E 18 33.02 -1.66 -3.44
CA ALA E 18 31.76 -0.97 -3.55
C ALA E 18 30.56 -1.85 -3.41
N GLU E 19 29.46 -1.23 -3.06
CA GLU E 19 28.21 -1.93 -3.05
C GLU E 19 27.20 -1.18 -3.87
N THR E 20 26.58 -1.88 -4.77
CA THR E 20 25.56 -1.30 -5.62
C THR E 20 24.44 -2.26 -5.72
N THR E 21 23.40 -1.88 -6.42
CA THR E 21 22.27 -2.76 -6.63
C THR E 21 22.53 -3.63 -7.83
N LEU E 22 22.40 -4.93 -7.65
CA LEU E 22 22.61 -5.89 -8.72
C LEU E 22 21.30 -6.29 -9.33
N PHE E 23 21.35 -6.77 -10.55
CA PHE E 23 20.14 -7.26 -11.18
C PHE E 23 20.33 -8.71 -11.60
N CYS E 24 19.22 -9.42 -11.79
CA CYS E 24 19.35 -10.80 -12.19
C CYS E 24 19.33 -10.93 -13.69
N ALA E 25 19.85 -12.04 -14.16
CA ALA E 25 19.82 -12.41 -15.55
C ALA E 25 19.50 -13.90 -15.65
N SER E 26 18.88 -14.31 -16.75
CA SER E 26 18.53 -15.73 -16.91
C SER E 26 18.67 -16.25 -18.33
N ASP E 27 19.12 -17.50 -18.44
CA ASP E 27 19.26 -18.11 -19.75
C ASP E 27 17.95 -18.82 -20.11
N ALA E 28 17.15 -18.21 -20.98
CA ALA E 28 15.84 -18.73 -21.31
C ALA E 28 15.91 -20.22 -21.62
N ASN E 37 6.22 -18.43 -15.33
CA ASN E 37 5.31 -19.33 -14.63
C ASN E 37 6.01 -19.96 -13.44
N VAL E 38 7.33 -19.92 -13.50
CA VAL E 38 8.11 -20.56 -12.46
C VAL E 38 9.10 -19.63 -11.77
N TRP E 39 8.98 -19.55 -10.46
CA TRP E 39 9.86 -18.78 -9.63
C TRP E 39 9.90 -17.35 -10.09
N ALA E 40 10.83 -17.06 -10.96
CA ALA E 40 11.01 -15.72 -11.43
C ALA E 40 10.00 -15.52 -12.52
N THR E 41 8.77 -15.33 -12.12
CA THR E 41 7.70 -15.22 -13.10
C THR E 41 7.83 -13.93 -13.89
N HIS E 42 8.54 -12.95 -13.32
CA HIS E 42 8.85 -11.68 -13.99
C HIS E 42 10.12 -11.89 -14.80
N CYS E 43 10.74 -13.03 -14.54
CA CYS E 43 11.99 -13.49 -15.10
C CYS E 43 13.10 -12.50 -14.90
N CYS E 44 13.97 -12.38 -15.89
CA CYS E 44 15.14 -11.56 -15.81
C CYS E 44 15.53 -11.17 -17.21
N VAL E 45 16.45 -10.25 -17.33
CA VAL E 45 17.00 -9.92 -18.64
C VAL E 45 17.71 -11.18 -19.11
N PRO E 46 17.64 -11.56 -20.38
CA PRO E 46 18.35 -12.71 -20.88
C PRO E 46 19.85 -12.56 -20.66
N THR E 47 20.51 -13.68 -20.36
CA THR E 47 21.95 -13.71 -20.20
C THR E 47 22.67 -13.73 -21.51
N ASP E 48 23.97 -13.47 -21.41
CA ASP E 48 24.90 -13.58 -22.50
C ASP E 48 25.06 -15.07 -22.79
N PRO E 49 24.74 -15.58 -24.01
CA PRO E 49 24.91 -16.96 -24.39
C PRO E 49 26.35 -17.45 -24.27
N ASN E 50 27.31 -16.52 -24.27
CA ASN E 50 28.71 -16.88 -24.17
C ASN E 50 29.46 -15.84 -23.36
N PRO E 51 29.27 -15.80 -22.02
CA PRO E 51 29.76 -14.78 -21.13
C PRO E 51 31.26 -14.86 -21.05
N GLN E 52 31.88 -13.72 -20.86
CA GLN E 52 33.32 -13.67 -20.77
C GLN E 52 33.84 -13.57 -19.36
N GLU E 53 35.08 -14.01 -19.21
CA GLU E 53 35.83 -13.91 -17.98
C GLU E 53 37.22 -13.43 -18.32
N ILE E 54 37.69 -12.40 -17.64
CA ILE E 54 38.99 -11.87 -17.96
C ILE E 54 39.99 -12.25 -16.91
N HIS E 55 40.96 -13.07 -17.24
CA HIS E 55 41.91 -13.42 -16.21
C HIS E 55 42.70 -12.18 -15.91
N LEU E 56 42.94 -11.87 -14.64
CA LEU E 56 43.75 -10.68 -14.40
C LEU E 56 45.16 -11.06 -14.00
N GLU E 57 46.10 -10.83 -14.89
CA GLU E 57 47.46 -11.20 -14.58
C GLU E 57 48.02 -10.18 -13.62
N ASN E 58 48.79 -10.65 -12.65
CA ASN E 58 49.45 -9.80 -11.66
C ASN E 58 48.46 -8.91 -10.89
N VAL E 59 47.28 -9.46 -10.58
CA VAL E 59 46.31 -8.74 -9.78
C VAL E 59 45.85 -9.58 -8.64
N THR E 60 45.86 -9.01 -7.44
CA THR E 60 45.35 -9.76 -6.31
C THR E 60 44.22 -8.96 -5.74
N GLU E 61 43.35 -9.59 -4.98
CA GLU E 61 42.23 -8.88 -4.37
C GLU E 61 41.85 -9.47 -3.02
N GLU E 62 41.21 -8.69 -2.15
CA GLU E 62 40.79 -9.18 -0.84
C GLU E 62 39.28 -9.31 -0.70
N PHE E 63 38.86 -10.52 -0.34
CA PHE E 63 37.44 -10.83 -0.24
C PHE E 63 37.04 -11.15 1.19
N ASN E 64 35.80 -10.86 1.52
CA ASN E 64 35.28 -11.23 2.83
C ASN E 64 33.86 -11.68 2.64
N MET E 65 33.65 -12.98 2.64
CA MET E 65 32.36 -13.58 2.35
C MET E 65 31.34 -13.33 3.44
N TRP E 66 31.80 -12.88 4.60
CA TRP E 66 30.91 -12.67 5.71
C TRP E 66 30.39 -11.24 5.71
N LYS E 67 30.96 -10.41 4.84
CA LYS E 67 30.63 -8.99 4.73
C LYS E 67 30.18 -8.72 3.31
N ASN E 68 29.89 -9.77 2.59
CA ASN E 68 29.55 -9.70 1.20
C ASN E 68 28.08 -9.40 1.05
N ASN E 69 27.77 -8.18 0.65
CA ASN E 69 26.37 -7.77 0.66
C ASN E 69 25.64 -8.15 -0.62
N MET E 70 26.31 -8.94 -1.45
CA MET E 70 25.65 -9.47 -2.62
C MET E 70 24.66 -10.48 -2.08
N VAL E 71 24.99 -11.04 -0.90
CA VAL E 71 24.19 -12.04 -0.24
C VAL E 71 22.95 -11.39 0.28
N GLU E 72 23.13 -10.20 0.82
CA GLU E 72 22.05 -9.44 1.41
C GLU E 72 21.04 -9.10 0.33
N GLN E 73 21.51 -8.73 -0.85
CA GLN E 73 20.55 -8.46 -1.89
C GLN E 73 19.86 -9.72 -2.34
N MET E 74 20.59 -10.83 -2.43
CA MET E 74 19.90 -12.04 -2.84
C MET E 74 18.79 -12.34 -1.86
N HIS E 75 19.07 -12.20 -0.57
CA HIS E 75 18.08 -12.45 0.45
C HIS E 75 16.91 -11.53 0.33
N THR E 76 17.20 -10.25 0.22
CA THR E 76 16.16 -9.25 0.18
C THR E 76 15.25 -9.45 -1.00
N ASP E 77 15.83 -9.72 -2.16
CA ASP E 77 15.06 -9.87 -3.37
C ASP E 77 14.29 -11.16 -3.41
N ILE E 78 14.81 -12.24 -2.83
CA ILE E 78 14.04 -13.46 -2.83
C ILE E 78 12.81 -13.21 -2.00
N ILE E 79 12.95 -12.51 -0.86
CA ILE E 79 11.79 -12.24 -0.03
C ILE E 79 10.80 -11.43 -0.82
N SER E 80 11.28 -10.40 -1.49
CA SER E 80 10.38 -9.54 -2.24
C SER E 80 9.64 -10.34 -3.30
N LEU E 81 10.35 -11.21 -4.01
CA LEU E 81 9.73 -12.02 -5.04
C LEU E 81 8.69 -12.92 -4.45
N TRP E 82 9.04 -13.56 -3.34
CA TRP E 82 8.15 -14.46 -2.68
C TRP E 82 6.87 -13.73 -2.32
N ASP E 83 6.99 -12.57 -1.71
CA ASP E 83 5.79 -11.86 -1.33
C ASP E 83 4.97 -11.40 -2.51
N GLN E 84 5.62 -10.96 -3.59
CA GLN E 84 4.84 -10.51 -4.72
C GLN E 84 4.03 -11.63 -5.32
N SER E 85 4.58 -12.83 -5.29
CA SER E 85 3.90 -13.96 -5.89
C SER E 85 2.62 -14.33 -5.18
N LEU E 86 2.43 -13.87 -3.94
CA LEU E 86 1.25 -14.21 -3.18
C LEU E 86 0.24 -13.07 -3.21
N LYS E 87 0.61 -11.96 -3.82
CA LYS E 87 -0.24 -10.80 -3.78
C LYS E 87 -1.66 -11.02 -4.31
N PRO E 88 -1.88 -11.66 -5.47
CA PRO E 88 -3.18 -11.85 -6.06
C PRO E 88 -3.88 -13.10 -5.59
N CYS E 89 -3.35 -13.78 -4.58
CA CYS E 89 -3.90 -15.08 -4.26
C CYS E 89 -4.98 -15.02 -3.20
N VAL E 90 -5.75 -16.09 -3.14
CA VAL E 90 -6.87 -16.30 -2.24
C VAL E 90 -6.47 -16.33 -0.78
N LYS E 91 -7.22 -15.58 0.04
CA LYS E 91 -6.95 -15.53 1.46
C LYS E 91 -7.67 -16.65 2.14
N LEU E 92 -7.03 -17.23 3.15
CA LEU E 92 -7.62 -18.31 3.89
C LEU E 92 -8.07 -17.92 5.28
N THR E 93 -8.17 -16.64 5.55
CA THR E 93 -8.68 -16.21 6.83
C THR E 93 -10.16 -16.62 7.01
N PRO E 94 -10.98 -16.78 5.94
CA PRO E 94 -12.32 -17.30 6.01
C PRO E 94 -12.36 -18.73 6.56
N LEU E 95 -11.21 -19.42 6.62
CA LEU E 95 -11.18 -20.78 7.13
C LEU E 95 -10.95 -20.79 8.62
N CYS E 96 -10.80 -19.63 9.23
CA CYS E 96 -10.58 -19.62 10.66
C CYS E 96 -11.88 -19.80 11.42
N VAL E 97 -12.29 -21.05 11.42
CA VAL E 97 -13.54 -21.52 11.97
C VAL E 97 -13.25 -22.65 12.92
N THR E 98 -14.22 -23.02 13.74
CA THR E 98 -14.00 -24.13 14.63
C THR E 98 -14.12 -25.41 13.82
N LEU E 99 -13.19 -26.30 14.01
CA LEU E 99 -13.20 -27.56 13.31
C LEU E 99 -13.70 -28.67 14.21
N GLN E 100 -14.50 -29.55 13.66
CA GLN E 100 -14.94 -30.76 14.33
C GLN E 100 -14.00 -31.79 13.81
N CYS E 101 -13.14 -32.35 14.63
CA CYS E 101 -12.15 -33.17 13.94
C CYS E 101 -11.74 -34.44 14.68
N THR E 102 -11.59 -35.49 13.86
CA THR E 102 -11.18 -36.84 14.27
C THR E 102 -10.14 -37.47 13.36
N ASN E 103 -9.71 -38.66 13.71
CA ASN E 103 -8.71 -39.43 12.98
C ASN E 103 -9.24 -39.91 11.63
N VAL E 104 -8.44 -39.77 10.57
CA VAL E 104 -8.92 -40.17 9.23
C VAL E 104 -9.28 -41.64 9.00
N THR E 105 -8.63 -42.55 9.71
CA THR E 105 -8.79 -44.01 9.62
C THR E 105 -7.55 -44.67 9.12
N ASN E 106 -6.94 -45.33 10.08
CA ASN E 106 -5.78 -46.15 9.97
C ASN E 106 -5.84 -47.09 11.13
N ASN E 107 -4.87 -47.96 11.23
CA ASN E 107 -4.77 -48.82 12.39
C ASN E 107 -3.82 -48.19 13.39
N ILE E 108 -3.79 -48.69 14.61
CA ILE E 108 -2.90 -48.22 15.65
C ILE E 108 -1.86 -47.20 15.16
N GLY E 114 -1.37 -41.20 13.08
CA GLY E 114 -2.17 -40.13 13.66
C GLY E 114 -1.74 -38.79 13.10
N GLU E 115 -1.01 -38.83 11.98
CA GLU E 115 -0.53 -37.62 11.31
C GLU E 115 -1.63 -36.85 10.63
N LEU E 116 -2.62 -37.57 10.09
CA LEU E 116 -3.72 -36.94 9.40
C LEU E 116 -5.04 -37.06 10.07
N LYS E 117 -5.72 -35.92 10.07
CA LYS E 117 -7.02 -35.82 10.67
C LYS E 117 -8.07 -35.33 9.68
N ASN E 118 -9.27 -35.83 9.89
CA ASN E 118 -10.46 -35.54 9.11
C ASN E 118 -11.28 -34.46 9.79
N CYS E 119 -11.14 -33.24 9.31
CA CYS E 119 -11.78 -32.15 10.02
C CYS E 119 -12.91 -31.60 9.21
N SER E 120 -14.03 -31.33 9.85
CA SER E 120 -15.17 -30.77 9.16
C SER E 120 -15.54 -29.42 9.74
N PHE E 121 -16.13 -28.59 8.89
CA PHE E 121 -16.51 -27.26 9.29
C PHE E 121 -17.61 -26.60 8.47
N ASN E 122 -18.14 -25.53 9.03
CA ASN E 122 -19.19 -24.73 8.39
C ASN E 122 -18.55 -23.63 7.56
N MET E 123 -18.49 -23.82 6.25
CA MET E 123 -17.81 -22.92 5.33
C MET E 123 -18.76 -22.01 4.56
N THR E 124 -18.26 -20.85 4.15
CA THR E 124 -19.03 -19.93 3.33
C THR E 124 -19.07 -20.44 1.91
N THR E 125 -19.94 -19.86 1.10
CA THR E 125 -20.09 -20.20 -0.30
C THR E 125 -20.06 -18.90 -1.06
N GLU E 126 -20.35 -18.95 -2.36
CA GLU E 126 -20.41 -17.74 -3.16
C GLU E 126 -21.48 -16.75 -2.69
N LEU E 127 -22.50 -17.24 -1.96
CA LEU E 127 -23.51 -16.33 -1.46
C LEU E 127 -23.37 -16.22 0.03
N ARG E 128 -23.62 -15.04 0.54
CA ARG E 128 -23.48 -14.74 1.96
C ARG E 128 -24.58 -15.37 2.80
N ASP E 129 -25.64 -15.79 2.14
CA ASP E 129 -26.78 -16.40 2.77
C ASP E 129 -26.70 -17.91 2.77
N LYS E 130 -25.64 -18.46 2.24
CA LYS E 130 -25.55 -19.90 2.17
C LYS E 130 -24.32 -20.40 2.88
N LYS E 131 -24.43 -21.61 3.38
CA LYS E 131 -23.34 -22.26 4.05
C LYS E 131 -23.22 -23.67 3.53
N GLN E 132 -22.02 -24.21 3.63
CA GLN E 132 -21.80 -25.58 3.21
C GLN E 132 -20.98 -26.35 4.23
N LYS E 133 -21.22 -27.65 4.29
CA LYS E 133 -20.40 -28.47 5.17
C LYS E 133 -19.25 -28.99 4.37
N VAL E 134 -18.07 -28.69 4.84
CA VAL E 134 -16.86 -29.05 4.17
C VAL E 134 -15.94 -29.80 5.07
N TYR E 135 -15.32 -30.82 4.53
CA TYR E 135 -14.33 -31.51 5.32
C TYR E 135 -13.15 -31.71 4.44
N SER E 136 -11.99 -31.81 5.07
CA SER E 136 -10.75 -32.06 4.37
C SER E 136 -9.71 -32.62 5.29
N LEU E 137 -8.61 -33.06 4.71
CA LEU E 137 -7.55 -33.55 5.57
C LEU E 137 -6.50 -32.53 5.89
N PHE E 138 -6.07 -32.60 7.14
CA PHE E 138 -5.03 -31.74 7.65
C PHE E 138 -3.97 -32.51 8.35
N TYR E 139 -2.77 -31.96 8.34
CA TYR E 139 -1.69 -32.53 9.10
C TYR E 139 -1.79 -32.01 10.50
N ARG E 140 -1.48 -32.86 11.46
CA ARG E 140 -1.59 -32.48 12.85
C ARG E 140 -0.72 -31.29 13.23
N LEU E 141 0.36 -31.05 12.51
CA LEU E 141 1.24 -29.95 12.85
C LEU E 141 0.65 -28.58 12.55
N ASP E 142 -0.42 -28.52 11.77
CA ASP E 142 -1.06 -27.27 11.44
C ASP E 142 -2.36 -27.06 12.21
N VAL E 143 -2.70 -27.97 13.12
CA VAL E 143 -3.99 -27.91 13.81
C VAL E 143 -3.82 -27.99 15.34
N VAL E 144 -4.52 -27.12 16.07
CA VAL E 144 -4.40 -27.11 17.52
C VAL E 144 -5.73 -27.37 18.20
N GLN E 145 -5.73 -28.19 19.25
CA GLN E 145 -6.99 -28.45 19.94
C GLN E 145 -7.30 -27.32 20.86
N ILE E 146 -8.54 -26.85 20.81
CA ILE E 146 -8.95 -25.78 21.69
C ILE E 146 -9.72 -26.33 22.89
N ASN E 147 -10.55 -27.34 22.66
CA ASN E 147 -11.32 -27.88 23.78
C ASN E 147 -10.49 -28.95 24.47
N GLU E 148 -9.46 -28.49 25.14
CA GLU E 148 -8.53 -29.35 25.82
C GLU E 148 -9.27 -30.22 26.82
N ASN E 158 -15.71 -36.28 17.69
CA ASN E 158 -14.91 -35.12 17.31
C ASN E 158 -14.60 -34.21 18.47
N LYS E 159 -13.40 -33.65 18.44
CA LYS E 159 -12.99 -32.67 19.42
C LYS E 159 -12.86 -31.35 18.71
N GLU E 160 -12.92 -30.25 19.44
CA GLU E 160 -12.82 -28.94 18.80
C GLU E 160 -11.40 -28.45 18.62
N TYR E 161 -11.10 -28.14 17.36
CA TYR E 161 -9.80 -27.68 16.89
C TYR E 161 -9.88 -26.42 16.08
N ARG E 162 -8.77 -25.73 15.96
CA ARG E 162 -8.68 -24.61 15.05
C ARG E 162 -7.40 -24.71 14.28
N LEU E 163 -7.30 -23.98 13.19
CA LEU E 163 -6.03 -23.98 12.50
C LEU E 163 -5.11 -23.27 13.45
N ILE E 164 -3.91 -23.79 13.57
CA ILE E 164 -2.95 -23.30 14.55
C ILE E 164 -2.56 -21.84 14.42
N ASN E 165 -2.61 -21.28 13.24
CA ASN E 165 -2.21 -19.89 13.08
C ASN E 165 -3.34 -18.88 13.09
N CYS E 166 -4.57 -19.29 13.35
CA CYS E 166 -5.67 -18.32 13.26
C CYS E 166 -5.76 -17.29 14.37
N ASN E 167 -4.90 -17.34 15.35
CA ASN E 167 -4.93 -16.32 16.38
C ASN E 167 -3.81 -15.32 16.14
N THR E 168 -2.84 -15.70 15.31
CA THR E 168 -1.63 -14.93 15.16
C THR E 168 -1.41 -14.31 13.81
N SER E 169 -1.85 -14.97 12.75
CA SER E 169 -1.49 -14.50 11.44
C SER E 169 -2.50 -14.67 10.35
N ALA E 170 -2.34 -13.87 9.32
CA ALA E 170 -3.17 -14.06 8.16
C ALA E 170 -2.57 -15.20 7.38
N ILE E 171 -3.41 -16.04 6.81
CA ILE E 171 -2.89 -17.12 6.01
C ILE E 171 -3.33 -16.92 4.58
N THR E 172 -2.38 -16.94 3.67
CA THR E 172 -2.64 -16.77 2.24
C THR E 172 -2.33 -18.03 1.48
N GLN E 173 -3.23 -18.47 0.61
CA GLN E 173 -3.00 -19.66 -0.18
C GLN E 173 -2.06 -19.33 -1.30
N ALA E 174 -1.02 -20.11 -1.51
CA ALA E 174 -0.21 -19.81 -2.67
C ALA E 174 -1.01 -20.23 -3.87
N CYS E 175 -1.00 -19.44 -4.92
CA CYS E 175 -1.73 -19.83 -6.08
C CYS E 175 -1.09 -21.10 -6.63
N PRO E 176 -1.84 -22.19 -6.84
CA PRO E 176 -1.37 -23.50 -7.27
C PRO E 176 -0.79 -23.51 -8.67
N LYS E 177 -1.08 -22.45 -9.40
CA LYS E 177 -0.61 -22.30 -10.76
C LYS E 177 0.85 -21.83 -10.80
N VAL E 178 1.39 -21.39 -9.66
CA VAL E 178 2.74 -20.86 -9.65
C VAL E 178 3.71 -21.85 -9.06
N SER E 179 4.73 -22.19 -9.82
CA SER E 179 5.74 -23.11 -9.33
C SER E 179 6.87 -22.30 -8.76
N PHE E 180 7.51 -22.82 -7.73
CA PHE E 180 8.65 -22.14 -7.15
C PHE E 180 9.96 -22.88 -7.32
N GLU E 181 10.03 -23.76 -8.32
CA GLU E 181 11.28 -24.46 -8.55
C GLU E 181 12.40 -23.43 -8.60
N PRO E 182 13.49 -23.62 -7.85
CA PRO E 182 14.60 -22.69 -7.76
C PRO E 182 15.51 -22.73 -8.96
N ILE E 183 15.00 -22.23 -10.07
CA ILE E 183 15.74 -22.17 -11.31
C ILE E 183 16.88 -21.19 -11.10
N PRO E 184 18.13 -21.54 -11.40
CA PRO E 184 19.25 -20.69 -11.17
C PRO E 184 19.24 -19.45 -12.00
N ILE E 185 19.71 -18.38 -11.39
CA ILE E 185 19.85 -17.08 -12.04
C ILE E 185 21.25 -16.54 -11.87
N HIS E 186 21.62 -15.60 -12.69
CA HIS E 186 22.94 -15.01 -12.62
C HIS E 186 22.81 -13.61 -12.08
N TYR E 187 23.75 -13.16 -11.24
CA TYR E 187 23.69 -11.77 -10.84
C TYR E 187 24.63 -10.99 -11.66
N CYS E 188 24.19 -9.82 -12.07
CA CYS E 188 25.02 -8.98 -12.92
C CYS E 188 25.15 -7.56 -12.39
N ALA E 189 26.35 -7.02 -12.55
CA ALA E 189 26.62 -5.65 -12.14
C ALA E 189 26.15 -4.66 -13.22
N PRO E 190 25.69 -3.47 -12.82
CA PRO E 190 25.31 -2.34 -13.66
C PRO E 190 26.51 -1.63 -14.23
N ALA E 191 26.29 -0.82 -15.25
CA ALA E 191 27.39 -0.04 -15.79
C ALA E 191 28.01 0.82 -14.71
N GLY E 192 29.34 0.88 -14.75
CA GLY E 192 30.15 1.61 -13.78
C GLY E 192 30.73 0.64 -12.74
N PHE E 193 30.23 -0.60 -12.76
CA PHE E 193 30.64 -1.65 -11.85
C PHE E 193 31.08 -2.94 -12.54
N ALA E 194 31.87 -3.70 -11.79
CA ALA E 194 32.34 -4.99 -12.26
C ALA E 194 32.42 -5.95 -11.09
N ILE E 195 32.39 -7.24 -11.39
CA ILE E 195 32.50 -8.21 -10.32
C ILE E 195 33.80 -8.97 -10.44
N LEU E 196 34.55 -9.01 -9.37
CA LEU E 196 35.79 -9.74 -9.42
C LEU E 196 35.50 -11.12 -8.86
N LYS E 197 36.13 -12.13 -9.43
CA LYS E 197 35.92 -13.50 -9.01
C LYS E 197 37.20 -14.26 -8.70
N CYS E 198 37.17 -15.09 -7.65
CA CYS E 198 38.30 -15.94 -7.34
C CYS E 198 38.35 -17.23 -8.15
N LYS E 199 39.57 -17.59 -8.53
CA LYS E 199 39.89 -18.88 -9.16
C LYS E 199 40.68 -19.75 -8.22
N ASP E 200 40.77 -19.31 -6.98
CA ASP E 200 41.52 -20.02 -5.96
C ASP E 200 40.67 -21.11 -5.32
N LYS E 201 41.00 -22.34 -5.69
CA LYS E 201 40.26 -23.55 -5.30
C LYS E 201 40.36 -23.87 -3.82
N LYS E 202 41.31 -23.22 -3.16
CA LYS E 202 41.55 -23.41 -1.74
C LYS E 202 41.10 -22.21 -0.94
N PHE E 203 40.43 -21.26 -1.58
CA PHE E 203 40.07 -20.03 -0.93
C PHE E 203 39.00 -20.19 0.14
N ASN E 204 39.24 -19.60 1.30
CA ASN E 204 38.25 -19.72 2.37
C ASN E 204 37.39 -18.48 2.58
N GLY E 205 37.55 -17.44 1.77
CA GLY E 205 36.68 -16.27 1.88
C GLY E 205 36.92 -15.20 2.96
N THR E 206 38.04 -15.21 3.69
CA THR E 206 38.29 -14.21 4.74
C THR E 206 39.58 -13.43 4.52
N GLY E 207 40.04 -13.36 3.28
CA GLY E 207 41.31 -12.70 3.02
C GLY E 207 41.67 -12.63 1.53
N PRO E 208 42.94 -12.31 1.25
CA PRO E 208 43.53 -12.15 -0.06
C PRO E 208 43.36 -13.39 -0.90
N CYS E 209 43.06 -13.16 -2.16
CA CYS E 209 42.83 -14.12 -3.21
C CYS E 209 43.83 -13.84 -4.35
N PRO E 210 44.96 -14.54 -4.41
CA PRO E 210 46.05 -14.38 -5.37
C PRO E 210 45.69 -14.60 -6.84
N SER E 211 44.58 -15.26 -7.12
CA SER E 211 44.23 -15.50 -8.51
C SER E 211 42.78 -15.16 -8.76
N VAL E 212 42.61 -14.09 -9.51
CA VAL E 212 41.31 -13.53 -9.81
C VAL E 212 41.08 -13.26 -11.28
N SER E 213 39.82 -13.06 -11.60
CA SER E 213 39.37 -12.68 -12.92
C SER E 213 38.19 -11.73 -12.86
N THR E 214 37.90 -11.06 -13.96
CA THR E 214 36.77 -10.14 -14.01
C THR E 214 35.62 -10.67 -14.82
N VAL E 215 34.43 -10.59 -14.22
CA VAL E 215 33.22 -11.01 -14.87
C VAL E 215 32.19 -9.90 -14.76
N GLN E 216 31.16 -9.92 -15.59
CA GLN E 216 30.10 -8.95 -15.43
C GLN E 216 28.97 -9.62 -14.65
N CYS E 217 28.86 -10.92 -14.85
CA CYS E 217 27.83 -11.73 -14.23
C CYS E 217 28.40 -12.94 -13.51
N THR E 218 27.71 -13.37 -12.47
CA THR E 218 28.07 -14.56 -11.69
C THR E 218 27.57 -15.77 -12.42
N HIS E 219 27.96 -16.95 -11.94
CA HIS E 219 27.47 -18.20 -12.48
C HIS E 219 26.03 -18.31 -12.06
N GLY E 220 25.30 -19.27 -12.62
CA GLY E 220 23.92 -19.37 -12.19
C GLY E 220 23.89 -19.96 -10.79
N ILE E 221 23.10 -19.35 -9.92
CA ILE E 221 22.93 -19.77 -8.55
C ILE E 221 21.49 -20.11 -8.27
N LYS E 222 21.25 -21.29 -7.71
CA LYS E 222 19.90 -21.69 -7.40
C LYS E 222 19.44 -21.02 -6.11
N PRO E 223 18.31 -20.30 -6.13
CA PRO E 223 17.75 -19.63 -4.98
C PRO E 223 17.01 -20.65 -4.15
N VAL E 224 17.77 -21.52 -3.55
CA VAL E 224 17.25 -22.64 -2.82
C VAL E 224 17.13 -22.35 -1.34
N VAL E 225 16.06 -22.84 -0.77
CA VAL E 225 15.85 -22.70 0.65
C VAL E 225 15.98 -24.01 1.36
N SER E 226 16.80 -24.02 2.39
CA SER E 226 17.05 -25.19 3.21
C SER E 226 17.58 -24.76 4.56
N THR E 227 17.76 -25.73 5.46
CA THR E 227 18.26 -25.44 6.80
C THR E 227 19.58 -26.15 7.06
N GLN E 228 19.51 -27.37 7.53
CA GLN E 228 20.71 -28.13 7.88
C GLN E 228 21.58 -28.54 6.71
N LEU E 229 20.99 -28.92 5.58
CA LEU E 229 21.80 -29.31 4.46
C LEU E 229 21.53 -28.46 3.23
N LEU E 230 22.56 -28.28 2.43
CA LEU E 230 22.47 -27.57 1.16
C LEU E 230 22.44 -28.65 0.12
N LEU E 231 21.31 -28.80 -0.59
CA LEU E 231 21.18 -29.94 -1.47
C LEU E 231 21.24 -29.74 -3.00
N ASN E 232 21.66 -28.58 -3.47
CA ASN E 232 21.76 -28.36 -4.90
C ASN E 232 22.70 -27.25 -5.33
N GLY E 233 23.77 -27.00 -4.56
CA GLY E 233 24.69 -25.92 -4.90
C GLY E 233 25.91 -26.45 -5.64
N SER E 234 26.99 -25.71 -5.56
CA SER E 234 28.22 -26.08 -6.25
C SER E 234 29.06 -26.99 -5.39
N LEU E 235 29.86 -27.80 -6.02
CA LEU E 235 30.82 -28.63 -5.32
C LEU E 235 32.17 -28.00 -5.36
N ALA E 236 32.97 -28.32 -4.36
CA ALA E 236 34.34 -27.87 -4.28
C ALA E 236 35.09 -28.53 -5.42
N GLU E 237 36.06 -27.82 -5.99
CA GLU E 237 36.80 -28.35 -7.12
C GLU E 237 37.70 -29.54 -6.81
N GLU E 238 38.34 -29.52 -5.65
CA GLU E 238 39.29 -30.56 -5.32
C GLU E 238 39.06 -31.27 -4.00
N GLU E 239 38.81 -30.50 -2.96
CA GLU E 239 38.79 -31.00 -1.60
C GLU E 239 37.63 -30.42 -0.85
N VAL E 240 37.20 -31.11 0.20
CA VAL E 240 36.12 -30.58 0.99
C VAL E 240 36.61 -29.31 1.65
N MET E 241 35.84 -28.26 1.51
CA MET E 241 36.23 -27.00 2.10
C MET E 241 35.44 -26.67 3.31
N ILE E 242 36.14 -26.23 4.33
CA ILE E 242 35.45 -25.84 5.53
C ILE E 242 35.70 -24.38 5.77
N ARG E 243 34.63 -23.61 5.81
CA ARG E 243 34.78 -22.18 5.96
C ARG E 243 34.00 -21.65 7.17
N SER E 244 34.58 -20.70 7.84
CA SER E 244 33.91 -20.06 8.96
C SER E 244 34.46 -18.71 9.12
N GLU E 245 33.67 -17.80 9.64
CA GLU E 245 34.17 -16.49 9.91
C GLU E 245 35.28 -16.58 10.95
N ASN E 246 35.17 -17.53 11.90
CA ASN E 246 36.19 -17.59 12.93
C ASN E 246 36.71 -18.99 13.34
N ILE E 247 35.85 -20.03 13.34
CA ILE E 247 36.17 -21.38 13.90
C ILE E 247 36.33 -21.39 15.42
N THR E 248 37.28 -20.61 15.92
CA THR E 248 37.59 -20.52 17.35
C THR E 248 36.41 -19.97 18.12
N ASN E 249 35.78 -18.97 17.58
CA ASN E 249 34.62 -18.39 18.21
C ASN E 249 33.42 -19.27 17.89
N ASN E 250 32.86 -19.90 18.92
CA ASN E 250 31.78 -20.87 18.80
C ASN E 250 30.46 -20.23 18.44
N ALA E 251 30.42 -18.92 18.38
CA ALA E 251 29.21 -18.23 17.99
C ALA E 251 29.06 -18.23 16.48
N LYS E 252 30.13 -18.62 15.79
CA LYS E 252 30.10 -18.62 14.34
C LYS E 252 29.74 -19.98 13.80
N ASN E 253 29.15 -19.99 12.61
CA ASN E 253 28.80 -21.23 11.96
C ASN E 253 29.92 -21.73 11.09
N ILE E 254 29.90 -23.03 10.83
CA ILE E 254 30.83 -23.64 9.93
C ILE E 254 30.13 -24.14 8.69
N LEU E 255 30.58 -23.67 7.55
CA LEU E 255 29.97 -24.05 6.31
C LEU E 255 30.86 -25.06 5.61
N VAL E 256 30.32 -26.24 5.37
CA VAL E 256 31.11 -27.30 4.78
C VAL E 256 30.69 -27.58 3.35
N GLN E 257 31.63 -27.45 2.42
CA GLN E 257 31.36 -27.68 1.01
C GLN E 257 32.02 -28.94 0.51
N PHE E 258 31.22 -29.83 -0.04
CA PHE E 258 31.76 -31.11 -0.47
C PHE E 258 32.37 -31.02 -1.82
N ASN E 259 33.36 -31.87 -2.11
CA ASN E 259 33.94 -31.96 -3.43
C ASN E 259 33.30 -33.08 -4.24
N THR E 260 32.32 -33.73 -3.65
CA THR E 260 31.56 -34.80 -4.27
C THR E 260 30.12 -34.64 -3.84
N PRO E 261 29.14 -34.98 -4.68
CA PRO E 261 27.74 -34.96 -4.34
C PRO E 261 27.39 -36.17 -3.50
N VAL E 262 26.38 -36.06 -2.66
CA VAL E 262 25.85 -37.26 -2.03
C VAL E 262 24.40 -37.39 -2.45
N GLN E 263 24.03 -38.48 -3.11
CA GLN E 263 22.65 -38.51 -3.56
C GLN E 263 21.64 -38.95 -2.52
N ILE E 264 20.52 -38.22 -2.51
CA ILE E 264 19.36 -38.48 -1.66
C ILE E 264 18.06 -38.66 -2.45
N ASN E 265 17.36 -39.76 -2.19
CA ASN E 265 16.06 -40.00 -2.80
C ASN E 265 14.93 -39.75 -1.80
N CYS E 266 14.18 -38.67 -1.97
CA CYS E 266 13.11 -38.33 -1.04
C CYS E 266 11.73 -38.60 -1.58
N THR E 267 10.80 -38.91 -0.69
CA THR E 267 9.44 -39.12 -1.12
C THR E 267 8.36 -38.85 -0.10
N ARG E 268 7.18 -38.57 -0.65
CA ARG E 268 5.94 -38.45 0.09
C ARG E 268 5.07 -39.53 -0.55
N PRO E 269 5.20 -40.78 -0.09
CA PRO E 269 4.69 -41.99 -0.70
C PRO E 269 3.23 -42.20 -0.43
N ASN E 270 2.41 -41.22 -0.73
CA ASN E 270 1.01 -41.29 -0.46
C ASN E 270 0.21 -40.77 -1.61
N ASN E 271 -0.56 -41.64 -2.25
CA ASN E 271 -1.34 -41.21 -3.41
C ASN E 271 -2.58 -40.49 -2.94
N ASN E 272 -2.58 -39.18 -3.12
CA ASN E 272 -3.67 -38.36 -2.63
C ASN E 272 -4.38 -37.63 -3.73
N THR E 273 -5.62 -37.25 -3.44
CA THR E 273 -6.42 -36.47 -4.37
C THR E 273 -6.61 -35.08 -3.84
N ARG E 274 -7.05 -34.18 -4.70
CA ARG E 274 -7.30 -32.81 -4.30
C ARG E 274 -8.65 -32.36 -4.80
N LYS E 275 -9.28 -31.50 -4.03
CA LYS E 275 -10.54 -30.93 -4.43
C LYS E 275 -10.54 -29.44 -4.17
N SER E 276 -11.33 -28.70 -4.91
CA SER E 276 -11.41 -27.29 -4.63
C SER E 276 -12.77 -26.95 -4.08
N ILE E 277 -12.79 -25.99 -3.18
CA ILE E 277 -14.00 -25.51 -2.56
C ILE E 277 -14.21 -24.05 -2.93
N ARG E 278 -15.38 -23.70 -3.43
CA ARG E 278 -15.54 -22.29 -3.70
C ARG E 278 -15.80 -21.67 -2.34
N ILE E 279 -15.07 -20.63 -1.99
CA ILE E 279 -15.29 -20.02 -0.69
C ILE E 279 -15.95 -18.67 -0.82
N GLY E 280 -15.86 -18.11 -2.03
CA GLY E 280 -16.48 -16.84 -2.35
C GLY E 280 -16.31 -16.63 -3.83
N PRO E 281 -16.90 -15.60 -4.42
CA PRO E 281 -16.84 -15.36 -5.85
C PRO E 281 -15.41 -15.23 -6.30
N GLY E 282 -15.03 -16.07 -7.24
CA GLY E 282 -13.69 -16.01 -7.81
C GLY E 282 -12.62 -16.62 -6.90
N GLN E 283 -13.01 -17.13 -5.74
CA GLN E 283 -12.02 -17.65 -4.80
C GLN E 283 -12.21 -19.08 -4.44
N TRP E 284 -11.17 -19.86 -4.73
CA TRP E 284 -11.20 -21.26 -4.45
C TRP E 284 -10.14 -21.67 -3.46
N PHE E 285 -10.54 -22.56 -2.58
CA PHE E 285 -9.66 -23.16 -1.60
C PHE E 285 -9.32 -24.56 -1.97
N TYR E 286 -8.03 -24.86 -1.98
CA TYR E 286 -7.60 -26.18 -2.34
C TYR E 286 -7.27 -27.00 -1.12
N ALA E 287 -7.81 -28.21 -1.09
CA ALA E 287 -7.58 -29.08 0.05
C ALA E 287 -7.49 -30.53 -0.35
N THR E 288 -6.81 -31.31 0.48
CA THR E 288 -6.69 -32.72 0.22
C THR E 288 -8.05 -33.35 0.33
N GLY E 289 -8.37 -34.12 -0.68
CA GLY E 289 -9.63 -34.81 -0.78
C GLY E 289 -9.55 -36.09 0.00
N ASP E 290 -8.92 -37.10 -0.57
CA ASP E 290 -8.80 -38.34 0.14
C ASP E 290 -7.45 -39.01 -0.07
N ILE E 291 -7.30 -40.14 0.59
CA ILE E 291 -6.14 -40.99 0.50
C ILE E 291 -6.58 -42.22 -0.21
N ILE E 292 -5.96 -42.51 -1.34
CA ILE E 292 -6.38 -43.58 -2.21
C ILE E 292 -5.30 -44.62 -2.36
N GLY E 293 -4.68 -44.87 -1.22
CA GLY E 293 -3.60 -45.81 -1.05
C GLY E 293 -3.38 -46.00 0.44
N ASP E 294 -2.20 -46.50 0.80
CA ASP E 294 -1.92 -46.71 2.21
C ASP E 294 -1.48 -45.41 2.82
N ILE E 295 -1.20 -45.43 4.11
CA ILE E 295 -0.70 -44.25 4.75
C ILE E 295 0.70 -44.53 5.21
N ARG E 296 1.63 -43.76 4.69
CA ARG E 296 3.03 -43.95 4.98
C ARG E 296 3.73 -42.65 5.35
N GLN E 297 4.79 -42.77 6.12
CA GLN E 297 5.55 -41.59 6.49
C GLN E 297 6.44 -41.12 5.36
N ALA E 298 6.54 -39.81 5.22
CA ALA E 298 7.45 -39.23 4.25
C ALA E 298 8.85 -39.55 4.71
N HIS E 299 9.75 -39.74 3.77
CA HIS E 299 11.12 -40.04 4.16
C HIS E 299 12.15 -39.80 3.09
N CYS E 300 13.40 -39.76 3.51
CA CYS E 300 14.53 -39.64 2.59
C CYS E 300 15.58 -40.71 2.75
N ASN E 301 16.05 -41.23 1.62
CA ASN E 301 17.09 -42.25 1.54
C ASN E 301 18.41 -41.73 1.04
N VAL E 302 19.41 -41.69 1.91
CA VAL E 302 20.71 -41.19 1.50
C VAL E 302 21.65 -42.37 1.41
N SER E 303 22.48 -42.43 0.38
CA SER E 303 23.37 -43.58 0.31
C SER E 303 24.18 -43.71 1.58
N LYS E 304 24.13 -44.89 2.19
CA LYS E 304 24.81 -45.09 3.46
C LYS E 304 26.29 -45.07 3.31
N ALA E 305 26.78 -45.74 2.28
CA ALA E 305 28.21 -45.79 2.13
C ALA E 305 28.77 -44.42 1.82
N THR E 306 28.05 -43.69 0.98
CA THR E 306 28.57 -42.39 0.59
C THR E 306 28.59 -41.50 1.80
N TRP E 307 27.52 -41.52 2.60
CA TRP E 307 27.46 -40.65 3.74
C TRP E 307 28.60 -40.94 4.70
N ASN E 308 28.88 -42.21 4.98
CA ASN E 308 29.97 -42.50 5.90
C ASN E 308 31.29 -41.95 5.37
N GLU E 309 31.55 -42.15 4.08
CA GLU E 309 32.79 -41.67 3.50
C GLU E 309 32.86 -40.16 3.53
N THR E 310 31.71 -39.53 3.31
CA THR E 310 31.59 -38.10 3.27
C THR E 310 31.96 -37.50 4.61
N LEU E 311 31.44 -38.06 5.71
CA LEU E 311 31.82 -37.50 6.98
C LEU E 311 33.27 -37.75 7.27
N GLY E 312 33.81 -38.89 6.86
CA GLY E 312 35.21 -39.12 7.13
C GLY E 312 36.06 -38.02 6.50
N LYS E 313 35.70 -37.61 5.27
CA LYS E 313 36.44 -36.54 4.61
C LYS E 313 36.32 -35.24 5.38
N VAL E 314 35.13 -34.96 5.91
CA VAL E 314 34.92 -33.74 6.65
C VAL E 314 35.79 -33.73 7.87
N VAL E 315 35.86 -34.85 8.55
CA VAL E 315 36.65 -34.97 9.75
C VAL E 315 38.13 -34.77 9.44
N LYS E 316 38.63 -35.36 8.36
CA LYS E 316 40.03 -35.17 8.03
C LYS E 316 40.36 -33.70 7.89
N GLN E 317 39.45 -32.94 7.28
CA GLN E 317 39.69 -31.51 7.13
C GLN E 317 39.42 -30.75 8.43
N LEU E 318 38.44 -31.18 9.22
CA LEU E 318 38.17 -30.46 10.47
C LEU E 318 39.36 -30.51 11.37
N ARG E 319 40.05 -31.64 11.39
CA ARG E 319 41.18 -31.81 12.29
C ARG E 319 42.24 -30.74 12.09
N LYS E 320 42.32 -30.13 10.92
CA LYS E 320 43.34 -29.12 10.71
C LYS E 320 43.23 -27.98 11.72
N HIS E 321 42.05 -27.76 12.28
CA HIS E 321 41.81 -26.72 13.25
C HIS E 321 41.69 -27.22 14.68
N PHE E 322 41.70 -28.53 14.86
CA PHE E 322 41.46 -29.09 16.19
C PHE E 322 42.55 -30.00 16.71
N GLY E 323 43.39 -30.52 15.83
CA GLY E 323 44.44 -31.46 16.15
C GLY E 323 44.27 -32.80 15.45
N ASN E 324 45.39 -33.36 15.02
CA ASN E 324 45.43 -34.62 14.26
C ASN E 324 44.97 -35.81 15.06
N ASN E 325 45.06 -35.70 16.37
CA ASN E 325 44.69 -36.74 17.29
C ASN E 325 43.53 -36.33 18.18
N THR E 326 42.79 -35.32 17.75
CA THR E 326 41.63 -34.84 18.48
C THR E 326 40.44 -35.64 17.99
N ILE E 327 39.59 -36.07 18.90
CA ILE E 327 38.44 -36.85 18.51
C ILE E 327 37.30 -35.98 18.06
N ILE E 328 36.72 -36.32 16.92
CA ILE E 328 35.60 -35.56 16.41
C ILE E 328 34.30 -36.32 16.46
N ARG E 329 33.30 -35.71 17.06
CA ARG E 329 32.03 -36.37 17.19
C ARG E 329 30.90 -35.64 16.50
N PHE E 330 30.02 -36.42 15.90
CA PHE E 330 28.82 -35.86 15.32
C PHE E 330 27.62 -36.29 16.10
N ALA E 331 26.94 -35.29 16.62
CA ALA E 331 25.75 -35.45 17.42
C ALA E 331 24.61 -34.83 16.67
N ASN E 332 23.38 -35.12 17.07
CA ASN E 332 22.25 -34.53 16.36
C ASN E 332 21.98 -33.11 16.81
N SER E 333 20.95 -32.52 16.25
CA SER E 333 20.61 -31.15 16.55
C SER E 333 20.06 -30.99 17.96
N SER E 334 20.06 -29.75 18.44
CA SER E 334 19.54 -29.38 19.74
C SER E 334 18.02 -29.34 19.67
N GLY E 335 17.34 -29.23 20.81
CA GLY E 335 15.88 -29.17 20.77
C GLY E 335 15.38 -27.79 20.33
N GLY E 336 14.09 -27.71 19.97
CA GLY E 336 13.49 -26.47 19.51
C GLY E 336 12.48 -26.76 18.41
N ASP E 337 12.05 -25.72 17.72
CA ASP E 337 11.06 -25.84 16.64
C ASP E 337 11.61 -26.62 15.46
N LEU E 338 10.74 -27.22 14.67
CA LEU E 338 11.16 -28.00 13.53
C LEU E 338 11.97 -27.14 12.56
N GLU E 339 11.66 -25.85 12.47
CA GLU E 339 12.37 -24.97 11.55
C GLU E 339 13.86 -24.88 11.88
N VAL E 340 14.24 -25.14 13.13
CA VAL E 340 15.63 -25.04 13.51
C VAL E 340 16.25 -26.38 13.93
N THR E 341 15.42 -27.43 14.14
CA THR E 341 15.96 -28.73 14.54
C THR E 341 15.99 -29.75 13.43
N THR E 342 15.23 -29.53 12.36
CA THR E 342 15.15 -30.50 11.27
C THR E 342 15.72 -29.96 9.98
N HIS E 343 15.87 -30.88 9.05
CA HIS E 343 16.27 -30.49 7.73
C HIS E 343 15.07 -30.28 6.88
N SER E 344 14.85 -29.04 6.44
CA SER E 344 13.66 -28.80 5.69
C SER E 344 13.95 -28.48 4.26
N PHE E 345 12.98 -28.82 3.42
CA PHE E 345 13.05 -28.51 2.01
C PHE E 345 11.72 -28.48 1.28
N ASN E 346 11.74 -27.85 0.12
CA ASN E 346 10.61 -27.76 -0.79
C ASN E 346 10.76 -28.64 -2.03
N CYS E 347 9.96 -29.71 -2.11
CA CYS E 347 9.97 -30.65 -3.22
C CYS E 347 8.61 -30.80 -3.88
N GLY E 348 8.47 -30.21 -5.05
CA GLY E 348 7.22 -30.25 -5.79
C GLY E 348 6.24 -29.23 -5.27
N GLY E 349 6.67 -28.46 -4.29
CA GLY E 349 5.86 -27.48 -3.62
C GLY E 349 5.49 -28.00 -2.23
N GLU E 350 5.87 -29.24 -1.93
CA GLU E 350 5.57 -29.80 -0.62
C GLU E 350 6.67 -29.47 0.37
N PHE E 351 6.29 -29.30 1.63
CA PHE E 351 7.25 -28.97 2.68
C PHE E 351 7.54 -30.06 3.68
N PHE E 352 8.79 -30.52 3.60
CA PHE E 352 9.32 -31.62 4.38
C PHE E 352 10.18 -31.14 5.51
N TYR E 353 10.08 -31.81 6.66
CA TYR E 353 10.87 -31.59 7.86
C TYR E 353 11.51 -32.87 8.35
N CYS E 354 12.72 -33.15 7.90
CA CYS E 354 13.32 -34.46 8.13
C CYS E 354 14.19 -34.54 9.37
N ASN E 355 14.09 -35.69 10.02
CA ASN E 355 14.85 -36.01 11.20
C ASN E 355 16.18 -36.59 10.81
N THR E 356 17.21 -35.77 10.96
CA THR E 356 18.55 -36.04 10.54
C THR E 356 19.39 -36.63 11.63
N SER E 357 18.77 -37.02 12.73
CA SER E 357 19.54 -37.58 13.82
C SER E 357 20.32 -38.80 13.35
N GLY E 358 19.74 -39.56 12.43
CA GLY E 358 20.37 -40.76 11.90
C GLY E 358 21.64 -40.49 11.11
N LEU E 359 21.87 -39.24 10.73
CA LEU E 359 23.04 -38.89 9.98
C LEU E 359 24.19 -38.45 10.86
N PHE E 360 23.91 -38.07 12.10
CA PHE E 360 24.90 -37.49 12.97
C PHE E 360 24.87 -38.18 14.31
N ASN E 361 25.41 -39.39 14.33
CA ASN E 361 25.39 -40.25 15.48
C ASN E 361 26.65 -41.11 15.52
N SER E 362 27.81 -40.48 15.48
CA SER E 362 29.05 -41.26 15.48
C SER E 362 30.27 -40.50 15.97
N THR E 363 31.28 -41.24 16.42
CA THR E 363 32.50 -40.62 16.87
C THR E 363 33.67 -41.09 16.02
N TRP E 364 34.41 -40.13 15.51
CA TRP E 364 35.54 -40.37 14.65
C TRP E 364 36.85 -40.22 15.38
N ILE E 365 37.55 -41.34 15.50
CA ILE E 365 38.78 -41.37 16.26
C ILE E 365 39.92 -41.65 15.32
N SER E 366 40.97 -40.84 15.42
CA SER E 366 42.11 -41.01 14.55
C SER E 366 42.71 -42.38 14.78
N ASN E 367 43.14 -43.02 13.71
CA ASN E 367 43.76 -44.32 13.79
C ASN E 367 43.04 -45.21 14.81
N ASN E 379 24.58 -52.77 -1.15
CA ASN E 379 24.28 -51.35 -1.05
C ASN E 379 23.21 -51.12 0.00
N ASP E 380 23.24 -49.93 0.62
CA ASP E 380 22.26 -49.61 1.64
C ASP E 380 22.02 -48.10 1.72
N SER E 381 21.10 -47.70 2.59
CA SER E 381 20.76 -46.29 2.76
C SER E 381 20.31 -45.97 4.16
N ILE E 382 20.37 -44.70 4.48
CA ILE E 382 19.87 -44.25 5.75
C ILE E 382 18.54 -43.63 5.50
N THR E 383 17.51 -44.12 6.18
CA THR E 383 16.19 -43.59 5.97
C THR E 383 15.86 -42.61 7.06
N LEU E 384 15.54 -41.40 6.67
CA LEU E 384 15.19 -40.37 7.61
C LEU E 384 13.70 -40.13 7.49
N PRO E 385 12.90 -40.20 8.55
CA PRO E 385 11.48 -39.89 8.51
C PRO E 385 11.35 -38.40 8.34
N CYS E 386 10.28 -37.96 7.68
CA CYS E 386 10.03 -36.54 7.50
C CYS E 386 8.60 -36.15 7.82
N ARG E 387 8.44 -35.01 8.44
CA ARG E 387 7.10 -34.54 8.74
C ARG E 387 6.65 -33.63 7.61
N ILE E 388 5.36 -33.57 7.39
CA ILE E 388 4.82 -32.69 6.37
C ILE E 388 3.94 -31.61 6.95
N LYS E 389 4.16 -30.37 6.52
CA LYS E 389 3.33 -29.24 6.97
C LYS E 389 2.80 -28.43 5.81
N GLN E 390 1.62 -27.82 5.96
CA GLN E 390 1.13 -26.94 4.93
C GLN E 390 1.21 -25.46 5.28
N ILE E 391 1.25 -25.06 6.57
CA ILE E 391 1.31 -23.62 6.80
C ILE E 391 2.76 -23.26 7.12
N ILE E 392 3.35 -22.50 6.23
CA ILE E 392 4.76 -22.22 6.28
C ILE E 392 5.12 -20.78 6.56
N ASN E 393 5.89 -20.56 7.61
CA ASN E 393 6.38 -19.23 7.92
C ASN E 393 7.72 -19.15 7.22
N MET E 394 7.67 -18.92 5.92
CA MET E 394 8.86 -19.05 5.07
C MET E 394 10.03 -18.20 5.47
N TRP E 395 9.77 -16.99 5.93
CA TRP E 395 10.86 -16.09 6.28
C TRP E 395 10.95 -15.87 7.76
N GLN E 396 10.33 -16.77 8.52
CA GLN E 396 10.31 -16.69 9.97
C GLN E 396 9.76 -15.35 10.45
N ARG E 397 8.75 -14.86 9.75
CA ARG E 397 8.12 -13.61 10.11
C ARG E 397 6.85 -13.92 10.84
N ILE E 398 6.37 -12.96 11.60
CA ILE E 398 5.15 -13.14 12.33
C ILE E 398 4.03 -12.32 11.73
N GLY E 399 2.90 -13.00 11.49
CA GLY E 399 1.70 -12.39 10.93
C GLY E 399 1.49 -12.69 9.45
N GLN E 400 2.52 -13.19 8.78
CA GLN E 400 2.44 -13.52 7.36
C GLN E 400 2.71 -15.00 7.09
N ALA E 401 1.67 -15.82 6.94
CA ALA E 401 1.91 -17.24 6.72
C ALA E 401 1.44 -17.68 5.34
N MET E 402 2.17 -18.60 4.73
CA MET E 402 1.78 -19.12 3.43
C MET E 402 1.19 -20.49 3.55
N TYR E 403 0.11 -20.76 2.84
CA TYR E 403 -0.47 -22.09 2.84
C TYR E 403 -0.20 -22.83 1.55
N ALA E 404 0.48 -23.94 1.69
CA ALA E 404 0.84 -24.73 0.55
C ALA E 404 -0.35 -25.57 0.12
N PRO E 405 -0.83 -25.43 -1.12
CA PRO E 405 -1.96 -26.17 -1.59
C PRO E 405 -1.47 -27.60 -1.74
N PRO E 406 -2.35 -28.59 -1.70
CA PRO E 406 -2.08 -29.99 -1.92
C PRO E 406 -1.62 -30.29 -3.32
N ILE E 407 -0.89 -31.38 -3.41
CA ILE E 407 -0.37 -31.94 -4.63
C ILE E 407 -0.97 -33.31 -4.82
N GLN E 408 -1.50 -33.58 -6.01
CA GLN E 408 -2.11 -34.88 -6.24
C GLN E 408 -1.08 -35.88 -6.69
N GLY E 409 -1.35 -37.15 -6.45
CA GLY E 409 -0.42 -38.18 -6.86
C GLY E 409 0.55 -38.41 -5.74
N VAL E 410 1.76 -38.81 -6.11
CA VAL E 410 2.83 -39.18 -5.19
C VAL E 410 4.06 -38.35 -5.51
N ILE E 411 4.76 -37.88 -4.49
CA ILE E 411 5.95 -37.06 -4.74
C ILE E 411 7.24 -37.82 -4.61
N ARG E 412 8.08 -37.68 -5.64
CA ARG E 412 9.40 -38.24 -5.66
C ARG E 412 10.35 -37.10 -5.99
N CYS E 413 11.42 -36.96 -5.22
CA CYS E 413 12.34 -35.85 -5.41
C CYS E 413 13.79 -36.31 -5.16
N VAL E 414 14.68 -35.95 -6.06
CA VAL E 414 16.07 -36.39 -5.94
C VAL E 414 17.00 -35.21 -5.80
N SER E 415 17.90 -35.28 -4.83
CA SER E 415 18.82 -34.17 -4.59
C SER E 415 20.26 -34.61 -4.29
N ASN E 416 21.17 -33.61 -4.23
CA ASN E 416 22.60 -33.82 -4.05
C ASN E 416 23.13 -33.08 -2.84
N ILE E 417 23.65 -33.76 -1.84
CA ILE E 417 24.15 -32.93 -0.77
C ILE E 417 25.37 -32.27 -1.35
N THR E 418 25.43 -30.95 -1.28
CA THR E 418 26.57 -30.17 -1.75
C THR E 418 27.27 -29.54 -0.56
N GLY E 419 26.56 -29.45 0.56
CA GLY E 419 27.17 -28.91 1.77
C GLY E 419 26.32 -28.99 3.02
N LEU E 420 26.95 -28.71 4.16
CA LEU E 420 26.32 -28.77 5.48
C LEU E 420 26.47 -27.51 6.29
N ILE E 421 25.50 -27.21 7.16
CA ILE E 421 25.69 -26.15 8.13
C ILE E 421 25.86 -26.76 9.51
N LEU E 422 27.06 -26.61 10.03
CA LEU E 422 27.41 -27.21 11.31
C LEU E 422 27.80 -26.19 12.35
N THR E 423 27.60 -26.55 13.61
CA THR E 423 28.08 -25.70 14.68
C THR E 423 28.91 -26.55 15.64
N ARG E 424 29.73 -25.88 16.44
CA ARG E 424 30.50 -26.55 17.47
C ARG E 424 29.66 -26.61 18.72
N ASP E 425 29.64 -27.75 19.39
CA ASP E 425 28.86 -27.86 20.60
C ASP E 425 29.68 -27.31 21.76
N GLY E 426 29.77 -25.99 21.80
CA GLY E 426 30.58 -25.29 22.78
C GLY E 426 30.05 -23.89 23.02
N SER E 431 37.66 -33.16 27.21
CA SER E 431 38.22 -31.93 26.65
C SER E 431 39.07 -32.26 25.45
N THR E 432 39.06 -33.54 25.10
CA THR E 432 39.81 -34.08 23.98
C THR E 432 38.90 -34.43 22.80
N THR E 433 37.60 -34.25 23.00
CA THR E 433 36.61 -34.53 21.98
C THR E 433 35.88 -33.26 21.60
N GLU E 434 35.88 -33.00 20.32
CA GLU E 434 35.22 -31.86 19.74
C GLU E 434 33.94 -32.33 19.10
N THR E 435 32.82 -31.92 19.65
CA THR E 435 31.54 -32.37 19.15
C THR E 435 30.90 -31.30 18.31
N PHE E 436 30.40 -31.72 17.17
CA PHE E 436 29.72 -30.87 16.22
C PHE E 436 28.29 -31.33 16.11
N ARG E 437 27.42 -30.39 15.83
CA ARG E 437 26.03 -30.71 15.59
C ARG E 437 25.57 -30.02 14.32
N PRO E 438 24.62 -30.59 13.59
CA PRO E 438 23.98 -29.98 12.48
C PRO E 438 23.08 -28.96 13.08
N GLY E 439 22.74 -27.95 12.32
CA GLY E 439 21.76 -27.03 12.84
C GLY E 439 21.30 -26.09 11.77
N GLY E 440 20.46 -25.14 12.15
CA GLY E 440 19.94 -24.21 11.19
C GLY E 440 20.93 -23.08 11.07
N GLY E 441 20.51 -22.02 10.44
CA GLY E 441 21.37 -20.89 10.20
C GLY E 441 20.53 -19.88 9.51
N ASP E 442 21.15 -18.82 9.04
CA ASP E 442 20.37 -17.80 8.38
C ASP E 442 20.09 -18.29 6.98
N MET E 443 19.08 -17.75 6.34
CA MET E 443 18.78 -18.15 4.98
C MET E 443 19.92 -17.63 4.09
N ARG E 444 20.53 -16.55 4.53
CA ARG E 444 21.66 -15.91 3.89
C ARG E 444 22.86 -16.85 3.84
N ASP E 445 22.94 -17.79 4.77
CA ASP E 445 24.09 -18.65 4.88
C ASP E 445 24.06 -19.71 3.81
N ASN E 446 22.91 -19.86 3.16
CA ASN E 446 22.80 -20.86 2.14
C ASN E 446 23.24 -20.28 0.81
N TRP E 447 23.46 -18.96 0.80
CA TRP E 447 23.76 -18.25 -0.42
C TRP E 447 25.17 -17.69 -0.41
N ARG E 448 25.68 -17.36 0.78
CA ARG E 448 27.02 -16.82 0.84
C ARG E 448 28.01 -17.90 0.45
N SER E 449 27.56 -19.14 0.53
CA SER E 449 28.31 -20.33 0.19
C SER E 449 28.58 -20.43 -1.30
N GLU E 450 27.83 -19.69 -2.11
CA GLU E 450 28.01 -19.65 -3.56
C GLU E 450 28.67 -18.34 -3.95
N LEU E 451 28.34 -17.30 -3.20
CA LEU E 451 28.81 -15.95 -3.50
C LEU E 451 30.14 -15.56 -2.85
N TYR E 452 30.78 -16.49 -2.15
CA TYR E 452 32.03 -16.21 -1.45
C TYR E 452 33.15 -15.87 -2.41
N LYS E 453 33.01 -16.29 -3.65
CA LYS E 453 34.02 -16.05 -4.64
C LYS E 453 33.86 -14.72 -5.33
N TYR E 454 32.79 -13.96 -5.03
CA TYR E 454 32.59 -12.74 -5.78
C TYR E 454 32.63 -11.45 -4.97
N LYS E 455 33.20 -10.42 -5.59
CA LYS E 455 33.24 -9.10 -5.01
C LYS E 455 32.83 -8.01 -5.98
N VAL E 456 32.07 -7.03 -5.51
CA VAL E 456 31.68 -5.92 -6.37
C VAL E 456 32.60 -4.73 -6.20
N VAL E 457 33.07 -4.20 -7.32
CA VAL E 457 33.92 -3.04 -7.24
C VAL E 457 33.42 -1.93 -8.15
N LYS E 458 33.66 -0.70 -7.73
CA LYS E 458 33.30 0.49 -8.48
C LYS E 458 34.44 0.91 -9.34
N ILE E 459 34.16 1.20 -10.58
CA ILE E 459 35.22 1.59 -11.46
C ILE E 459 35.44 3.09 -11.34
N GLU E 460 36.71 3.47 -11.19
CA GLU E 460 37.11 4.86 -11.03
C GLU E 460 38.09 5.28 -12.12
N PRO E 461 37.63 5.59 -13.32
CA PRO E 461 38.40 5.82 -14.53
C PRO E 461 39.19 7.12 -14.59
N LEU E 462 38.95 8.06 -13.69
CA LEU E 462 39.64 9.33 -13.81
C LEU E 462 40.76 9.50 -12.80
N GLY E 463 41.95 9.87 -13.27
CA GLY E 463 43.07 10.11 -12.36
C GLY E 463 44.25 10.80 -13.04
N VAL E 464 45.28 11.10 -12.26
CA VAL E 464 46.44 11.83 -12.78
C VAL E 464 47.77 11.17 -12.45
N ALA E 465 48.81 11.58 -13.17
CA ALA E 465 50.18 11.16 -12.92
C ALA E 465 51.15 12.19 -13.51
N PRO E 466 52.38 12.33 -12.99
CA PRO E 466 53.40 13.18 -13.55
C PRO E 466 53.94 12.61 -14.85
N THR E 467 54.12 13.47 -15.82
CA THR E 467 54.66 13.19 -17.15
C THR E 467 55.61 14.29 -17.54
N ARG E 468 56.31 14.13 -18.64
CA ARG E 468 57.24 15.18 -19.06
C ARG E 468 56.62 16.18 -20.02
N CYS E 469 55.33 16.05 -20.30
CA CYS E 469 54.69 16.93 -21.27
C CYS E 469 53.93 18.06 -20.62
N LYS E 470 53.90 19.17 -21.35
CA LYS E 470 53.07 20.31 -20.98
C LYS E 470 52.39 20.85 -22.21
N ARG E 471 51.20 21.40 -22.02
CA ARG E 471 50.54 22.03 -23.16
C ARG E 471 51.48 22.94 -23.92
N GLY F 10 40.09 -7.19 -22.99
CA GLY F 10 39.26 -7.35 -21.81
C GLY F 10 39.17 -6.06 -21.01
N PHE F 11 37.98 -5.73 -20.53
CA PHE F 11 37.73 -4.49 -19.81
C PHE F 11 38.71 -4.21 -18.68
N LEU F 12 38.97 -5.15 -17.80
CA LEU F 12 39.97 -4.88 -16.76
C LEU F 12 41.27 -5.61 -17.03
N GLY F 13 41.51 -6.00 -18.27
CA GLY F 13 42.71 -6.75 -18.61
C GLY F 13 44.00 -6.02 -18.24
N ALA F 14 43.97 -4.68 -18.29
CA ALA F 14 45.10 -3.83 -17.99
C ALA F 14 45.27 -3.57 -16.50
N ALA F 15 44.39 -4.13 -15.68
CA ALA F 15 44.41 -3.87 -14.25
C ALA F 15 45.71 -4.20 -13.54
N GLY F 16 46.44 -5.22 -13.98
CA GLY F 16 47.70 -5.57 -13.33
C GLY F 16 48.91 -5.02 -14.07
N SER F 17 48.67 -4.25 -15.12
CA SER F 17 49.73 -3.73 -15.95
C SER F 17 50.33 -2.53 -15.28
N THR F 18 51.56 -2.22 -15.63
CA THR F 18 52.14 -1.04 -15.08
C THR F 18 51.50 0.15 -15.74
N MET F 19 51.66 1.30 -15.16
CA MET F 19 51.03 2.49 -15.68
C MET F 19 51.46 2.78 -17.11
N GLY F 20 52.74 2.55 -17.40
CA GLY F 20 53.28 2.84 -18.72
C GLY F 20 52.80 1.85 -19.77
N ALA F 21 52.20 0.76 -19.32
CA ALA F 21 51.69 -0.26 -20.19
C ALA F 21 50.18 -0.13 -20.31
N ALA F 22 49.55 0.21 -19.19
CA ALA F 22 48.12 0.32 -19.07
C ALA F 22 47.57 1.53 -19.81
N SER F 23 48.31 2.64 -19.83
CA SER F 23 47.77 3.86 -20.44
C SER F 23 47.86 3.88 -21.97
N MET F 24 47.23 2.88 -22.57
CA MET F 24 47.14 2.64 -23.99
C MET F 24 45.81 1.98 -24.22
N THR F 25 45.22 1.49 -23.13
CA THR F 25 43.97 0.73 -23.19
C THR F 25 42.86 1.56 -22.63
N LEU F 26 43.11 2.83 -22.43
CA LEU F 26 42.16 3.69 -21.77
C LEU F 26 40.82 3.68 -22.48
N THR F 27 40.82 3.55 -23.80
CA THR F 27 39.58 3.52 -24.55
C THR F 27 38.77 2.26 -24.24
N VAL F 28 39.47 1.18 -23.89
CA VAL F 28 38.83 -0.09 -23.62
C VAL F 28 38.02 0.08 -22.38
N GLN F 29 38.58 0.79 -21.43
CA GLN F 29 37.83 0.99 -20.23
C GLN F 29 36.78 2.07 -20.43
N ALA F 30 37.11 3.16 -21.11
CA ALA F 30 36.16 4.25 -21.25
C ALA F 30 34.88 3.84 -21.96
N ARG F 31 35.01 3.02 -22.99
CA ARG F 31 33.89 2.65 -23.83
C ARG F 31 32.92 1.71 -23.15
N ASN F 32 33.31 1.17 -22.01
CA ASN F 32 32.47 0.26 -21.27
C ASN F 32 31.99 0.85 -19.96
N LEU F 33 32.17 2.16 -19.74
CA LEU F 33 31.78 2.74 -18.46
C LEU F 33 30.30 3.04 -18.33
N LEU F 34 29.68 3.42 -19.42
CA LEU F 34 28.27 3.79 -19.38
C LEU F 34 27.42 2.63 -19.86
N SER F 35 27.97 1.85 -20.78
CA SER F 35 27.29 0.74 -21.41
C SER F 35 25.78 0.83 -21.30
N LEU F 57 8.14 -3.82 -15.88
CA LEU F 57 6.72 -4.07 -16.13
C LEU F 57 5.96 -3.94 -14.83
N THR F 58 6.71 -4.03 -13.76
CA THR F 58 6.18 -4.01 -12.40
C THR F 58 7.18 -3.49 -11.38
N VAL F 59 6.92 -3.86 -10.13
CA VAL F 59 7.73 -3.51 -8.99
C VAL F 59 9.16 -3.95 -9.26
N TRP F 60 10.10 -3.15 -8.78
CA TRP F 60 11.55 -3.31 -8.94
C TRP F 60 12.04 -2.65 -10.21
N GLY F 61 11.14 -2.22 -11.10
CA GLY F 61 11.57 -1.54 -12.32
C GLY F 61 12.19 -0.20 -11.95
N ILE F 62 11.87 0.25 -10.76
CA ILE F 62 12.37 1.46 -10.19
C ILE F 62 13.85 1.31 -9.88
N LYS F 63 14.29 0.10 -9.50
CA LYS F 63 15.69 -0.13 -9.19
C LYS F 63 16.46 -0.06 -10.48
N GLN F 64 15.87 -0.62 -11.52
CA GLN F 64 16.55 -0.65 -12.80
C GLN F 64 16.70 0.76 -13.33
N LEU F 65 15.65 1.56 -13.15
CA LEU F 65 15.72 2.92 -13.61
C LEU F 65 16.74 3.66 -12.79
N GLN F 66 16.72 3.46 -11.48
CA GLN F 66 17.67 4.15 -10.65
C GLN F 66 19.08 3.84 -11.03
N ALA F 67 19.37 2.58 -11.34
CA ALA F 67 20.72 2.22 -11.72
C ALA F 67 21.15 2.94 -12.99
N ARG F 68 20.23 3.08 -13.95
CA ARG F 68 20.58 3.74 -15.19
C ARG F 68 20.87 5.20 -14.94
N VAL F 69 20.08 5.82 -14.09
CA VAL F 69 20.27 7.23 -13.81
C VAL F 69 21.60 7.46 -13.13
N LEU F 70 21.93 6.61 -12.17
CA LEU F 70 23.17 6.80 -11.46
C LEU F 70 24.36 6.61 -12.37
N ALA F 71 24.30 5.66 -13.31
CA ALA F 71 25.43 5.49 -14.22
C ALA F 71 25.62 6.76 -15.04
N VAL F 72 24.52 7.39 -15.42
CA VAL F 72 24.63 8.62 -16.15
C VAL F 72 25.26 9.70 -15.32
N GLU F 73 24.85 9.83 -14.06
CA GLU F 73 25.43 10.88 -13.26
C GLU F 73 26.92 10.71 -13.10
N ARG F 74 27.38 9.47 -12.92
CA ARG F 74 28.81 9.27 -12.76
C ARG F 74 29.54 9.67 -14.01
N TYR F 75 28.99 9.29 -15.15
CA TYR F 75 29.58 9.59 -16.42
C TYR F 75 29.68 11.09 -16.59
N LEU F 76 28.60 11.80 -16.30
CA LEU F 76 28.62 13.23 -16.50
C LEU F 76 29.59 13.94 -15.59
N ARG F 77 29.74 13.50 -14.34
CA ARG F 77 30.68 14.22 -13.49
C ARG F 77 32.08 14.14 -14.06
N ASP F 78 32.46 12.98 -14.59
CA ASP F 78 33.80 12.89 -15.14
C ASP F 78 33.92 13.75 -16.38
N GLN F 79 32.89 13.78 -17.20
CA GLN F 79 32.99 14.57 -18.39
C GLN F 79 33.05 16.03 -18.06
N GLN F 80 32.31 16.44 -17.02
CA GLN F 80 32.33 17.82 -16.67
C GLN F 80 33.69 18.25 -16.23
N LEU F 81 34.37 17.44 -15.43
CA LEU F 81 35.69 17.84 -14.98
C LEU F 81 36.67 17.92 -16.11
N LEU F 82 36.59 16.99 -17.06
CA LEU F 82 37.50 17.07 -18.16
C LEU F 82 37.23 18.35 -18.92
N GLY F 83 35.97 18.73 -19.03
CA GLY F 83 35.62 19.98 -19.66
C GLY F 83 36.24 21.15 -18.91
N ILE F 84 36.05 21.17 -17.61
CA ILE F 84 36.52 22.26 -16.77
C ILE F 84 38.02 22.42 -16.82
N TRP F 85 38.74 21.33 -16.86
CA TRP F 85 40.19 21.35 -16.89
C TRP F 85 40.77 21.55 -18.29
N GLY F 86 39.93 21.62 -19.32
CA GLY F 86 40.42 21.76 -20.69
C GLY F 86 40.90 20.46 -21.33
N CYS F 87 40.40 19.32 -20.85
CA CYS F 87 40.80 18.01 -21.35
C CYS F 87 39.64 17.30 -22.03
N SER F 88 38.65 18.07 -22.47
CA SER F 88 37.49 17.50 -23.11
C SER F 88 37.83 16.80 -24.39
N GLY F 89 37.24 15.64 -24.57
CA GLY F 89 37.42 14.88 -25.80
C GLY F 89 38.70 14.07 -25.83
N LYS F 90 39.47 14.07 -24.75
CA LYS F 90 40.73 13.34 -24.76
C LYS F 90 40.75 12.26 -23.72
N LEU F 91 41.54 11.21 -23.96
CA LEU F 91 41.74 10.23 -22.93
C LEU F 91 43.00 10.63 -22.21
N ILE F 92 43.92 11.26 -22.94
CA ILE F 92 45.13 11.75 -22.32
C ILE F 92 45.31 13.22 -22.61
N CYS F 93 45.48 14.05 -21.59
CA CYS F 93 45.74 15.45 -21.89
C CYS F 93 46.85 15.97 -21.03
N CYS F 94 47.70 16.77 -21.63
CA CYS F 94 48.75 17.40 -20.87
C CYS F 94 48.15 18.70 -20.45
N THR F 95 48.53 19.17 -19.28
CA THR F 95 48.06 20.43 -18.76
C THR F 95 49.28 21.31 -18.64
N ASN F 96 49.11 22.54 -18.18
CA ASN F 96 50.27 23.40 -17.99
C ASN F 96 50.61 23.51 -16.50
N VAL F 97 50.07 22.60 -15.70
CA VAL F 97 50.29 22.59 -14.27
C VAL F 97 51.48 21.71 -13.94
N PRO F 98 52.49 22.19 -13.20
CA PRO F 98 53.67 21.49 -12.77
C PRO F 98 53.33 20.52 -11.66
N TRP F 99 54.16 19.50 -11.51
CA TRP F 99 54.06 18.57 -10.41
C TRP F 99 54.79 19.23 -9.25
N ASN F 100 54.22 19.22 -8.07
CA ASN F 100 54.85 19.87 -6.92
C ASN F 100 55.62 18.98 -5.95
N SER F 101 55.99 17.80 -6.39
CA SER F 101 56.89 16.87 -5.68
C SER F 101 56.38 16.27 -4.38
N SER F 102 55.89 17.06 -3.45
CA SER F 102 55.50 16.52 -2.17
C SER F 102 54.41 15.47 -2.32
N TRP F 103 53.64 15.57 -3.39
CA TRP F 103 52.59 14.62 -3.68
C TRP F 103 53.16 13.22 -3.87
N SER F 104 54.31 13.16 -4.54
CA SER F 104 55.06 11.96 -4.82
C SER F 104 56.45 12.34 -5.24
N ASN F 105 57.43 11.75 -4.57
CA ASN F 105 58.82 12.04 -4.86
C ASN F 105 59.48 10.90 -5.62
N ARG F 106 58.67 10.03 -6.21
CA ARG F 106 59.20 8.92 -6.98
C ARG F 106 59.64 9.42 -8.35
N ASN F 107 60.63 8.76 -8.93
CA ASN F 107 61.08 9.10 -10.27
C ASN F 107 60.01 8.73 -11.25
N LEU F 108 59.86 9.48 -12.34
CA LEU F 108 58.86 9.11 -13.31
C LEU F 108 59.09 7.69 -13.82
N SER F 109 60.34 7.24 -13.92
CA SER F 109 60.57 5.89 -14.39
C SER F 109 60.11 4.86 -13.38
N GLU F 110 60.06 5.22 -12.10
CA GLU F 110 59.62 4.29 -11.10
C GLU F 110 58.12 4.22 -11.18
N ILE F 111 57.52 5.37 -11.40
CA ILE F 111 56.08 5.47 -11.44
C ILE F 111 55.51 4.78 -12.64
N TRP F 112 56.05 5.06 -13.81
CA TRP F 112 55.52 4.47 -15.00
C TRP F 112 55.90 3.01 -15.23
N ASP F 113 57.11 2.60 -14.85
CA ASP F 113 57.48 1.22 -15.12
C ASP F 113 57.32 0.24 -13.97
N ASN F 114 57.38 0.67 -12.71
CA ASN F 114 57.31 -0.30 -11.62
C ASN F 114 56.05 -0.19 -10.77
N MET F 115 55.05 0.50 -11.27
CA MET F 115 53.80 0.64 -10.55
C MET F 115 52.64 0.49 -11.49
N THR F 116 51.53 -0.02 -10.96
CA THR F 116 50.29 -0.12 -11.69
C THR F 116 49.45 1.07 -11.35
N TRP F 117 48.38 1.29 -12.11
CA TRP F 117 47.54 2.43 -11.79
C TRP F 117 46.82 2.26 -10.48
N LEU F 118 46.54 1.03 -10.08
CA LEU F 118 45.81 0.84 -8.84
C LEU F 118 46.70 1.24 -7.69
N GLN F 119 47.99 0.88 -7.77
CA GLN F 119 48.92 1.23 -6.72
C GLN F 119 49.12 2.72 -6.64
N TRP F 120 49.22 3.33 -7.81
CA TRP F 120 49.40 4.75 -7.93
C TRP F 120 48.22 5.51 -7.37
N ASP F 121 47.02 5.05 -7.68
CA ASP F 121 45.84 5.72 -7.20
C ASP F 121 45.91 5.79 -5.69
N LYS F 122 46.36 4.72 -5.04
CA LYS F 122 46.48 4.79 -3.61
C LYS F 122 47.60 5.75 -3.19
N GLU F 123 48.73 5.71 -3.90
CA GLU F 123 49.93 6.50 -3.58
C GLU F 123 49.65 7.99 -3.42
N ILE F 124 48.81 8.55 -4.29
CA ILE F 124 48.54 9.99 -4.22
C ILE F 124 47.09 10.33 -3.95
N SER F 125 46.38 9.39 -3.31
CA SER F 125 44.94 9.56 -2.98
C SER F 125 44.68 10.93 -2.35
N ASN F 126 45.46 11.28 -1.32
CA ASN F 126 45.01 12.38 -0.41
C ASN F 126 45.15 13.74 -1.10
N TYR F 127 45.78 13.81 -2.27
CA TYR F 127 46.12 15.11 -2.89
C TYR F 127 45.10 15.45 -3.99
N THR F 128 44.14 14.56 -4.22
CA THR F 128 43.21 14.70 -5.33
C THR F 128 42.65 16.10 -5.46
N GLN F 129 42.22 16.67 -4.35
CA GLN F 129 41.60 17.97 -4.31
C GLN F 129 42.56 19.11 -4.54
N ILE F 130 43.85 18.86 -4.38
CA ILE F 130 44.81 19.92 -4.52
C ILE F 130 45.11 19.99 -5.98
N ILE F 131 45.32 18.83 -6.56
CA ILE F 131 45.67 18.78 -7.94
C ILE F 131 44.52 19.31 -8.74
N TYR F 132 43.31 18.89 -8.40
CA TYR F 132 42.19 19.37 -9.16
C TYR F 132 42.01 20.86 -8.95
N GLY F 133 42.20 21.38 -7.74
CA GLY F 133 42.03 22.81 -7.58
C GLY F 133 43.01 23.57 -8.47
N LEU F 134 44.26 23.08 -8.57
CA LEU F 134 45.22 23.74 -9.44
C LEU F 134 44.83 23.63 -10.90
N LEU F 135 44.30 22.49 -11.32
CA LEU F 135 43.91 22.36 -12.71
C LEU F 135 42.80 23.32 -13.05
N GLU F 136 41.84 23.48 -12.14
CA GLU F 136 40.72 24.35 -12.38
C GLU F 136 41.18 25.79 -12.47
N GLU F 137 42.09 26.20 -11.60
CA GLU F 137 42.55 27.55 -11.64
C GLU F 137 43.30 27.83 -12.91
N SER F 138 44.13 26.88 -13.33
CA SER F 138 44.88 27.09 -14.52
C SER F 138 44.01 27.24 -15.73
N GLN F 139 42.98 26.40 -15.85
CA GLN F 139 42.17 26.53 -17.03
C GLN F 139 41.48 27.86 -17.06
N ASN F 140 41.05 28.38 -15.90
CA ASN F 140 40.39 29.67 -15.96
C ASN F 140 41.35 30.75 -16.42
N GLN F 141 42.60 30.68 -15.99
CA GLN F 141 43.53 31.70 -16.42
C GLN F 141 43.80 31.59 -17.90
N GLN F 142 43.84 30.37 -18.41
CA GLN F 142 44.09 30.21 -19.82
C GLN F 142 42.95 30.77 -20.64
N GLU F 143 41.70 30.53 -20.21
CA GLU F 143 40.58 31.04 -21.00
C GLU F 143 40.53 32.55 -20.93
N LYS F 144 40.88 33.11 -19.78
CA LYS F 144 40.88 34.55 -19.65
C LYS F 144 41.89 35.13 -20.62
N ASN F 145 43.05 34.50 -20.72
CA ASN F 145 44.06 35.02 -21.61
C ASN F 145 43.64 34.85 -23.06
N GLU F 146 42.92 33.77 -23.39
CA GLU F 146 42.48 33.62 -24.76
C GLU F 146 41.53 34.74 -25.12
N GLN F 147 40.63 35.10 -24.21
CA GLN F 147 39.71 36.17 -24.51
C GLN F 147 40.46 37.48 -24.70
N ASP F 148 41.48 37.74 -23.87
CA ASP F 148 42.22 38.99 -24.04
C ASP F 148 42.89 39.06 -25.40
N LEU F 149 43.38 37.94 -25.89
CA LEU F 149 44.01 37.94 -27.20
C LEU F 149 43.01 38.06 -28.33
N LEU F 150 41.85 37.43 -28.20
CA LEU F 150 40.84 37.51 -29.26
C LEU F 150 40.23 38.90 -29.31
N ALA F 151 40.28 39.61 -28.18
CA ALA F 151 39.81 40.98 -28.03
C ALA F 151 40.84 42.00 -28.51
N LEU F 152 42.02 41.52 -28.90
CA LEU F 152 43.09 42.40 -29.32
C LEU F 152 43.11 42.47 -30.84
N GLN G 1 -19.02 24.44 77.30
CA GLN G 1 -19.20 23.08 76.83
C GLN G 1 -20.58 22.89 76.24
N VAL G 2 -20.71 21.92 75.36
CA VAL G 2 -22.00 21.67 74.72
C VAL G 2 -22.53 20.30 75.03
N HIS G 3 -23.76 20.27 75.49
CA HIS G 3 -24.44 19.03 75.79
C HIS G 3 -25.66 18.91 74.92
N LEU G 4 -25.83 17.73 74.35
CA LEU G 4 -26.99 17.47 73.53
C LEU G 4 -27.79 16.41 74.20
N GLN G 5 -29.06 16.69 74.47
CA GLN G 5 -29.87 15.69 75.14
C GLN G 5 -31.10 15.33 74.35
N GLU G 6 -31.13 14.12 73.86
CA GLU G 6 -32.26 13.69 73.10
C GLU G 6 -33.42 13.24 73.96
N SER G 7 -34.61 13.39 73.42
CA SER G 7 -35.82 12.87 74.03
C SER G 7 -36.82 12.45 72.98
N GLY G 8 -37.78 11.62 73.39
CA GLY G 8 -38.82 11.15 72.50
C GLY G 8 -39.80 10.25 73.25
N PRO G 9 -40.83 9.71 72.58
CA PRO G 9 -41.91 8.89 73.09
C PRO G 9 -41.60 7.56 73.77
N GLY G 10 -40.44 6.97 73.52
CA GLY G 10 -40.14 5.64 74.08
C GLY G 10 -40.77 4.58 73.16
N LEU G 11 -42.07 4.71 72.96
CA LEU G 11 -42.85 3.92 72.04
C LEU G 11 -43.77 4.82 71.23
N VAL G 12 -43.77 4.59 69.93
CA VAL G 12 -44.62 5.26 68.98
C VAL G 12 -45.37 4.14 68.26
N LYS G 13 -46.62 4.35 67.89
CA LYS G 13 -47.32 3.27 67.20
C LYS G 13 -47.05 3.27 65.70
N PRO G 14 -47.19 2.15 65.00
CA PRO G 14 -47.04 2.05 63.58
C PRO G 14 -47.93 3.06 62.89
N SER G 15 -47.38 3.68 61.86
CA SER G 15 -47.98 4.71 61.00
C SER G 15 -47.98 6.12 61.60
N GLU G 16 -47.74 6.21 62.91
CA GLU G 16 -47.76 7.47 63.65
C GLU G 16 -46.52 8.31 63.37
N THR G 17 -46.65 9.63 63.44
CA THR G 17 -45.44 10.42 63.29
C THR G 17 -44.63 10.41 64.57
N LEU G 18 -43.36 10.14 64.40
CA LEU G 18 -42.44 10.14 65.50
C LEU G 18 -41.70 11.44 65.57
N SER G 19 -42.01 12.21 66.60
CA SER G 19 -41.40 13.50 66.78
C SER G 19 -40.38 13.46 67.89
N LEU G 20 -39.14 13.68 67.52
CA LEU G 20 -38.02 13.66 68.45
C LEU G 20 -37.47 15.05 68.65
N THR G 21 -36.90 15.25 69.83
CA THR G 21 -36.30 16.52 70.16
C THR G 21 -34.89 16.44 70.67
N CYS G 22 -34.05 17.36 70.18
CA CYS G 22 -32.71 17.49 70.73
C CYS G 22 -32.62 18.74 71.58
N ASN G 23 -32.41 18.59 72.86
CA ASN G 23 -32.30 19.72 73.74
C ASN G 23 -30.87 20.20 73.70
N VAL G 24 -30.65 21.34 73.09
CA VAL G 24 -29.31 21.83 72.89
C VAL G 24 -28.92 22.86 73.94
N SER G 25 -27.77 22.65 74.57
CA SER G 25 -27.30 23.57 75.60
C SER G 25 -25.81 23.86 75.51
N GLY G 26 -25.46 25.16 75.48
CA GLY G 26 -24.06 25.62 75.38
C GLY G 26 -23.71 26.17 73.99
N THR G 27 -24.65 26.07 73.08
CA THR G 27 -24.51 26.55 71.72
C THR G 27 -25.92 26.81 71.21
N LEU G 28 -26.09 27.67 70.21
CA LEU G 28 -27.41 27.88 69.66
C LEU G 28 -27.62 26.92 68.51
N VAL G 29 -28.83 26.46 68.29
CA VAL G 29 -29.04 25.60 67.14
C VAL G 29 -28.63 26.24 65.82
N ARG G 30 -28.72 27.55 65.65
CA ARG G 30 -28.36 28.13 64.37
C ARG G 30 -26.87 28.43 64.28
N ASP G 31 -26.09 28.00 65.26
CA ASP G 31 -24.64 28.16 65.25
C ASP G 31 -24.01 26.89 64.69
N ASN G 32 -24.82 25.86 64.45
CA ASN G 32 -24.28 24.55 64.07
C ASN G 32 -25.01 23.85 62.96
N TYR G 33 -24.30 22.96 62.29
CA TYR G 33 -24.94 22.04 61.38
C TYR G 33 -25.38 20.87 62.19
N TRP G 34 -26.65 20.54 62.10
CA TRP G 34 -27.15 19.47 62.90
C TRP G 34 -27.45 18.27 62.09
N SER G 35 -27.26 17.14 62.70
CA SER G 35 -27.62 15.95 62.02
C SER G 35 -28.16 14.94 62.96
N TRP G 36 -28.91 14.02 62.39
CA TRP G 36 -29.40 12.92 63.16
C TRP G 36 -28.91 11.65 62.56
N ILE G 37 -28.60 10.74 63.46
CA ILE G 37 -28.14 9.42 63.15
C ILE G 37 -29.01 8.46 63.92
N ARG G 38 -29.37 7.33 63.37
CA ARG G 38 -30.12 6.41 64.18
C ARG G 38 -29.43 5.06 64.18
N GLN G 39 -29.54 4.33 65.26
CA GLN G 39 -28.93 3.02 65.29
C GLN G 39 -29.84 1.94 65.86
N PRO G 40 -30.46 1.12 65.00
CA PRO G 40 -31.29 0.00 65.38
C PRO G 40 -30.37 -0.94 66.13
N LEU G 41 -30.88 -1.65 67.10
CA LEU G 41 -29.99 -2.53 67.82
C LEU G 41 -29.43 -3.63 66.95
N GLY G 42 -28.11 -3.80 67.01
CA GLY G 42 -27.41 -4.84 66.26
C GLY G 42 -26.92 -4.34 64.92
N LYS G 43 -27.28 -3.11 64.58
CA LYS G 43 -26.90 -2.51 63.32
C LYS G 43 -25.86 -1.44 63.54
N GLN G 44 -25.19 -1.08 62.46
CA GLN G 44 -24.27 0.02 62.51
C GLN G 44 -25.15 1.24 62.32
N PRO G 45 -24.76 2.43 62.75
CA PRO G 45 -25.55 3.63 62.62
C PRO G 45 -25.86 4.02 61.17
N GLU G 46 -27.02 4.64 61.01
CA GLU G 46 -27.51 5.19 59.74
C GLU G 46 -27.70 6.69 59.85
N TRP G 47 -27.09 7.43 58.94
CA TRP G 47 -27.22 8.87 58.96
C TRP G 47 -28.57 9.17 58.33
N ILE G 48 -29.39 10.01 58.95
CA ILE G 48 -30.70 10.21 58.35
C ILE G 48 -30.89 11.58 57.71
N GLY G 49 -29.93 12.49 57.88
CA GLY G 49 -30.00 13.81 57.25
C GLY G 49 -29.44 14.91 58.12
N TYR G 50 -29.23 16.08 57.50
CA TYR G 50 -28.74 17.22 58.26
C TYR G 50 -29.56 18.47 58.00
N VAL G 51 -29.53 19.38 58.95
CA VAL G 51 -30.17 20.66 58.81
C VAL G 51 -29.34 21.81 59.39
N HIS G 52 -29.28 22.93 58.68
CA HIS G 52 -28.67 24.11 59.27
C HIS G 52 -29.50 25.34 59.03
N ASP G 53 -29.17 26.10 58.02
CA ASP G 53 -29.94 27.29 57.76
C ASP G 53 -29.79 27.65 56.30
N SER G 54 -30.49 28.70 55.89
CA SER G 54 -30.45 29.24 54.54
C SER G 54 -30.74 28.18 53.47
N GLY G 55 -31.64 27.23 53.79
CA GLY G 55 -32.02 26.17 52.86
C GLY G 55 -31.01 25.02 52.83
N ASP G 56 -29.98 25.08 53.65
CA ASP G 56 -28.97 24.05 53.58
C ASP G 56 -29.38 22.89 54.48
N THR G 57 -30.07 21.94 53.87
CA THR G 57 -30.58 20.75 54.52
C THR G 57 -30.83 19.63 53.54
N ASN G 58 -30.76 18.38 54.01
CA ASN G 58 -31.11 17.26 53.17
C ASN G 58 -31.64 16.11 54.00
N TYR G 59 -32.00 15.04 53.33
CA TYR G 59 -32.46 13.85 54.02
C TYR G 59 -31.90 12.62 53.37
N ASN G 60 -31.80 11.55 54.14
CA ASN G 60 -31.45 10.27 53.59
C ASN G 60 -32.52 9.96 52.59
N PRO G 61 -32.21 9.73 51.31
CA PRO G 61 -33.17 9.53 50.25
C PRO G 61 -34.09 8.35 50.49
N SER G 62 -33.69 7.40 51.34
CA SER G 62 -34.56 6.27 51.60
C SER G 62 -35.67 6.65 52.56
N LEU G 63 -35.46 7.74 53.29
CA LEU G 63 -36.39 8.22 54.28
C LEU G 63 -37.08 9.48 53.86
N LYS G 64 -36.41 10.28 53.02
CA LYS G 64 -36.83 11.63 52.62
C LYS G 64 -38.33 11.88 52.55
N SER G 65 -39.09 11.01 51.91
CA SER G 65 -40.51 11.26 51.71
C SER G 65 -41.33 11.28 53.00
N ARG G 66 -40.76 10.74 54.08
CA ARG G 66 -41.38 10.68 55.38
C ARG G 66 -40.70 11.57 56.41
N VAL G 67 -39.67 12.33 56.04
CA VAL G 67 -38.93 13.03 57.09
C VAL G 67 -38.73 14.53 56.92
N HIS G 68 -38.87 15.23 58.05
CA HIS G 68 -38.68 16.66 58.11
C HIS G 68 -37.78 17.10 59.29
N LEU G 69 -36.94 18.11 59.05
CA LEU G 69 -36.05 18.71 60.04
C LEU G 69 -36.04 20.23 60.11
N SER G 70 -36.02 20.76 61.34
CA SER G 70 -35.91 22.21 61.55
C SER G 70 -35.22 22.58 62.86
N LEU G 71 -34.73 23.82 62.91
CA LEU G 71 -34.08 24.33 64.12
C LEU G 71 -34.81 25.53 64.69
N ASP G 72 -35.27 25.42 65.95
CA ASP G 72 -35.99 26.54 66.54
C ASP G 72 -35.18 27.18 67.66
N LYS G 73 -34.57 28.31 67.31
CA LYS G 73 -33.62 29.04 68.15
C LYS G 73 -34.25 29.62 69.39
N SER G 74 -35.57 29.75 69.40
CA SER G 74 -36.25 30.34 70.55
C SER G 74 -36.44 29.31 71.65
N LYS G 75 -36.21 28.03 71.32
CA LYS G 75 -36.39 26.95 72.25
C LYS G 75 -35.03 26.32 72.37
N ASN G 76 -34.26 26.59 71.32
CA ASN G 76 -32.94 26.06 71.06
C ASN G 76 -33.00 24.55 70.97
N LEU G 77 -33.99 24.09 70.22
CA LEU G 77 -34.21 22.68 70.03
C LEU G 77 -34.12 22.26 68.58
N VAL G 78 -33.63 21.03 68.36
CA VAL G 78 -33.63 20.50 67.00
C VAL G 78 -34.85 19.62 66.90
N SER G 79 -35.68 19.91 65.90
CA SER G 79 -36.92 19.19 65.69
C SER G 79 -36.83 18.20 64.55
N LEU G 80 -37.09 16.93 64.88
CA LEU G 80 -37.08 15.84 63.91
C LEU G 80 -38.39 15.10 63.84
N ARG G 81 -38.95 14.99 62.64
CA ARG G 81 -40.20 14.26 62.51
C ARG G 81 -40.20 13.22 61.40
N LEU G 82 -40.45 11.97 61.78
CA LEU G 82 -40.52 10.88 60.81
C LEU G 82 -41.95 10.33 60.77
N THR G 83 -42.60 10.45 59.63
CA THR G 83 -44.00 10.05 59.52
C THR G 83 -44.08 8.60 59.12
N GLY G 84 -45.23 7.98 59.30
CA GLY G 84 -45.37 6.64 58.77
C GLY G 84 -44.46 5.62 59.43
N VAL G 85 -44.18 5.73 60.72
CA VAL G 85 -43.20 4.80 61.28
C VAL G 85 -43.57 3.34 61.23
N THR G 86 -42.56 2.52 61.01
CA THR G 86 -42.72 1.08 61.03
C THR G 86 -41.72 0.41 61.95
N ALA G 87 -41.82 -0.90 62.06
CA ALA G 87 -40.96 -1.66 62.99
C ALA G 87 -39.48 -1.46 62.70
N ALA G 88 -39.14 -1.29 61.44
CA ALA G 88 -37.78 -1.09 60.96
C ALA G 88 -37.20 0.25 61.41
N ASP G 89 -38.05 1.16 61.90
CA ASP G 89 -37.61 2.46 62.33
C ASP G 89 -37.28 2.44 63.82
N SER G 90 -37.41 1.29 64.49
CA SER G 90 -37.03 1.30 65.89
C SER G 90 -35.54 1.53 65.93
N ALA G 91 -35.10 2.49 66.72
CA ALA G 91 -33.68 2.79 66.77
C ALA G 91 -33.35 3.71 67.90
N ILE G 92 -32.07 3.79 68.24
CA ILE G 92 -31.70 4.85 69.13
C ILE G 92 -31.44 6.03 68.23
N TYR G 93 -32.10 7.13 68.49
CA TYR G 93 -31.89 8.30 67.66
C TYR G 93 -30.93 9.24 68.33
N TYR G 94 -29.95 9.72 67.59
CA TYR G 94 -28.94 10.57 68.14
C TYR G 94 -28.87 11.91 67.46
N CYS G 95 -28.64 12.91 68.28
CA CYS G 95 -28.46 14.29 67.90
C CYS G 95 -26.97 14.64 67.88
N ALA G 96 -26.53 15.33 66.83
CA ALA G 96 -25.14 15.72 66.77
C ALA G 96 -24.87 17.03 66.03
N THR G 97 -23.75 17.67 66.36
CA THR G 97 -23.32 18.87 65.64
C THR G 97 -22.14 18.47 64.79
N THR G 98 -22.17 18.95 63.57
CA THR G 98 -21.17 18.61 62.59
C THR G 98 -20.38 19.74 62.02
N LYS G 99 -19.32 19.33 61.36
CA LYS G 99 -18.45 20.18 60.61
C LYS G 99 -18.43 19.63 59.24
N HIS G 100 -18.44 20.52 58.28
CA HIS G 100 -18.43 20.12 56.90
C HIS G 100 -17.17 20.65 56.25
N GLY G 101 -16.26 19.74 55.99
CA GLY G 101 -14.96 20.10 55.46
C GLY G 101 -14.96 19.96 53.96
N ARG G 102 -13.81 20.22 53.36
CA ARG G 102 -13.68 20.09 51.92
C ARG G 102 -12.39 19.40 51.57
N ARG G 103 -12.49 18.48 50.64
CA ARG G 103 -11.33 17.76 50.17
C ARG G 103 -11.16 18.01 48.70
N ILE G 104 -9.99 18.51 48.36
CA ILE G 104 -9.70 18.89 46.99
C ILE G 104 -8.71 17.97 46.34
N TYR G 105 -9.07 17.47 45.16
CA TYR G 105 -8.21 16.57 44.43
C TYR G 105 -7.80 17.08 43.05
N GLY G 106 -8.62 17.96 42.46
CA GLY G 106 -8.36 18.44 41.12
C GLY G 106 -8.10 19.93 41.05
N VAL G 107 -8.68 20.55 40.02
CA VAL G 107 -8.50 21.95 39.65
C VAL G 107 -9.33 22.99 40.41
N VAL G 108 -10.33 22.56 41.17
CA VAL G 108 -11.25 23.45 41.92
C VAL G 108 -12.21 24.24 41.06
N ALA G 109 -11.69 24.94 40.06
CA ALA G 109 -12.48 25.73 39.13
C ALA G 109 -13.43 24.84 38.35
N PHE G 110 -13.13 23.56 38.34
CA PHE G 110 -13.88 22.54 37.65
C PHE G 110 -14.72 21.74 38.65
N LYS G 111 -14.79 22.23 39.89
CA LYS G 111 -15.47 21.59 41.03
C LYS G 111 -14.92 20.21 41.34
N GLU G 112 -13.62 20.05 41.20
CA GLU G 112 -12.98 18.77 41.47
C GLU G 112 -12.58 18.63 42.93
N TRP G 113 -13.62 18.59 43.73
CA TRP G 113 -13.58 18.50 45.16
C TRP G 113 -14.87 18.01 45.71
N PHE G 114 -14.85 17.60 46.94
CA PHE G 114 -16.07 17.23 47.60
C PHE G 114 -16.05 17.59 49.05
N THR G 115 -17.23 17.71 49.64
CA THR G 115 -17.27 18.00 51.03
C THR G 115 -17.31 16.72 51.79
N TYR G 116 -16.99 16.79 53.05
CA TYR G 116 -17.14 15.62 53.87
C TYR G 116 -17.63 16.05 55.20
N PHE G 117 -18.42 15.21 55.83
CA PHE G 117 -19.02 15.63 57.07
C PHE G 117 -18.65 14.73 58.20
N TYR G 118 -18.55 15.32 59.37
CA TYR G 118 -18.34 14.55 60.58
C TYR G 118 -18.92 15.21 61.81
N MET G 119 -19.16 14.43 62.87
CA MET G 119 -19.68 15.04 64.08
C MET G 119 -18.66 15.19 65.18
N ASP G 120 -18.64 16.38 65.78
CA ASP G 120 -17.79 16.66 66.93
C ASP G 120 -18.53 16.52 68.23
N VAL G 121 -19.83 16.79 68.20
CA VAL G 121 -20.60 16.72 69.43
C VAL G 121 -21.77 15.83 69.17
N TRP G 122 -22.01 14.95 70.10
CA TRP G 122 -23.10 14.00 70.04
C TRP G 122 -23.74 13.90 71.40
N GLY G 123 -24.98 13.44 71.42
CA GLY G 123 -25.69 13.18 72.65
C GLY G 123 -25.56 11.72 73.08
N LYS G 124 -26.60 11.22 73.74
CA LYS G 124 -26.56 9.86 74.25
C LYS G 124 -27.55 9.05 73.45
N GLY G 125 -28.52 9.77 72.96
CA GLY G 125 -29.56 9.20 72.13
C GLY G 125 -30.82 8.84 72.87
N THR G 126 -31.90 8.77 72.12
CA THR G 126 -33.18 8.42 72.70
C THR G 126 -33.69 7.15 72.06
N SER G 127 -33.92 6.14 72.88
CA SER G 127 -34.35 4.84 72.38
C SER G 127 -35.83 4.80 72.20
N VAL G 128 -36.26 4.71 70.94
CA VAL G 128 -37.67 4.70 70.67
C VAL G 128 -38.03 3.54 69.75
N THR G 129 -39.04 2.78 70.12
CA THR G 129 -39.45 1.68 69.26
C THR G 129 -40.78 1.94 68.63
N VAL G 130 -41.11 1.13 67.64
CA VAL G 130 -42.38 1.25 66.96
C VAL G 130 -43.18 -0.01 67.23
N SER G 131 -44.28 0.15 67.94
CA SER G 131 -45.06 -1.01 68.35
C SER G 131 -46.50 -0.71 68.70
N SER G 132 -47.38 -1.65 68.41
CA SER G 132 -48.78 -1.51 68.72
C SER G 132 -48.99 -0.87 70.09
N THR H 1 -17.23 -10.01 63.37
CA THR H 1 -16.17 -9.16 62.86
C THR H 1 -15.46 -8.47 64.00
N PHE H 2 -14.24 -8.93 64.29
CA PHE H 2 -13.47 -8.41 65.39
C PHE H 2 -11.98 -8.55 65.19
N VAL H 3 -11.25 -7.81 66.01
CA VAL H 3 -9.80 -7.88 66.08
C VAL H 3 -9.43 -8.25 67.51
N SER H 4 -8.61 -9.30 67.66
CA SER H 4 -8.18 -9.76 68.99
C SER H 4 -6.78 -9.23 69.31
N VAL H 5 -6.66 -8.33 70.30
CA VAL H 5 -5.38 -7.70 70.58
C VAL H 5 -4.96 -7.77 72.06
N ALA H 6 -3.76 -8.27 72.34
CA ALA H 6 -3.32 -8.28 73.73
C ALA H 6 -2.98 -6.84 74.10
N PRO H 7 -3.11 -6.41 75.34
CA PRO H 7 -2.73 -5.07 75.70
C PRO H 7 -1.31 -4.83 75.26
N GLY H 8 -1.09 -3.68 74.64
CA GLY H 8 0.21 -3.27 74.16
C GLY H 8 0.44 -3.61 72.68
N GLN H 9 -0.40 -4.46 72.11
CA GLN H 9 -0.28 -4.86 70.72
C GLN H 9 -1.04 -3.93 69.81
N THR H 10 -0.71 -3.99 68.51
CA THR H 10 -1.37 -3.16 67.52
C THR H 10 -2.60 -3.81 66.88
N ALA H 11 -3.69 -3.05 66.84
CA ALA H 11 -4.93 -3.47 66.19
C ALA H 11 -4.90 -3.14 64.72
N ARG H 12 -5.47 -4.02 63.90
CA ARG H 12 -5.65 -3.71 62.49
C ARG H 12 -7.11 -3.79 62.13
N ILE H 13 -7.76 -2.65 62.09
CA ILE H 13 -9.20 -2.57 61.87
C ILE H 13 -9.52 -2.10 60.48
N THR H 14 -10.31 -2.87 59.76
CA THR H 14 -10.65 -2.45 58.42
C THR H 14 -12.11 -2.11 58.33
N CYS H 15 -12.48 -1.33 57.32
CA CYS H 15 -13.86 -0.92 57.14
C CYS H 15 -14.16 -0.43 55.72
N GLY H 16 -15.29 -0.85 55.17
CA GLY H 16 -15.74 -0.36 53.86
C GLY H 16 -15.11 -1.06 52.66
N GLU H 17 -15.42 -0.52 51.49
CA GLU H 17 -14.98 -1.04 50.20
C GLU H 17 -13.71 -0.34 49.76
N GLU H 18 -13.19 -0.73 48.61
CA GLU H 18 -11.97 -0.14 48.08
C GLU H 18 -12.10 1.29 47.59
N SER H 19 -11.07 2.10 47.86
CA SER H 19 -11.02 3.49 47.37
C SER H 19 -11.00 3.53 45.88
N LEU H 20 -11.76 4.47 45.30
CA LEU H 20 -11.71 4.57 43.85
C LEU H 20 -10.99 5.81 43.42
N GLY H 21 -11.36 6.91 44.05
CA GLY H 21 -10.81 8.21 43.80
C GLY H 21 -10.37 8.71 45.14
N SER H 22 -10.16 10.00 45.28
CA SER H 22 -9.70 10.50 46.55
C SER H 22 -10.74 10.17 47.59
N ARG H 23 -10.27 9.76 48.76
CA ARG H 23 -11.18 9.37 49.83
C ARG H 23 -10.93 10.12 51.12
N SER H 24 -12.01 10.29 51.88
CA SER H 24 -11.99 10.87 53.22
C SER H 24 -12.77 10.00 54.19
N VAL H 25 -12.05 9.33 55.08
CA VAL H 25 -12.75 8.46 56.02
C VAL H 25 -12.72 9.00 57.41
N ILE H 26 -13.88 8.95 58.05
CA ILE H 26 -13.97 9.36 59.41
C ILE H 26 -14.25 8.14 60.28
N TRP H 27 -13.37 7.91 61.23
CA TRP H 27 -13.48 6.79 62.13
C TRP H 27 -14.14 7.19 63.42
N TYR H 28 -15.05 6.33 63.86
CA TYR H 28 -15.77 6.51 65.10
C TYR H 28 -15.66 5.32 66.05
N GLN H 29 -15.71 5.60 67.34
CA GLN H 29 -15.60 4.57 68.38
C GLN H 29 -16.80 4.48 69.29
N GLN H 30 -17.44 3.33 69.33
CA GLN H 30 -18.62 3.21 70.16
C GLN H 30 -18.46 2.34 71.39
N ARG H 31 -18.82 2.92 72.52
CA ARG H 31 -18.82 2.23 73.78
C ARG H 31 -20.29 1.91 73.98
N PRO H 32 -20.66 0.81 74.62
CA PRO H 32 -22.05 0.47 74.82
C PRO H 32 -22.79 1.60 75.48
N GLY H 33 -23.96 1.92 74.92
CA GLY H 33 -24.84 2.96 75.46
C GLY H 33 -24.47 4.38 75.02
N GLN H 34 -23.37 4.53 74.29
CA GLN H 34 -22.94 5.85 73.88
C GLN H 34 -23.10 6.10 72.40
N ALA H 35 -23.18 7.37 72.00
CA ALA H 35 -23.09 7.66 70.59
C ALA H 35 -21.64 7.38 70.25
N PRO H 36 -21.29 6.92 69.06
CA PRO H 36 -19.91 6.71 68.69
C PRO H 36 -19.17 8.02 68.81
N SER H 37 -17.96 8.00 69.34
CA SER H 37 -17.19 9.22 69.43
C SER H 37 -16.34 9.36 68.20
N LEU H 38 -15.83 10.54 67.91
CA LEU H 38 -15.00 10.68 66.72
C LEU H 38 -13.55 10.49 67.08
N ILE H 39 -12.87 9.64 66.33
CA ILE H 39 -11.45 9.38 66.56
C ILE H 39 -10.60 10.07 65.52
N ILE H 40 -10.90 9.80 64.26
CA ILE H 40 -10.19 10.36 63.10
C ILE H 40 -11.09 10.88 62.05
N TYR H 41 -10.73 12.00 61.46
CA TYR H 41 -11.48 12.53 60.34
C TYR H 41 -10.53 12.81 59.21
N ASN H 42 -11.03 12.82 57.99
CA ASN H 42 -10.16 13.11 56.86
C ASN H 42 -8.94 12.18 56.83
N ASN H 43 -9.15 10.88 57.04
CA ASN H 43 -8.13 9.83 56.96
C ASN H 43 -7.14 9.77 58.10
N ASN H 44 -6.51 10.88 58.45
CA ASN H 44 -5.57 10.85 59.56
C ASN H 44 -5.55 12.07 60.48
N ASP H 45 -6.55 12.95 60.41
CA ASP H 45 -6.57 14.10 61.30
C ASP H 45 -7.33 13.72 62.54
N ARG H 46 -6.95 14.22 63.70
CA ARG H 46 -7.73 13.83 64.86
C ARG H 46 -7.90 15.05 65.76
N PRO H 47 -9.01 15.16 66.49
CA PRO H 47 -9.30 16.19 67.44
C PRO H 47 -8.47 16.01 68.69
N SER H 48 -8.28 17.08 69.42
CA SER H 48 -7.58 16.98 70.67
C SER H 48 -8.30 16.02 71.57
N GLY H 49 -7.53 15.23 72.31
CA GLY H 49 -8.04 14.23 73.22
C GLY H 49 -7.86 12.84 72.64
N ILE H 50 -7.60 12.75 71.34
CA ILE H 50 -7.35 11.46 70.74
C ILE H 50 -5.83 11.32 70.64
N PRO H 51 -5.24 10.26 71.19
CA PRO H 51 -3.84 9.97 71.18
C PRO H 51 -3.36 9.54 69.80
N ASP H 52 -2.06 9.67 69.59
CA ASP H 52 -1.34 9.36 68.35
C ASP H 52 -1.32 7.90 68.01
N ARG H 53 -1.71 7.08 68.98
CA ARG H 53 -1.75 5.66 68.75
C ARG H 53 -2.80 5.35 67.69
N PHE H 54 -3.75 6.29 67.47
CA PHE H 54 -4.77 6.09 66.46
C PHE H 54 -4.33 6.75 65.18
N SER H 55 -4.08 5.95 64.16
CA SER H 55 -3.62 6.48 62.89
C SER H 55 -4.25 5.77 61.71
N GLY H 56 -4.88 6.52 60.83
CA GLY H 56 -5.55 5.91 59.70
C GLY H 56 -4.68 5.92 58.45
N SER H 57 -5.00 5.01 57.54
CA SER H 57 -4.36 4.95 56.25
C SER H 57 -4.78 6.19 55.48
N PRO H 58 -3.95 6.73 54.59
CA PRO H 58 -4.21 7.90 53.78
C PRO H 58 -5.27 7.61 52.73
N GLY H 59 -5.91 8.68 52.29
CA GLY H 59 -6.95 8.67 51.24
C GLY H 59 -6.40 8.94 49.85
N SER H 60 -5.08 8.99 49.76
CA SER H 60 -4.35 9.27 48.52
C SER H 60 -4.18 8.05 47.64
N THR H 61 -4.47 6.87 48.18
CA THR H 61 -4.29 5.66 47.41
C THR H 61 -5.59 5.10 46.92
N PHE H 62 -5.49 4.07 46.10
CA PHE H 62 -6.69 3.49 45.51
C PHE H 62 -6.66 1.98 45.64
N GLY H 63 -7.82 1.33 45.63
CA GLY H 63 -7.85 -0.13 45.65
C GLY H 63 -7.78 -0.76 47.03
N THR H 64 -7.74 0.06 48.08
CA THR H 64 -7.64 -0.44 49.44
C THR H 64 -8.84 -0.01 50.24
N THR H 65 -9.14 -0.73 51.31
CA THR H 65 -10.28 -0.38 52.17
C THR H 65 -9.80 0.53 53.28
N ALA H 66 -10.71 1.16 54.01
CA ALA H 66 -10.22 2.01 55.06
C ALA H 66 -9.57 1.14 56.10
N THR H 67 -8.45 1.61 56.63
CA THR H 67 -7.81 0.89 57.72
C THR H 67 -7.45 1.84 58.84
N LEU H 68 -7.74 1.40 60.05
CA LEU H 68 -7.38 2.08 61.27
C LEU H 68 -6.37 1.26 62.01
N THR H 69 -5.22 1.84 62.29
CA THR H 69 -4.22 1.14 63.03
C THR H 69 -4.19 1.71 64.43
N ILE H 70 -4.30 0.85 65.44
CA ILE H 70 -4.25 1.37 66.79
C ILE H 70 -3.07 0.74 67.47
N THR H 71 -2.06 1.51 67.80
CA THR H 71 -0.89 0.90 68.39
C THR H 71 -1.01 0.90 69.88
N SER H 72 -0.20 0.09 70.57
CA SER H 72 -0.20 0.11 72.02
C SER H 72 -1.61 0.06 72.58
N VAL H 73 -2.42 -0.87 72.11
CA VAL H 73 -3.80 -0.92 72.53
C VAL H 73 -3.98 -1.09 74.02
N GLU H 74 -4.82 -0.25 74.58
CA GLU H 74 -5.15 -0.24 75.98
C GLU H 74 -6.56 -0.76 76.18
N ALA H 75 -6.85 -1.34 77.34
CA ALA H 75 -8.22 -1.84 77.59
C ALA H 75 -9.27 -0.76 77.41
N GLY H 76 -8.92 0.50 77.65
CA GLY H 76 -9.84 1.60 77.51
C GLY H 76 -10.19 1.89 76.04
N ASP H 77 -9.50 1.24 75.11
CA ASP H 77 -9.74 1.38 73.69
C ASP H 77 -10.66 0.26 73.21
N GLU H 78 -11.10 -0.63 74.12
CA GLU H 78 -11.96 -1.70 73.66
C GLU H 78 -13.26 -1.05 73.25
N ALA H 79 -13.67 -1.28 72.01
CA ALA H 79 -14.84 -0.59 71.46
C ALA H 79 -15.22 -1.12 70.11
N ASP H 80 -16.40 -0.73 69.64
CA ASP H 80 -16.77 -1.03 68.26
C ASP H 80 -16.36 0.11 67.35
N TYR H 81 -15.50 -0.17 66.39
CA TYR H 81 -15.00 0.86 65.51
C TYR H 81 -15.76 0.85 64.20
N TYR H 82 -16.17 2.03 63.77
CA TYR H 82 -16.96 2.24 62.56
C TYR H 82 -16.35 3.26 61.65
N CYS H 83 -16.68 3.18 60.39
CA CYS H 83 -16.21 4.22 59.49
C CYS H 83 -17.32 4.83 58.66
N HIS H 84 -17.21 6.12 58.43
CA HIS H 84 -18.13 6.82 57.54
C HIS H 84 -17.26 7.34 56.42
N ILE H 85 -17.52 6.87 55.21
CA ILE H 85 -16.65 7.22 54.11
C ILE H 85 -17.20 8.10 53.02
N TRP H 86 -16.47 9.18 52.75
CA TRP H 86 -16.81 10.05 51.66
C TRP H 86 -15.81 9.69 50.55
N ASP H 87 -16.28 9.63 49.32
CA ASP H 87 -15.43 9.26 48.18
C ASP H 87 -15.80 10.03 46.93
N SER H 88 -14.78 10.43 46.17
CA SER H 88 -14.88 11.15 44.90
C SER H 88 -15.68 10.47 43.78
N ARG H 89 -15.55 9.15 43.66
CA ARG H 89 -16.23 8.47 42.57
C ARG H 89 -17.49 7.75 42.99
N ARG H 90 -17.59 7.40 44.25
CA ARG H 90 -18.79 6.70 44.72
C ARG H 90 -19.88 7.73 45.05
N PRO H 91 -21.15 7.36 45.03
CA PRO H 91 -22.26 8.18 45.47
C PRO H 91 -22.19 8.32 46.98
N THR H 92 -22.91 9.29 47.54
CA THR H 92 -22.89 9.48 48.98
C THR H 92 -23.36 8.29 49.78
N ASN H 93 -22.56 7.97 50.78
CA ASN H 93 -22.85 6.91 51.71
C ASN H 93 -23.64 7.47 52.86
N TRP H 94 -24.86 7.03 52.95
CA TRP H 94 -25.76 7.48 53.98
C TRP H 94 -25.71 6.63 55.20
N VAL H 95 -24.90 5.62 55.15
CA VAL H 95 -24.77 4.71 56.24
C VAL H 95 -23.36 4.58 56.64
N PHE H 96 -23.16 4.11 57.83
CA PHE H 96 -21.85 3.81 58.30
C PHE H 96 -21.50 2.44 57.78
N GLY H 97 -20.22 2.22 57.60
CA GLY H 97 -19.74 0.92 57.22
C GLY H 97 -19.88 0.04 58.44
N GLU H 98 -20.00 -1.25 58.22
CA GLU H 98 -20.15 -2.16 59.33
C GLU H 98 -18.93 -2.05 60.18
N GLY H 99 -19.10 -2.01 61.48
CA GLY H 99 -17.95 -1.88 62.33
C GLY H 99 -17.29 -3.18 62.69
N THR H 100 -16.21 -3.04 63.42
CA THR H 100 -15.39 -4.13 63.90
C THR H 100 -15.21 -4.04 65.40
N THR H 101 -15.40 -5.14 66.11
CA THR H 101 -15.17 -5.05 67.53
C THR H 101 -13.70 -5.20 67.84
N LEU H 102 -13.16 -4.27 68.59
CA LEU H 102 -11.79 -4.41 69.04
C LEU H 102 -11.87 -4.98 70.39
N ILE H 103 -11.30 -6.17 70.55
CA ILE H 103 -11.31 -6.90 71.78
C ILE H 103 -9.97 -6.81 72.45
N VAL H 104 -9.94 -6.36 73.69
CA VAL H 104 -8.66 -6.27 74.37
C VAL H 104 -8.60 -7.49 75.28
N LEU H 105 -7.52 -8.24 75.18
CA LEU H 105 -7.47 -9.52 75.86
C LEU H 105 -7.08 -9.46 77.33
N SER H 106 -6.88 -8.27 77.83
CA SER H 106 -6.54 -8.05 79.24
C SER H 106 -7.06 -9.16 80.14
N GLN I 1 -80.75 4.96 -36.01
CA GLN I 1 -80.59 4.72 -34.58
C GLN I 1 -80.75 3.26 -34.23
N VAL I 2 -79.72 2.70 -33.63
CA VAL I 2 -79.77 1.33 -33.17
C VAL I 2 -80.52 1.20 -31.85
N HIS I 3 -81.43 0.25 -31.82
CA HIS I 3 -82.22 -0.01 -30.64
C HIS I 3 -81.84 -1.36 -30.07
N LEU I 4 -81.36 -1.33 -28.84
CA LEU I 4 -80.96 -2.55 -28.16
C LEU I 4 -82.00 -2.89 -27.13
N GLN I 5 -82.63 -4.05 -27.31
CA GLN I 5 -83.72 -4.47 -26.45
C GLN I 5 -83.40 -5.67 -25.56
N GLU I 6 -82.96 -5.42 -24.34
CA GLU I 6 -82.64 -6.53 -23.47
C GLU I 6 -83.92 -7.19 -22.97
N SER I 7 -83.94 -8.51 -22.94
CA SER I 7 -85.09 -9.22 -22.40
C SER I 7 -84.79 -10.58 -21.79
N GLY I 8 -85.55 -10.89 -20.75
CA GLY I 8 -85.46 -12.14 -20.03
C GLY I 8 -86.55 -12.15 -18.97
N PRO I 9 -86.67 -13.24 -18.18
CA PRO I 9 -87.71 -13.44 -17.16
C PRO I 9 -87.68 -12.47 -15.97
N GLY I 10 -86.53 -11.89 -15.71
CA GLY I 10 -86.36 -10.95 -14.59
C GLY I 10 -86.08 -11.70 -13.28
N LEU I 11 -86.16 -13.01 -13.32
CA LEU I 11 -85.95 -13.84 -12.16
C LEU I 11 -85.54 -15.22 -12.59
N VAL I 12 -84.44 -15.67 -12.05
CA VAL I 12 -83.93 -17.00 -12.30
C VAL I 12 -83.69 -17.68 -10.96
N LYS I 13 -83.87 -18.98 -10.92
CA LYS I 13 -83.66 -19.75 -9.71
C LYS I 13 -82.16 -19.74 -9.37
N PRO I 14 -81.75 -19.86 -8.09
CA PRO I 14 -80.39 -20.10 -7.64
C PRO I 14 -79.91 -21.43 -8.18
N SER I 15 -78.61 -21.55 -8.41
CA SER I 15 -77.98 -22.77 -8.93
C SER I 15 -78.68 -23.16 -10.21
N GLU I 16 -78.78 -22.17 -11.08
CA GLU I 16 -79.49 -22.29 -12.36
C GLU I 16 -78.79 -21.57 -13.52
N THR I 17 -79.11 -21.95 -14.75
CA THR I 17 -78.54 -21.22 -15.87
C THR I 17 -79.46 -20.11 -16.35
N LEU I 18 -78.91 -18.92 -16.46
CA LEU I 18 -79.61 -17.73 -16.92
C LEU I 18 -79.32 -17.42 -18.38
N SER I 19 -80.36 -17.16 -19.14
CA SER I 19 -80.16 -16.78 -20.51
C SER I 19 -80.93 -15.54 -20.89
N LEU I 20 -80.19 -14.51 -21.29
CA LEU I 20 -80.75 -13.23 -21.70
C LEU I 20 -80.53 -12.97 -23.17
N THR I 21 -81.46 -12.24 -23.78
CA THR I 21 -81.35 -11.90 -25.19
C THR I 21 -81.44 -10.42 -25.45
N CYS I 22 -80.57 -9.92 -26.32
CA CYS I 22 -80.67 -8.54 -26.78
C CYS I 22 -81.14 -8.48 -28.22
N ASN I 23 -82.31 -7.93 -28.44
CA ASN I 23 -82.82 -7.85 -29.79
C ASN I 23 -82.22 -6.62 -30.43
N VAL I 24 -81.41 -6.83 -31.48
CA VAL I 24 -80.73 -5.73 -32.12
C VAL I 24 -81.50 -5.27 -33.34
N SER I 25 -81.76 -3.97 -33.41
CA SER I 25 -82.46 -3.42 -34.55
C SER I 25 -81.85 -2.12 -35.02
N GLY I 26 -81.67 -1.98 -36.34
CA GLY I 26 -81.07 -0.77 -36.91
C GLY I 26 -79.63 -0.99 -37.39
N THR I 27 -79.12 -2.17 -37.10
CA THR I 27 -77.78 -2.61 -37.47
C THR I 27 -77.73 -4.11 -37.51
N LEU I 28 -76.74 -4.66 -38.19
CA LEU I 28 -76.49 -6.08 -38.19
C LEU I 28 -75.59 -6.46 -37.04
N VAL I 29 -76.06 -7.42 -36.25
CA VAL I 29 -75.35 -7.83 -35.06
C VAL I 29 -73.96 -8.36 -35.41
N ARG I 30 -73.81 -9.01 -36.56
CA ARG I 30 -72.52 -9.52 -36.98
C ARG I 30 -71.48 -8.44 -37.32
N ASP I 31 -71.89 -7.23 -37.72
CA ASP I 31 -70.89 -6.23 -38.09
C ASP I 31 -70.37 -5.48 -36.88
N ASN I 32 -71.17 -5.41 -35.84
CA ASN I 32 -70.76 -4.71 -34.65
C ASN I 32 -70.11 -5.57 -33.59
N TYR I 33 -69.32 -4.96 -32.74
CA TYR I 33 -68.82 -5.67 -31.57
C TYR I 33 -69.83 -5.49 -30.46
N TRP I 34 -70.19 -6.59 -29.82
CA TRP I 34 -71.18 -6.50 -28.77
C TRP I 34 -70.62 -6.80 -27.44
N SER I 35 -71.17 -6.17 -26.44
CA SER I 35 -70.73 -6.47 -25.12
C SER I 35 -71.86 -6.46 -24.15
N TRP I 36 -71.62 -7.18 -23.08
CA TRP I 36 -72.54 -7.22 -21.99
C TRP I 36 -71.88 -6.64 -20.79
N ILE I 37 -72.67 -5.89 -20.07
CA ILE I 37 -72.31 -5.21 -18.87
C ILE I 37 -73.40 -5.46 -17.85
N ARG I 38 -73.07 -5.53 -16.57
CA ARG I 38 -74.14 -5.63 -15.59
C ARG I 38 -73.92 -4.65 -14.46
N GLN I 39 -74.99 -4.24 -13.83
CA GLN I 39 -74.85 -3.33 -12.72
C GLN I 39 -75.68 -3.72 -11.51
N PRO I 40 -75.10 -4.39 -10.52
CA PRO I 40 -75.73 -4.80 -9.29
C PRO I 40 -76.22 -3.53 -8.64
N LEU I 41 -77.33 -3.58 -7.92
CA LEU I 41 -77.80 -2.36 -7.31
C LEU I 41 -76.81 -1.80 -6.32
N GLY I 42 -76.52 -0.51 -6.46
CA GLY I 42 -75.60 0.20 -5.57
C GLY I 42 -74.16 0.13 -6.02
N LYS I 43 -73.92 -0.57 -7.12
CA LYS I 43 -72.57 -0.72 -7.65
C LYS I 43 -72.37 -0.06 -8.98
N GLN I 44 -71.11 0.17 -9.30
CA GLN I 44 -70.75 0.67 -10.59
C GLN I 44 -70.84 -0.54 -11.52
N PRO I 45 -71.01 -0.35 -12.81
CA PRO I 45 -71.14 -1.44 -13.77
C PRO I 45 -69.89 -2.32 -13.85
N GLU I 46 -70.13 -3.57 -14.22
CA GLU I 46 -69.09 -4.58 -14.44
C GLU I 46 -69.19 -5.06 -15.86
N TRP I 47 -68.08 -5.30 -16.52
CA TRP I 47 -68.16 -5.89 -17.84
C TRP I 47 -68.31 -7.37 -17.68
N ILE I 48 -69.06 -7.97 -18.55
CA ILE I 48 -69.21 -9.41 -18.58
C ILE I 48 -68.29 -10.01 -19.60
N GLY I 49 -68.28 -9.41 -20.78
CA GLY I 49 -67.50 -9.92 -21.90
C GLY I 49 -67.93 -9.28 -23.18
N TYR I 50 -67.25 -9.64 -24.26
CA TYR I 50 -67.63 -9.12 -25.55
C TYR I 50 -67.55 -10.22 -26.56
N VAL I 51 -68.33 -10.06 -27.61
CA VAL I 51 -68.40 -11.02 -28.68
C VAL I 51 -68.53 -10.38 -30.05
N HIS I 52 -67.89 -10.99 -31.03
CA HIS I 52 -68.01 -10.51 -32.39
C HIS I 52 -67.90 -11.64 -33.37
N ASP I 53 -66.71 -11.87 -33.90
CA ASP I 53 -66.49 -12.96 -34.82
C ASP I 53 -65.02 -13.31 -34.85
N SER I 54 -64.68 -14.33 -35.62
CA SER I 54 -63.32 -14.79 -35.86
C SER I 54 -62.53 -15.06 -34.58
N GLY I 55 -63.21 -15.51 -33.54
CA GLY I 55 -62.56 -15.81 -32.27
C GLY I 55 -62.31 -14.56 -31.41
N ASP I 56 -62.71 -13.39 -31.91
CA ASP I 56 -62.44 -12.16 -31.18
C ASP I 56 -63.52 -11.90 -30.17
N THR I 57 -63.40 -12.62 -29.06
CA THR I 57 -64.33 -12.54 -27.95
C THR I 57 -63.50 -12.49 -26.68
N ASN I 58 -64.08 -12.06 -25.58
CA ASN I 58 -63.37 -12.13 -24.31
C ASN I 58 -64.35 -12.10 -23.16
N TYR I 59 -63.88 -12.53 -22.00
CA TYR I 59 -64.72 -12.60 -20.83
C TYR I 59 -64.10 -12.05 -19.56
N ASN I 60 -64.95 -11.56 -18.68
CA ASN I 60 -64.52 -11.17 -17.36
C ASN I 60 -63.98 -12.42 -16.74
N PRO I 61 -62.74 -12.46 -16.28
CA PRO I 61 -62.10 -13.64 -15.77
C PRO I 61 -62.83 -14.28 -14.61
N SER I 62 -63.65 -13.52 -13.87
CA SER I 62 -64.36 -14.12 -12.76
C SER I 62 -65.56 -14.92 -13.25
N LEU I 63 -66.01 -14.62 -14.46
CA LEU I 63 -67.14 -15.24 -15.10
C LEU I 63 -66.70 -16.06 -16.30
N LYS I 64 -65.42 -16.15 -16.55
CA LYS I 64 -64.96 -16.79 -17.77
C LYS I 64 -65.42 -18.23 -17.90
N SER I 65 -65.47 -18.94 -16.80
CA SER I 65 -65.89 -20.34 -16.82
C SER I 65 -67.41 -20.49 -16.79
N ARG I 66 -68.13 -19.39 -16.54
CA ARG I 66 -69.57 -19.42 -16.39
C ARG I 66 -70.33 -18.82 -17.55
N VAL I 67 -69.71 -17.87 -18.24
CA VAL I 67 -70.34 -17.13 -19.32
C VAL I 67 -69.95 -17.56 -20.70
N HIS I 68 -70.97 -17.64 -21.54
CA HIS I 68 -70.79 -17.98 -22.93
C HIS I 68 -71.57 -16.98 -23.77
N LEU I 69 -70.88 -16.34 -24.72
CA LEU I 69 -71.55 -15.36 -25.56
C LEU I 69 -71.69 -15.84 -26.99
N SER I 70 -72.77 -15.41 -27.64
CA SER I 70 -72.99 -15.78 -29.04
C SER I 70 -73.83 -14.80 -29.83
N LEU I 71 -73.51 -14.61 -31.11
CA LEU I 71 -74.32 -13.74 -31.95
C LEU I 71 -74.98 -14.53 -33.05
N ASP I 72 -76.30 -14.38 -33.17
CA ASP I 72 -76.98 -15.12 -34.22
C ASP I 72 -77.45 -14.15 -35.29
N LYS I 73 -76.68 -14.12 -36.37
CA LYS I 73 -76.85 -13.19 -37.47
C LYS I 73 -78.15 -13.40 -38.21
N SER I 74 -78.76 -14.57 -38.07
CA SER I 74 -79.98 -14.87 -38.77
C SER I 74 -81.21 -14.38 -38.01
N LYS I 75 -81.00 -13.98 -36.75
CA LYS I 75 -82.10 -13.56 -35.90
C LYS I 75 -81.83 -12.11 -35.56
N ASN I 76 -80.56 -11.77 -35.72
CA ASN I 76 -79.98 -10.48 -35.38
C ASN I 76 -80.13 -10.23 -33.88
N LEU I 77 -79.79 -11.28 -33.13
CA LEU I 77 -79.85 -11.25 -31.67
C LEU I 77 -78.49 -11.49 -31.01
N VAL I 78 -78.30 -10.88 -29.84
CA VAL I 78 -77.10 -11.16 -29.05
C VAL I 78 -77.49 -12.03 -27.88
N SER I 79 -76.85 -13.19 -27.73
CA SER I 79 -77.19 -14.07 -26.62
C SER I 79 -76.16 -14.02 -25.50
N LEU I 80 -76.67 -14.01 -24.28
CA LEU I 80 -75.87 -14.10 -23.07
C LEU I 80 -76.25 -15.28 -22.20
N ARG I 81 -75.33 -16.22 -22.04
CA ARG I 81 -75.62 -17.38 -21.21
C ARG I 81 -74.70 -17.42 -20.01
N LEU I 82 -75.28 -17.36 -18.81
CA LEU I 82 -74.55 -17.39 -17.56
C LEU I 82 -74.96 -18.56 -16.69
N THR I 83 -74.03 -19.46 -16.39
CA THR I 83 -74.48 -20.57 -15.55
C THR I 83 -74.05 -20.38 -14.13
N GLY I 84 -74.54 -21.25 -13.27
CA GLY I 84 -74.20 -21.22 -11.85
C GLY I 84 -74.75 -19.97 -11.16
N VAL I 85 -75.93 -19.48 -11.56
CA VAL I 85 -76.37 -18.22 -10.96
C VAL I 85 -76.74 -18.36 -9.52
N THR I 86 -76.34 -17.33 -8.80
CA THR I 86 -76.58 -17.12 -7.38
C THR I 86 -77.02 -15.70 -7.06
N ALA I 87 -77.23 -15.43 -5.79
CA ALA I 87 -77.74 -14.12 -5.36
C ALA I 87 -76.85 -12.96 -5.79
N ALA I 88 -75.56 -13.21 -5.86
CA ALA I 88 -74.55 -12.22 -6.23
C ALA I 88 -74.68 -11.79 -7.68
N ASP I 89 -75.43 -12.52 -8.48
CA ASP I 89 -75.58 -12.23 -9.89
C ASP I 89 -76.80 -11.37 -10.15
N SER I 90 -77.48 -10.91 -9.08
CA SER I 90 -78.61 -10.03 -9.28
C SER I 90 -78.08 -8.69 -9.74
N ALA I 91 -78.52 -8.26 -10.91
CA ALA I 91 -78.02 -7.03 -11.51
C ALA I 91 -78.88 -6.57 -12.66
N ILE I 92 -78.72 -5.32 -13.08
CA ILE I 92 -79.34 -4.97 -14.33
C ILE I 92 -78.38 -5.35 -15.41
N TYR I 93 -78.82 -6.12 -16.36
CA TYR I 93 -77.96 -6.55 -17.44
C TYR I 93 -78.17 -5.65 -18.64
N TYR I 94 -77.08 -5.24 -19.25
CA TYR I 94 -77.15 -4.35 -20.38
C TYR I 94 -76.46 -4.88 -21.60
N CYS I 95 -77.08 -4.56 -22.71
CA CYS I 95 -76.61 -4.79 -24.05
C CYS I 95 -76.03 -3.51 -24.58
N ALA I 96 -74.83 -3.59 -25.15
CA ALA I 96 -74.26 -2.38 -25.71
C ALA I 96 -73.41 -2.65 -26.95
N THR I 97 -73.33 -1.64 -27.80
CA THR I 97 -72.48 -1.69 -28.99
C THR I 97 -71.16 -1.08 -28.60
N THR I 98 -70.12 -1.87 -28.77
CA THR I 98 -68.76 -1.53 -28.39
C THR I 98 -67.91 -1.15 -29.59
N LYS I 99 -67.12 -0.10 -29.41
CA LYS I 99 -66.21 0.33 -30.43
C LYS I 99 -64.80 0.14 -29.92
N HIS I 100 -63.89 -0.18 -30.83
CA HIS I 100 -62.52 -0.40 -30.44
C HIS I 100 -61.59 0.63 -31.03
N GLY I 101 -60.75 1.19 -30.19
CA GLY I 101 -59.76 2.15 -30.61
C GLY I 101 -58.37 1.61 -30.31
N ARG I 102 -57.34 2.43 -30.54
CA ARG I 102 -55.97 2.01 -30.27
C ARG I 102 -55.18 3.14 -29.64
N ARG I 103 -54.31 2.79 -28.72
CA ARG I 103 -53.44 3.76 -28.12
C ARG I 103 -52.01 3.28 -28.23
N ILE I 104 -51.16 4.14 -28.76
CA ILE I 104 -49.76 3.80 -28.96
C ILE I 104 -48.87 4.54 -28.01
N TYR I 105 -48.04 3.81 -27.29
CA TYR I 105 -47.16 4.44 -26.34
C TYR I 105 -45.68 4.25 -26.66
N GLY I 106 -45.34 3.25 -27.45
CA GLY I 106 -43.94 2.99 -27.76
C GLY I 106 -43.61 2.92 -29.24
N VAL I 107 -42.84 1.89 -29.58
CA VAL I 107 -42.25 1.66 -30.90
C VAL I 107 -43.16 1.06 -31.97
N VAL I 108 -44.32 0.55 -31.57
CA VAL I 108 -45.29 -0.09 -32.47
C VAL I 108 -44.84 -1.46 -32.97
N ALA I 109 -43.67 -1.53 -33.57
CA ALA I 109 -43.05 -2.73 -34.11
C ALA I 109 -42.74 -3.74 -33.00
N PHE I 110 -42.71 -3.25 -31.78
CA PHE I 110 -42.42 -4.06 -30.62
C PHE I 110 -43.73 -4.32 -29.86
N LYS I 111 -44.85 -4.00 -30.51
CA LYS I 111 -46.21 -4.10 -29.98
C LYS I 111 -46.44 -3.27 -28.74
N GLU I 112 -45.84 -2.09 -28.69
CA GLU I 112 -46.00 -1.20 -27.57
C GLU I 112 -47.22 -0.29 -27.75
N TRP I 113 -48.36 -0.95 -27.73
CA TRP I 113 -49.65 -0.33 -27.91
C TRP I 113 -50.73 -1.24 -27.37
N PHE I 114 -51.92 -0.70 -27.23
CA PHE I 114 -53.04 -1.51 -26.81
C PHE I 114 -54.32 -1.04 -27.43
N THR I 115 -55.31 -1.92 -27.42
CA THR I 115 -56.62 -1.54 -27.92
C THR I 115 -57.46 -1.17 -26.73
N TYR I 116 -58.34 -0.22 -26.92
CA TYR I 116 -59.22 0.15 -25.83
C TYR I 116 -60.65 0.14 -26.27
N PHE I 117 -61.54 -0.11 -25.34
CA PHE I 117 -62.93 -0.20 -25.72
C PHE I 117 -63.80 0.83 -25.04
N TYR I 118 -64.82 1.23 -25.76
CA TYR I 118 -65.86 2.10 -25.25
C TYR I 118 -67.21 1.73 -25.83
N MET I 119 -68.27 2.02 -25.08
CA MET I 119 -69.62 1.65 -25.52
C MET I 119 -70.49 2.82 -25.90
N ASP I 120 -70.81 2.89 -27.19
CA ASP I 120 -71.57 4.01 -27.74
C ASP I 120 -73.07 3.82 -27.67
N VAL I 121 -73.53 2.60 -27.87
CA VAL I 121 -74.97 2.41 -27.92
C VAL I 121 -75.38 1.52 -26.81
N TRP I 122 -76.29 2.00 -26.00
CA TRP I 122 -76.77 1.24 -24.87
C TRP I 122 -78.25 0.97 -24.99
N GLY I 123 -78.66 -0.15 -24.44
CA GLY I 123 -80.06 -0.50 -24.36
C GLY I 123 -80.67 0.12 -23.12
N LYS I 124 -81.70 -0.51 -22.59
CA LYS I 124 -82.36 0.09 -21.44
C LYS I 124 -81.97 -0.68 -20.20
N GLY I 125 -81.67 -1.95 -20.43
CA GLY I 125 -81.27 -2.88 -19.41
C GLY I 125 -82.41 -3.72 -18.91
N THR I 126 -82.09 -4.92 -18.48
CA THR I 126 -83.10 -5.81 -17.93
C THR I 126 -82.72 -6.18 -16.52
N SER I 127 -83.62 -5.92 -15.58
CA SER I 127 -83.33 -6.20 -14.18
C SER I 127 -83.62 -7.63 -13.86
N VAL I 128 -82.56 -8.37 -13.52
CA VAL I 128 -82.71 -9.78 -13.27
C VAL I 128 -82.21 -10.14 -11.91
N THR I 129 -83.06 -10.79 -11.14
CA THR I 129 -82.63 -11.23 -9.82
C THR I 129 -82.52 -12.71 -9.77
N VAL I 130 -82.03 -13.20 -8.65
CA VAL I 130 -81.92 -14.63 -8.47
C VAL I 130 -82.72 -14.96 -7.22
N SER I 131 -83.73 -15.80 -7.38
CA SER I 131 -84.63 -16.11 -6.27
C SER I 131 -85.38 -17.42 -6.44
N SER I 132 -85.67 -18.08 -5.33
CA SER I 132 -86.44 -19.31 -5.38
C SER I 132 -87.70 -19.16 -6.22
N THR J 1 -69.57 9.01 -2.55
CA THR J 1 -68.78 9.96 -3.32
C THR J 1 -69.66 10.76 -4.26
N PHE J 2 -69.67 12.06 -4.06
CA PHE J 2 -70.45 12.97 -4.85
C PHE J 2 -69.83 14.35 -4.86
N VAL J 3 -70.25 15.13 -5.83
CA VAL J 3 -69.88 16.51 -5.90
C VAL J 3 -71.18 17.34 -5.95
N SER J 4 -71.26 18.37 -5.11
CA SER J 4 -72.43 19.24 -5.06
C SER J 4 -72.15 20.46 -5.91
N VAL J 5 -72.93 20.64 -6.98
CA VAL J 5 -72.67 21.74 -7.89
C VAL J 5 -73.90 22.61 -8.13
N ALA J 6 -73.80 23.91 -7.90
CA ALA J 6 -74.94 24.75 -8.18
C ALA J 6 -75.05 24.85 -9.69
N PRO J 7 -76.21 25.04 -10.29
CA PRO J 7 -76.31 25.19 -11.71
C PRO J 7 -75.38 26.29 -12.16
N GLY J 8 -74.65 26.03 -13.22
CA GLY J 8 -73.71 26.98 -13.81
C GLY J 8 -72.29 26.82 -13.28
N GLN J 9 -72.12 26.08 -12.20
CA GLN J 9 -70.79 25.87 -11.64
C GLN J 9 -70.11 24.71 -12.30
N THR J 10 -68.80 24.64 -12.12
CA THR J 10 -68.02 23.56 -12.69
C THR J 10 -67.85 22.38 -11.74
N ALA J 11 -68.17 21.17 -12.23
CA ALA J 11 -68.01 19.96 -11.44
C ALA J 11 -66.56 19.53 -11.50
N ARG J 12 -66.06 19.02 -10.38
CA ARG J 12 -64.72 18.46 -10.38
C ARG J 12 -64.83 17.00 -9.97
N ILE J 13 -64.77 16.12 -10.95
CA ILE J 13 -64.97 14.70 -10.74
C ILE J 13 -63.74 13.87 -10.93
N THR J 14 -63.40 13.07 -9.95
CA THR J 14 -62.23 12.23 -10.08
C THR J 14 -62.62 10.77 -10.09
N CYS J 15 -61.73 9.93 -10.61
CA CYS J 15 -62.01 8.49 -10.70
C CYS J 15 -60.75 7.64 -10.86
N GLY J 16 -60.68 6.55 -10.13
CA GLY J 16 -59.60 5.58 -10.28
C GLY J 16 -58.34 5.90 -9.48
N GLU J 17 -57.35 5.03 -9.65
CA GLU J 17 -56.07 5.14 -8.96
C GLU J 17 -55.05 5.87 -9.82
N GLU J 18 -53.85 6.05 -9.31
CA GLU J 18 -52.80 6.75 -10.04
C GLU J 18 -52.27 5.97 -11.24
N SER J 19 -52.06 6.69 -12.35
CA SER J 19 -51.48 6.11 -13.56
C SER J 19 -50.06 5.68 -13.37
N LEU J 20 -49.72 4.56 -13.99
CA LEU J 20 -48.34 4.13 -13.98
C LEU J 20 -47.77 4.40 -15.34
N GLY J 21 -48.57 4.10 -16.34
CA GLY J 21 -48.13 4.23 -17.72
C GLY J 21 -49.13 5.02 -18.53
N SER J 22 -49.02 4.98 -19.84
CA SER J 22 -49.91 5.71 -20.70
C SER J 22 -51.32 5.21 -20.45
N ARG J 23 -52.24 6.14 -20.31
CA ARG J 23 -53.60 5.79 -19.97
C ARG J 23 -54.67 6.29 -20.92
N SER J 24 -55.74 5.50 -21.04
CA SER J 24 -56.93 5.86 -21.79
C SER J 24 -58.16 5.73 -20.90
N VAL J 25 -58.73 6.87 -20.55
CA VAL J 25 -59.88 6.91 -19.66
C VAL J 25 -61.16 7.13 -20.40
N ILE J 26 -62.14 6.28 -20.12
CA ILE J 26 -63.42 6.44 -20.75
C ILE J 26 -64.48 6.77 -19.69
N TRP J 27 -65.13 7.91 -19.85
CA TRP J 27 -66.13 8.36 -18.90
C TRP J 27 -67.54 8.22 -19.41
N TYR J 28 -68.41 7.77 -18.53
CA TYR J 28 -69.82 7.63 -18.81
C TYR J 28 -70.63 8.34 -17.76
N GLN J 29 -71.78 8.87 -18.15
CA GLN J 29 -72.66 9.49 -17.18
C GLN J 29 -73.93 8.66 -17.16
N GLN J 30 -74.32 8.21 -15.99
CA GLN J 30 -75.52 7.41 -15.87
C GLN J 30 -76.63 8.15 -15.14
N ARG J 31 -77.65 8.55 -15.87
CA ARG J 31 -78.72 9.25 -15.20
C ARG J 31 -79.50 8.19 -14.47
N PRO J 32 -80.13 8.46 -13.33
CA PRO J 32 -80.88 7.48 -12.60
C PRO J 32 -81.91 6.82 -13.49
N GLY J 33 -81.95 5.50 -13.42
CA GLY J 33 -82.89 4.70 -14.19
C GLY J 33 -82.42 4.40 -15.61
N GLN J 34 -81.29 4.97 -16.01
CA GLN J 34 -80.77 4.81 -17.35
C GLN J 34 -79.53 3.97 -17.43
N ALA J 35 -79.24 3.45 -18.63
CA ALA J 35 -77.99 2.78 -18.88
C ALA J 35 -76.92 3.87 -18.87
N PRO J 36 -75.66 3.59 -18.51
CA PRO J 36 -74.59 4.55 -18.58
C PRO J 36 -74.44 5.04 -20.00
N SER J 37 -74.17 6.31 -20.18
CA SER J 37 -73.99 6.87 -21.53
C SER J 37 -72.63 7.49 -21.68
N LEU J 38 -71.94 7.16 -22.75
CA LEU J 38 -70.59 7.65 -22.94
C LEU J 38 -70.50 9.13 -23.19
N ILE J 39 -69.61 9.78 -22.45
CA ILE J 39 -69.35 11.20 -22.64
C ILE J 39 -67.95 11.44 -23.20
N ILE J 40 -66.95 10.76 -22.64
CA ILE J 40 -65.58 10.96 -23.07
C ILE J 40 -64.86 9.65 -23.26
N TYR J 41 -64.09 9.51 -24.32
CA TYR J 41 -63.29 8.32 -24.49
C TYR J 41 -61.89 8.75 -24.83
N ASN J 42 -60.91 7.90 -24.58
CA ASN J 42 -59.54 8.24 -24.93
C ASN J 42 -59.13 9.57 -24.28
N ASN J 43 -59.49 9.74 -23.00
CA ASN J 43 -59.13 10.89 -22.18
C ASN J 43 -59.87 12.18 -22.52
N ASN J 44 -59.83 12.63 -23.76
CA ASN J 44 -60.56 13.84 -24.07
C ASN J 44 -61.34 13.84 -25.39
N ASP J 45 -61.76 12.69 -25.89
CA ASP J 45 -62.53 12.64 -27.12
C ASP J 45 -64.01 12.53 -26.82
N ARG J 46 -64.76 13.52 -27.26
CA ARG J 46 -66.18 13.53 -26.96
C ARG J 46 -66.97 13.14 -28.21
N PRO J 47 -67.78 12.08 -28.18
CA PRO J 47 -68.60 11.61 -29.27
C PRO J 47 -69.56 12.69 -29.69
N SER J 48 -69.98 12.66 -30.93
CA SER J 48 -70.92 13.67 -31.38
C SER J 48 -72.13 13.61 -30.49
N GLY J 49 -72.65 14.79 -30.14
CA GLY J 49 -73.81 14.91 -29.28
C GLY J 49 -73.40 15.28 -27.86
N ILE J 50 -72.10 15.16 -27.54
CA ILE J 50 -71.62 15.51 -26.23
C ILE J 50 -71.08 16.95 -26.24
N PRO J 51 -71.57 17.83 -25.36
CA PRO J 51 -71.16 19.21 -25.21
C PRO J 51 -69.69 19.36 -24.82
N ASP J 52 -69.11 20.48 -25.23
CA ASP J 52 -67.72 20.86 -25.00
C ASP J 52 -67.43 21.18 -23.54
N ARG J 53 -68.48 21.30 -22.76
CA ARG J 53 -68.37 21.58 -21.34
C ARG J 53 -67.74 20.38 -20.65
N PHE J 54 -67.78 19.20 -21.31
CA PHE J 54 -67.20 17.99 -20.75
C PHE J 54 -65.79 17.87 -21.27
N SER J 55 -64.81 17.98 -20.38
CA SER J 55 -63.40 17.95 -20.74
C SER J 55 -62.59 17.06 -19.80
N GLY J 56 -61.89 16.07 -20.35
CA GLY J 56 -61.13 15.15 -19.51
C GLY J 56 -59.65 15.50 -19.39
N SER J 57 -59.02 14.97 -18.34
CA SER J 57 -57.60 15.11 -18.12
C SER J 57 -56.86 14.27 -19.13
N PRO J 58 -55.60 14.60 -19.48
CA PRO J 58 -54.74 13.85 -20.37
C PRO J 58 -54.29 12.54 -19.77
N GLY J 59 -53.97 11.60 -20.64
CA GLY J 59 -53.44 10.28 -20.27
C GLY J 59 -51.91 10.21 -20.35
N SER J 60 -51.30 11.37 -20.59
CA SER J 60 -49.85 11.50 -20.73
C SER J 60 -49.14 11.57 -19.38
N THR J 61 -49.90 11.79 -18.33
CA THR J 61 -49.36 11.94 -17.01
C THR J 61 -49.23 10.61 -16.33
N PHE J 62 -48.52 10.60 -15.23
CA PHE J 62 -48.39 9.41 -14.41
C PHE J 62 -48.51 9.94 -13.00
N GLY J 63 -48.89 9.11 -12.05
CA GLY J 63 -48.97 9.57 -10.68
C GLY J 63 -50.25 10.35 -10.41
N THR J 64 -51.13 10.40 -11.41
CA THR J 64 -52.38 11.13 -11.34
C THR J 64 -53.55 10.21 -11.55
N THR J 65 -54.71 10.63 -11.04
CA THR J 65 -55.95 9.88 -11.19
C THR J 65 -56.75 10.49 -12.33
N ALA J 66 -57.82 9.84 -12.78
CA ALA J 66 -58.56 10.46 -13.86
C ALA J 66 -59.31 11.65 -13.32
N THR J 67 -59.36 12.74 -14.10
CA THR J 67 -60.19 13.87 -13.70
C THR J 67 -61.08 14.33 -14.85
N LEU J 68 -62.33 14.58 -14.53
CA LEU J 68 -63.31 15.12 -15.44
C LEU J 68 -63.77 16.49 -14.99
N THR J 69 -63.72 17.44 -15.90
CA THR J 69 -64.19 18.77 -15.59
C THR J 69 -65.47 19.01 -16.35
N ILE J 70 -66.53 19.38 -15.63
CA ILE J 70 -67.77 19.66 -16.36
C ILE J 70 -68.13 21.09 -16.10
N THR J 71 -68.03 21.93 -17.10
CA THR J 71 -68.29 23.34 -16.84
C THR J 71 -69.75 23.62 -17.03
N SER J 72 -70.22 24.75 -16.52
CA SER J 72 -71.58 25.16 -16.74
C SER J 72 -72.57 24.04 -16.47
N VAL J 73 -72.47 23.37 -15.32
CA VAL J 73 -73.34 22.22 -15.09
C VAL J 73 -74.80 22.57 -15.08
N GLU J 74 -75.55 21.81 -15.86
CA GLU J 74 -76.99 21.95 -15.99
C GLU J 74 -77.70 20.88 -15.18
N ALA J 75 -78.96 21.10 -14.85
CA ALA J 75 -79.74 20.09 -14.14
C ALA J 75 -79.80 18.78 -14.92
N GLY J 76 -79.79 18.85 -16.25
CA GLY J 76 -79.86 17.67 -17.08
C GLY J 76 -78.57 16.85 -17.06
N ASP J 77 -77.51 17.40 -16.45
CA ASP J 77 -76.23 16.71 -16.36
C ASP J 77 -76.17 15.96 -15.03
N GLU J 78 -77.24 16.04 -14.22
CA GLU J 78 -77.19 15.31 -12.98
C GLU J 78 -77.10 13.84 -13.36
N ALA J 79 -76.08 13.15 -12.83
CA ALA J 79 -75.84 11.75 -13.21
C ALA J 79 -74.75 11.16 -12.35
N ASP J 80 -74.61 9.84 -12.37
CA ASP J 80 -73.42 9.24 -11.77
C ASP J 80 -72.32 9.14 -12.79
N TYR J 81 -71.17 9.69 -12.48
CA TYR J 81 -70.06 9.67 -13.42
C TYR J 81 -69.10 8.57 -13.06
N TYR J 82 -68.92 7.65 -13.99
CA TYR J 82 -68.06 6.48 -13.80
C TYR J 82 -66.99 6.45 -14.83
N CYS J 83 -65.86 5.87 -14.48
CA CYS J 83 -64.84 5.75 -15.49
C CYS J 83 -64.36 4.32 -15.65
N HIS J 84 -63.99 4.00 -16.87
CA HIS J 84 -63.34 2.75 -17.16
C HIS J 84 -61.95 3.10 -17.62
N ILE J 85 -60.97 2.42 -17.06
CA ILE J 85 -59.61 2.78 -17.39
C ILE J 85 -58.71 1.70 -17.95
N TRP J 86 -58.07 2.05 -19.06
CA TRP J 86 -57.07 1.19 -19.64
C TRP J 86 -55.69 1.81 -19.32
N ASP J 87 -54.74 1.00 -18.85
CA ASP J 87 -53.39 1.46 -18.48
C ASP J 87 -52.35 0.45 -18.92
N SER J 88 -51.35 0.88 -19.69
CA SER J 88 -50.35 0.00 -20.29
C SER J 88 -49.54 -0.80 -19.25
N ARG J 89 -49.56 -0.33 -18.02
CA ARG J 89 -48.84 -1.00 -16.95
C ARG J 89 -49.71 -1.73 -15.95
N ARG J 90 -50.98 -1.92 -16.26
CA ARG J 90 -51.85 -2.63 -15.35
C ARG J 90 -52.65 -3.69 -16.12
N PRO J 91 -53.15 -4.75 -15.48
CA PRO J 91 -53.98 -5.76 -16.09
C PRO J 91 -55.30 -5.15 -16.48
N THR J 92 -55.97 -5.77 -17.43
CA THR J 92 -57.26 -5.27 -17.87
C THR J 92 -58.26 -5.22 -16.75
N ASN J 93 -58.90 -4.07 -16.66
CA ASN J 93 -59.95 -3.86 -15.72
C ASN J 93 -61.25 -4.28 -16.35
N TRP J 94 -61.88 -5.25 -15.74
CA TRP J 94 -63.12 -5.75 -16.26
C TRP J 94 -64.30 -5.11 -15.58
N VAL J 95 -64.00 -4.17 -14.72
CA VAL J 95 -65.00 -3.45 -13.99
C VAL J 95 -64.75 -1.97 -14.08
N PHE J 96 -65.78 -1.20 -13.79
CA PHE J 96 -65.67 0.23 -13.67
C PHE J 96 -65.13 0.64 -12.33
N GLY J 97 -64.50 1.81 -12.31
CA GLY J 97 -64.06 2.38 -11.06
C GLY J 97 -65.27 2.99 -10.38
N GLU J 98 -65.18 3.16 -9.07
CA GLU J 98 -66.29 3.76 -8.35
C GLU J 98 -66.48 5.17 -8.83
N GLY J 99 -67.71 5.56 -9.07
CA GLY J 99 -67.97 6.87 -9.60
C GLY J 99 -68.30 7.93 -8.58
N THR J 100 -68.67 9.08 -9.10
CA THR J 100 -69.04 10.25 -8.33
C THR J 100 -70.43 10.70 -8.71
N THR J 101 -71.30 10.90 -7.74
CA THR J 101 -72.59 11.41 -8.14
C THR J 101 -72.49 12.90 -8.35
N LEU J 102 -72.97 13.38 -9.46
CA LEU J 102 -73.02 14.81 -9.69
C LEU J 102 -74.40 15.23 -9.34
N ILE J 103 -74.49 16.02 -8.29
CA ILE J 103 -75.75 16.48 -7.76
C ILE J 103 -75.93 17.92 -8.15
N VAL J 104 -77.04 18.23 -8.82
CA VAL J 104 -77.22 19.59 -9.23
C VAL J 104 -78.12 20.19 -8.17
N LEU J 105 -77.71 21.31 -7.60
CA LEU J 105 -78.40 21.85 -6.44
C LEU J 105 -79.63 22.69 -6.74
N SER J 106 -79.96 22.82 -8.01
CA SER J 106 -81.13 23.56 -8.45
C SER J 106 -82.23 23.59 -7.40
N GLN K 1 -0.43 -86.60 9.29
CA GLN K 1 -1.63 -85.78 9.39
C GLN K 1 -2.01 -85.51 10.83
N VAL K 2 -2.11 -84.24 11.16
CA VAL K 2 -2.54 -83.85 12.48
C VAL K 2 -4.04 -83.93 12.60
N HIS K 3 -4.50 -84.56 13.67
CA HIS K 3 -5.91 -84.67 13.91
C HIS K 3 -6.28 -83.85 15.11
N LEU K 4 -7.31 -83.04 14.95
CA LEU K 4 -7.79 -82.21 16.04
C LEU K 4 -9.19 -82.63 16.40
N GLN K 5 -9.40 -83.15 17.60
CA GLN K 5 -10.73 -83.62 17.92
C GLN K 5 -11.43 -82.85 19.02
N GLU K 6 -12.43 -82.08 18.63
CA GLU K 6 -13.18 -81.31 19.58
C GLU K 6 -14.14 -82.18 20.37
N SER K 7 -14.29 -81.88 21.65
CA SER K 7 -15.26 -82.53 22.49
C SER K 7 -15.76 -81.65 23.63
N GLY K 8 -17.03 -81.81 23.96
CA GLY K 8 -17.61 -81.05 25.05
C GLY K 8 -19.03 -81.50 25.33
N PRO K 9 -19.72 -80.81 26.24
CA PRO K 9 -21.06 -81.10 26.77
C PRO K 9 -22.21 -81.26 25.79
N GLY K 10 -22.16 -80.66 24.61
CA GLY K 10 -23.30 -80.76 23.69
C GLY K 10 -24.34 -79.71 24.08
N LEU K 11 -24.80 -79.80 25.32
CA LEU K 11 -25.73 -78.84 25.90
C LEU K 11 -25.12 -78.26 27.14
N VAL K 12 -25.14 -76.95 27.20
CA VAL K 12 -24.68 -76.21 28.35
C VAL K 12 -25.81 -75.28 28.76
N LYS K 13 -26.03 -75.07 30.04
CA LYS K 13 -27.12 -74.22 30.46
C LYS K 13 -26.74 -72.74 30.42
N PRO K 14 -27.68 -71.81 30.26
CA PRO K 14 -27.44 -70.40 30.30
C PRO K 14 -26.72 -70.03 31.58
N SER K 15 -25.73 -69.15 31.44
CA SER K 15 -24.86 -68.59 32.48
C SER K 15 -23.73 -69.54 32.92
N GLU K 16 -23.83 -70.81 32.55
CA GLU K 16 -22.89 -71.84 32.93
C GLU K 16 -21.58 -71.66 32.17
N THR K 17 -20.47 -72.06 32.77
CA THR K 17 -19.22 -71.98 32.02
C THR K 17 -19.05 -73.20 31.13
N LEU K 18 -18.74 -72.93 29.88
CA LEU K 18 -18.50 -73.96 28.90
C LEU K 18 -17.02 -74.17 28.70
N SER K 19 -16.60 -75.42 28.71
CA SER K 19 -15.21 -75.72 28.47
C SER K 19 -15.09 -76.80 27.43
N LEU K 20 -14.47 -76.44 26.31
CA LEU K 20 -14.32 -77.39 25.21
C LEU K 20 -12.88 -77.79 25.07
N THR K 21 -12.66 -79.06 24.79
CA THR K 21 -11.30 -79.54 24.62
C THR K 21 -11.06 -80.17 23.28
N CYS K 22 -9.95 -79.79 22.71
CA CYS K 22 -9.43 -80.28 21.46
C CYS K 22 -8.27 -81.24 21.68
N ASN K 23 -8.49 -82.50 21.38
CA ASN K 23 -7.47 -83.50 21.59
C ASN K 23 -6.56 -83.48 20.39
N VAL K 24 -5.30 -83.08 20.59
CA VAL K 24 -4.38 -82.92 19.49
C VAL K 24 -3.49 -84.12 19.32
N SER K 25 -3.45 -84.64 18.10
CA SER K 25 -2.60 -85.78 17.81
C SER K 25 -1.83 -85.62 16.51
N GLY K 26 -0.53 -85.86 16.58
CA GLY K 26 0.38 -85.74 15.44
C GLY K 26 1.31 -84.56 15.57
N THR K 27 0.97 -83.62 16.43
CA THR K 27 1.81 -82.46 16.69
C THR K 27 1.80 -82.16 18.17
N LEU K 28 2.58 -81.18 18.58
CA LEU K 28 2.59 -80.78 19.97
C LEU K 28 1.93 -79.44 20.09
N VAL K 29 1.21 -79.23 21.18
CA VAL K 29 0.48 -77.97 21.24
C VAL K 29 1.35 -76.74 21.37
N ARG K 30 2.51 -76.85 21.98
CA ARG K 30 3.31 -75.65 22.16
C ARG K 30 4.20 -75.34 20.98
N ASP K 31 4.12 -76.15 19.92
CA ASP K 31 4.93 -75.89 18.75
C ASP K 31 4.06 -75.29 17.66
N ASN K 32 2.80 -74.99 17.99
CA ASN K 32 1.86 -74.49 17.02
C ASN K 32 1.06 -73.30 17.49
N TYR K 33 0.55 -72.55 16.53
CA TYR K 33 -0.37 -71.48 16.84
C TYR K 33 -1.75 -72.05 16.78
N TRP K 34 -2.47 -71.91 17.87
CA TRP K 34 -3.79 -72.47 17.93
C TRP K 34 -4.83 -71.44 17.88
N SER K 35 -5.93 -71.76 17.27
CA SER K 35 -7.01 -70.83 17.29
C SER K 35 -8.33 -71.51 17.41
N TRP K 36 -9.26 -70.74 17.93
CA TRP K 36 -10.61 -71.19 18.04
C TRP K 36 -11.49 -70.29 17.24
N ILE K 37 -12.39 -70.94 16.55
CA ILE K 37 -13.34 -70.33 15.66
C ILE K 37 -14.69 -70.97 15.96
N ARG K 38 -15.78 -70.25 15.79
CA ARG K 38 -17.06 -70.91 15.96
C ARG K 38 -17.97 -70.56 14.83
N GLN K 39 -18.88 -71.45 14.52
CA GLN K 39 -19.83 -71.19 13.47
C GLN K 39 -21.26 -71.37 13.92
N PRO K 40 -21.97 -70.29 14.27
CA PRO K 40 -23.34 -70.29 14.71
C PRO K 40 -24.07 -70.94 13.57
N LEU K 41 -25.11 -71.67 13.87
CA LEU K 41 -25.75 -72.36 12.79
C LEU K 41 -26.36 -71.38 11.81
N GLY K 42 -26.09 -71.60 10.52
CA GLY K 42 -26.63 -70.77 9.45
C GLY K 42 -25.79 -69.52 9.17
N LYS K 43 -24.70 -69.33 9.92
CA LYS K 43 -23.85 -68.17 9.79
C LYS K 43 -22.45 -68.50 9.36
N GLN K 44 -21.71 -67.49 8.91
CA GLN K 44 -20.32 -67.69 8.57
C GLN K 44 -19.55 -67.77 9.89
N PRO K 45 -18.41 -68.43 9.96
CA PRO K 45 -17.61 -68.54 11.17
C PRO K 45 -17.08 -67.20 11.69
N GLU K 46 -16.89 -67.18 13.00
CA GLU K 46 -16.36 -66.08 13.78
C GLU K 46 -15.12 -66.53 14.52
N TRP K 47 -14.15 -65.66 14.73
CA TRP K 47 -13.01 -66.05 15.51
C TRP K 47 -13.20 -65.73 16.95
N ILE K 48 -12.65 -66.58 17.78
CA ILE K 48 -12.68 -66.41 19.19
C ILE K 48 -11.38 -65.82 19.66
N GLY K 49 -10.31 -66.38 19.15
CA GLY K 49 -8.99 -65.97 19.56
C GLY K 49 -7.95 -66.97 19.18
N TYR K 50 -6.72 -66.67 19.54
CA TYR K 50 -5.64 -67.60 19.27
C TYR K 50 -4.67 -67.60 20.42
N VAL K 51 -3.94 -68.69 20.55
CA VAL K 51 -2.93 -68.80 21.56
C VAL K 51 -1.70 -69.57 21.09
N HIS K 52 -0.54 -69.08 21.48
CA HIS K 52 0.68 -69.83 21.24
C HIS K 52 1.53 -69.84 22.49
N ASP K 53 2.37 -68.84 22.65
CA ASP K 53 3.15 -68.75 23.86
C ASP K 53 3.70 -67.35 23.98
N SER K 54 4.40 -67.07 25.07
CA SER K 54 5.10 -65.81 25.31
C SER K 54 4.23 -64.58 25.12
N GLY K 55 2.97 -64.66 25.53
CA GLY K 55 2.05 -63.54 25.42
C GLY K 55 1.45 -63.42 24.02
N ASP K 56 1.80 -64.34 23.13
CA ASP K 56 1.30 -64.25 21.78
C ASP K 56 -0.06 -64.93 21.73
N THR K 57 -1.05 -64.15 22.11
CA THR K 57 -2.42 -64.57 22.20
C THR K 57 -3.33 -63.39 22.00
N ASN K 58 -4.52 -63.65 21.50
CA ASN K 58 -5.47 -62.58 21.33
C ASN K 58 -6.89 -63.11 21.34
N TYR K 59 -7.81 -62.20 21.60
CA TYR K 59 -9.22 -62.52 21.67
C TYR K 59 -10.10 -61.57 20.91
N ASN K 60 -11.19 -62.10 20.44
CA ASN K 60 -12.21 -61.30 19.80
C ASN K 60 -12.70 -60.36 20.86
N PRO K 61 -12.59 -59.04 20.71
CA PRO K 61 -12.93 -58.08 21.71
C PRO K 61 -14.39 -58.16 22.13
N SER K 62 -15.25 -58.74 21.29
CA SER K 62 -16.64 -58.85 21.65
C SER K 62 -16.88 -60.03 22.58
N LEU K 63 -15.91 -60.94 22.64
CA LEU K 63 -16.00 -62.14 23.45
C LEU K 63 -15.05 -62.12 24.62
N LYS K 64 -13.95 -61.39 24.45
CA LYS K 64 -12.80 -61.38 25.35
C LYS K 64 -13.11 -61.36 26.82
N SER K 65 -14.10 -60.60 27.25
CA SER K 65 -14.40 -60.48 28.67
C SER K 65 -14.93 -61.78 29.30
N ARG K 66 -15.37 -62.72 28.47
CA ARG K 66 -15.92 -63.98 28.92
C ARG K 66 -15.06 -65.18 28.50
N VAL K 67 -13.87 -64.96 27.93
CA VAL K 67 -13.14 -66.12 27.42
C VAL K 67 -11.68 -66.27 27.82
N HIS K 68 -11.21 -67.50 27.67
CA HIS K 68 -9.82 -67.86 27.91
C HIS K 68 -9.34 -69.07 27.10
N LEU K 69 -8.11 -68.99 26.60
CA LEU K 69 -7.52 -70.11 25.86
C LEU K 69 -6.34 -70.72 26.60
N SER K 70 -6.14 -72.03 26.42
CA SER K 70 -5.00 -72.71 27.04
C SER K 70 -4.45 -73.91 26.28
N LEU K 71 -3.12 -74.10 26.38
CA LEU K 71 -2.45 -75.24 25.75
C LEU K 71 -1.74 -76.11 26.79
N ASP K 72 -2.21 -77.35 26.99
CA ASP K 72 -1.58 -78.24 27.95
C ASP K 72 -0.57 -79.15 27.25
N LYS K 73 0.69 -78.81 27.40
CA LYS K 73 1.80 -79.46 26.71
C LYS K 73 2.02 -80.89 27.15
N SER K 74 1.52 -81.23 28.33
CA SER K 74 1.75 -82.55 28.88
C SER K 74 0.72 -83.55 28.40
N LYS K 75 -0.35 -83.05 27.77
CA LYS K 75 -1.43 -83.90 27.35
C LYS K 75 -1.72 -83.65 25.89
N ASN K 76 -1.20 -82.53 25.38
CA ASN K 76 -1.48 -82.04 24.05
C ASN K 76 -2.97 -81.80 23.87
N LEU K 77 -3.50 -81.13 24.86
CA LEU K 77 -4.89 -80.75 24.85
C LEU K 77 -5.02 -79.25 24.77
N VAL K 78 -5.77 -78.83 23.77
CA VAL K 78 -6.02 -77.44 23.51
C VAL K 78 -7.39 -77.09 24.03
N SER K 79 -7.52 -76.02 24.78
CA SER K 79 -8.86 -75.76 25.27
C SER K 79 -9.31 -74.33 25.20
N LEU K 80 -10.62 -74.25 25.18
CA LEU K 80 -11.40 -73.03 25.18
C LEU K 80 -12.39 -72.93 26.30
N ARG K 81 -12.32 -71.83 27.05
CA ARG K 81 -13.28 -71.58 28.11
C ARG K 81 -14.16 -70.38 27.75
N LEU K 82 -15.46 -70.55 27.93
CA LEU K 82 -16.43 -69.48 27.74
C LEU K 82 -17.37 -69.36 28.94
N THR K 83 -17.30 -68.25 29.63
CA THR K 83 -18.12 -68.10 30.82
C THR K 83 -19.41 -67.42 30.42
N GLY K 84 -20.44 -67.50 31.26
CA GLY K 84 -21.61 -66.72 30.95
C GLY K 84 -22.32 -67.13 29.66
N VAL K 85 -22.39 -68.42 29.32
CA VAL K 85 -22.96 -68.75 28.02
C VAL K 85 -24.43 -68.34 27.85
N THR K 86 -24.76 -67.87 26.66
CA THR K 86 -26.13 -67.51 26.33
C THR K 86 -26.58 -68.11 25.03
N ALA K 87 -27.82 -67.87 24.67
CA ALA K 87 -28.41 -68.46 23.45
C ALA K 87 -27.64 -68.10 22.18
N ALA K 88 -27.08 -66.91 22.15
CA ALA K 88 -26.32 -66.40 21.03
C ALA K 88 -25.02 -67.17 20.81
N ASP K 89 -24.60 -67.94 21.80
CA ASP K 89 -23.34 -68.66 21.72
C ASP K 89 -23.53 -70.06 21.18
N SER K 90 -24.75 -70.45 20.81
CA SER K 90 -24.87 -71.78 20.24
C SER K 90 -24.09 -71.75 18.93
N ALA K 91 -23.20 -72.70 18.74
CA ALA K 91 -22.36 -72.73 17.54
C ALA K 91 -21.62 -74.02 17.41
N ILE K 92 -21.08 -74.27 16.24
CA ILE K 92 -20.17 -75.40 16.14
C ILE K 92 -18.79 -74.85 16.41
N TYR K 93 -18.14 -75.38 17.42
CA TYR K 93 -16.85 -74.85 17.78
C TYR K 93 -15.74 -75.62 17.15
N TYR K 94 -14.77 -74.89 16.63
CA TYR K 94 -13.62 -75.48 15.99
C TYR K 94 -12.28 -75.15 16.57
N CYS K 95 -11.47 -76.19 16.54
CA CYS K 95 -10.08 -76.18 16.90
C CYS K 95 -9.29 -76.20 15.61
N ALA K 96 -8.31 -75.32 15.50
CA ALA K 96 -7.49 -75.31 14.29
C ALA K 96 -6.06 -74.84 14.55
N THR K 97 -5.14 -75.24 13.67
CA THR K 97 -3.76 -74.74 13.77
C THR K 97 -3.52 -73.80 12.61
N THR K 98 -2.75 -72.77 12.93
CA THR K 98 -2.44 -71.73 11.98
C THR K 98 -1.00 -71.37 11.77
N LYS K 99 -0.83 -70.57 10.73
CA LYS K 99 0.44 -70.04 10.30
C LYS K 99 0.32 -68.54 10.17
N HIS K 100 1.33 -67.85 10.65
CA HIS K 100 1.30 -66.41 10.59
C HIS K 100 2.30 -65.92 9.56
N GLY K 101 1.84 -64.97 8.77
CA GLY K 101 2.65 -64.33 7.77
C GLY K 101 2.66 -62.83 8.00
N ARG K 102 3.26 -62.12 7.07
CA ARG K 102 3.34 -60.68 7.16
C ARG K 102 3.28 -60.06 5.81
N ARG K 103 2.64 -58.90 5.74
CA ARG K 103 2.54 -58.14 4.53
C ARG K 103 3.13 -56.79 4.75
N ILE K 104 4.05 -56.44 3.87
CA ILE K 104 4.74 -55.18 3.98
C ILE K 104 4.31 -54.23 2.92
N TYR K 105 3.89 -53.04 3.31
CA TYR K 105 3.46 -52.07 2.33
C TYR K 105 4.33 -50.84 2.32
N GLY K 106 5.05 -50.60 3.42
CA GLY K 106 5.87 -49.40 3.51
C GLY K 106 7.32 -49.68 3.83
N VAL K 107 7.85 -48.86 4.75
CA VAL K 107 9.27 -48.81 5.15
C VAL K 107 9.75 -49.89 6.12
N VAL K 108 8.84 -50.62 6.75
CA VAL K 108 9.14 -51.68 7.73
C VAL K 108 9.68 -51.12 9.06
N ALA K 109 10.73 -50.31 9.00
CA ALA K 109 11.37 -49.68 10.14
C ALA K 109 10.41 -48.70 10.81
N PHE K 110 9.38 -48.33 10.08
CA PHE K 110 8.36 -47.41 10.53
C PHE K 110 7.11 -48.20 10.90
N LYS K 111 7.25 -49.52 10.97
CA LYS K 111 6.18 -50.47 11.24
C LYS K 111 5.08 -50.43 10.21
N GLU K 112 5.43 -50.17 8.95
CA GLU K 112 4.46 -50.11 7.88
C GLU K 112 4.24 -51.47 7.24
N TRP K 113 3.72 -52.35 8.06
CA TRP K 113 3.45 -53.71 7.67
C TRP K 113 2.46 -54.30 8.66
N PHE K 114 1.87 -55.43 8.32
CA PHE K 114 0.99 -56.09 9.28
C PHE K 114 0.98 -57.59 9.18
N THR K 115 0.54 -58.25 10.24
CA THR K 115 0.44 -59.69 10.21
C THR K 115 -0.91 -60.19 9.78
N TYR K 116 -0.92 -61.43 9.37
CA TYR K 116 -2.14 -62.12 8.99
C TYR K 116 -1.96 -63.59 9.20
N PHE K 117 -3.05 -64.34 9.26
CA PHE K 117 -2.88 -65.76 9.40
C PHE K 117 -4.01 -66.59 8.82
N TYR K 118 -3.67 -67.85 8.56
CA TYR K 118 -4.59 -68.85 8.03
C TYR K 118 -4.49 -70.18 8.72
N MET K 119 -5.58 -70.93 8.71
CA MET K 119 -5.60 -72.23 9.35
C MET K 119 -5.52 -73.36 8.38
N ASP K 120 -4.51 -74.19 8.59
CA ASP K 120 -4.25 -75.35 7.75
C ASP K 120 -4.88 -76.60 8.29
N VAL K 121 -4.97 -76.70 9.60
CA VAL K 121 -5.49 -77.93 10.16
C VAL K 121 -6.73 -77.61 10.92
N TRP K 122 -7.80 -78.29 10.57
CA TRP K 122 -9.07 -78.10 11.22
C TRP K 122 -9.57 -79.40 11.79
N GLY K 123 -10.31 -79.31 12.87
CA GLY K 123 -10.96 -80.46 13.43
C GLY K 123 -12.31 -80.67 12.75
N LYS K 124 -13.22 -81.36 13.40
CA LYS K 124 -14.49 -81.66 12.75
C LYS K 124 -15.51 -80.71 13.26
N GLY K 125 -15.27 -80.29 14.50
CA GLY K 125 -16.09 -79.34 15.21
C GLY K 125 -17.04 -79.99 16.16
N THR K 126 -17.38 -79.27 17.21
CA THR K 126 -18.33 -79.80 18.18
C THR K 126 -19.54 -78.89 18.26
N SER K 127 -20.70 -79.47 18.01
CA SER K 127 -21.92 -78.68 18.03
C SER K 127 -22.43 -78.57 19.44
N VAL K 128 -22.37 -77.36 19.98
CA VAL K 128 -22.76 -77.11 21.34
C VAL K 128 -23.79 -76.00 21.40
N THR K 129 -24.89 -76.26 22.07
CA THR K 129 -25.93 -75.26 22.17
C THR K 129 -26.19 -74.89 23.61
N VAL K 130 -26.81 -73.73 23.78
CA VAL K 130 -27.11 -73.26 25.11
C VAL K 130 -28.61 -73.37 25.37
N SER K 131 -28.98 -74.13 26.38
CA SER K 131 -30.39 -74.36 26.67
C SER K 131 -30.60 -74.79 28.11
N SER K 132 -31.67 -74.30 28.72
CA SER K 132 -31.95 -74.68 30.09
C SER K 132 -32.29 -76.16 30.19
N THR L 1 -27.07 -65.51 -1.56
CA THR L 1 -25.79 -65.10 -2.10
C THR L 1 -25.09 -66.31 -2.68
N PHE L 2 -25.13 -66.40 -4.01
CA PHE L 2 -24.56 -67.51 -4.72
C PHE L 2 -24.16 -67.13 -6.12
N VAL L 3 -23.36 -67.99 -6.71
CA VAL L 3 -23.03 -67.88 -8.11
C VAL L 3 -23.48 -69.18 -8.76
N SER L 4 -24.18 -69.07 -9.88
CA SER L 4 -24.70 -70.22 -10.63
C SER L 4 -23.75 -70.57 -11.76
N VAL L 5 -23.09 -71.73 -11.67
CA VAL L 5 -22.08 -72.09 -12.65
C VAL L 5 -22.27 -73.46 -13.31
N ALA L 6 -22.33 -73.50 -14.64
CA ALA L 6 -22.45 -74.80 -15.27
C ALA L 6 -21.10 -75.49 -15.17
N PRO L 7 -21.00 -76.81 -15.13
CA PRO L 7 -19.73 -77.47 -15.09
C PRO L 7 -18.90 -76.99 -16.26
N GLY L 8 -17.64 -76.69 -16.00
CA GLY L 8 -16.70 -76.22 -17.00
C GLY L 8 -16.64 -74.69 -17.09
N GLN L 9 -17.59 -74.00 -16.48
CA GLN L 9 -17.63 -72.55 -16.51
C GLN L 9 -16.85 -71.97 -15.37
N THR L 10 -16.51 -70.69 -15.49
CA THR L 10 -15.80 -70.01 -14.43
C THR L 10 -16.74 -69.37 -13.41
N ALA L 11 -16.46 -69.62 -12.13
CA ALA L 11 -17.20 -69.01 -11.05
C ALA L 11 -16.55 -67.69 -10.70
N ARG L 12 -17.37 -66.70 -10.40
CA ARG L 12 -16.84 -65.42 -9.98
C ARG L 12 -17.37 -65.06 -8.63
N ILE L 13 -16.57 -65.28 -7.60
CA ILE L 13 -17.01 -65.01 -6.25
C ILE L 13 -16.34 -63.79 -5.68
N THR L 14 -17.15 -62.87 -5.19
CA THR L 14 -16.59 -61.67 -4.63
C THR L 14 -16.99 -61.53 -3.19
N CYS L 15 -16.21 -60.76 -2.45
CA CYS L 15 -16.52 -60.52 -1.04
C CYS L 15 -15.86 -59.28 -0.47
N GLY L 16 -16.44 -58.79 0.61
CA GLY L 16 -15.85 -57.71 1.38
C GLY L 16 -16.15 -56.34 0.81
N GLU L 17 -15.72 -55.32 1.56
CA GLU L 17 -15.86 -53.93 1.18
C GLU L 17 -14.71 -53.56 0.27
N GLU L 18 -14.87 -52.51 -0.51
CA GLU L 18 -13.80 -52.06 -1.36
C GLU L 18 -12.58 -51.71 -0.53
N SER L 19 -11.40 -52.14 -0.98
CA SER L 19 -10.17 -51.90 -0.25
C SER L 19 -9.82 -50.47 0.02
N LEU L 20 -9.36 -50.22 1.26
CA LEU L 20 -8.97 -48.90 1.66
C LEU L 20 -7.47 -48.80 1.63
N GLY L 21 -6.82 -49.87 2.07
CA GLY L 21 -5.36 -49.92 2.16
C GLY L 21 -4.84 -51.23 1.56
N SER L 22 -3.57 -51.53 1.79
CA SER L 22 -2.99 -52.74 1.25
C SER L 22 -3.78 -53.89 1.80
N ARG L 23 -4.11 -54.86 0.95
CA ARG L 23 -4.95 -55.94 1.41
C ARG L 23 -4.38 -57.34 1.34
N SER L 24 -4.81 -58.16 2.30
CA SER L 24 -4.47 -59.58 2.39
C SER L 24 -5.73 -60.39 2.63
N VAL L 25 -6.13 -61.16 1.63
CA VAL L 25 -7.36 -61.92 1.74
C VAL L 25 -7.14 -63.41 1.83
N ILE L 26 -7.79 -64.01 2.80
CA ILE L 26 -7.69 -65.44 2.94
C ILE L 26 -9.05 -66.08 2.67
N TRP L 27 -9.06 -67.01 1.72
CA TRP L 27 -10.28 -67.68 1.27
C TRP L 27 -10.39 -69.11 1.73
N TYR L 28 -11.57 -69.46 2.22
CA TYR L 28 -11.87 -70.82 2.63
C TYR L 28 -13.10 -71.41 1.95
N GLN L 29 -13.03 -72.70 1.67
CA GLN L 29 -14.09 -73.50 1.08
C GLN L 29 -14.79 -74.38 2.07
N GLN L 30 -16.05 -74.13 2.34
CA GLN L 30 -16.73 -74.97 3.27
C GLN L 30 -17.68 -75.92 2.57
N ARG L 31 -17.25 -77.16 2.47
CA ARG L 31 -18.08 -78.13 1.81
C ARG L 31 -19.17 -78.38 2.82
N PRO L 32 -20.40 -78.68 2.43
CA PRO L 32 -21.44 -78.94 3.38
C PRO L 32 -21.01 -80.04 4.34
N GLY L 33 -21.19 -79.78 5.63
CA GLY L 33 -20.85 -80.72 6.69
C GLY L 33 -19.38 -80.71 7.09
N GLN L 34 -18.56 -79.92 6.41
CA GLN L 34 -17.13 -79.89 6.67
C GLN L 34 -16.61 -78.60 7.30
N ALA L 35 -15.43 -78.70 7.93
CA ALA L 35 -14.75 -77.50 8.39
C ALA L 35 -14.32 -76.74 7.15
N PRO L 36 -14.24 -75.41 7.15
CA PRO L 36 -13.76 -74.65 6.02
C PRO L 36 -12.34 -75.10 5.67
N SER L 37 -12.07 -75.30 4.39
CA SER L 37 -10.76 -75.69 3.93
C SER L 37 -10.03 -74.53 3.28
N LEU L 38 -8.79 -74.29 3.66
CA LEU L 38 -8.10 -73.16 3.06
C LEU L 38 -7.81 -73.35 1.58
N ILE L 39 -8.19 -72.37 0.77
CA ILE L 39 -7.94 -72.42 -0.65
C ILE L 39 -6.85 -71.43 -1.04
N ILE L 40 -7.07 -70.18 -0.68
CA ILE L 40 -6.15 -69.11 -1.06
C ILE L 40 -5.73 -68.31 0.16
N TYR L 41 -4.47 -67.96 0.25
CA TYR L 41 -4.06 -67.10 1.33
C TYR L 41 -3.19 -66.00 0.76
N ASN L 42 -3.12 -64.89 1.48
CA ASN L 42 -2.30 -63.80 1.01
C ASN L 42 -2.67 -63.40 -0.41
N ASN L 43 -3.97 -63.32 -0.69
CA ASN L 43 -4.53 -62.89 -1.97
C ASN L 43 -4.43 -63.89 -3.11
N ASN L 44 -3.24 -64.39 -3.41
CA ASN L 44 -3.12 -65.35 -4.49
C ASN L 44 -2.22 -66.56 -4.26
N ASP L 45 -1.82 -66.87 -3.02
CA ASP L 45 -0.99 -68.03 -2.80
C ASP L 45 -1.90 -69.19 -2.48
N ARG L 46 -1.48 -70.41 -2.75
CA ARG L 46 -2.36 -71.51 -2.38
C ARG L 46 -1.55 -72.61 -1.69
N PRO L 47 -2.16 -73.38 -0.76
CA PRO L 47 -1.60 -74.56 -0.14
C PRO L 47 -1.39 -75.65 -1.15
N SER L 48 -0.43 -76.52 -0.91
CA SER L 48 -0.25 -77.63 -1.80
C SER L 48 -1.52 -78.45 -1.76
N GLY L 49 -1.92 -78.96 -2.92
CA GLY L 49 -3.11 -79.77 -3.03
C GLY L 49 -4.27 -78.96 -3.60
N ILE L 50 -4.15 -77.65 -3.62
CA ILE L 50 -5.18 -76.81 -4.18
C ILE L 50 -4.82 -76.59 -5.64
N PRO L 51 -5.73 -76.88 -6.58
CA PRO L 51 -5.53 -76.74 -8.01
C PRO L 51 -5.53 -75.29 -8.42
N ASP L 52 -4.96 -75.06 -9.60
CA ASP L 52 -4.85 -73.73 -10.23
C ASP L 52 -6.18 -73.20 -10.70
N ARG L 53 -7.23 -74.02 -10.59
CA ARG L 53 -8.56 -73.58 -10.94
C ARG L 53 -8.88 -72.41 -10.08
N PHE L 54 -8.40 -72.41 -8.83
CA PHE L 54 -8.68 -71.35 -7.89
C PHE L 54 -7.56 -70.32 -7.93
N SER L 55 -7.90 -69.11 -8.33
CA SER L 55 -6.93 -68.04 -8.44
C SER L 55 -7.49 -66.72 -7.91
N GLY L 56 -6.82 -66.17 -6.92
CA GLY L 56 -7.31 -64.92 -6.32
C GLY L 56 -6.73 -63.67 -6.97
N SER L 57 -7.48 -62.59 -6.87
CA SER L 57 -7.05 -61.29 -7.36
C SER L 57 -6.04 -60.71 -6.38
N PRO L 58 -5.12 -59.84 -6.81
CA PRO L 58 -4.12 -59.19 -6.00
C PRO L 58 -4.72 -58.17 -5.04
N GLY L 59 -3.98 -57.94 -3.96
CA GLY L 59 -4.28 -56.96 -2.91
C GLY L 59 -3.50 -55.66 -3.10
N SER L 60 -2.89 -55.53 -4.27
CA SER L 60 -2.04 -54.42 -4.67
C SER L 60 -2.82 -53.18 -5.06
N THR L 61 -4.12 -53.33 -5.23
CA THR L 61 -4.96 -52.23 -5.64
C THR L 61 -5.86 -51.74 -4.53
N PHE L 62 -6.60 -50.69 -4.85
CA PHE L 62 -7.47 -50.07 -3.87
C PHE L 62 -8.82 -49.82 -4.51
N GLY L 63 -9.88 -49.76 -3.72
CA GLY L 63 -11.19 -49.44 -4.26
C GLY L 63 -11.93 -50.64 -4.84
N THR L 64 -11.38 -51.84 -4.70
CA THR L 64 -12.01 -53.02 -5.25
C THR L 64 -12.28 -54.03 -4.17
N THR L 65 -13.19 -54.96 -4.43
CA THR L 65 -13.50 -56.00 -3.47
C THR L 65 -12.64 -57.22 -3.74
N ALA L 66 -12.61 -58.16 -2.81
CA ALA L 66 -11.82 -59.34 -3.06
C ALA L 66 -12.54 -60.20 -4.07
N THR L 67 -11.77 -60.84 -4.95
CA THR L 67 -12.36 -61.77 -5.90
C THR L 67 -11.60 -63.09 -5.97
N LEU L 68 -12.36 -64.17 -6.02
CA LEU L 68 -11.83 -65.49 -6.27
C LEU L 68 -12.40 -65.99 -7.57
N THR L 69 -11.51 -66.32 -8.49
CA THR L 69 -11.95 -66.80 -9.77
C THR L 69 -11.72 -68.29 -9.78
N ILE L 70 -12.77 -69.04 -10.10
CA ILE L 70 -12.57 -70.47 -10.14
C ILE L 70 -12.86 -70.92 -11.55
N THR L 71 -11.84 -71.30 -12.30
CA THR L 71 -12.08 -71.63 -13.68
C THR L 71 -12.39 -73.09 -13.81
N SER L 72 -12.97 -73.49 -14.93
CA SER L 72 -13.21 -74.90 -15.18
C SER L 72 -13.86 -75.57 -14.00
N VAL L 73 -14.92 -74.99 -13.49
CA VAL L 73 -15.56 -75.51 -12.29
C VAL L 73 -16.07 -76.91 -12.40
N GLU L 74 -15.72 -77.67 -11.38
CA GLU L 74 -16.09 -79.05 -11.23
C GLU L 74 -17.22 -79.20 -10.23
N ALA L 75 -17.95 -80.30 -10.26
CA ALA L 75 -19.00 -80.53 -9.25
C ALA L 75 -18.41 -80.54 -7.85
N GLY L 76 -17.17 -80.97 -7.73
CA GLY L 76 -16.50 -81.04 -6.44
C GLY L 76 -16.14 -79.66 -5.90
N ASP L 77 -16.35 -78.60 -6.69
CA ASP L 77 -16.06 -77.26 -6.23
C ASP L 77 -17.30 -76.63 -5.62
N GLU L 78 -18.42 -77.36 -5.61
CA GLU L 78 -19.60 -76.79 -5.00
C GLU L 78 -19.33 -76.67 -3.51
N ALA L 79 -19.44 -75.46 -3.00
CA ALA L 79 -19.14 -75.18 -1.59
C ALA L 79 -19.51 -73.75 -1.22
N ASP L 80 -19.56 -73.46 0.07
CA ASP L 80 -19.72 -72.08 0.51
C ASP L 80 -18.37 -71.43 0.72
N TYR L 81 -18.08 -70.39 -0.04
CA TYR L 81 -16.78 -69.77 0.08
C TYR L 81 -16.84 -68.55 0.96
N TYR L 82 -15.85 -68.43 1.84
CA TYR L 82 -15.80 -67.32 2.77
C TYR L 82 -14.47 -66.57 2.75
N CYS L 83 -14.56 -65.26 3.01
CA CYS L 83 -13.36 -64.44 3.05
C CYS L 83 -13.05 -63.82 4.38
N HIS L 84 -11.81 -63.94 4.79
CA HIS L 84 -11.34 -63.31 6.01
C HIS L 84 -10.36 -62.25 5.52
N ILE L 85 -10.71 -61.01 5.72
CA ILE L 85 -9.94 -59.94 5.11
C ILE L 85 -9.20 -59.00 6.04
N TRP L 86 -7.91 -58.84 5.75
CA TRP L 86 -7.07 -57.88 6.44
C TRP L 86 -6.84 -56.69 5.54
N ASP L 87 -6.81 -55.54 6.14
CA ASP L 87 -6.60 -54.27 5.49
C ASP L 87 -5.72 -53.41 6.37
N SER L 88 -4.67 -52.85 5.80
CA SER L 88 -3.70 -52.06 6.55
C SER L 88 -4.25 -50.81 7.24
N ARG L 89 -5.40 -50.31 6.80
CA ARG L 89 -5.96 -49.11 7.41
C ARG L 89 -7.21 -49.38 8.25
N ARG L 90 -7.96 -50.41 7.91
CA ARG L 90 -9.15 -50.73 8.66
C ARG L 90 -8.75 -51.50 9.93
N PRO L 91 -9.55 -51.50 10.99
CA PRO L 91 -9.36 -52.35 12.14
C PRO L 91 -9.43 -53.80 11.70
N THR L 92 -8.72 -54.67 12.39
CA THR L 92 -8.74 -56.09 12.07
C THR L 92 -10.11 -56.69 12.27
N ASN L 93 -10.53 -57.46 11.28
CA ASN L 93 -11.79 -58.16 11.32
C ASN L 93 -11.65 -59.47 12.06
N TRP L 94 -12.57 -59.70 12.97
CA TRP L 94 -12.60 -60.91 13.77
C TRP L 94 -13.58 -61.94 13.28
N VAL L 95 -14.23 -61.64 12.18
CA VAL L 95 -15.22 -62.54 11.62
C VAL L 95 -15.01 -62.71 10.14
N PHE L 96 -15.61 -63.77 9.59
CA PHE L 96 -15.67 -63.90 8.16
C PHE L 96 -16.75 -63.00 7.65
N GLY L 97 -16.60 -62.52 6.43
CA GLY L 97 -17.67 -61.74 5.85
C GLY L 97 -18.69 -62.70 5.27
N GLU L 98 -19.73 -62.15 4.67
CA GLU L 98 -20.75 -63.01 4.10
C GLU L 98 -20.15 -63.86 3.01
N GLY L 99 -20.45 -65.15 3.02
CA GLY L 99 -19.90 -66.02 1.99
C GLY L 99 -20.81 -66.15 0.80
N THR L 100 -20.34 -66.90 -0.18
CA THR L 100 -21.10 -67.13 -1.41
C THR L 100 -21.20 -68.61 -1.73
N THR L 101 -22.39 -69.07 -2.04
CA THR L 101 -22.47 -70.47 -2.43
C THR L 101 -22.07 -70.61 -3.88
N LEU L 102 -21.17 -71.52 -4.16
CA LEU L 102 -20.81 -71.78 -5.54
C LEU L 102 -21.64 -72.98 -5.88
N ILE L 103 -22.63 -72.78 -6.75
CA ILE L 103 -23.57 -73.83 -7.10
C ILE L 103 -23.19 -74.41 -8.43
N VAL L 104 -22.99 -75.72 -8.48
CA VAL L 104 -22.64 -76.31 -9.75
C VAL L 104 -23.93 -76.89 -10.31
N LEU L 105 -24.22 -76.55 -11.55
CA LEU L 105 -25.52 -76.87 -12.12
C LEU L 105 -25.65 -78.27 -12.71
N SER L 106 -24.59 -79.05 -12.60
CA SER L 106 -24.57 -80.42 -13.08
C SER L 106 -25.95 -81.06 -13.07
N GLU M 1 59.06 20.64 -0.65
CA GLU M 1 57.88 21.31 -0.12
C GLU M 1 58.01 22.82 -0.15
N VAL M 2 56.98 23.50 0.33
CA VAL M 2 56.98 24.94 0.35
C VAL M 2 57.77 25.45 1.53
N GLN M 3 58.69 26.35 1.27
CA GLN M 3 59.46 26.94 2.34
C GLN M 3 59.62 28.43 2.15
N LEU M 4 59.75 29.14 3.25
CA LEU M 4 60.08 30.53 3.17
C LEU M 4 61.47 30.69 3.67
N VAL M 5 62.19 31.56 3.02
CA VAL M 5 63.55 31.86 3.37
C VAL M 5 63.60 33.28 3.83
N GLN M 6 64.17 33.53 4.99
CA GLN M 6 64.19 34.89 5.48
C GLN M 6 65.58 35.47 5.53
N SER M 7 65.64 36.79 5.45
CA SER M 7 66.86 37.57 5.52
C SER M 7 67.48 37.59 6.90
N GLU M 8 68.71 38.04 6.96
CA GLU M 8 69.48 38.13 8.18
C GLU M 8 68.91 39.12 9.19
N ALA M 9 69.05 38.76 10.47
CA ALA M 9 68.67 39.61 11.59
C ALA M 9 69.58 40.82 11.59
N GLU M 10 69.05 41.95 12.07
CA GLU M 10 69.83 43.18 12.10
C GLU M 10 69.46 44.09 13.27
N VAL M 11 70.42 44.94 13.66
CA VAL M 11 70.19 45.91 14.71
C VAL M 11 70.40 47.35 14.25
N LYS M 12 69.43 48.20 14.59
CA LYS M 12 69.45 49.61 14.23
C LYS M 12 69.34 50.51 15.43
N ARG M 13 69.82 51.72 15.30
CA ARG M 13 69.61 52.69 16.36
C ARG M 13 68.26 53.33 16.07
N PRO M 14 67.54 53.87 17.04
CA PRO M 14 66.28 54.50 16.79
C PRO M 14 66.49 55.64 15.84
N GLY M 15 65.56 55.82 14.92
CA GLY M 15 65.61 56.86 13.92
C GLY M 15 66.18 56.36 12.58
N GLU M 16 66.80 55.19 12.57
CA GLU M 16 67.36 54.63 11.34
C GLU M 16 66.32 53.76 10.64
N SER M 17 66.36 53.69 9.31
CA SER M 17 65.41 52.88 8.51
C SER M 17 65.87 51.44 8.34
N LEU M 18 64.95 50.55 7.95
CA LEU M 18 65.33 49.15 7.72
C LEU M 18 64.49 48.37 6.72
N LYS M 19 65.17 47.60 5.88
CA LYS M 19 64.48 46.70 4.97
C LYS M 19 64.72 45.25 5.39
N ILE M 20 63.63 44.51 5.52
CA ILE M 20 63.65 43.08 5.86
C ILE M 20 62.96 42.31 4.75
N SER M 21 63.44 41.12 4.44
CA SER M 21 62.82 40.39 3.34
C SER M 21 62.72 38.90 3.49
N CYS M 22 61.81 38.34 2.69
CA CYS M 22 61.57 36.91 2.57
C CYS M 22 61.61 36.46 1.12
N GLN M 23 61.93 35.19 0.89
CA GLN M 23 61.92 34.62 -0.45
C GLN M 23 61.14 33.32 -0.44
N THR M 24 60.48 32.99 -1.54
CA THR M 24 59.70 31.77 -1.53
C THR M 24 60.34 30.74 -2.45
N SER M 25 60.33 29.47 -2.03
CA SER M 25 60.90 28.42 -2.86
C SER M 25 60.38 27.02 -2.55
N GLY M 26 60.70 26.06 -3.44
CA GLY M 26 60.37 24.64 -3.26
C GLY M 26 59.02 24.21 -3.82
N TYR M 27 58.38 25.09 -4.57
CA TYR M 27 57.08 24.82 -5.14
C TYR M 27 56.84 25.70 -6.35
N ASN M 28 55.80 25.38 -7.10
CA ASN M 28 55.39 26.26 -8.17
C ASN M 28 53.85 26.41 -8.16
N PHE M 29 53.41 27.54 -7.61
CA PHE M 29 52.01 27.85 -7.42
C PHE M 29 51.66 29.17 -8.08
N PRO M 30 50.40 29.37 -8.51
CA PRO M 30 49.86 30.58 -9.07
C PRO M 30 49.62 31.67 -8.01
N ASN M 31 48.39 31.80 -7.55
CA ASN M 31 48.07 32.80 -6.57
C ASN M 31 48.44 32.43 -5.14
N TYR M 32 49.10 33.34 -4.46
CA TYR M 32 49.39 33.18 -3.06
C TYR M 32 49.49 34.55 -2.46
N TRP M 33 49.23 34.63 -1.19
CA TRP M 33 49.25 35.86 -0.43
C TRP M 33 50.36 35.91 0.58
N ILE M 34 50.91 37.11 0.78
CA ILE M 34 51.95 37.27 1.78
C ILE M 34 51.52 38.19 2.88
N THR M 35 51.73 37.76 4.11
CA THR M 35 51.41 38.65 5.19
C THR M 35 52.54 38.72 6.17
N TRP M 36 52.63 39.84 6.85
CA TRP M 36 53.62 40.01 7.86
C TRP M 36 52.97 40.08 9.22
N VAL M 37 53.64 39.47 10.17
CA VAL M 37 53.23 39.51 11.57
C VAL M 37 54.43 39.84 12.44
N ARG M 38 54.15 40.28 13.66
CA ARG M 38 55.21 40.56 14.60
C ARG M 38 55.02 39.83 15.92
N GLN M 39 56.10 39.26 16.45
CA GLN M 39 56.03 38.62 17.76
C GLN M 39 56.91 39.36 18.74
N MET M 40 56.29 39.97 19.72
CA MET M 40 57.01 40.75 20.70
C MET M 40 57.44 39.74 21.74
N PRO M 41 58.59 39.87 22.40
CA PRO M 41 59.02 38.92 23.40
C PRO M 41 57.96 38.73 24.47
N GLY M 42 57.64 37.48 24.75
CA GLY M 42 56.65 37.13 25.78
C GLY M 42 55.20 37.24 25.32
N LYS M 43 55.00 37.62 24.06
CA LYS M 43 53.67 37.84 23.50
C LYS M 43 53.35 36.97 22.30
N GLY M 44 52.06 36.96 21.97
CA GLY M 44 51.57 36.29 20.78
C GLY M 44 51.74 37.27 19.63
N LEU M 45 51.06 37.02 18.54
CA LEU M 45 51.27 37.85 17.36
C LEU M 45 50.35 39.01 17.15
N GLU M 46 50.96 40.04 16.58
CA GLU M 46 50.33 41.24 16.10
C GLU M 46 50.35 41.19 14.59
N TRP M 47 49.21 41.39 13.95
CA TRP M 47 49.17 41.38 12.51
C TRP M 47 49.75 42.69 11.97
N MET M 48 50.66 42.65 10.99
CA MET M 48 51.16 43.91 10.46
C MET M 48 50.48 44.29 9.16
N GLY M 49 50.14 43.29 8.35
CA GLY M 49 49.51 43.58 7.07
C GLY M 49 49.67 42.51 5.99
N THR M 50 48.88 42.60 4.93
CA THR M 50 49.00 41.62 3.85
C THR M 50 48.82 42.21 2.46
N ILE M 51 49.50 41.56 1.52
CA ILE M 51 49.51 41.89 0.11
C ILE M 51 49.31 40.72 -0.83
N ASP M 52 48.57 40.97 -1.92
CA ASP M 52 48.51 39.99 -2.99
C ASP M 52 49.52 40.47 -4.03
N PRO M 53 50.69 39.82 -4.20
CA PRO M 53 51.76 40.21 -5.10
C PRO M 53 51.34 40.18 -6.58
N ARG M 54 50.24 39.49 -6.91
CA ARG M 54 49.81 39.44 -8.30
C ARG M 54 49.36 40.79 -8.78
N ASP M 55 48.53 41.42 -7.96
CA ASP M 55 47.95 42.71 -8.24
C ASP M 55 48.74 43.85 -7.65
N SER M 56 49.50 43.55 -6.59
CA SER M 56 50.23 44.54 -5.82
C SER M 56 49.22 45.40 -5.10
N ASP M 57 48.41 44.74 -4.26
CA ASP M 57 47.38 45.41 -3.49
C ASP M 57 47.43 44.99 -2.04
N THR M 58 47.57 46.00 -1.19
CA THR M 58 47.81 45.86 0.26
C THR M 58 46.80 46.61 1.12
N LYS M 59 46.35 45.98 2.19
CA LYS M 59 45.41 46.67 3.09
C LYS M 59 46.08 47.26 4.33
N TYR M 60 47.02 46.49 4.88
CA TYR M 60 47.76 46.76 6.13
C TYR M 60 46.91 46.63 7.37
N SER M 61 47.60 46.46 8.50
CA SER M 61 46.97 46.50 9.79
C SER M 61 46.80 47.95 10.17
N PRO M 62 45.74 48.34 10.90
CA PRO M 62 45.62 49.68 11.46
C PRO M 62 46.88 50.03 12.24
N SER M 63 47.50 49.05 12.92
CA SER M 63 48.69 49.43 13.60
C SER M 63 49.71 49.56 12.52
N PHE M 64 50.64 50.46 12.70
CA PHE M 64 51.69 50.70 11.73
C PHE M 64 51.15 51.15 10.36
N GLN M 65 49.86 51.55 10.27
CA GLN M 65 49.27 51.87 8.97
C GLN M 65 50.06 52.92 8.22
N GLY M 66 50.59 53.89 8.95
CA GLY M 66 51.40 54.97 8.39
C GLY M 66 52.87 54.90 8.80
N GLN M 67 53.31 53.77 9.35
CA GLN M 67 54.70 53.69 9.87
C GLN M 67 55.61 52.78 9.06
N VAL M 68 55.03 51.69 8.54
CA VAL M 68 55.84 50.73 7.83
C VAL M 68 55.12 50.47 6.55
N THR M 69 55.85 50.17 5.49
CA THR M 69 55.21 49.83 4.24
C THR M 69 55.73 48.50 3.74
N ILE M 70 55.06 47.92 2.76
CA ILE M 70 55.56 46.67 2.18
C ILE M 70 55.65 46.83 0.67
N SER M 71 56.41 45.94 0.04
CA SER M 71 56.59 46.00 -1.42
C SER M 71 55.70 45.02 -2.15
N ALA M 72 56.21 44.35 -3.18
CA ALA M 72 55.39 43.42 -3.98
C ALA M 72 56.26 42.28 -4.49
N ASP M 73 57.02 42.55 -5.55
CA ASP M 73 58.07 41.67 -6.04
C ASP M 73 57.68 40.22 -6.39
N LYS M 74 56.51 40.04 -7.00
CA LYS M 74 56.11 38.70 -7.39
C LYS M 74 57.08 38.08 -8.37
N SER M 75 57.60 38.91 -9.27
CA SER M 75 58.47 38.49 -10.34
C SER M 75 59.78 37.88 -9.91
N ILE M 76 60.16 38.08 -8.67
CA ILE M 76 61.40 37.50 -8.17
C ILE M 76 61.15 36.57 -7.00
N ASN M 77 59.88 36.22 -6.78
CA ASN M 77 59.49 35.36 -5.68
C ASN M 77 59.96 35.86 -4.31
N THR M 78 59.80 37.17 -4.05
CA THR M 78 60.22 37.70 -2.75
C THR M 78 59.18 38.59 -2.12
N ALA M 79 59.42 38.98 -0.87
CA ALA M 79 58.55 39.91 -0.17
C ALA M 79 59.38 40.84 0.70
N TYR M 80 58.93 42.09 0.81
CA TYR M 80 59.65 43.06 1.63
C TYR M 80 58.78 43.85 2.58
N LEU M 81 59.38 44.19 3.72
CA LEU M 81 58.82 45.07 4.73
C LEU M 81 59.84 46.18 5.02
N GLN M 82 59.40 47.41 4.91
CA GLN M 82 60.29 48.56 5.07
C GLN M 82 59.84 49.57 6.11
N TRP M 83 60.72 49.83 7.07
CA TRP M 83 60.41 50.85 8.06
C TRP M 83 60.95 52.16 7.63
N THR M 84 60.17 53.23 7.86
CA THR M 84 60.68 54.53 7.51
C THR M 84 61.79 54.90 8.49
N SER M 85 61.60 54.46 9.72
CA SER M 85 62.54 54.62 10.81
C SER M 85 62.22 53.57 11.87
N LEU M 86 63.18 53.22 12.70
CA LEU M 86 62.91 52.29 13.80
C LEU M 86 62.81 52.99 15.12
N ARG M 87 62.02 52.42 16.01
CA ARG M 87 61.84 52.91 17.36
C ARG M 87 62.17 51.79 18.33
N ALA M 88 62.48 52.11 19.59
CA ALA M 88 62.82 51.04 20.54
C ALA M 88 61.72 49.98 20.65
N SER M 89 60.48 50.43 20.51
CA SER M 89 59.28 49.61 20.61
C SER M 89 59.15 48.59 19.47
N ASP M 90 59.98 48.71 18.45
CA ASP M 90 59.93 47.83 17.31
C ASP M 90 60.84 46.62 17.45
N SER M 91 61.53 46.46 18.60
CA SER M 91 62.37 45.28 18.69
C SER M 91 61.44 44.07 18.85
N ALA M 92 61.53 43.15 17.90
CA ALA M 92 60.65 41.98 17.84
C ALA M 92 61.11 40.96 16.81
N THR M 93 60.49 39.79 16.84
CA THR M 93 60.74 38.80 15.80
C THR M 93 59.76 39.02 14.66
N TYR M 94 60.26 39.14 13.45
CA TYR M 94 59.39 39.37 12.32
C TYR M 94 59.21 38.16 11.42
N TYR M 95 57.99 37.99 10.97
CA TYR M 95 57.67 36.87 10.11
C TYR M 95 56.96 37.19 8.84
N CYS M 96 57.25 36.37 7.84
CA CYS M 96 56.46 36.33 6.63
C CYS M 96 55.69 35.07 6.70
N VAL M 97 54.45 35.16 6.32
CA VAL M 97 53.60 34.01 6.28
C VAL M 97 53.00 33.93 4.90
N MET M 98 53.10 32.79 4.29
CA MET M 98 52.53 32.66 2.97
C MET M 98 51.33 31.78 2.97
N TRP M 99 50.32 32.29 2.34
CA TRP M 99 49.06 31.64 2.16
C TRP M 99 48.82 31.24 0.72
N VAL M 100 48.83 29.97 0.42
CA VAL M 100 48.62 29.58 -0.97
C VAL M 100 47.15 29.39 -1.18
N TYR M 101 46.62 30.20 -2.10
CA TYR M 101 45.21 30.32 -2.35
C TYR M 101 44.76 29.87 -3.70
N ILE M 102 43.72 29.07 -3.72
CA ILE M 102 43.20 28.69 -5.02
C ILE M 102 41.99 29.56 -5.33
N LEU M 103 42.04 30.20 -6.49
CA LEU M 103 41.06 31.17 -6.95
C LEU M 103 39.69 30.58 -7.20
N THR M 104 39.65 29.28 -7.39
CA THR M 104 38.43 28.55 -7.65
C THR M 104 37.98 27.79 -6.42
N THR M 105 38.69 27.90 -5.30
CA THR M 105 38.32 27.09 -4.15
C THR M 105 37.89 27.89 -2.93
N GLY M 106 38.60 28.94 -2.62
CA GLY M 106 38.28 29.70 -1.41
C GLY M 106 39.04 29.22 -0.19
N ASN M 107 39.95 28.29 -0.42
CA ASN M 107 40.76 27.72 0.62
C ASN M 107 42.23 28.03 0.52
N ILE M 108 42.85 28.08 1.70
CA ILE M 108 44.28 28.22 1.82
C ILE M 108 44.86 26.89 2.09
N TRP M 109 45.51 26.34 1.09
CA TRP M 109 46.02 25.01 1.26
C TRP M 109 47.35 25.04 1.92
N VAL M 110 48.08 26.11 1.73
CA VAL M 110 49.37 26.14 2.38
C VAL M 110 49.46 27.34 3.27
N ASP M 111 49.85 27.09 4.50
CA ASP M 111 50.07 28.11 5.49
C ASP M 111 51.46 27.88 6.04
N VAL M 112 52.41 28.64 5.51
CA VAL M 112 53.81 28.44 5.84
C VAL M 112 54.40 29.66 6.49
N TRP M 113 55.13 29.42 7.55
CA TRP M 113 55.78 30.47 8.29
C TRP M 113 57.28 30.36 8.18
N GLY M 114 57.97 31.50 8.08
CA GLY M 114 59.42 31.43 8.13
C GLY M 114 59.73 31.24 9.60
N PRO M 115 60.97 30.94 10.00
CA PRO M 115 61.38 30.74 11.39
C PRO M 115 61.31 31.96 12.31
N GLY M 116 61.39 33.16 11.72
CA GLY M 116 61.36 34.40 12.46
C GLY M 116 62.72 35.08 12.49
N VAL M 117 62.73 36.35 12.11
CA VAL M 117 63.95 37.12 12.07
C VAL M 117 63.92 38.31 13.00
N LEU M 118 64.91 38.40 13.84
CA LEU M 118 64.93 39.53 14.74
C LEU M 118 65.38 40.81 14.11
N VAL M 119 64.66 41.84 14.50
CA VAL M 119 65.04 43.20 14.20
C VAL M 119 65.07 43.83 15.55
N THR M 120 66.21 44.39 15.92
CA THR M 120 66.28 44.96 17.24
C THR M 120 66.71 46.40 17.15
N VAL M 121 66.44 47.14 18.21
CA VAL M 121 66.82 48.53 18.27
C VAL M 121 67.73 48.78 19.47
N SER M 122 68.86 49.42 19.23
CA SER M 122 69.87 49.68 20.25
C SER M 122 70.42 51.10 20.20
N SER M 123 71.62 51.29 20.72
CA SER M 123 72.22 52.61 20.79
C SER M 123 73.74 52.54 20.67
N ASP N 1 35.89 44.73 14.86
CA ASP N 1 37.06 43.88 14.79
C ASP N 1 36.85 42.58 15.54
N VAL N 2 37.64 41.58 15.13
CA VAL N 2 37.59 40.31 15.83
C VAL N 2 38.63 40.30 16.90
N VAL N 3 38.15 40.26 18.10
CA VAL N 3 38.99 40.27 19.25
C VAL N 3 38.84 38.90 19.81
N MET N 4 39.96 38.23 19.94
CA MET N 4 39.91 36.87 20.38
C MET N 4 40.62 36.56 21.66
N THR N 5 39.90 35.94 22.58
CA THR N 5 40.48 35.56 23.83
C THR N 5 40.54 34.06 23.91
N GLN N 6 41.39 33.58 24.79
CA GLN N 6 41.53 32.15 24.98
C GLN N 6 41.42 31.79 26.45
N SER N 7 41.00 30.57 26.71
CA SER N 7 40.88 30.15 28.09
C SER N 7 40.97 28.64 28.28
N PRO N 8 41.78 28.17 29.23
CA PRO N 8 42.69 28.85 30.14
C PRO N 8 43.86 29.35 29.33
N LEU N 9 44.60 30.33 29.83
CA LEU N 9 45.81 30.77 29.13
C LEU N 9 47.06 30.05 29.64
N SER N 10 46.86 29.25 30.66
CA SER N 10 47.89 28.44 31.30
C SER N 10 47.27 27.11 31.62
N LEU N 11 47.77 26.09 30.96
CA LEU N 11 47.24 24.75 31.05
C LEU N 11 48.28 23.63 31.25
N PRO N 12 48.81 23.43 32.46
CA PRO N 12 49.64 22.30 32.79
C PRO N 12 48.74 21.09 32.62
N ILE N 13 49.23 20.03 32.02
CA ILE N 13 48.42 18.83 31.82
C ILE N 13 49.09 17.58 32.32
N THR N 14 48.34 16.75 33.01
CA THR N 14 48.84 15.47 33.45
C THR N 14 49.32 14.76 32.19
N PRO N 15 50.57 14.28 32.09
CA PRO N 15 51.07 13.72 30.86
C PRO N 15 50.28 12.52 30.43
N GLY N 16 49.97 12.47 29.14
CA GLY N 16 49.25 11.36 28.54
C GLY N 16 47.75 11.52 28.65
N GLN N 17 47.29 12.58 29.31
CA GLN N 17 45.86 12.78 29.49
C GLN N 17 45.36 13.82 28.51
N PRO N 18 44.06 13.81 28.16
CA PRO N 18 43.36 14.76 27.31
C PRO N 18 43.17 16.11 27.95
N ALA N 19 43.00 17.12 27.10
CA ALA N 19 42.71 18.49 27.55
C ALA N 19 42.13 19.32 26.43
N SER N 20 41.54 20.46 26.75
CA SER N 20 41.08 21.34 25.68
C SER N 20 41.28 22.80 25.99
N ILE N 21 41.31 23.60 24.93
CA ILE N 21 41.47 25.05 24.98
C ILE N 21 40.27 25.78 24.34
N SER N 22 39.70 26.74 25.07
CA SER N 22 38.59 27.52 24.54
C SER N 22 39.10 28.68 23.71
N CYS N 23 38.30 29.09 22.75
CA CYS N 23 38.53 30.21 21.85
C CYS N 23 37.24 31.04 21.68
N ARG N 24 37.25 32.30 22.15
CA ARG N 24 36.03 33.12 22.16
C ARG N 24 36.14 34.48 21.47
N SER N 25 35.27 34.68 20.48
CA SER N 25 35.29 35.90 19.67
C SER N 25 34.31 37.00 20.04
N SER N 26 34.73 38.24 19.73
CA SER N 26 33.88 39.44 19.81
C SER N 26 32.73 39.44 18.79
N GLN N 27 32.89 38.67 17.74
CA GLN N 27 31.90 38.58 16.67
C GLN N 27 32.05 37.30 15.85
N SER N 28 31.01 36.97 15.11
CA SER N 28 31.02 35.76 14.28
C SER N 28 32.15 35.71 13.28
N LEU N 29 32.68 34.50 13.09
CA LEU N 29 33.76 34.27 12.13
C LEU N 29 33.22 33.66 10.84
N VAL N 30 31.93 33.80 10.64
CA VAL N 30 31.31 33.34 9.41
C VAL N 30 31.42 34.43 8.37
N HIS N 31 31.96 34.07 7.23
CA HIS N 31 32.17 34.98 6.13
C HIS N 31 30.98 35.02 5.23
N ASN N 32 30.91 36.07 4.43
CA ASN N 32 29.81 36.17 3.50
C ASN N 32 29.81 35.02 2.50
N ASN N 33 30.97 34.40 2.24
CA ASN N 33 30.97 33.29 1.29
C ASN N 33 30.44 32.00 1.91
N GLY N 34 30.00 32.09 3.16
CA GLY N 34 29.34 31.05 3.88
C GLY N 34 30.20 30.14 4.69
N ASN N 35 31.50 30.27 4.57
CA ASN N 35 32.43 29.44 5.28
C ASN N 35 32.83 30.11 6.58
N THR N 36 33.27 29.31 7.55
CA THR N 36 33.77 29.87 8.79
C THR N 36 35.27 29.79 8.75
N TYR N 37 35.93 30.92 8.94
CA TYR N 37 37.39 30.89 8.86
C TYR N 37 38.06 31.12 10.19
N LEU N 38 38.61 30.05 10.72
CA LEU N 38 39.30 30.05 12.00
C LEU N 38 40.31 28.95 12.03
N THR N 39 41.53 29.26 12.45
CA THR N 39 42.55 28.23 12.45
C THR N 39 43.30 28.07 13.75
N TRP N 40 43.85 26.88 13.95
CA TRP N 40 44.66 26.67 15.15
C TRP N 40 46.09 26.42 14.81
N TYR N 41 46.96 27.01 15.61
CA TYR N 41 48.39 26.87 15.46
C TYR N 41 49.11 26.36 16.69
N GLN N 42 50.18 25.62 16.47
CA GLN N 42 51.02 25.15 17.56
C GLN N 42 52.41 25.75 17.49
N GLN N 43 52.78 26.58 18.46
CA GLN N 43 54.11 27.18 18.45
C GLN N 43 54.98 26.59 19.55
N ARG N 44 55.88 25.70 19.17
CA ARG N 44 56.72 25.11 20.19
C ARG N 44 57.79 26.14 20.48
N PRO N 45 58.39 26.19 21.66
CA PRO N 45 59.45 27.11 21.95
C PRO N 45 60.55 26.93 20.93
N GLY N 46 61.07 28.03 20.41
CA GLY N 46 62.16 27.98 19.43
C GLY N 46 61.68 27.76 17.99
N GLN N 47 60.37 27.64 17.80
CA GLN N 47 59.81 27.37 16.49
C GLN N 47 58.78 28.42 16.07
N PRO N 48 58.53 28.58 14.75
CA PRO N 48 57.45 29.34 14.19
C PRO N 48 56.25 28.48 14.51
N PRO N 49 55.03 28.99 14.50
CA PRO N 49 53.84 28.21 14.66
C PRO N 49 53.56 27.36 13.45
N ARG N 50 52.98 26.21 13.69
CA ARG N 50 52.53 25.31 12.63
C ARG N 50 51.02 25.31 12.59
N ARG N 51 50.43 25.30 11.41
CA ARG N 51 48.98 25.21 11.39
C ARG N 51 48.59 23.78 11.65
N LEU N 52 47.70 23.59 12.60
CA LEU N 52 47.21 22.27 12.93
C LEU N 52 45.87 22.04 12.31
N ILE N 53 44.99 23.02 12.50
CA ILE N 53 43.62 22.86 12.04
C ILE N 53 43.16 24.00 11.19
N TYR N 54 42.58 23.63 10.07
CA TYR N 54 42.07 24.55 9.11
C TYR N 54 40.54 24.62 9.09
N GLN N 55 39.99 25.83 8.99
CA GLN N 55 38.53 25.99 8.92
C GLN N 55 37.82 25.29 10.06
N VAL N 56 38.23 25.62 11.28
CA VAL N 56 37.68 25.14 12.54
C VAL N 56 37.99 23.68 12.86
N SER N 57 37.66 22.75 11.97
CA SER N 57 37.85 21.33 12.25
C SER N 57 38.67 20.50 11.25
N ASN N 58 39.31 21.09 10.23
CA ASN N 58 40.01 20.28 9.26
C ASN N 58 41.46 19.98 9.65
N ARG N 59 41.73 18.78 10.10
CA ARG N 59 43.08 18.47 10.53
C ARG N 59 43.98 18.63 9.30
N ASP N 60 45.08 19.38 9.42
CA ASP N 60 45.91 19.64 8.26
C ASP N 60 46.90 18.50 7.97
N SER N 61 47.68 18.66 6.92
CA SER N 61 48.59 17.62 6.52
C SER N 61 49.69 17.38 7.52
N GLY N 62 49.85 16.10 7.85
CA GLY N 62 50.88 15.64 8.76
C GLY N 62 50.53 15.94 10.20
N VAL N 63 49.34 16.44 10.44
CA VAL N 63 48.95 16.81 11.78
C VAL N 63 48.46 15.59 12.53
N PRO N 64 48.94 15.32 13.74
CA PRO N 64 48.54 14.19 14.52
C PRO N 64 47.05 14.20 14.77
N ASP N 65 46.49 13.00 14.85
CA ASP N 65 45.09 12.71 15.07
C ASP N 65 44.65 13.13 16.46
N ARG N 66 45.65 13.45 17.25
CA ARG N 66 45.52 13.93 18.59
C ARG N 66 44.77 15.26 18.60
N PHE N 67 44.85 16.03 17.50
CA PHE N 67 44.23 17.35 17.49
C PHE N 67 42.87 17.42 16.81
N ILE N 68 41.85 17.72 17.60
CA ILE N 68 40.48 17.77 17.14
C ILE N 68 39.90 19.18 17.27
N GLY N 69 39.40 19.73 16.19
CA GLY N 69 38.82 21.07 16.27
C GLY N 69 37.31 21.02 16.19
N SER N 70 36.66 22.01 16.81
CA SER N 70 35.21 22.14 16.74
C SER N 70 34.75 23.55 17.06
N GLY N 71 33.48 23.84 16.76
CA GLY N 71 32.91 25.14 17.11
C GLY N 71 32.10 25.79 16.02
N ALA N 72 31.48 26.90 16.37
CA ALA N 72 30.64 27.69 15.48
C ALA N 72 30.45 29.11 15.98
N GLY N 73 30.10 30.02 15.08
CA GLY N 73 29.78 31.37 15.55
C GLY N 73 30.99 32.06 16.11
N THR N 74 30.93 32.27 17.43
CA THR N 74 31.96 32.90 18.23
C THR N 74 32.61 31.94 19.23
N ASP N 75 32.11 30.69 19.27
CA ASP N 75 32.52 29.67 20.25
C ASP N 75 33.31 28.51 19.64
N PHE N 76 34.64 28.52 19.82
CA PHE N 76 35.50 27.53 19.21
C PHE N 76 36.41 26.85 20.20
N THR N 77 36.84 25.64 19.88
CA THR N 77 37.77 24.96 20.77
C THR N 77 38.70 23.97 20.10
N LEU N 78 39.85 23.76 20.75
CA LEU N 78 40.80 22.75 20.36
C LEU N 78 40.90 21.67 21.40
N LYS N 79 40.66 20.44 21.01
CA LYS N 79 40.75 19.31 21.90
C LYS N 79 41.96 18.47 21.57
N ILE N 80 42.71 18.09 22.59
CA ILE N 80 43.83 17.22 22.36
C ILE N 80 43.46 15.90 23.02
N SER N 81 43.47 14.80 22.26
CA SER N 81 43.02 13.51 22.82
C SER N 81 43.88 12.96 23.94
N ARG N 82 45.16 13.27 23.87
CA ARG N 82 46.16 12.91 24.87
C ARG N 82 47.23 13.94 24.70
N VAL N 83 47.78 14.47 25.77
CA VAL N 83 48.84 15.43 25.59
C VAL N 83 50.22 14.88 25.86
N GLU N 84 51.06 15.00 24.84
CA GLU N 84 52.42 14.52 24.87
C GLU N 84 53.35 15.64 25.27
N SER N 85 54.58 15.32 25.68
CA SER N 85 55.53 16.38 26.00
C SER N 85 55.88 17.17 24.74
N GLU N 86 55.63 16.55 23.61
CA GLU N 86 55.83 17.08 22.28
C GLU N 86 54.86 18.22 22.01
N ASP N 87 53.78 18.27 22.78
CA ASP N 87 52.73 19.23 22.60
C ASP N 87 52.90 20.45 23.49
N VAL N 88 54.02 20.52 24.20
CA VAL N 88 54.30 21.66 25.05
C VAL N 88 54.64 22.86 24.20
N GLY N 89 54.00 23.98 24.50
CA GLY N 89 54.17 25.22 23.74
C GLY N 89 52.91 26.06 23.82
N ILE N 90 52.78 27.03 22.93
CA ILE N 90 51.61 27.90 23.00
C ILE N 90 50.70 27.72 21.82
N TYR N 91 49.44 27.49 22.11
CA TYR N 91 48.48 27.28 21.07
C TYR N 91 47.74 28.54 20.78
N TYR N 92 47.56 28.82 19.51
CA TYR N 92 46.87 30.03 19.14
C TYR N 92 45.68 29.77 18.27
N CYS N 93 44.67 30.58 18.51
CA CYS N 93 43.48 30.53 17.70
C CYS N 93 43.53 31.77 16.78
N GLY N 94 43.82 31.56 15.48
CA GLY N 94 44.01 32.65 14.50
C GLY N 94 42.67 33.09 13.93
N GLN N 95 42.54 34.40 13.68
CA GLN N 95 41.27 34.94 13.21
C GLN N 95 41.29 35.51 11.81
N ILE N 96 40.52 34.88 10.96
CA ILE N 96 40.42 35.28 9.57
C ILE N 96 39.08 35.95 9.42
N THR N 97 39.10 37.20 9.06
CA THR N 97 37.90 38.01 9.01
C THR N 97 37.86 38.92 7.80
N ASP N 98 37.12 40.02 7.94
CA ASP N 98 36.87 41.02 6.89
C ASP N 98 37.80 42.22 7.09
N PHE N 99 38.85 41.91 7.82
CA PHE N 99 39.93 42.72 8.30
C PHE N 99 39.52 43.54 9.51
N PRO N 100 40.47 43.92 10.35
CA PRO N 100 41.88 43.56 10.41
C PRO N 100 42.00 42.10 10.76
N TYR N 101 43.05 41.46 10.33
CA TYR N 101 43.25 40.08 10.71
C TYR N 101 43.85 40.10 12.09
N SER N 102 43.59 39.07 12.87
CA SER N 102 44.10 39.07 14.23
C SER N 102 44.38 37.69 14.77
N PHE N 103 45.03 37.65 15.92
CA PHE N 103 45.34 36.41 16.58
C PHE N 103 44.83 36.51 17.98
N GLY N 104 44.45 35.39 18.57
CA GLY N 104 44.04 35.40 19.95
C GLY N 104 45.20 35.45 20.91
N GLN N 105 44.86 35.48 22.17
CA GLN N 105 45.85 35.62 23.24
C GLN N 105 46.93 34.54 23.33
N GLY N 106 46.56 33.30 23.10
CA GLY N 106 47.52 32.20 23.14
C GLY N 106 47.48 31.42 24.46
N THR N 107 47.43 30.10 24.38
CA THR N 107 47.40 29.30 25.60
C THR N 107 48.60 28.44 25.78
N LYS N 108 49.27 28.61 26.90
CA LYS N 108 50.44 27.80 27.17
C LYS N 108 50.10 26.46 27.73
N VAL N 109 50.61 25.43 27.10
CA VAL N 109 50.44 24.07 27.53
C VAL N 109 51.74 23.54 28.06
N ASP N 110 51.66 22.94 29.24
CA ASP N 110 52.85 22.38 29.87
C ASP N 110 52.51 21.04 30.50
N ILE N 111 53.47 20.39 31.13
CA ILE N 111 53.22 19.08 31.74
C ILE N 111 53.32 19.09 33.24
N LYS N 112 52.30 18.52 33.86
CA LYS N 112 52.26 18.45 35.31
C LYS N 112 51.38 17.30 35.75
#